data_4FMA
#
_entry.id   4FMA
#
_cell.length_a   94.615
_cell.length_b   167.739
_cell.length_c   361.690
_cell.angle_alpha   90.000
_cell.angle_beta   90.000
_cell.angle_gamma   90.000
#
_symmetry.space_group_name_H-M   'P 21 21 21'
#
loop_
_entity.id
_entity.type
_entity.pdbx_description
1 polymer 'EspG protein'
2 non-polymer 'MAGNESIUM ION'
3 non-polymer 'FORMIC ACID'
4 non-polymer 'ACETIC ACID'
5 water water
#
_entity_poly.entity_id   1
_entity_poly.type   'polypeptide(L)'
_entity_poly.pdbx_seq_one_letter_code
;EMSCAEKLLKVLSFGLWNPTYSRSERQSFQELLTVLEPVYPLPNELGRVSARFSDGSSLRISVTNSESIEAEIRTPDNEK
ITVLLESNEQNRLLQSLPIDRHMPYIQVHRALSEMDLTDTTSMRNLLGFTSKLSTTLIPHNAQTDPLSGPTPFSSIFMDT
CRGLGNAKLSLNGVDIPANAQMLLRDALGLKDTHSSPSRNVIDHGISRHDAEQIARESSGSDNQKAEVVEFLCHPEAATA
ICSAFYQSFNVPALTLTHERISKASEYNAERSLDTPNACINISISQSSDGNIYVTSHTGVLIMAPEDRPNEMGMLTNRTS
YEVPQGVKCTIDEMVRALQPRYAASETYLQN
;
_entity_poly.pdbx_strand_id   A,B,C,D,E,F,G,H,I,J,K,L
#
loop_
_chem_comp.id
_chem_comp.type
_chem_comp.name
_chem_comp.formula
ACY non-polymer 'ACETIC ACID' 'C2 H4 O2'
FMT non-polymer 'FORMIC ACID' 'C H2 O2'
MG non-polymer 'MAGNESIUM ION' 'Mg 2'
#
# COMPACT_ATOMS: atom_id res chain seq x y z
N GLU A 1 47.69 21.66 52.76
CA GLU A 1 46.55 20.98 52.09
C GLU A 1 46.93 19.56 51.64
N MET A 2 45.95 18.84 51.09
CA MET A 2 46.09 17.41 50.79
C MET A 2 47.21 17.10 49.80
N SER A 3 47.88 15.97 50.03
CA SER A 3 48.83 15.43 49.07
C SER A 3 48.07 14.80 47.90
N CYS A 4 48.76 14.59 46.79
CA CYS A 4 48.16 13.97 45.61
C CYS A 4 47.57 12.60 45.90
N ALA A 5 48.30 11.77 46.66
CA ALA A 5 47.83 10.43 46.99
C ALA A 5 46.52 10.49 47.77
N GLU A 6 46.42 11.45 48.68
CA GLU A 6 45.22 11.64 49.49
C GLU A 6 44.06 12.13 48.61
N LYS A 7 44.35 13.05 47.70
CA LYS A 7 43.34 13.50 46.72
C LYS A 7 42.81 12.35 45.88
N LEU A 8 43.71 11.52 45.36
CA LEU A 8 43.33 10.39 44.51
C LEU A 8 42.49 9.39 45.31
N LEU A 9 42.93 9.08 46.52
CA LEU A 9 42.20 8.17 47.40
C LEU A 9 40.75 8.65 47.63
N LYS A 10 40.60 9.96 47.83
CA LYS A 10 39.28 10.57 48.04
C LYS A 10 38.40 10.40 46.79
N VAL A 11 38.96 10.76 45.63
CA VAL A 11 38.25 10.63 44.35
C VAL A 11 37.77 9.19 44.12
N LEU A 12 38.64 8.22 44.35
CA LEU A 12 38.30 6.81 44.21
C LEU A 12 37.24 6.31 45.21
N SER A 13 37.30 6.77 46.46
CA SER A 13 36.34 6.36 47.49
C SER A 13 34.93 6.83 47.17
N PHE A 14 34.83 8.00 46.56
CA PHE A 14 33.54 8.63 46.33
C PHE A 14 33.11 8.59 44.86
N GLY A 15 34.04 8.21 43.98
CA GLY A 15 33.74 8.02 42.56
C GLY A 15 34.02 9.27 41.76
N LEU A 16 34.68 9.08 40.61
CA LEU A 16 35.03 10.18 39.71
C LEU A 16 33.81 11.00 39.24
N TRP A 17 32.67 10.34 39.10
CA TRP A 17 31.45 10.99 38.62
C TRP A 17 30.58 11.58 39.73
N ASN A 18 31.17 11.78 40.90
CA ASN A 18 30.43 12.30 42.03
C ASN A 18 29.80 13.67 41.76
N PRO A 19 28.49 13.81 42.05
CA PRO A 19 27.69 15.01 41.74
C PRO A 19 28.28 16.34 42.16
N THR A 20 29.12 16.35 43.20
CA THR A 20 29.67 17.59 43.74
C THR A 20 30.81 18.17 42.89
N TYR A 21 31.40 17.32 42.04
CA TYR A 21 32.49 17.76 41.17
C TYR A 21 31.96 18.49 39.95
N SER A 22 32.62 19.60 39.62
CA SER A 22 32.40 20.28 38.34
C SER A 22 33.15 19.53 37.24
N ARG A 23 32.92 19.91 35.98
CA ARG A 23 33.65 19.34 34.84
C ARG A 23 35.15 19.55 35.00
N SER A 24 35.53 20.78 35.37
CA SER A 24 36.94 21.16 35.55
C SER A 24 37.65 20.39 36.66
N GLU A 25 36.92 20.06 37.73
CA GLU A 25 37.48 19.29 38.84
C GLU A 25 37.63 17.83 38.42
N ARG A 26 36.60 17.31 37.76
CA ARG A 26 36.60 15.95 37.20
C ARG A 26 37.81 15.77 36.28
N GLN A 27 38.08 16.77 35.44
CA GLN A 27 39.24 16.79 34.56
C GLN A 27 40.57 16.73 35.32
N SER A 28 40.69 17.55 36.36
CA SER A 28 41.91 17.59 37.19
C SER A 28 42.15 16.28 37.94
N PHE A 29 41.07 15.65 38.39
CA PHE A 29 41.16 14.37 39.09
C PHE A 29 41.59 13.23 38.17
N GLN A 30 41.23 13.33 36.89
CA GLN A 30 41.60 12.32 35.91
C GLN A 30 43.11 12.31 35.67
N GLU A 31 43.73 13.48 35.73
CA GLU A 31 45.19 13.57 35.65
C GLU A 31 45.90 12.87 36.81
N LEU A 32 45.28 12.87 38.00
CA LEU A 32 45.78 12.08 39.13
C LEU A 32 45.68 10.59 38.83
N LEU A 33 44.57 10.19 38.20
CA LEU A 33 44.30 8.80 37.86
C LEU A 33 45.32 8.21 36.89
N THR A 34 45.87 9.07 36.04
CA THR A 34 46.95 8.72 35.12
C THR A 34 48.21 8.17 35.82
N VAL A 35 48.41 8.55 37.08
CA VAL A 35 49.56 8.09 37.85
C VAL A 35 49.41 6.64 38.33
N LEU A 36 48.16 6.16 38.40
CA LEU A 36 47.89 4.77 38.79
C LEU A 36 48.45 3.79 37.77
N GLU A 37 49.14 2.77 38.25
CA GLU A 37 49.73 1.77 37.37
C GLU A 37 49.44 0.37 37.84
N PRO A 38 49.01 -0.51 36.92
CA PRO A 38 48.90 -1.93 37.27
C PRO A 38 50.29 -2.51 37.51
N VAL A 39 50.44 -3.28 38.57
CA VAL A 39 51.70 -3.93 38.88
C VAL A 39 51.49 -5.43 39.13
N TYR A 40 52.60 -6.14 39.33
CA TYR A 40 52.54 -7.56 39.63
C TYR A 40 51.76 -7.79 40.92
N PRO A 41 50.70 -8.62 40.86
CA PRO A 41 49.91 -8.84 42.06
C PRO A 41 50.47 -9.98 42.90
N LEU A 42 50.25 -9.90 44.20
CA LEU A 42 50.53 -11.04 45.10
C LEU A 42 49.65 -12.24 44.74
N PRO A 43 50.06 -13.47 45.14
CA PRO A 43 49.31 -14.70 44.85
C PRO A 43 47.83 -14.68 45.26
N ASN A 44 47.48 -13.90 46.27
CA ASN A 44 46.10 -13.83 46.75
C ASN A 44 45.30 -12.64 46.18
N GLU A 45 45.92 -11.90 45.26
CA GLU A 45 45.33 -10.68 44.71
C GLU A 45 44.86 -10.91 43.27
N LEU A 46 43.69 -10.38 42.94
CA LEU A 46 43.28 -10.38 41.53
C LEU A 46 43.94 -9.23 40.78
N GLY A 47 44.32 -8.19 41.51
CA GLY A 47 44.92 -7.01 40.92
C GLY A 47 45.64 -6.16 41.96
N ARG A 48 46.73 -5.54 41.51
CA ARG A 48 47.45 -4.59 42.34
C ARG A 48 47.81 -3.37 41.49
N VAL A 49 47.62 -2.20 42.08
CA VAL A 49 47.77 -0.93 41.41
C VAL A 49 48.59 0.00 42.28
N SER A 50 49.48 0.77 41.66
CA SER A 50 50.39 1.62 42.40
C SER A 50 50.57 2.99 41.74
N ALA A 51 50.57 4.03 42.56
CA ALA A 51 50.84 5.39 42.09
C ALA A 51 51.90 6.02 42.97
N ARG A 52 52.95 6.54 42.35
CA ARG A 52 53.93 7.34 43.08
C ARG A 52 53.94 8.75 42.50
N PHE A 53 53.56 9.71 43.32
CA PHE A 53 53.44 11.10 42.90
C PHE A 53 54.71 11.88 43.16
N SER A 54 54.92 12.95 42.38
CA SER A 54 56.12 13.78 42.50
C SER A 54 56.19 14.59 43.80
N ASP A 55 55.07 14.71 44.51
CA ASP A 55 55.10 15.38 45.82
C ASP A 55 55.58 14.46 46.95
N GLY A 56 55.91 13.22 46.59
CA GLY A 56 56.47 12.28 47.57
C GLY A 56 55.43 11.39 48.22
N SER A 57 54.17 11.56 47.83
CA SER A 57 53.09 10.72 48.33
C SER A 57 52.89 9.54 47.39
N SER A 58 52.29 8.48 47.92
CA SER A 58 52.03 7.29 47.12
C SER A 58 50.79 6.56 47.57
N LEU A 59 50.21 5.81 46.64
CA LEU A 59 49.04 5.02 46.90
C LEU A 59 49.22 3.68 46.21
N ARG A 60 49.12 2.60 46.98
CA ARG A 60 49.08 1.26 46.44
C ARG A 60 47.74 0.63 46.82
N ILE A 61 47.02 0.12 45.83
CA ILE A 61 45.70 -0.48 46.03
C ILE A 61 45.72 -1.95 45.65
N SER A 62 45.33 -2.81 46.58
CA SER A 62 45.22 -4.24 46.33
C SER A 62 43.75 -4.67 46.33
N VAL A 63 43.39 -5.50 45.35
CA VAL A 63 42.08 -6.14 45.32
C VAL A 63 42.31 -7.64 45.48
N THR A 64 41.81 -8.20 46.58
CA THR A 64 41.90 -9.64 46.84
C THR A 64 41.03 -10.44 45.87
N ASN A 65 41.32 -11.73 45.71
CA ASN A 65 40.50 -12.63 44.89
C ASN A 65 39.01 -12.63 45.29
N SER A 66 38.75 -12.34 46.56
CA SER A 66 37.38 -12.20 47.09
C SER A 66 36.88 -10.75 46.96
N GLU A 67 37.61 -9.96 46.18
CA GLU A 67 37.28 -8.53 45.89
C GLU A 67 37.26 -7.60 47.11
N SER A 68 37.97 -7.97 48.17
CA SER A 68 38.26 -7.05 49.28
C SER A 68 39.34 -6.04 48.83
N ILE A 69 39.15 -4.78 49.22
CA ILE A 69 39.99 -3.69 48.76
C ILE A 69 40.75 -3.02 49.89
N GLU A 70 42.08 -2.96 49.75
CA GLU A 70 42.96 -2.30 50.71
C GLU A 70 43.84 -1.29 49.99
N ALA A 71 44.03 -0.13 50.61
CA ALA A 71 44.80 0.95 50.01
C ALA A 71 45.86 1.45 50.98
N GLU A 72 47.12 1.27 50.64
CA GLU A 72 48.24 1.76 51.43
C GLU A 72 48.65 3.14 50.94
N ILE A 73 48.54 4.13 51.82
CA ILE A 73 48.85 5.51 51.47
C ILE A 73 50.04 6.03 52.28
N ARG A 74 51.03 6.57 51.56
CA ARG A 74 52.17 7.23 52.18
C ARG A 74 52.07 8.72 51.88
N THR A 75 52.07 9.54 52.93
CA THR A 75 51.93 10.99 52.79
C THR A 75 53.17 11.70 53.32
N PRO A 76 53.52 12.87 52.75
CA PRO A 76 54.75 13.61 53.10
C PRO A 76 55.09 13.73 54.60
N ASP A 77 54.10 13.68 55.49
CA ASP A 77 54.35 13.78 56.95
C ASP A 77 55.15 12.61 57.53
N ASN A 78 55.40 11.59 56.70
CA ASN A 78 56.03 10.31 57.12
C ASN A 78 54.97 9.26 57.52
N GLU A 79 53.71 9.66 57.48
CA GLU A 79 52.59 8.77 57.81
C GLU A 79 52.41 7.65 56.79
N LYS A 80 52.16 6.44 57.29
CA LYS A 80 51.91 5.27 56.45
C LYS A 80 50.75 4.45 57.03
N ILE A 81 49.61 4.47 56.34
CA ILE A 81 48.44 3.73 56.79
C ILE A 81 47.76 2.96 55.66
N THR A 82 47.14 1.85 56.04
CA THR A 82 46.35 1.04 55.12
C THR A 82 44.87 1.25 55.41
N VAL A 83 44.16 1.72 54.39
CA VAL A 83 42.75 2.05 54.48
C VAL A 83 41.94 0.94 53.83
N LEU A 84 40.80 0.61 54.43
CA LEU A 84 39.90 -0.39 53.88
C LEU A 84 38.86 0.34 53.05
N LEU A 85 38.70 -0.09 51.80
CA LEU A 85 37.74 0.52 50.90
C LEU A 85 36.67 -0.48 50.54
N GLU A 86 35.50 0.03 50.18
CA GLU A 86 34.42 -0.80 49.67
C GLU A 86 33.91 -0.26 48.35
N SER A 87 33.67 -1.17 47.41
CA SER A 87 33.14 -0.80 46.11
C SER A 87 31.63 -1.01 46.09
N ASN A 88 30.93 0.04 45.70
CA ASN A 88 29.48 0.01 45.63
C ASN A 88 28.99 0.70 44.36
N GLU A 89 27.67 0.77 44.18
CA GLU A 89 27.06 1.34 42.98
C GLU A 89 27.34 2.83 42.88
N GLN A 90 27.54 3.48 44.02
CA GLN A 90 27.77 4.93 44.06
C GLN A 90 29.19 5.31 43.62
N ASN A 91 30.20 4.60 44.12
CA ASN A 91 31.57 4.99 43.80
C ASN A 91 32.19 4.33 42.57
N ARG A 92 31.62 3.21 42.15
CA ARG A 92 32.15 2.41 41.04
C ARG A 92 33.67 2.18 41.18
N LEU A 93 34.12 1.93 42.41
CA LEU A 93 35.55 1.82 42.68
C LEU A 93 36.22 0.72 41.87
N LEU A 94 35.63 -0.47 41.90
CA LEU A 94 36.16 -1.62 41.16
C LEU A 94 36.29 -1.32 39.65
N GLN A 95 35.37 -0.53 39.11
CA GLN A 95 35.40 -0.11 37.72
C GLN A 95 36.49 0.93 37.43
N SER A 96 36.93 1.64 38.48
CA SER A 96 37.87 2.75 38.31
C SER A 96 39.34 2.39 38.56
N LEU A 97 39.69 1.12 38.39
CA LEU A 97 41.05 0.64 38.63
C LEU A 97 41.50 -0.23 37.45
N PRO A 98 42.80 -0.17 37.09
CA PRO A 98 43.26 -1.02 36.00
C PRO A 98 43.42 -2.48 36.42
N ILE A 99 42.29 -3.16 36.58
CA ILE A 99 42.24 -4.56 36.97
C ILE A 99 41.35 -5.37 36.02
N ASP A 100 41.62 -6.67 35.91
CA ASP A 100 40.80 -7.60 35.16
C ASP A 100 39.84 -8.32 36.11
N ARG A 101 38.59 -8.52 35.68
CA ARG A 101 37.64 -9.31 36.46
C ARG A 101 36.81 -10.22 35.58
N HIS A 102 36.39 -11.35 36.15
CA HIS A 102 35.36 -12.19 35.54
C HIS A 102 33.99 -11.57 35.77
N MET A 103 33.27 -11.36 34.68
CA MET A 103 31.98 -10.69 34.70
C MET A 103 31.15 -11.33 33.59
N PRO A 104 29.80 -11.31 33.73
CA PRO A 104 28.96 -11.79 32.64
C PRO A 104 28.91 -10.86 31.42
N TYR A 105 29.50 -9.69 31.52
CA TYR A 105 29.45 -8.70 30.43
C TYR A 105 30.77 -7.94 30.34
N ILE A 106 31.05 -7.42 29.14
CA ILE A 106 32.20 -6.56 28.91
C ILE A 106 31.88 -5.24 29.58
N GLN A 107 32.77 -4.78 30.45
CA GLN A 107 32.54 -3.56 31.23
C GLN A 107 32.44 -2.35 30.31
N VAL A 108 31.42 -1.52 30.56
CA VAL A 108 31.20 -0.29 29.80
C VAL A 108 31.53 0.88 30.73
N HIS A 109 32.32 1.83 30.21
CA HIS A 109 32.64 3.07 30.91
C HIS A 109 32.18 4.26 30.10
N ARG A 110 32.03 5.39 30.76
CA ARG A 110 31.79 6.69 30.14
C ARG A 110 33.08 7.53 30.04
N ALA A 111 33.30 8.18 28.91
CA ALA A 111 34.42 9.11 28.80
C ALA A 111 34.03 10.41 29.51
N LEU A 112 35.02 11.21 29.88
CA LEU A 112 34.74 12.56 30.40
C LEU A 112 34.12 13.41 29.30
N SER A 113 33.38 14.44 29.69
CA SER A 113 32.58 15.24 28.75
C SER A 113 33.39 15.90 27.64
N GLU A 114 34.64 16.26 27.96
CA GLU A 114 35.47 17.04 27.07
C GLU A 114 36.22 16.17 26.06
N MET A 115 36.24 14.86 26.29
CA MET A 115 36.93 13.93 25.40
C MET A 115 36.17 13.79 24.08
N ASP A 116 36.91 13.72 22.98
CA ASP A 116 36.34 13.33 21.67
C ASP A 116 37.29 12.41 20.93
N LEU A 117 36.93 12.04 19.70
CA LEU A 117 37.73 11.10 18.93
C LEU A 117 37.97 11.63 17.52
N THR A 118 38.48 12.85 17.45
CA THR A 118 38.67 13.58 16.19
C THR A 118 39.98 13.20 15.49
N ASP A 119 41.04 12.96 16.26
CA ASP A 119 42.38 12.78 15.69
C ASP A 119 43.24 11.82 16.52
N THR A 120 44.55 11.83 16.23
CA THR A 120 45.50 10.98 16.93
C THR A 120 45.60 11.35 18.42
N THR A 121 45.70 12.64 18.69
CA THR A 121 45.90 13.15 20.04
C THR A 121 44.72 12.77 20.94
N SER A 122 43.50 13.06 20.49
CA SER A 122 42.30 12.78 21.27
C SER A 122 42.12 11.28 21.51
N MET A 123 42.43 10.47 20.51
CA MET A 123 42.35 9.01 20.62
C MET A 123 43.35 8.47 21.66
N ARG A 124 44.60 8.95 21.60
CA ARG A 124 45.63 8.61 22.60
C ARG A 124 45.22 9.06 24.01
N ASN A 125 44.57 10.22 24.08
CA ASN A 125 44.02 10.73 25.33
C ASN A 125 42.96 9.82 25.94
N LEU A 126 42.02 9.36 25.10
CA LEU A 126 40.99 8.44 25.58
C LEU A 126 41.61 7.18 26.13
N LEU A 127 42.58 6.60 25.41
CA LEU A 127 43.28 5.41 25.87
C LEU A 127 44.05 5.66 27.16
N GLY A 128 44.57 6.88 27.32
CA GLY A 128 45.24 7.27 28.56
C GLY A 128 44.31 7.11 29.77
N PHE A 129 43.02 7.40 29.56
CA PHE A 129 41.97 7.24 30.57
C PHE A 129 41.52 5.77 30.72
N THR A 130 41.16 5.11 29.61
CA THR A 130 40.59 3.76 29.67
C THR A 130 41.58 2.71 30.15
N SER A 131 42.88 2.99 29.96
CA SER A 131 43.92 2.09 30.46
C SER A 131 44.00 2.09 31.99
N LYS A 132 43.26 2.99 32.63
CA LYS A 132 43.17 3.05 34.10
C LYS A 132 41.87 2.47 34.64
N LEU A 133 41.01 2.02 33.74
CA LEU A 133 39.70 1.52 34.14
C LEU A 133 39.62 0.00 33.98
N SER A 134 38.63 -0.64 34.61
CA SER A 134 38.57 -2.10 34.67
C SER A 134 38.22 -2.74 33.33
N THR A 135 38.57 -4.02 33.21
CA THR A 135 38.29 -4.76 32.01
C THR A 135 37.71 -6.13 32.39
N THR A 136 37.03 -6.74 31.43
CA THR A 136 36.41 -8.04 31.63
C THR A 136 37.22 -9.13 30.92
N LEU A 137 37.63 -10.15 31.67
CA LEU A 137 38.32 -11.31 31.13
C LEU A 137 37.52 -12.03 30.05
N ILE A 138 38.19 -12.28 28.92
CA ILE A 138 37.57 -12.96 27.80
C ILE A 138 38.33 -14.23 27.43
N PRO A 139 37.60 -15.31 27.09
CA PRO A 139 38.27 -16.53 26.68
C PRO A 139 38.65 -16.47 25.19
N HIS A 140 39.74 -17.14 24.82
CA HIS A 140 40.08 -17.31 23.41
C HIS A 140 39.72 -18.71 22.95
N ASN A 141 39.70 -18.90 21.63
CA ASN A 141 39.61 -20.22 21.03
C ASN A 141 40.78 -20.36 20.03
N ALA A 142 40.93 -21.52 19.40
CA ALA A 142 42.04 -21.74 18.44
C ALA A 142 42.10 -20.69 17.31
N GLN A 143 40.94 -20.17 16.94
CA GLN A 143 40.78 -19.13 15.92
C GLN A 143 41.39 -17.79 16.36
N THR A 144 41.22 -17.45 17.64
CA THR A 144 41.58 -16.11 18.11
C THR A 144 42.79 -16.06 19.04
N ASP A 145 43.24 -17.22 19.49
CA ASP A 145 44.40 -17.34 20.39
C ASP A 145 45.66 -16.68 19.80
N PRO A 146 46.16 -15.61 20.45
CA PRO A 146 47.40 -15.00 19.99
C PRO A 146 48.59 -15.94 20.06
N LEU A 147 48.52 -16.93 20.94
CA LEU A 147 49.63 -17.90 21.11
C LEU A 147 49.53 -19.12 20.23
N SER A 148 48.48 -19.19 19.41
CA SER A 148 48.34 -20.32 18.51
C SER A 148 48.42 -19.92 17.04
N GLY A 149 48.29 -20.89 16.15
CA GLY A 149 48.41 -20.63 14.73
C GLY A 149 49.77 -21.07 14.22
N PRO A 150 50.08 -20.77 12.94
CA PRO A 150 51.35 -21.22 12.38
C PRO A 150 52.57 -20.49 12.94
N THR A 151 52.48 -19.17 13.13
CA THR A 151 53.63 -18.38 13.55
C THR A 151 53.33 -17.36 14.65
N PRO A 152 52.93 -17.83 15.85
CA PRO A 152 52.67 -16.86 16.92
C PRO A 152 53.91 -15.98 17.18
N PHE A 153 53.68 -14.71 17.44
CA PHE A 153 54.74 -13.70 17.66
C PHE A 153 55.63 -13.38 16.44
N SER A 154 55.31 -13.88 15.25
CA SER A 154 56.19 -13.63 14.08
C SER A 154 56.39 -12.14 13.76
N SER A 155 55.37 -11.32 14.02
CA SER A 155 55.44 -9.89 13.71
C SER A 155 56.06 -9.04 14.83
N ILE A 156 56.57 -9.69 15.88
CA ILE A 156 56.83 -8.99 17.15
C ILE A 156 57.81 -7.81 17.03
N PHE A 157 58.87 -7.98 16.27
CA PHE A 157 59.89 -6.93 16.17
C PHE A 157 59.46 -5.80 15.24
N MET A 158 58.70 -6.12 14.20
CA MET A 158 58.05 -5.08 13.41
C MET A 158 57.03 -4.31 14.26
N ASP A 159 56.28 -5.03 15.09
CA ASP A 159 55.32 -4.41 16.03
C ASP A 159 56.01 -3.46 17.00
N THR A 160 57.18 -3.87 17.48
CA THR A 160 58.01 -3.04 18.36
C THR A 160 58.52 -1.78 17.64
N CYS A 161 58.99 -1.94 16.39
CA CYS A 161 59.39 -0.79 15.57
C CYS A 161 58.25 0.18 15.37
N ARG A 162 57.05 -0.37 15.17
CA ARG A 162 55.85 0.44 14.96
C ARG A 162 55.43 1.18 16.24
N GLY A 163 55.49 0.47 17.37
CA GLY A 163 55.07 1.02 18.65
C GLY A 163 55.99 2.04 19.30
N LEU A 164 57.30 1.76 19.32
CA LEU A 164 58.25 2.67 19.97
C LEU A 164 58.31 4.02 19.27
N GLY A 165 58.18 5.08 20.06
CA GLY A 165 58.04 6.43 19.53
C GLY A 165 56.60 6.78 19.18
N ASN A 166 55.70 5.80 19.25
CA ASN A 166 54.27 6.00 18.96
C ASN A 166 53.42 5.23 19.96
N ALA A 167 53.70 5.43 21.25
CA ALA A 167 53.04 4.69 22.31
C ALA A 167 53.25 5.43 23.61
N LYS A 168 52.38 5.16 24.58
CA LYS A 168 52.63 5.57 25.94
C LYS A 168 53.31 4.38 26.61
N LEU A 169 54.45 4.64 27.26
CA LEU A 169 55.22 3.59 27.91
C LEU A 169 55.69 4.06 29.27
N SER A 170 55.45 3.24 30.30
CA SER A 170 56.03 3.47 31.61
C SER A 170 56.75 2.22 32.12
N LEU A 171 57.82 2.46 32.87
CA LEU A 171 58.58 1.41 33.49
C LEU A 171 58.62 1.73 34.98
N ASN A 172 58.00 0.87 35.79
CA ASN A 172 57.78 1.13 37.23
C ASN A 172 57.11 2.49 37.46
N GLY A 173 56.16 2.83 36.61
CA GLY A 173 55.45 4.11 36.69
C GLY A 173 56.24 5.32 36.20
N VAL A 174 57.44 5.08 35.67
CA VAL A 174 58.25 6.16 35.12
C VAL A 174 57.95 6.26 33.62
N ASP A 175 57.34 7.37 33.21
CA ASP A 175 57.03 7.59 31.80
C ASP A 175 58.32 7.62 30.97
N ILE A 176 58.31 6.89 29.86
CA ILE A 176 59.43 6.89 28.89
C ILE A 176 58.89 7.63 27.67
N PRO A 177 59.32 8.88 27.48
CA PRO A 177 58.74 9.71 26.43
C PRO A 177 59.19 9.27 25.03
N ALA A 178 58.55 9.81 24.00
CA ALA A 178 58.79 9.41 22.60
C ALA A 178 60.27 9.40 22.20
N ASN A 179 61.01 10.44 22.54
CA ASN A 179 62.44 10.47 22.19
C ASN A 179 63.26 9.39 22.92
N ALA A 180 62.92 9.12 24.18
CA ALA A 180 63.59 8.07 24.94
C ALA A 180 63.24 6.69 24.38
N GLN A 181 62.00 6.53 23.92
CA GLN A 181 61.58 5.30 23.26
C GLN A 181 62.37 5.06 21.96
N MET A 182 62.71 6.14 21.25
CA MET A 182 63.52 6.00 20.03
C MET A 182 64.94 5.57 20.36
N LEU A 183 65.49 6.14 21.43
CA LEU A 183 66.77 5.70 21.97
C LEU A 183 66.71 4.22 22.35
N LEU A 184 65.59 3.81 22.95
CA LEU A 184 65.37 2.42 23.36
C LEU A 184 65.35 1.48 22.15
N ARG A 185 64.69 1.91 21.08
CA ARG A 185 64.66 1.15 19.84
C ARG A 185 66.08 0.93 19.27
N ASP A 186 66.90 1.98 19.27
CA ASP A 186 68.32 1.88 18.90
C ASP A 186 69.09 0.92 19.81
N ALA A 187 68.88 1.07 21.12
CA ALA A 187 69.57 0.25 22.12
C ALA A 187 69.27 -1.24 21.95
N LEU A 188 68.07 -1.53 21.47
CA LEU A 188 67.67 -2.91 21.18
C LEU A 188 68.29 -3.47 19.91
N GLY A 189 68.82 -2.59 19.05
CA GLY A 189 69.42 -3.01 17.78
C GLY A 189 68.39 -3.09 16.66
N LEU A 190 67.22 -2.51 16.86
CA LEU A 190 66.17 -2.53 15.85
C LEU A 190 66.35 -1.35 14.88
N LYS A 191 67.45 -1.40 14.14
CA LYS A 191 67.86 -0.29 13.27
C LYS A 191 66.88 -0.01 12.13
N ASP A 192 66.29 -1.07 11.59
CA ASP A 192 65.31 -0.93 10.53
C ASP A 192 64.08 -1.78 10.82
N THR A 193 63.06 -1.67 9.97
CA THR A 193 61.76 -2.27 10.27
C THR A 193 61.68 -3.76 9.98
N HIS A 194 62.71 -4.30 9.34
CA HIS A 194 62.79 -5.74 9.08
C HIS A 194 63.87 -6.45 9.92
N SER A 195 64.34 -5.80 10.97
CA SER A 195 65.41 -6.39 11.78
C SER A 195 64.92 -6.98 13.13
N SER A 196 65.78 -7.75 13.76
CA SER A 196 65.50 -8.33 15.07
C SER A 196 66.62 -7.89 16.01
N PRO A 197 66.44 -8.04 17.34
CA PRO A 197 67.43 -7.47 18.27
C PRO A 197 68.82 -8.05 18.10
N SER A 198 69.83 -7.26 18.45
CA SER A 198 71.22 -7.71 18.33
C SER A 198 71.46 -8.88 19.29
N ARG A 199 72.39 -9.75 18.92
CA ARG A 199 72.71 -10.92 19.72
C ARG A 199 73.15 -10.54 21.15
N ASN A 200 73.91 -9.45 21.26
CA ASN A 200 74.41 -8.97 22.55
C ASN A 200 73.28 -8.57 23.51
N VAL A 201 72.27 -7.91 22.98
CA VAL A 201 71.10 -7.52 23.76
C VAL A 201 70.34 -8.77 24.22
N ILE A 202 70.16 -9.72 23.30
CA ILE A 202 69.45 -10.96 23.62
C ILE A 202 70.10 -11.68 24.81
N ASP A 203 71.42 -11.73 24.83
CA ASP A 203 72.17 -12.46 25.85
C ASP A 203 72.47 -11.68 27.12
N HIS A 204 72.64 -10.36 27.02
CA HIS A 204 73.11 -9.56 28.15
C HIS A 204 72.20 -8.40 28.54
N GLY A 205 71.15 -8.18 27.74
CA GLY A 205 70.29 -7.02 27.92
C GLY A 205 70.91 -5.75 27.37
N ILE A 206 70.18 -4.66 27.49
CA ILE A 206 70.64 -3.34 27.08
C ILE A 206 71.87 -2.94 27.91
N SER A 207 72.85 -2.35 27.24
CA SER A 207 74.07 -1.93 27.92
C SER A 207 73.77 -0.86 28.96
N ARG A 208 74.61 -0.79 29.99
CA ARG A 208 74.45 0.16 31.08
C ARG A 208 74.56 1.61 30.60
N HIS A 209 75.45 1.84 29.62
CA HIS A 209 75.58 3.14 29.00
C HIS A 209 74.29 3.53 28.27
N ASP A 210 73.73 2.62 27.48
CA ASP A 210 72.47 2.87 26.78
C ASP A 210 71.31 3.05 27.76
N ALA A 211 71.26 2.21 28.80
CA ALA A 211 70.20 2.30 29.81
C ALA A 211 70.24 3.64 30.53
N GLU A 212 71.42 4.11 30.89
CA GLU A 212 71.57 5.41 31.55
C GLU A 212 71.00 6.53 30.69
N GLN A 213 71.33 6.50 29.40
CA GLN A 213 70.89 7.53 28.46
C GLN A 213 69.35 7.58 28.31
N ILE A 214 68.73 6.40 28.26
CA ILE A 214 67.29 6.28 28.15
C ILE A 214 66.59 6.81 29.42
N ALA A 215 67.04 6.35 30.59
CA ALA A 215 66.48 6.80 31.88
C ALA A 215 66.66 8.31 32.10
N ARG A 216 67.79 8.85 31.64
CA ARG A 216 68.11 10.27 31.76
C ARG A 216 67.03 11.15 31.10
N GLU A 217 66.48 10.68 29.97
CA GLU A 217 65.51 11.45 29.19
C GLU A 217 64.12 11.37 29.78
N SER A 218 63.95 10.37 30.66
CA SER A 218 62.66 10.04 31.14
C SER A 218 62.35 10.85 32.39
N SER A 219 61.20 10.59 32.95
CA SER A 219 60.73 11.31 34.11
C SER A 219 61.42 10.72 35.33
N GLY A 220 60.91 11.05 36.51
CA GLY A 220 61.32 10.35 37.71
C GLY A 220 62.44 11.00 38.48
N SER A 221 62.44 10.72 39.78
CA SER A 221 63.53 11.08 40.66
C SER A 221 64.77 10.27 40.26
N ASP A 222 65.91 10.60 40.84
CA ASP A 222 67.14 9.89 40.57
C ASP A 222 67.06 8.41 40.98
N ASN A 223 66.42 8.14 42.11
CA ASN A 223 66.19 6.77 42.53
C ASN A 223 65.34 5.97 41.56
N GLN A 224 64.29 6.59 41.04
CA GLN A 224 63.43 5.97 40.05
C GLN A 224 64.17 5.75 38.73
N LYS A 225 65.06 6.69 38.39
CA LYS A 225 65.90 6.51 37.21
C LYS A 225 66.83 5.30 37.37
N ALA A 226 67.39 5.12 38.57
CA ALA A 226 68.18 3.92 38.88
C ALA A 226 67.37 2.63 38.73
N GLU A 227 66.09 2.67 39.13
CA GLU A 227 65.19 1.52 38.97
C GLU A 227 65.09 1.12 37.51
N VAL A 228 64.83 2.10 36.67
CA VAL A 228 64.71 1.90 35.23
C VAL A 228 66.01 1.34 34.65
N VAL A 229 67.14 1.92 35.04
CA VAL A 229 68.44 1.43 34.61
C VAL A 229 68.62 -0.05 34.96
N GLU A 230 68.34 -0.41 36.21
CA GLU A 230 68.51 -1.79 36.67
C GLU A 230 67.58 -2.74 35.95
N PHE A 231 66.33 -2.33 35.74
CA PHE A 231 65.41 -3.08 34.91
C PHE A 231 65.95 -3.30 33.48
N LEU A 232 66.37 -2.22 32.82
CA LEU A 232 66.78 -2.30 31.40
C LEU A 232 67.97 -3.23 31.15
N CYS A 233 68.86 -3.36 32.13
CA CYS A 233 70.04 -4.21 31.99
C CYS A 233 69.74 -5.71 32.09
N HIS A 234 68.50 -6.09 32.41
CA HIS A 234 68.07 -7.50 32.41
C HIS A 234 67.85 -8.00 30.98
N PRO A 235 68.33 -9.20 30.65
CA PRO A 235 68.00 -9.77 29.33
C PRO A 235 66.48 -9.86 29.11
N GLU A 236 65.73 -10.12 30.18
CA GLU A 236 64.28 -10.27 30.04
C GLU A 236 63.52 -8.94 29.96
N ALA A 237 64.20 -7.83 30.23
CA ALA A 237 63.62 -6.50 29.98
C ALA A 237 63.34 -6.29 28.49
N ALA A 238 64.28 -6.72 27.65
CA ALA A 238 64.09 -6.67 26.18
C ALA A 238 62.90 -7.55 25.79
N THR A 239 62.83 -8.75 26.36
CA THR A 239 61.68 -9.64 26.13
C THR A 239 60.35 -8.97 26.50
N ALA A 240 60.30 -8.36 27.68
CA ALA A 240 59.11 -7.69 28.18
C ALA A 240 58.66 -6.56 27.24
N ILE A 241 59.59 -5.66 26.94
CA ILE A 241 59.32 -4.48 26.13
C ILE A 241 58.84 -4.90 24.75
N CYS A 242 59.58 -5.77 24.08
CA CYS A 242 59.21 -6.21 22.72
C CYS A 242 57.89 -6.97 22.68
N SER A 243 57.74 -7.97 23.54
CA SER A 243 56.52 -8.79 23.57
C SER A 243 55.25 -7.95 23.77
N ALA A 244 55.38 -6.87 24.52
CA ALA A 244 54.25 -6.00 24.86
C ALA A 244 53.55 -5.37 23.65
N PHE A 245 54.29 -5.24 22.54
CA PHE A 245 53.77 -4.62 21.32
C PHE A 245 53.01 -5.59 20.39
N TYR A 246 52.92 -6.86 20.75
CA TYR A 246 52.25 -7.86 19.88
C TYR A 246 50.88 -7.41 19.39
N GLN A 247 50.75 -7.30 18.07
CA GLN A 247 49.54 -6.81 17.44
C GLN A 247 48.33 -7.74 17.60
N SER A 248 48.57 -9.03 17.87
CA SER A 248 47.47 -10.01 17.89
C SER A 248 46.82 -10.22 19.26
N PHE A 249 47.35 -9.57 20.29
CA PHE A 249 46.82 -9.67 21.66
C PHE A 249 45.32 -9.36 21.72
N ASN A 250 44.86 -8.42 20.90
CA ASN A 250 43.49 -7.94 20.99
C ASN A 250 42.50 -8.65 20.05
N VAL A 251 42.95 -9.72 19.40
CA VAL A 251 42.12 -10.44 18.43
C VAL A 251 40.84 -11.05 19.07
N PRO A 252 40.95 -11.70 20.24
CA PRO A 252 39.70 -12.13 20.88
C PRO A 252 38.71 -10.97 21.08
N ALA A 253 39.20 -9.85 21.60
CA ALA A 253 38.36 -8.66 21.81
C ALA A 253 37.78 -8.11 20.49
N LEU A 254 38.62 -8.05 19.44
CA LEU A 254 38.17 -7.57 18.11
C LEU A 254 37.05 -8.46 17.55
N THR A 255 37.22 -9.76 17.70
CA THR A 255 36.27 -10.75 17.21
C THR A 255 34.89 -10.59 17.83
N LEU A 256 34.84 -10.45 19.16
CA LEU A 256 33.54 -10.28 19.83
C LEU A 256 32.88 -8.92 19.61
N THR A 257 33.66 -7.95 19.12
CA THR A 257 33.18 -6.59 18.92
C THR A 257 33.22 -6.18 17.42
N HIS A 258 33.25 -7.17 16.52
CA HIS A 258 33.57 -6.91 15.11
C HIS A 258 32.57 -6.00 14.38
N GLU A 259 31.30 -6.00 14.78
CA GLU A 259 30.29 -5.14 14.14
C GLU A 259 30.51 -3.68 14.50
N ARG A 260 30.81 -3.42 15.77
CA ARG A 260 31.02 -2.06 16.22
C ARG A 260 32.37 -1.51 15.74
N ILE A 261 33.36 -2.39 15.58
CA ILE A 261 34.63 -2.06 14.94
C ILE A 261 34.36 -1.59 13.50
N SER A 262 33.65 -2.41 12.75
CA SER A 262 33.32 -2.11 11.36
C SER A 262 32.53 -0.82 11.21
N LYS A 263 31.59 -0.57 12.12
CA LYS A 263 30.77 0.65 12.03
C LYS A 263 31.60 1.93 12.27
N ALA A 264 32.54 1.88 13.20
CA ALA A 264 33.43 3.02 13.46
C ALA A 264 34.29 3.32 12.23
N SER A 265 34.86 2.27 11.63
CA SER A 265 35.66 2.36 10.42
C SER A 265 34.88 3.01 9.27
N GLU A 266 33.64 2.55 9.05
CA GLU A 266 32.76 3.12 8.02
C GLU A 266 32.36 4.56 8.32
N TYR A 267 32.07 4.86 9.59
CA TYR A 267 31.73 6.22 10.00
C TYR A 267 32.85 7.24 9.80
N ASN A 268 34.07 6.87 10.16
CA ASN A 268 35.23 7.75 9.95
C ASN A 268 35.58 7.94 8.47
N ALA A 269 35.50 6.86 7.70
CA ALA A 269 35.66 6.91 6.24
C ALA A 269 34.66 7.90 5.62
N GLU A 270 33.40 7.80 6.02
CA GLU A 270 32.31 8.61 5.48
C GLU A 270 32.49 10.10 5.73
N ARG A 271 33.02 10.47 6.90
CA ARG A 271 33.29 11.89 7.17
C ARG A 271 34.78 12.27 7.10
N SER A 272 35.55 11.46 6.36
CA SER A 272 37.00 11.64 6.20
C SER A 272 37.75 12.13 7.43
N LEU A 273 37.71 11.35 8.50
CA LEU A 273 38.49 11.62 9.70
C LEU A 273 39.76 10.79 9.70
N ASP A 274 40.88 11.43 10.01
CA ASP A 274 42.14 10.73 10.15
C ASP A 274 42.35 10.31 11.60
N THR A 275 42.06 9.04 11.88
CA THR A 275 42.41 8.48 13.18
C THR A 275 43.27 7.25 12.96
N PRO A 276 44.20 6.99 13.89
CA PRO A 276 44.99 5.76 13.77
C PRO A 276 44.10 4.54 13.89
N ASN A 277 44.58 3.42 13.38
CA ASN A 277 43.84 2.17 13.44
C ASN A 277 43.90 1.58 14.85
N ALA A 278 44.91 1.97 15.62
CA ALA A 278 45.06 1.53 17.01
C ALA A 278 45.96 2.50 17.77
N CYS A 279 45.79 2.51 19.10
CA CYS A 279 46.69 3.25 19.99
C CYS A 279 47.21 2.28 21.05
N ILE A 280 48.39 2.57 21.58
CA ILE A 280 49.08 1.65 22.47
C ILE A 280 49.52 2.32 23.76
N ASN A 281 49.26 1.66 24.89
CA ASN A 281 49.57 2.16 26.22
C ASN A 281 50.03 0.99 27.09
N ILE A 282 51.29 1.04 27.49
CA ILE A 282 51.94 -0.09 28.12
C ILE A 282 52.53 0.29 29.46
N SER A 283 52.30 -0.57 30.46
CA SER A 283 52.91 -0.39 31.76
C SER A 283 53.65 -1.65 32.15
N ILE A 284 54.97 -1.53 32.29
CA ILE A 284 55.78 -2.65 32.73
C ILE A 284 56.29 -2.38 34.14
N SER A 285 56.27 -3.45 34.94
CA SER A 285 56.56 -3.39 36.36
C SER A 285 57.57 -4.46 36.73
N GLN A 286 58.59 -4.06 37.49
CA GLN A 286 59.47 -5.03 38.11
C GLN A 286 59.43 -4.85 39.63
N SER A 287 59.16 -5.94 40.34
CA SER A 287 59.11 -5.90 41.80
C SER A 287 60.52 -5.90 42.38
N SER A 288 60.63 -5.60 43.68
CA SER A 288 61.93 -5.55 44.35
C SER A 288 62.64 -6.91 44.44
N ASP A 289 61.89 -7.98 44.21
CA ASP A 289 62.48 -9.32 44.05
C ASP A 289 62.90 -9.60 42.59
N GLY A 290 62.64 -8.66 41.69
CA GLY A 290 63.09 -8.79 40.31
C GLY A 290 62.07 -9.40 39.34
N ASN A 291 60.87 -9.68 39.82
CA ASN A 291 59.81 -10.26 39.00
C ASN A 291 59.26 -9.23 38.02
N ILE A 292 59.16 -9.61 36.76
CA ILE A 292 58.73 -8.67 35.71
C ILE A 292 57.30 -8.93 35.27
N TYR A 293 56.51 -7.86 35.22
CA TYR A 293 55.09 -7.96 34.88
C TYR A 293 54.75 -6.95 33.78
N VAL A 294 54.03 -7.40 32.77
CA VAL A 294 53.61 -6.53 31.67
C VAL A 294 52.10 -6.37 31.66
N THR A 295 51.64 -5.13 31.59
CA THR A 295 50.25 -4.87 31.25
C THR A 295 50.22 -3.99 30.01
N SER A 296 49.71 -4.54 28.91
CA SER A 296 49.72 -3.85 27.62
C SER A 296 48.30 -3.57 27.14
N HIS A 297 48.05 -2.31 26.76
CA HIS A 297 46.72 -1.88 26.29
C HIS A 297 46.72 -1.46 24.83
N THR A 298 45.76 -1.97 24.08
CA THR A 298 45.51 -1.49 22.73
C THR A 298 44.08 -1.00 22.68
N GLY A 299 43.90 0.21 22.16
CA GLY A 299 42.59 0.80 21.96
C GLY A 299 42.29 0.93 20.47
N VAL A 300 41.08 0.53 20.09
CA VAL A 300 40.58 0.63 18.72
C VAL A 300 39.19 1.24 18.79
N LEU A 301 38.81 2.02 17.77
CA LEU A 301 37.51 2.70 17.78
C LEU A 301 36.35 1.75 17.53
N ILE A 302 35.23 2.05 18.17
CA ILE A 302 33.98 1.32 17.97
C ILE A 302 32.85 2.32 17.91
N MET A 303 31.75 1.91 17.29
CA MET A 303 30.55 2.72 17.25
C MET A 303 29.30 1.86 17.33
N ALA A 304 28.38 2.26 18.20
CA ALA A 304 27.10 1.60 18.37
C ALA A 304 26.18 1.98 17.23
N PRO A 305 25.20 1.12 16.88
CA PRO A 305 24.22 1.49 15.86
C PRO A 305 23.53 2.82 16.18
N GLU A 306 23.06 3.52 15.15
CA GLU A 306 22.34 4.78 15.32
C GLU A 306 21.16 4.69 16.29
N ASP A 307 20.41 3.58 16.22
CA ASP A 307 19.23 3.41 17.08
C ASP A 307 19.54 3.06 18.54
N ARG A 308 20.79 2.67 18.81
CA ARG A 308 21.24 2.41 20.18
C ARG A 308 21.66 3.73 20.88
N PRO A 309 21.66 3.76 22.22
CA PRO A 309 21.90 5.02 22.95
C PRO A 309 23.27 5.67 22.69
N ASN A 310 24.32 4.86 22.62
CA ASN A 310 25.68 5.39 22.42
C ASN A 310 26.05 5.60 20.95
N GLU A 311 27.16 6.30 20.72
CA GLU A 311 27.73 6.46 19.38
C GLU A 311 29.17 5.97 19.20
N MET A 312 30.14 6.85 19.38
CA MET A 312 31.54 6.51 19.14
C MET A 312 32.13 6.16 20.51
N GLY A 313 33.06 5.22 20.51
CA GLY A 313 33.80 4.85 21.69
C GLY A 313 35.06 4.10 21.36
N MET A 314 35.69 3.57 22.40
CA MET A 314 36.92 2.82 22.28
C MET A 314 36.78 1.43 22.90
N LEU A 315 37.24 0.42 22.16
CA LEU A 315 37.41 -0.91 22.70
C LEU A 315 38.83 -0.99 23.22
N THR A 316 38.97 -1.20 24.53
CA THR A 316 40.28 -1.31 25.13
C THR A 316 40.54 -2.77 25.46
N ASN A 317 41.68 -3.27 25.00
CA ASN A 317 42.11 -4.63 25.33
C ASN A 317 43.30 -4.54 26.27
N ARG A 318 43.20 -5.24 27.38
CA ARG A 318 44.28 -5.29 28.37
C ARG A 318 44.85 -6.70 28.36
N THR A 319 46.15 -6.78 28.13
CA THR A 319 46.87 -8.04 28.11
C THR A 319 47.88 -8.01 29.25
N SER A 320 47.83 -9.03 30.11
CA SER A 320 48.64 -9.09 31.31
C SER A 320 49.39 -10.41 31.38
N TYR A 321 50.67 -10.33 31.75
CA TYR A 321 51.48 -11.52 31.91
C TYR A 321 52.78 -11.22 32.63
N GLU A 322 53.31 -12.26 33.25
CA GLU A 322 54.63 -12.26 33.82
C GLU A 322 55.63 -12.65 32.72
N VAL A 323 56.81 -12.04 32.76
CA VAL A 323 57.93 -12.47 31.94
C VAL A 323 58.87 -13.23 32.88
N PRO A 324 58.88 -14.58 32.80
CA PRO A 324 59.73 -15.31 33.73
C PRO A 324 61.22 -15.07 33.52
N GLN A 325 61.97 -15.24 34.61
CA GLN A 325 63.42 -15.24 34.61
C GLN A 325 63.92 -16.23 33.55
N GLY A 326 64.92 -15.82 32.77
CA GLY A 326 65.53 -16.69 31.77
C GLY A 326 64.80 -16.77 30.44
N VAL A 327 63.79 -15.92 30.23
CA VAL A 327 63.13 -15.84 28.93
C VAL A 327 63.79 -14.76 28.07
N LYS A 328 64.54 -15.19 27.07
CA LYS A 328 65.32 -14.29 26.22
C LYS A 328 64.47 -13.71 25.09
N CYS A 329 64.98 -12.64 24.48
CA CYS A 329 64.17 -11.86 23.54
C CYS A 329 64.22 -12.44 22.12
N THR A 330 63.61 -13.61 21.96
CA THR A 330 63.42 -14.22 20.64
C THR A 330 61.97 -14.71 20.52
N ILE A 331 61.50 -14.83 19.28
CA ILE A 331 60.18 -15.35 18.97
C ILE A 331 59.92 -16.73 19.63
N ASP A 332 60.86 -17.66 19.49
CA ASP A 332 60.70 -19.02 20.05
C ASP A 332 60.54 -19.00 21.57
N GLU A 333 61.33 -18.16 22.23
CA GLU A 333 61.30 -17.99 23.68
C GLU A 333 59.99 -17.40 24.20
N MET A 334 59.47 -16.38 23.51
CA MET A 334 58.18 -15.79 23.84
C MET A 334 57.05 -16.81 23.70
N VAL A 335 57.12 -17.59 22.62
CA VAL A 335 56.13 -18.62 22.33
C VAL A 335 56.22 -19.75 23.37
N ARG A 336 57.44 -20.16 23.68
CA ARG A 336 57.68 -21.20 24.68
C ARG A 336 57.13 -20.83 26.06
N ALA A 337 57.35 -19.58 26.48
CA ALA A 337 57.21 -19.22 27.89
C ALA A 337 56.09 -18.26 28.29
N LEU A 338 55.69 -17.34 27.40
CA LEU A 338 54.74 -16.33 27.82
C LEU A 338 53.31 -16.85 27.79
N GLN A 339 52.56 -16.55 28.85
CA GLN A 339 51.20 -17.05 29.00
C GLN A 339 50.29 -15.89 29.35
N PRO A 340 49.90 -15.09 28.33
CA PRO A 340 49.13 -13.90 28.62
C PRO A 340 47.67 -14.18 28.92
N ARG A 341 47.04 -13.17 29.51
CA ARG A 341 45.64 -13.17 29.88
C ARG A 341 45.06 -11.97 29.14
N TYR A 342 43.81 -12.07 28.69
CA TYR A 342 43.16 -11.03 27.88
C TYR A 342 41.84 -10.56 28.47
N ALA A 343 41.60 -9.26 28.42
CA ALA A 343 40.40 -8.65 28.99
C ALA A 343 40.06 -7.37 28.24
N ALA A 344 38.78 -7.05 28.12
CA ALA A 344 38.36 -5.87 27.37
C ALA A 344 37.33 -4.99 28.07
N SER A 345 37.23 -3.74 27.60
CA SER A 345 36.17 -2.82 28.00
C SER A 345 35.73 -1.96 26.82
N GLU A 346 34.53 -1.41 26.92
CA GLU A 346 34.04 -0.44 25.94
C GLU A 346 33.80 0.88 26.65
N THR A 347 34.34 1.96 26.10
CA THR A 347 34.17 3.28 26.69
C THR A 347 33.59 4.22 25.64
N TYR A 348 32.44 4.83 25.97
CA TYR A 348 31.71 5.65 25.01
C TYR A 348 31.75 7.13 25.35
N LEU A 349 31.90 7.95 24.32
CA LEU A 349 31.76 9.39 24.43
C LEU A 349 30.35 9.73 24.90
N GLN A 350 30.21 10.81 25.65
CA GLN A 350 28.92 11.18 26.19
C GLN A 350 28.16 12.14 25.29
N ASN A 351 26.85 11.94 25.21
CA ASN A 351 25.91 12.76 24.41
C ASN A 351 26.56 13.73 23.43
N GLU B 1 -67.90 34.74 20.50
CA GLU B 1 -66.95 35.84 20.83
C GLU B 1 -66.83 36.80 19.65
N MET B 2 -65.65 36.82 19.01
CA MET B 2 -65.43 37.65 17.83
C MET B 2 -66.07 37.00 16.61
N SER B 3 -66.61 37.84 15.72
CA SER B 3 -67.07 37.36 14.43
C SER B 3 -65.85 37.02 13.55
N CYS B 4 -66.10 36.31 12.46
CA CYS B 4 -65.02 35.96 11.53
C CYS B 4 -64.30 37.18 10.96
N ALA B 5 -65.03 38.24 10.65
CA ALA B 5 -64.44 39.45 10.10
C ALA B 5 -63.48 40.15 11.07
N GLU B 6 -63.85 40.16 12.35
CA GLU B 6 -63.02 40.73 13.41
C GLU B 6 -61.75 39.90 13.61
N LYS B 7 -61.92 38.58 13.65
CA LYS B 7 -60.78 37.67 13.80
C LYS B 7 -59.79 37.86 12.66
N LEU B 8 -60.29 38.02 11.45
CA LEU B 8 -59.44 38.22 10.28
C LEU B 8 -58.76 39.58 10.36
N LEU B 9 -59.54 40.62 10.66
CA LEU B 9 -58.98 41.96 10.82
C LEU B 9 -57.89 41.97 11.89
N LYS B 10 -58.08 41.21 12.97
CA LYS B 10 -57.08 41.12 14.04
C LYS B 10 -55.79 40.46 13.53
N VAL B 11 -55.91 39.32 12.87
CA VAL B 11 -54.73 38.60 12.35
C VAL B 11 -53.98 39.46 11.34
N LEU B 12 -54.70 40.12 10.43
CA LEU B 12 -54.08 41.00 9.46
C LEU B 12 -53.29 42.15 10.10
N SER B 13 -53.84 42.79 11.13
CA SER B 13 -53.14 43.91 11.78
C SER B 13 -51.99 43.49 12.70
N PHE B 14 -52.08 42.30 13.27
CA PHE B 14 -51.00 41.78 14.11
C PHE B 14 -49.89 41.17 13.27
N GLY B 15 -50.27 40.52 12.17
CA GLY B 15 -49.32 39.89 11.29
C GLY B 15 -49.56 38.40 11.15
N LEU B 16 -49.81 38.01 9.91
CA LEU B 16 -50.06 36.64 9.49
C LEU B 16 -48.89 35.71 9.81
N TRP B 17 -47.66 36.21 9.68
CA TRP B 17 -46.46 35.39 9.72
C TRP B 17 -45.82 35.17 11.10
N ASN B 18 -46.45 35.71 12.14
CA ASN B 18 -45.95 35.59 13.52
C ASN B 18 -45.67 34.16 13.98
N PRO B 19 -44.47 33.91 14.55
CA PRO B 19 -44.10 32.60 15.10
C PRO B 19 -44.91 32.24 16.36
N THR B 20 -45.64 33.22 16.88
CA THR B 20 -46.48 33.07 18.07
C THR B 20 -47.55 31.99 17.89
N TYR B 21 -48.13 31.93 16.69
CA TYR B 21 -49.27 31.05 16.42
C TYR B 21 -48.89 29.57 16.35
N SER B 22 -49.76 28.72 16.88
CA SER B 22 -49.60 27.27 16.79
C SER B 22 -50.05 26.76 15.42
N ARG B 23 -49.84 25.46 15.19
CA ARG B 23 -50.31 24.79 13.97
C ARG B 23 -51.80 25.03 13.81
N SER B 24 -52.55 24.71 14.87
CA SER B 24 -54.00 24.82 14.93
C SER B 24 -54.50 26.22 14.57
N GLU B 25 -53.83 27.23 15.12
CA GLU B 25 -54.23 28.64 14.96
C GLU B 25 -54.03 29.15 13.53
N ARG B 26 -52.90 28.76 12.93
CA ARG B 26 -52.62 29.10 11.53
C ARG B 26 -53.59 28.39 10.58
N GLN B 27 -53.85 27.11 10.85
CA GLN B 27 -54.83 26.32 10.11
C GLN B 27 -56.19 27.04 10.06
N SER B 28 -56.63 27.54 11.20
CA SER B 28 -57.94 28.18 11.32
C SER B 28 -58.02 29.56 10.68
N PHE B 29 -56.93 30.33 10.73
CA PHE B 29 -56.95 31.66 10.12
C PHE B 29 -56.62 31.68 8.62
N GLN B 30 -56.04 30.58 8.15
CA GLN B 30 -55.92 30.33 6.71
C GLN B 30 -57.29 30.20 6.07
N GLU B 31 -58.22 29.58 6.81
CA GLU B 31 -59.61 29.47 6.41
C GLU B 31 -60.29 30.84 6.32
N LEU B 32 -59.81 31.79 7.11
CA LEU B 32 -60.33 33.17 7.06
C LEU B 32 -59.75 33.93 5.87
N LEU B 33 -58.46 33.74 5.63
CA LEU B 33 -57.77 34.41 4.52
C LEU B 33 -58.36 34.08 3.14
N THR B 34 -58.70 32.81 2.92
CA THR B 34 -59.25 32.40 1.61
C THR B 34 -60.58 33.05 1.27
N VAL B 35 -61.22 33.71 2.24
CA VAL B 35 -62.48 34.42 2.02
C VAL B 35 -62.25 35.81 1.43
N LEU B 36 -61.04 36.36 1.62
CA LEU B 36 -60.62 37.62 1.02
C LEU B 36 -60.61 37.51 -0.48
N GLU B 37 -61.19 38.51 -1.15
CA GLU B 37 -61.33 38.46 -2.59
C GLU B 37 -61.01 39.83 -3.17
N PRO B 38 -60.13 39.88 -4.19
CA PRO B 38 -59.96 41.17 -4.87
C PRO B 38 -61.20 41.52 -5.69
N VAL B 39 -61.56 42.79 -5.68
CA VAL B 39 -62.72 43.29 -6.42
C VAL B 39 -62.32 44.55 -7.19
N TYR B 40 -63.23 45.07 -8.01
CA TYR B 40 -62.97 46.31 -8.72
C TYR B 40 -62.77 47.45 -7.71
N PRO B 41 -61.64 48.16 -7.81
CA PRO B 41 -61.42 49.26 -6.89
C PRO B 41 -62.00 50.56 -7.43
N LEU B 42 -62.31 51.49 -6.53
CA LEU B 42 -62.71 52.84 -6.93
C LEU B 42 -61.51 53.58 -7.54
N PRO B 43 -61.75 54.69 -8.29
CA PRO B 43 -60.65 55.47 -8.90
C PRO B 43 -59.57 55.96 -7.92
N ASN B 44 -59.95 56.20 -6.66
CA ASN B 44 -59.02 56.69 -5.64
C ASN B 44 -58.22 55.56 -4.94
N GLU B 45 -58.40 54.34 -5.42
CA GLU B 45 -57.84 53.15 -4.78
C GLU B 45 -56.89 52.41 -5.72
N LEU B 46 -55.78 51.90 -5.19
CA LEU B 46 -54.93 51.01 -5.97
C LEU B 46 -55.41 49.56 -5.89
N GLY B 47 -56.15 49.25 -4.82
CA GLY B 47 -56.70 47.93 -4.63
C GLY B 47 -57.90 47.92 -3.69
N ARG B 48 -58.79 46.96 -3.89
CA ARG B 48 -59.92 46.75 -3.01
C ARG B 48 -60.19 45.26 -2.86
N VAL B 49 -60.44 44.86 -1.62
CA VAL B 49 -60.57 43.47 -1.25
C VAL B 49 -61.84 43.33 -0.43
N SER B 50 -62.56 42.23 -0.64
CA SER B 50 -63.82 42.02 0.05
C SER B 50 -63.96 40.59 0.56
N ALA B 51 -64.46 40.45 1.77
CA ALA B 51 -64.68 39.15 2.38
C ALA B 51 -66.06 39.13 3.02
N ARG B 52 -66.88 38.18 2.60
CA ARG B 52 -68.20 38.00 3.20
C ARG B 52 -68.23 36.64 3.86
N PHE B 53 -68.42 36.63 5.17
CA PHE B 53 -68.37 35.39 5.95
C PHE B 53 -69.74 34.80 6.20
N SER B 54 -69.79 33.48 6.37
CA SER B 54 -71.07 32.78 6.55
C SER B 54 -71.76 33.12 7.87
N ASP B 55 -71.02 33.69 8.82
CA ASP B 55 -71.58 34.11 10.12
C ASP B 55 -72.30 35.45 10.02
N GLY B 56 -72.28 36.05 8.83
CA GLY B 56 -72.98 37.31 8.58
C GLY B 56 -72.13 38.54 8.78
N SER B 57 -70.84 38.34 9.03
CA SER B 57 -69.91 39.45 9.18
C SER B 57 -69.19 39.66 7.85
N SER B 58 -68.63 40.84 7.66
CA SER B 58 -67.93 41.17 6.42
C SER B 58 -66.81 42.16 6.65
N LEU B 59 -65.84 42.11 5.76
CA LEU B 59 -64.69 42.97 5.81
C LEU B 59 -64.41 43.45 4.39
N ARG B 60 -64.32 44.78 4.24
CA ARG B 60 -63.88 45.38 3.00
C ARG B 60 -62.68 46.26 3.28
N ILE B 61 -61.58 46.00 2.57
CA ILE B 61 -60.32 46.71 2.76
C ILE B 61 -59.92 47.42 1.48
N SER B 62 -59.73 48.73 1.60
CA SER B 62 -59.25 49.59 0.52
C SER B 62 -57.83 50.05 0.80
N VAL B 63 -56.98 49.99 -0.22
CA VAL B 63 -55.68 50.63 -0.18
C VAL B 63 -55.77 51.80 -1.14
N THR B 64 -55.69 53.01 -0.60
CA THR B 64 -55.79 54.24 -1.41
C THR B 64 -54.51 54.45 -2.22
N ASN B 65 -54.57 55.36 -3.20
CA ASN B 65 -53.43 55.66 -4.06
C ASN B 65 -52.15 56.09 -3.33
N SER B 66 -52.30 56.51 -2.07
CA SER B 66 -51.15 56.86 -1.23
C SER B 66 -50.80 55.77 -0.20
N GLU B 67 -51.34 54.57 -0.40
CA GLU B 67 -51.18 53.43 0.52
C GLU B 67 -51.79 53.61 1.92
N SER B 68 -52.75 54.53 2.03
CA SER B 68 -53.61 54.60 3.21
C SER B 68 -54.60 53.42 3.19
N ILE B 69 -54.73 52.74 4.33
CA ILE B 69 -55.49 51.50 4.42
C ILE B 69 -56.76 51.65 5.26
N GLU B 70 -57.90 51.37 4.64
CA GLU B 70 -59.21 51.49 5.27
C GLU B 70 -59.90 50.15 5.31
N ALA B 71 -60.43 49.78 6.48
CA ALA B 71 -61.14 48.53 6.65
C ALA B 71 -62.53 48.78 7.18
N GLU B 72 -63.53 48.61 6.31
CA GLU B 72 -64.92 48.69 6.72
C GLU B 72 -65.39 47.33 7.19
N ILE B 73 -65.81 47.27 8.44
CA ILE B 73 -66.14 46.01 9.06
C ILE B 73 -67.60 45.99 9.54
N ARG B 74 -68.37 44.99 9.11
CA ARG B 74 -69.72 44.76 9.60
C ARG B 74 -69.73 43.51 10.45
N THR B 75 -70.33 43.61 11.62
CA THR B 75 -70.43 42.47 12.54
C THR B 75 -71.89 42.11 12.82
N PRO B 76 -72.17 40.80 13.04
CA PRO B 76 -73.54 40.30 13.07
C PRO B 76 -74.38 40.97 14.15
N ASP B 77 -73.75 41.38 15.25
CA ASP B 77 -74.43 42.10 16.33
C ASP B 77 -74.92 43.47 15.87
N ASN B 78 -74.93 43.68 14.56
CA ASN B 78 -75.43 44.89 13.90
C ASN B 78 -74.59 46.13 14.19
N GLU B 79 -73.36 46.13 13.70
CA GLU B 79 -72.46 47.28 13.83
C GLU B 79 -71.70 47.47 12.52
N LYS B 80 -71.35 48.72 12.21
CA LYS B 80 -70.55 49.02 11.03
C LYS B 80 -69.63 50.21 11.28
N ILE B 81 -68.32 49.96 11.13
CA ILE B 81 -67.29 50.98 11.32
C ILE B 81 -66.18 50.85 10.28
N THR B 82 -65.49 51.95 10.02
CA THR B 82 -64.29 51.91 9.18
C THR B 82 -63.06 52.23 10.01
N VAL B 83 -62.12 51.29 9.99
CA VAL B 83 -60.88 51.41 10.75
C VAL B 83 -59.75 51.80 9.80
N LEU B 84 -58.86 52.66 10.29
CA LEU B 84 -57.69 53.03 9.55
C LEU B 84 -56.51 52.20 10.03
N LEU B 85 -55.82 51.57 9.08
CA LEU B 85 -54.77 50.63 9.41
C LEU B 85 -53.42 51.12 8.95
N GLU B 86 -52.38 50.69 9.66
CA GLU B 86 -51.00 50.97 9.26
C GLU B 86 -50.28 49.66 8.90
N SER B 87 -49.60 49.66 7.75
CA SER B 87 -48.75 48.54 7.36
C SER B 87 -47.33 48.87 7.79
N ASN B 88 -46.64 47.86 8.31
CA ASN B 88 -45.23 47.97 8.72
C ASN B 88 -44.52 46.63 8.59
N GLU B 89 -43.26 46.60 9.03
CA GLU B 89 -42.40 45.41 8.93
C GLU B 89 -42.87 44.25 9.82
N GLN B 90 -43.55 44.57 10.91
CA GLN B 90 -44.05 43.54 11.82
C GLN B 90 -45.32 42.85 11.30
N ASN B 91 -46.32 43.61 10.87
CA ASN B 91 -47.53 42.97 10.36
C ASN B 91 -47.52 42.56 8.89
N ARG B 92 -46.67 43.23 8.10
CA ARG B 92 -46.63 43.04 6.65
C ARG B 92 -48.03 43.09 6.03
N LEU B 93 -48.81 44.10 6.41
CA LEU B 93 -50.21 44.20 5.99
C LEU B 93 -50.38 44.36 4.48
N LEU B 94 -49.67 45.29 3.88
CA LEU B 94 -49.70 45.47 2.42
C LEU B 94 -49.36 44.17 1.68
N GLN B 95 -48.41 43.42 2.22
CA GLN B 95 -48.01 42.13 1.67
C GLN B 95 -49.09 41.04 1.81
N SER B 96 -49.97 41.21 2.81
CA SER B 96 -51.00 40.22 3.14
C SER B 96 -52.33 40.40 2.41
N LEU B 97 -52.34 41.17 1.33
CA LEU B 97 -53.56 41.49 0.60
C LEU B 97 -53.35 41.25 -0.89
N PRO B 98 -54.40 40.84 -1.63
CA PRO B 98 -54.22 40.61 -3.06
C PRO B 98 -54.32 41.89 -3.90
N ILE B 99 -53.29 42.70 -3.79
CA ILE B 99 -53.17 44.00 -4.45
C ILE B 99 -51.85 44.07 -5.23
N ASP B 100 -51.86 44.79 -6.35
CA ASP B 100 -50.65 45.00 -7.15
C ASP B 100 -50.00 46.32 -6.75
N ARG B 101 -48.68 46.37 -6.82
CA ARG B 101 -47.97 47.63 -6.56
C ARG B 101 -46.67 47.74 -7.33
N HIS B 102 -46.25 48.98 -7.55
CA HIS B 102 -44.96 49.26 -8.17
C HIS B 102 -43.88 49.14 -7.12
N MET B 103 -42.89 48.29 -7.39
CA MET B 103 -41.79 48.04 -6.46
C MET B 103 -40.50 47.86 -7.28
N PRO B 104 -39.35 48.19 -6.69
CA PRO B 104 -38.11 47.96 -7.44
C PRO B 104 -37.72 46.48 -7.54
N TYR B 105 -38.45 45.61 -6.83
CA TYR B 105 -38.17 44.17 -6.81
C TYR B 105 -39.47 43.36 -6.77
N ILE B 106 -39.40 42.11 -7.23
CA ILE B 106 -40.52 41.18 -7.17
C ILE B 106 -40.73 40.78 -5.72
N GLN B 107 -41.95 41.00 -5.23
CA GLN B 107 -42.32 40.69 -3.85
C GLN B 107 -42.11 39.22 -3.54
N VAL B 108 -41.40 38.96 -2.44
CA VAL B 108 -41.14 37.63 -1.95
C VAL B 108 -41.96 37.39 -0.68
N HIS B 109 -42.61 36.22 -0.59
CA HIS B 109 -43.34 35.85 0.62
C HIS B 109 -42.81 34.53 1.13
N ARG B 110 -43.09 34.22 2.39
CA ARG B 110 -42.82 32.91 2.97
C ARG B 110 -44.10 32.08 3.01
N ALA B 111 -44.02 30.83 2.59
CA ALA B 111 -45.15 29.92 2.77
C ALA B 111 -45.28 29.60 4.25
N LEU B 112 -46.45 29.15 4.68
CA LEU B 112 -46.60 28.68 6.06
C LEU B 112 -45.83 27.37 6.27
N SER B 113 -45.44 27.10 7.51
CA SER B 113 -44.52 26.00 7.85
C SER B 113 -44.92 24.63 7.31
N GLU B 114 -46.21 24.32 7.36
CA GLU B 114 -46.65 22.97 7.02
C GLU B 114 -47.05 22.82 5.54
N MET B 115 -46.90 23.90 4.78
CA MET B 115 -47.07 23.83 3.33
C MET B 115 -45.87 23.16 2.68
N ASP B 116 -46.12 22.38 1.64
CA ASP B 116 -45.06 21.77 0.83
C ASP B 116 -45.48 21.71 -0.63
N LEU B 117 -44.67 21.06 -1.46
CA LEU B 117 -44.92 21.00 -2.90
C LEU B 117 -44.62 19.62 -3.45
N THR B 118 -45.41 18.64 -3.01
CA THR B 118 -45.15 17.24 -3.34
C THR B 118 -46.09 16.66 -4.38
N ASP B 119 -47.27 17.27 -4.52
CA ASP B 119 -48.31 16.77 -5.43
C ASP B 119 -49.27 17.87 -5.87
N THR B 120 -50.35 17.45 -6.53
CA THR B 120 -51.37 18.36 -7.06
C THR B 120 -52.05 19.17 -5.96
N THR B 121 -52.47 18.47 -4.89
CA THR B 121 -53.22 19.07 -3.79
C THR B 121 -52.38 20.12 -3.08
N SER B 122 -51.15 19.77 -2.72
CA SER B 122 -50.27 20.69 -2.01
C SER B 122 -49.95 21.94 -2.83
N MET B 123 -49.72 21.76 -4.13
CA MET B 123 -49.41 22.86 -5.04
C MET B 123 -50.61 23.82 -5.17
N ARG B 124 -51.82 23.27 -5.25
CA ARG B 124 -53.04 24.07 -5.32
C ARG B 124 -53.27 24.83 -4.01
N ASN B 125 -53.02 24.16 -2.88
CA ASN B 125 -53.08 24.77 -1.55
C ASN B 125 -52.15 25.98 -1.46
N LEU B 126 -50.92 25.85 -1.95
CA LEU B 126 -49.97 26.96 -1.91
C LEU B 126 -50.49 28.15 -2.71
N LEU B 127 -51.00 27.89 -3.92
CA LEU B 127 -51.65 28.95 -4.71
C LEU B 127 -52.88 29.55 -4.02
N GLY B 128 -53.61 28.74 -3.26
CA GLY B 128 -54.75 29.25 -2.47
C GLY B 128 -54.35 30.36 -1.51
N PHE B 129 -53.14 30.24 -0.95
CA PHE B 129 -52.56 31.20 -0.01
C PHE B 129 -51.99 32.40 -0.75
N THR B 130 -51.23 32.08 -1.79
CA THR B 130 -50.41 32.99 -2.54
C THR B 130 -51.28 33.96 -3.38
N SER B 131 -52.45 33.47 -3.81
CA SER B 131 -53.48 34.26 -4.48
C SER B 131 -54.04 35.39 -3.63
N LYS B 132 -53.82 35.31 -2.31
CA LYS B 132 -54.29 36.34 -1.38
C LYS B 132 -53.21 37.34 -0.96
N LEU B 133 -52.00 37.18 -1.50
CA LEU B 133 -50.86 38.02 -1.12
C LEU B 133 -50.47 39.00 -2.22
N SER B 134 -49.66 40.00 -1.87
CA SER B 134 -49.32 41.07 -2.80
C SER B 134 -48.40 40.59 -3.92
N THR B 135 -48.40 41.34 -5.01
CA THR B 135 -47.59 41.06 -6.17
C THR B 135 -46.98 42.36 -6.67
N THR B 136 -45.95 42.26 -7.51
CA THR B 136 -45.27 43.42 -8.08
C THR B 136 -45.57 43.53 -9.57
N LEU B 137 -46.10 44.68 -9.98
CA LEU B 137 -46.36 45.00 -11.37
C LEU B 137 -45.11 44.86 -12.22
N ILE B 138 -45.25 44.19 -13.36
CA ILE B 138 -44.13 43.92 -14.25
C ILE B 138 -44.43 44.35 -15.68
N PRO B 139 -43.44 44.92 -16.36
CA PRO B 139 -43.66 45.39 -17.72
C PRO B 139 -43.48 44.25 -18.72
N HIS B 140 -44.16 44.36 -19.86
CA HIS B 140 -43.96 43.42 -20.94
C HIS B 140 -43.26 44.13 -22.09
N ASN B 141 -42.72 43.33 -23.01
CA ASN B 141 -42.25 43.83 -24.29
C ASN B 141 -43.02 43.11 -25.39
N ALA B 142 -42.78 43.48 -26.66
CA ALA B 142 -43.49 42.87 -27.79
C ALA B 142 -43.39 41.34 -27.80
N GLN B 143 -42.29 40.81 -27.30
CA GLN B 143 -42.08 39.38 -27.34
C GLN B 143 -42.84 38.64 -26.23
N THR B 144 -43.10 39.32 -25.12
CA THR B 144 -43.79 38.70 -23.98
C THR B 144 -45.23 39.15 -23.76
N ASP B 145 -45.65 40.20 -24.45
CA ASP B 145 -47.01 40.75 -24.31
C ASP B 145 -48.05 39.69 -24.70
N PRO B 146 -48.92 39.29 -23.75
CA PRO B 146 -49.97 38.30 -24.06
C PRO B 146 -50.94 38.77 -25.14
N LEU B 147 -51.10 40.08 -25.28
CA LEU B 147 -52.02 40.66 -26.27
C LEU B 147 -51.36 40.96 -27.61
N SER B 148 -50.11 40.55 -27.78
CA SER B 148 -49.42 40.71 -29.05
C SER B 148 -49.08 39.35 -29.67
N GLY B 149 -48.27 39.37 -30.72
CA GLY B 149 -47.96 38.16 -31.47
C GLY B 149 -48.99 37.98 -32.56
N PRO B 150 -48.87 36.89 -33.34
CA PRO B 150 -49.77 36.72 -34.49
C PRO B 150 -51.22 36.43 -34.10
N THR B 151 -51.41 35.63 -33.05
CA THR B 151 -52.74 35.15 -32.68
C THR B 151 -53.01 35.24 -31.19
N PRO B 152 -53.06 36.47 -30.63
CA PRO B 152 -53.38 36.57 -29.19
C PRO B 152 -54.74 35.95 -28.85
N PHE B 153 -54.82 35.27 -27.72
CA PHE B 153 -56.02 34.56 -27.27
C PHE B 153 -56.46 33.35 -28.11
N SER B 154 -55.66 32.91 -29.09
CA SER B 154 -56.08 31.79 -29.95
C SER B 154 -56.35 30.49 -29.20
N SER B 155 -55.64 30.27 -28.10
CA SER B 155 -55.79 29.04 -27.30
C SER B 155 -56.91 29.12 -26.26
N ILE B 156 -57.64 30.23 -26.24
CA ILE B 156 -58.45 30.59 -25.06
C ILE B 156 -59.51 29.56 -24.66
N PHE B 157 -60.17 28.95 -25.64
CA PHE B 157 -61.24 28.01 -25.35
C PHE B 157 -60.71 26.64 -24.96
N MET B 158 -59.58 26.24 -25.54
CA MET B 158 -58.84 25.08 -25.06
C MET B 158 -58.35 25.30 -23.62
N ASP B 159 -57.78 26.48 -23.36
CA ASP B 159 -57.38 26.88 -22.01
C ASP B 159 -58.54 26.80 -21.01
N THR B 160 -59.71 27.25 -21.42
CA THR B 160 -60.92 27.21 -20.59
C THR B 160 -61.33 25.75 -20.30
N CYS B 161 -61.33 24.91 -21.34
CA CYS B 161 -61.58 23.46 -21.21
C CYS B 161 -60.60 22.79 -20.27
N ARG B 162 -59.34 23.22 -20.33
CA ARG B 162 -58.29 22.69 -19.47
C ARG B 162 -58.48 23.12 -18.01
N GLY B 163 -58.93 24.35 -17.81
CA GLY B 163 -59.04 24.92 -16.47
C GLY B 163 -60.32 24.57 -15.73
N LEU B 164 -61.44 24.58 -16.44
CA LEU B 164 -62.72 24.24 -15.80
C LEU B 164 -62.71 22.82 -15.27
N GLY B 165 -63.06 22.69 -14.00
CA GLY B 165 -63.03 21.41 -13.30
C GLY B 165 -61.65 21.11 -12.76
N ASN B 166 -60.68 21.96 -13.07
CA ASN B 166 -59.32 21.77 -12.62
C ASN B 166 -58.72 23.11 -12.16
N ALA B 167 -59.49 23.84 -11.34
CA ALA B 167 -59.12 25.18 -10.92
C ALA B 167 -59.97 25.66 -9.74
N LYS B 168 -59.47 26.66 -9.02
CA LYS B 168 -60.28 27.36 -8.04
C LYS B 168 -60.96 28.54 -8.73
N LEU B 169 -62.26 28.67 -8.54
CA LEU B 169 -63.04 29.72 -9.17
C LEU B 169 -64.07 30.26 -8.21
N SER B 170 -64.12 31.58 -8.08
CA SER B 170 -65.18 32.21 -7.32
C SER B 170 -65.79 33.35 -8.13
N LEU B 171 -67.09 33.56 -7.91
CA LEU B 171 -67.86 34.60 -8.56
C LEU B 171 -68.50 35.41 -7.44
N ASN B 172 -68.21 36.72 -7.39
CA ASN B 172 -68.53 37.55 -6.22
C ASN B 172 -68.19 36.88 -4.88
N GLY B 173 -67.04 36.21 -4.82
CA GLY B 173 -66.61 35.52 -3.61
C GLY B 173 -67.34 34.21 -3.33
N VAL B 174 -68.22 33.80 -4.24
CA VAL B 174 -68.92 32.52 -4.10
C VAL B 174 -68.13 31.44 -4.84
N ASP B 175 -67.66 30.45 -4.10
CA ASP B 175 -66.87 29.38 -4.69
C ASP B 175 -67.70 28.51 -5.64
N ILE B 176 -67.14 28.25 -6.81
CA ILE B 176 -67.79 27.40 -7.80
C ILE B 176 -67.00 26.09 -7.80
N PRO B 177 -67.53 25.04 -7.14
CA PRO B 177 -66.76 23.79 -7.03
C PRO B 177 -66.57 23.08 -8.38
N ALA B 178 -65.69 22.08 -8.39
CA ALA B 178 -65.29 21.40 -9.62
C ALA B 178 -66.49 20.88 -10.45
N ASN B 179 -67.46 20.24 -9.80
CA ASN B 179 -68.65 19.76 -10.51
C ASN B 179 -69.48 20.88 -11.14
N ALA B 180 -69.62 22.00 -10.43
CA ALA B 180 -70.34 23.17 -10.96
C ALA B 180 -69.58 23.79 -12.14
N GLN B 181 -68.26 23.75 -12.08
CA GLN B 181 -67.39 24.18 -13.19
C GLN B 181 -67.58 23.34 -14.47
N MET B 182 -67.79 22.03 -14.31
CA MET B 182 -68.05 21.14 -15.45
C MET B 182 -69.41 21.44 -16.07
N LEU B 183 -70.37 21.73 -15.20
CA LEU B 183 -71.70 22.19 -15.62
C LEU B 183 -71.57 23.49 -16.40
N LEU B 184 -70.72 24.40 -15.90
CA LEU B 184 -70.46 25.67 -16.58
C LEU B 184 -69.83 25.47 -17.95
N ARG B 185 -68.87 24.55 -18.04
CA ARG B 185 -68.25 24.21 -19.33
C ARG B 185 -69.31 23.75 -20.34
N ASP B 186 -70.24 22.94 -19.84
CA ASP B 186 -71.38 22.43 -20.60
C ASP B 186 -72.29 23.57 -21.05
N ALA B 187 -72.59 24.48 -20.11
CA ALA B 187 -73.45 25.64 -20.36
C ALA B 187 -72.87 26.57 -21.42
N LEU B 188 -71.55 26.65 -21.48
CA LEU B 188 -70.88 27.51 -22.44
C LEU B 188 -70.92 26.94 -23.85
N GLY B 189 -71.16 25.63 -23.97
CA GLY B 189 -71.17 24.96 -25.27
C GLY B 189 -69.82 24.34 -25.62
N LEU B 190 -68.94 24.23 -24.64
CA LEU B 190 -67.61 23.67 -24.87
C LEU B 190 -67.61 22.16 -24.72
N LYS B 191 -68.26 21.47 -25.65
CA LYS B 191 -68.44 20.02 -25.57
C LYS B 191 -67.14 19.24 -25.71
N ASP B 192 -66.27 19.66 -26.62
CA ASP B 192 -64.97 19.02 -26.77
C ASP B 192 -63.85 20.05 -26.62
N THR B 193 -62.60 19.57 -26.57
CA THR B 193 -61.46 20.46 -26.32
C THR B 193 -61.08 21.34 -27.51
N HIS B 194 -61.67 21.07 -28.68
CA HIS B 194 -61.48 21.91 -29.86
C HIS B 194 -62.72 22.78 -30.15
N SER B 195 -63.65 22.85 -29.19
CA SER B 195 -64.89 23.61 -29.34
C SER B 195 -64.69 25.09 -29.04
N SER B 196 -65.58 25.92 -29.60
CA SER B 196 -65.76 27.29 -29.15
C SER B 196 -67.21 27.43 -28.65
N PRO B 197 -67.53 28.52 -27.91
CA PRO B 197 -68.84 28.61 -27.27
C PRO B 197 -69.99 28.67 -28.28
N SER B 198 -71.17 28.25 -27.86
CA SER B 198 -72.33 28.26 -28.74
C SER B 198 -72.71 29.71 -29.06
N ARG B 199 -73.18 29.93 -30.27
CA ARG B 199 -73.56 31.26 -30.74
C ARG B 199 -74.62 31.92 -29.84
N ASN B 200 -75.52 31.11 -29.26
CA ASN B 200 -76.54 31.62 -28.34
C ASN B 200 -75.96 32.22 -27.07
N VAL B 201 -74.94 31.55 -26.53
CA VAL B 201 -74.25 32.01 -25.34
C VAL B 201 -73.48 33.29 -25.65
N ILE B 202 -72.80 33.32 -26.81
CA ILE B 202 -72.10 34.54 -27.24
C ILE B 202 -73.06 35.73 -27.27
N ASP B 203 -74.23 35.54 -27.88
CA ASP B 203 -75.20 36.62 -28.07
C ASP B 203 -75.99 36.99 -26.81
N HIS B 204 -76.41 35.99 -26.04
CA HIS B 204 -77.39 36.20 -24.97
C HIS B 204 -76.92 35.74 -23.60
N GLY B 205 -75.74 35.15 -23.54
CA GLY B 205 -75.17 34.66 -22.28
C GLY B 205 -75.67 33.27 -21.94
N ILE B 206 -75.25 32.77 -20.78
CA ILE B 206 -75.71 31.47 -20.29
C ILE B 206 -77.21 31.53 -20.01
N SER B 207 -77.92 30.48 -20.37
CA SER B 207 -79.37 30.44 -20.16
C SER B 207 -79.66 30.51 -18.67
N ARG B 208 -80.81 31.06 -18.33
CA ARG B 208 -81.21 31.22 -16.93
C ARG B 208 -81.38 29.85 -16.24
N HIS B 209 -81.88 28.88 -16.99
CA HIS B 209 -82.02 27.52 -16.48
C HIS B 209 -80.65 26.89 -16.16
N ASP B 210 -79.66 27.14 -17.02
CA ASP B 210 -78.31 26.62 -16.82
C ASP B 210 -77.60 27.34 -15.66
N ALA B 211 -77.79 28.65 -15.58
CA ALA B 211 -77.23 29.48 -14.50
C ALA B 211 -77.73 29.04 -13.12
N GLU B 212 -79.03 28.74 -13.04
CA GLU B 212 -79.61 28.26 -11.79
C GLU B 212 -78.99 26.94 -11.35
N GLN B 213 -78.76 26.02 -12.29
CA GLN B 213 -78.19 24.71 -11.98
C GLN B 213 -76.77 24.86 -11.46
N ILE B 214 -76.01 25.75 -12.10
CA ILE B 214 -74.64 26.04 -11.70
C ILE B 214 -74.59 26.66 -10.29
N ALA B 215 -75.37 27.72 -10.07
CA ALA B 215 -75.39 28.40 -8.77
C ALA B 215 -75.87 27.46 -7.65
N ARG B 216 -76.80 26.57 -7.99
CA ARG B 216 -77.35 25.61 -7.03
C ARG B 216 -76.27 24.77 -6.36
N GLU B 217 -75.25 24.40 -7.15
CA GLU B 217 -74.15 23.54 -6.70
C GLU B 217 -73.11 24.27 -5.86
N SER B 218 -73.12 25.59 -5.92
CA SER B 218 -72.13 26.43 -5.26
C SER B 218 -72.51 26.69 -3.79
N SER B 219 -71.65 27.40 -3.07
CA SER B 219 -71.75 27.40 -1.60
C SER B 219 -72.59 28.52 -0.95
N GLY B 220 -72.84 29.59 -1.69
CA GLY B 220 -73.40 30.81 -1.09
C GLY B 220 -74.79 30.72 -0.49
N SER B 221 -75.20 31.80 0.15
CA SER B 221 -76.58 31.99 0.57
C SER B 221 -77.47 32.07 -0.67
N ASP B 222 -78.79 32.07 -0.47
CA ASP B 222 -79.74 32.21 -1.56
C ASP B 222 -79.55 33.51 -2.34
N ASN B 223 -79.32 34.60 -1.61
CA ASN B 223 -79.08 35.91 -2.22
C ASN B 223 -77.80 35.92 -3.04
N GLN B 224 -76.76 35.28 -2.52
CA GLN B 224 -75.49 35.14 -3.20
C GLN B 224 -75.60 34.28 -4.46
N LYS B 225 -76.40 33.22 -4.39
CA LYS B 225 -76.71 32.40 -5.55
C LYS B 225 -77.46 33.23 -6.60
N ALA B 226 -78.39 34.07 -6.15
CA ALA B 226 -79.04 35.01 -7.06
C ALA B 226 -78.03 35.94 -7.73
N GLU B 227 -77.00 36.39 -6.99
CA GLU B 227 -75.91 37.19 -7.59
C GLU B 227 -75.19 36.42 -8.70
N VAL B 228 -74.90 35.15 -8.43
CA VAL B 228 -74.21 34.30 -9.40
C VAL B 228 -75.07 34.15 -10.65
N VAL B 229 -76.35 33.81 -10.46
CA VAL B 229 -77.31 33.69 -11.57
C VAL B 229 -77.34 34.97 -12.43
N GLU B 230 -77.52 36.11 -11.77
CA GLU B 230 -77.61 37.38 -12.50
C GLU B 230 -76.36 37.66 -13.29
N PHE B 231 -75.21 37.42 -12.68
CA PHE B 231 -73.93 37.55 -13.38
C PHE B 231 -73.85 36.64 -14.61
N LEU B 232 -74.11 35.34 -14.41
CA LEU B 232 -73.97 34.33 -15.49
C LEU B 232 -74.80 34.61 -16.73
N CYS B 233 -75.96 35.26 -16.54
CA CYS B 233 -76.86 35.54 -17.65
C CYS B 233 -76.39 36.69 -18.55
N HIS B 234 -75.31 37.38 -18.17
CA HIS B 234 -74.74 38.44 -19.02
C HIS B 234 -73.88 37.81 -20.12
N PRO B 235 -73.98 38.31 -21.36
CA PRO B 235 -73.05 37.87 -22.40
C PRO B 235 -71.58 38.08 -22.02
N GLU B 236 -71.30 39.15 -21.27
CA GLU B 236 -69.94 39.48 -20.83
C GLU B 236 -69.40 38.52 -19.76
N ALA B 237 -70.29 37.84 -19.03
CA ALA B 237 -69.86 36.82 -18.07
C ALA B 237 -69.11 35.67 -18.74
N ALA B 238 -69.61 35.23 -19.90
CA ALA B 238 -68.90 34.21 -20.69
C ALA B 238 -67.52 34.71 -21.09
N THR B 239 -67.46 35.96 -21.55
CA THR B 239 -66.19 36.59 -21.90
C THR B 239 -65.23 36.61 -20.69
N ALA B 240 -65.76 36.98 -19.52
CA ALA B 240 -64.94 37.09 -18.32
C ALA B 240 -64.39 35.73 -17.93
N ILE B 241 -65.26 34.73 -17.90
CA ILE B 241 -64.88 33.39 -17.45
C ILE B 241 -63.84 32.79 -18.40
N CYS B 242 -64.11 32.81 -19.70
CA CYS B 242 -63.18 32.21 -20.66
C CYS B 242 -61.83 32.90 -20.70
N SER B 243 -61.85 34.24 -20.80
CA SER B 243 -60.61 35.01 -20.93
C SER B 243 -59.69 34.82 -19.74
N ALA B 244 -60.27 34.62 -18.55
CA ALA B 244 -59.52 34.40 -17.31
C ALA B 244 -58.49 33.26 -17.36
N PHE B 245 -58.76 32.27 -18.23
CA PHE B 245 -57.92 31.07 -18.33
C PHE B 245 -56.76 31.17 -19.31
N TYR B 246 -56.57 32.34 -19.91
CA TYR B 246 -55.53 32.48 -20.94
C TYR B 246 -54.17 32.05 -20.44
N GLN B 247 -53.58 31.08 -21.12
CA GLN B 247 -52.32 30.46 -20.71
C GLN B 247 -51.14 31.41 -20.79
N SER B 248 -51.23 32.41 -21.67
CA SER B 248 -50.12 33.33 -21.91
C SER B 248 -50.00 34.51 -20.94
N PHE B 249 -50.96 34.69 -20.05
CA PHE B 249 -50.93 35.84 -19.11
C PHE B 249 -49.61 35.95 -18.33
N ASN B 250 -49.04 34.81 -17.94
CA ASN B 250 -47.84 34.77 -17.10
C ASN B 250 -46.50 34.75 -17.85
N VAL B 251 -46.54 34.90 -19.18
CA VAL B 251 -45.30 34.89 -19.98
C VAL B 251 -44.27 35.96 -19.55
N PRO B 252 -44.71 37.22 -19.30
CA PRO B 252 -43.72 38.17 -18.76
C PRO B 252 -43.09 37.72 -17.44
N ALA B 253 -43.88 37.19 -16.52
CA ALA B 253 -43.37 36.69 -15.23
C ALA B 253 -42.43 35.49 -15.40
N LEU B 254 -42.81 34.57 -16.27
CA LEU B 254 -42.00 33.38 -16.59
C LEU B 254 -40.66 33.76 -17.20
N THR B 255 -40.68 34.73 -18.10
CA THR B 255 -39.46 35.20 -18.76
C THR B 255 -38.45 35.79 -17.74
N LEU B 256 -38.95 36.61 -16.82
CA LEU B 256 -38.12 37.19 -15.75
C LEU B 256 -37.55 36.16 -14.78
N THR B 257 -38.17 34.97 -14.71
CA THR B 257 -37.86 33.97 -13.69
C THR B 257 -37.45 32.62 -14.31
N HIS B 258 -36.97 32.64 -15.55
CA HIS B 258 -36.80 31.41 -16.33
C HIS B 258 -35.79 30.40 -15.76
N GLU B 259 -34.74 30.91 -15.11
CA GLU B 259 -33.72 30.02 -14.53
C GLU B 259 -34.27 29.22 -13.35
N ARG B 260 -35.03 29.90 -12.49
CA ARG B 260 -35.63 29.22 -11.35
C ARG B 260 -36.80 28.32 -11.76
N ILE B 261 -37.48 28.68 -12.86
CA ILE B 261 -38.48 27.80 -13.47
C ILE B 261 -37.80 26.50 -13.94
N SER B 262 -36.73 26.63 -14.71
CA SER B 262 -35.97 25.46 -15.19
C SER B 262 -35.45 24.60 -14.04
N LYS B 263 -34.95 25.25 -13.01
CA LYS B 263 -34.38 24.57 -11.86
C LYS B 263 -35.41 23.64 -11.20
N ALA B 264 -36.61 24.17 -10.94
CA ALA B 264 -37.70 23.42 -10.32
C ALA B 264 -38.11 22.23 -11.18
N SER B 265 -38.20 22.48 -12.49
CA SER B 265 -38.53 21.45 -13.46
C SER B 265 -37.52 20.29 -13.40
N GLU B 266 -36.24 20.62 -13.34
CA GLU B 266 -35.17 19.63 -13.24
C GLU B 266 -35.19 18.87 -11.91
N TYR B 267 -35.41 19.59 -10.82
CA TYR B 267 -35.52 18.99 -9.48
C TYR B 267 -36.66 17.96 -9.36
N ASN B 268 -37.83 18.29 -9.91
CA ASN B 268 -38.98 17.37 -9.92
C ASN B 268 -38.72 16.11 -10.75
N ALA B 269 -38.03 16.29 -11.88
CA ALA B 269 -37.63 15.17 -12.74
C ALA B 269 -36.64 14.25 -12.02
N GLU B 270 -35.58 14.83 -11.44
CA GLU B 270 -34.58 14.10 -10.65
C GLU B 270 -35.21 13.25 -9.55
N ARG B 271 -36.15 13.84 -8.81
CA ARG B 271 -36.82 13.17 -7.68
C ARG B 271 -38.10 12.41 -8.09
N SER B 272 -38.37 12.37 -9.39
CA SER B 272 -39.58 11.75 -9.96
C SER B 272 -40.89 12.18 -9.25
N LEU B 273 -41.09 13.49 -9.15
CA LEU B 273 -42.27 14.04 -8.51
C LEU B 273 -43.32 14.43 -9.55
N ASP B 274 -44.57 14.09 -9.26
CA ASP B 274 -45.70 14.42 -10.12
C ASP B 274 -46.42 15.66 -9.61
N THR B 275 -46.11 16.80 -10.19
CA THR B 275 -46.83 18.02 -9.88
C THR B 275 -47.33 18.59 -11.21
N PRO B 276 -48.48 19.30 -11.17
CA PRO B 276 -48.95 19.97 -12.38
C PRO B 276 -47.94 21.01 -12.85
N ASN B 277 -47.97 21.33 -14.14
CA ASN B 277 -47.09 22.37 -14.68
C ASN B 277 -47.54 23.77 -14.27
N ALA B 278 -48.82 23.87 -13.92
CA ALA B 278 -49.41 25.12 -13.48
C ALA B 278 -50.66 24.83 -12.65
N CYS B 279 -51.00 25.77 -11.77
CA CYS B 279 -52.26 25.72 -11.04
C CYS B 279 -52.97 27.05 -11.27
N ILE B 280 -54.30 27.04 -11.23
CA ILE B 280 -55.10 28.21 -11.54
C ILE B 280 -56.11 28.56 -10.44
N ASN B 281 -56.21 29.86 -10.14
CA ASN B 281 -57.06 30.38 -9.09
C ASN B 281 -57.60 31.75 -9.54
N ILE B 282 -58.91 31.82 -9.75
CA ILE B 282 -59.53 32.96 -10.40
C ILE B 282 -60.64 33.53 -9.51
N SER B 283 -60.69 34.86 -9.42
CA SER B 283 -61.73 35.56 -8.69
C SER B 283 -62.37 36.61 -9.60
N ILE B 284 -63.64 36.39 -9.93
CA ILE B 284 -64.37 37.34 -10.76
C ILE B 284 -65.41 38.04 -9.88
N SER B 285 -65.55 39.34 -10.12
CA SER B 285 -66.39 40.19 -9.30
C SER B 285 -67.28 41.03 -10.21
N GLN B 286 -68.55 41.11 -9.88
CA GLN B 286 -69.43 42.06 -10.53
C GLN B 286 -69.99 43.01 -9.48
N SER B 287 -69.87 44.31 -9.73
CA SER B 287 -70.38 45.31 -8.80
C SER B 287 -71.89 45.52 -8.98
N SER B 288 -72.50 46.25 -8.05
CA SER B 288 -73.95 46.50 -8.08
C SER B 288 -74.37 47.35 -9.29
N ASP B 289 -73.41 48.01 -9.92
CA ASP B 289 -73.67 48.73 -11.18
C ASP B 289 -73.50 47.85 -12.42
N GLY B 290 -73.09 46.60 -12.22
CA GLY B 290 -73.01 45.65 -13.32
C GLY B 290 -71.64 45.51 -13.94
N ASN B 291 -70.67 46.26 -13.41
CA ASN B 291 -69.30 46.25 -13.90
C ASN B 291 -68.55 44.97 -13.50
N ILE B 292 -67.86 44.38 -14.46
CA ILE B 292 -67.24 43.07 -14.27
C ILE B 292 -65.73 43.20 -14.19
N TYR B 293 -65.15 42.61 -13.16
CA TYR B 293 -63.72 42.66 -12.92
C TYR B 293 -63.16 41.24 -12.72
N VAL B 294 -62.04 40.98 -13.39
CA VAL B 294 -61.39 39.68 -13.30
C VAL B 294 -60.02 39.81 -12.64
N THR B 295 -59.77 38.97 -11.65
CA THR B 295 -58.43 38.75 -11.15
C THR B 295 -58.10 37.26 -11.30
N SER B 296 -57.11 36.96 -12.14
CA SER B 296 -56.75 35.58 -12.48
C SER B 296 -55.32 35.30 -12.06
N HIS B 297 -55.13 34.18 -11.35
CA HIS B 297 -53.82 33.78 -10.84
C HIS B 297 -53.36 32.46 -11.44
N THR B 298 -52.11 32.43 -11.89
CA THR B 298 -51.46 31.20 -12.29
C THR B 298 -50.22 31.04 -11.42
N GLY B 299 -50.08 29.85 -10.83
CA GLY B 299 -48.90 29.51 -10.05
C GLY B 299 -48.08 28.43 -10.75
N VAL B 300 -46.77 28.63 -10.80
CA VAL B 300 -45.81 27.69 -11.40
C VAL B 300 -44.63 27.52 -10.44
N LEU B 301 -44.07 26.31 -10.41
CA LEU B 301 -42.99 25.99 -9.49
C LEU B 301 -41.65 26.65 -9.86
N ILE B 302 -40.95 27.12 -8.84
CA ILE B 302 -39.63 27.72 -8.99
C ILE B 302 -38.71 27.15 -7.93
N MET B 303 -37.40 27.17 -8.21
CA MET B 303 -36.41 26.77 -7.23
C MET B 303 -35.14 27.60 -7.31
N ALA B 304 -34.64 28.01 -6.15
CA ALA B 304 -33.39 28.75 -6.03
C ALA B 304 -32.19 27.81 -6.15
N PRO B 305 -31.03 28.32 -6.61
CA PRO B 305 -29.81 27.52 -6.66
C PRO B 305 -29.44 26.93 -5.29
N GLU B 306 -28.71 25.82 -5.32
CA GLU B 306 -28.22 25.13 -4.11
C GLU B 306 -27.57 26.11 -3.13
N ASP B 307 -26.68 26.95 -3.63
CA ASP B 307 -25.88 27.84 -2.79
C ASP B 307 -26.62 29.11 -2.37
N ARG B 308 -27.86 29.26 -2.84
CA ARG B 308 -28.71 30.36 -2.40
C ARG B 308 -29.57 29.93 -1.21
N PRO B 309 -30.00 30.90 -0.37
CA PRO B 309 -30.69 30.59 0.90
C PRO B 309 -31.98 29.75 0.76
N ASN B 310 -32.81 30.08 -0.22
CA ASN B 310 -34.09 29.39 -0.44
C ASN B 310 -33.98 28.10 -1.26
N GLU B 311 -35.07 27.33 -1.29
CA GLU B 311 -35.16 26.15 -2.14
C GLU B 311 -36.29 26.07 -3.18
N MET B 312 -37.42 25.47 -2.80
CA MET B 312 -38.54 25.30 -3.72
C MET B 312 -39.55 26.40 -3.38
N GLY B 313 -40.22 26.91 -4.40
CA GLY B 313 -41.23 27.96 -4.24
C GLY B 313 -42.23 27.99 -5.36
N MET B 314 -43.06 29.03 -5.36
CA MET B 314 -44.05 29.24 -6.40
C MET B 314 -43.97 30.65 -6.94
N LEU B 315 -43.88 30.76 -8.27
CA LEU B 315 -44.09 32.01 -8.97
C LEU B 315 -45.59 32.18 -9.22
N THR B 316 -46.18 33.19 -8.59
CA THR B 316 -47.59 33.53 -8.76
C THR B 316 -47.71 34.76 -9.64
N ASN B 317 -48.51 34.63 -10.70
CA ASN B 317 -48.79 35.71 -11.61
C ASN B 317 -50.23 36.13 -11.39
N ARG B 318 -50.42 37.43 -11.17
CA ARG B 318 -51.75 38.01 -11.04
C ARG B 318 -52.05 38.84 -12.28
N THR B 319 -53.18 38.55 -12.93
CA THR B 319 -53.64 39.29 -14.08
C THR B 319 -55.00 39.89 -13.71
N SER B 320 -55.11 41.21 -13.87
CA SER B 320 -56.32 41.93 -13.48
C SER B 320 -56.82 42.73 -14.66
N TYR B 321 -58.14 42.74 -14.85
CA TYR B 321 -58.71 43.54 -15.90
C TYR B 321 -60.21 43.67 -15.77
N GLU B 322 -60.71 44.80 -16.24
CA GLU B 322 -62.13 44.99 -16.37
C GLU B 322 -62.58 44.29 -17.65
N VAL B 323 -63.79 43.75 -17.63
CA VAL B 323 -64.45 43.29 -18.85
C VAL B 323 -65.58 44.28 -19.16
N PRO B 324 -65.33 45.22 -20.09
CA PRO B 324 -66.35 46.24 -20.42
C PRO B 324 -67.64 45.66 -21.00
N GLN B 325 -68.72 46.41 -20.86
CA GLN B 325 -70.02 46.09 -21.43
C GLN B 325 -69.93 45.96 -22.94
N GLY B 326 -70.64 45.00 -23.49
CA GLY B 326 -70.68 44.80 -24.94
C GLY B 326 -69.53 43.99 -25.49
N VAL B 327 -68.64 43.49 -24.63
CA VAL B 327 -67.55 42.64 -25.10
C VAL B 327 -68.00 41.19 -25.06
N LYS B 328 -68.21 40.61 -26.24
CA LYS B 328 -68.75 39.25 -26.36
C LYS B 328 -67.65 38.19 -26.37
N CYS B 329 -68.04 36.93 -26.18
CA CYS B 329 -67.10 35.86 -25.94
C CYS B 329 -66.50 35.28 -27.23
N THR B 330 -65.68 36.08 -27.90
CA THR B 330 -64.95 35.65 -29.08
C THR B 330 -63.50 36.12 -28.97
N ILE B 331 -62.60 35.40 -29.62
CA ILE B 331 -61.18 35.76 -29.65
C ILE B 331 -60.96 37.20 -30.13
N ASP B 332 -61.58 37.57 -31.25
CA ASP B 332 -61.44 38.94 -31.78
C ASP B 332 -61.91 40.02 -30.79
N GLU B 333 -62.98 39.74 -30.06
CA GLU B 333 -63.52 40.68 -29.07
C GLU B 333 -62.61 40.86 -27.86
N MET B 334 -62.04 39.75 -27.38
CA MET B 334 -61.07 39.78 -26.29
C MET B 334 -59.83 40.56 -26.71
N VAL B 335 -59.35 40.32 -27.93
CA VAL B 335 -58.21 41.05 -28.49
C VAL B 335 -58.52 42.55 -28.64
N ARG B 336 -59.75 42.85 -29.05
CA ARG B 336 -60.19 44.24 -29.27
C ARG B 336 -60.26 45.04 -27.97
N ALA B 337 -60.79 44.43 -26.91
CA ALA B 337 -61.27 45.19 -25.76
C ALA B 337 -60.53 45.00 -24.44
N LEU B 338 -59.92 43.84 -24.22
CA LEU B 338 -59.36 43.54 -22.91
C LEU B 338 -57.96 44.10 -22.76
N GLN B 339 -57.73 44.79 -21.65
CA GLN B 339 -56.45 45.49 -21.41
C GLN B 339 -55.92 45.10 -20.04
N PRO B 340 -55.31 43.90 -19.94
CA PRO B 340 -54.88 43.37 -18.65
C PRO B 340 -53.61 44.01 -18.09
N ARG B 341 -53.46 43.86 -16.78
CA ARG B 341 -52.32 44.32 -16.01
C ARG B 341 -51.69 43.05 -15.45
N TYR B 342 -50.35 43.00 -15.37
CA TYR B 342 -49.64 41.79 -14.93
C TYR B 342 -48.71 42.07 -13.74
N ALA B 343 -48.73 41.17 -12.76
CA ALA B 343 -47.93 41.34 -11.55
C ALA B 343 -47.54 39.98 -10.97
N ALA B 344 -46.39 39.92 -10.30
CA ALA B 344 -45.85 38.63 -9.88
C ALA B 344 -45.31 38.64 -8.46
N SER B 345 -45.25 37.46 -7.85
CA SER B 345 -44.60 37.27 -6.56
C SER B 345 -43.89 35.93 -6.54
N GLU B 346 -42.93 35.80 -5.64
CA GLU B 346 -42.27 34.52 -5.38
C GLU B 346 -42.52 34.15 -3.93
N THR B 347 -43.03 32.94 -3.70
CA THR B 347 -43.29 32.45 -2.36
C THR B 347 -42.50 31.18 -2.11
N TYR B 348 -41.63 31.21 -1.10
CA TYR B 348 -40.77 30.06 -0.82
C TYR B 348 -41.20 29.25 0.39
N LEU B 349 -41.03 27.94 0.28
CA LEU B 349 -41.24 27.05 1.40
C LEU B 349 -40.19 27.32 2.47
N GLN B 350 -40.54 27.06 3.72
CA GLN B 350 -39.57 27.12 4.79
C GLN B 350 -38.81 25.80 4.81
N ASN B 351 -37.49 25.89 4.60
CA ASN B 351 -36.61 24.71 4.43
C ASN B 351 -36.76 23.96 3.10
N GLU C 1 -4.37 -58.43 -32.25
CA GLU C 1 -3.84 -57.07 -31.92
C GLU C 1 -3.96 -56.77 -30.42
N MET C 2 -5.05 -57.23 -29.81
CA MET C 2 -5.34 -56.98 -28.39
C MET C 2 -4.24 -57.56 -27.49
N SER C 3 -3.60 -56.68 -26.70
CA SER C 3 -2.50 -57.07 -25.82
C SER C 3 -3.00 -57.88 -24.62
N CYS C 4 -2.08 -58.59 -23.97
CA CYS C 4 -2.40 -59.42 -22.80
C CYS C 4 -3.08 -58.63 -21.68
N ALA C 5 -2.57 -57.43 -21.41
CA ALA C 5 -3.16 -56.56 -20.38
C ALA C 5 -4.60 -56.17 -20.72
N GLU C 6 -4.88 -55.95 -21.99
CA GLU C 6 -6.24 -55.66 -22.46
C GLU C 6 -7.17 -56.84 -22.25
N LYS C 7 -6.67 -58.04 -22.59
CA LYS C 7 -7.44 -59.27 -22.45
C LYS C 7 -7.80 -59.50 -20.99
N LEU C 8 -6.80 -59.36 -20.12
CA LEU C 8 -7.01 -59.47 -18.68
C LEU C 8 -8.09 -58.49 -18.18
N LEU C 9 -7.96 -57.23 -18.56
CA LEU C 9 -8.92 -56.20 -18.16
C LEU C 9 -10.35 -56.52 -18.59
N LYS C 10 -10.50 -57.00 -19.83
CA LYS C 10 -11.80 -57.41 -20.37
C LYS C 10 -12.44 -58.51 -19.52
N VAL C 11 -11.69 -59.57 -19.25
CA VAL C 11 -12.17 -60.68 -18.42
C VAL C 11 -12.56 -60.21 -17.01
N LEU C 12 -11.74 -59.37 -16.40
CA LEU C 12 -12.05 -58.81 -15.07
C LEU C 12 -13.30 -57.95 -15.08
N SER C 13 -13.52 -57.21 -16.17
CA SER C 13 -14.67 -56.32 -16.29
C SER C 13 -15.99 -57.08 -16.51
N PHE C 14 -15.91 -58.21 -17.21
CA PHE C 14 -17.07 -59.05 -17.48
C PHE C 14 -17.28 -60.08 -16.39
N GLY C 15 -16.17 -60.57 -15.83
CA GLY C 15 -16.19 -61.58 -14.77
C GLY C 15 -15.78 -62.93 -15.32
N LEU C 16 -14.82 -63.57 -14.65
CA LEU C 16 -14.39 -64.93 -15.03
C LEU C 16 -15.56 -65.90 -15.01
N TRP C 17 -16.48 -65.71 -14.06
CA TRP C 17 -17.64 -66.58 -13.91
C TRP C 17 -18.89 -66.14 -14.67
N ASN C 18 -18.72 -65.16 -15.56
CA ASN C 18 -19.80 -64.70 -16.45
C ASN C 18 -20.26 -65.86 -17.34
N PRO C 19 -21.59 -66.09 -17.40
CA PRO C 19 -22.21 -67.12 -18.25
C PRO C 19 -21.85 -67.03 -19.74
N THR C 20 -21.36 -65.88 -20.17
CA THR C 20 -20.94 -65.67 -21.56
C THR C 20 -19.68 -66.48 -21.91
N TYR C 21 -18.90 -66.86 -20.89
CA TYR C 21 -17.71 -67.69 -21.09
C TYR C 21 -18.01 -69.18 -20.91
N SER C 22 -17.23 -70.00 -21.62
CA SER C 22 -17.27 -71.46 -21.47
C SER C 22 -16.18 -71.92 -20.51
N ARG C 23 -16.14 -73.21 -20.20
CA ARG C 23 -15.12 -73.77 -19.30
C ARG C 23 -13.70 -73.71 -19.87
N SER C 24 -13.59 -73.96 -21.18
CA SER C 24 -12.30 -73.94 -21.88
C SER C 24 -11.75 -72.52 -22.03
N GLU C 25 -12.65 -71.54 -22.03
CA GLU C 25 -12.26 -70.13 -22.02
C GLU C 25 -11.78 -69.71 -20.63
N ARG C 26 -12.48 -70.17 -19.61
CA ARG C 26 -12.11 -69.94 -18.22
C ARG C 26 -10.72 -70.51 -17.93
N GLN C 27 -10.47 -71.71 -18.43
CA GLN C 27 -9.16 -72.34 -18.28
C GLN C 27 -8.09 -71.56 -19.04
N SER C 28 -8.50 -70.95 -20.15
CA SER C 28 -7.61 -70.16 -21.00
C SER C 28 -7.19 -68.84 -20.35
N PHE C 29 -8.08 -68.25 -19.56
CA PHE C 29 -7.83 -66.98 -18.90
C PHE C 29 -6.88 -67.11 -17.69
N GLN C 30 -6.62 -68.34 -17.26
CA GLN C 30 -5.81 -68.59 -16.06
C GLN C 30 -4.38 -68.08 -16.20
N GLU C 31 -3.79 -68.24 -17.38
CA GLU C 31 -2.43 -67.75 -17.64
C GLU C 31 -2.34 -66.21 -17.64
N LEU C 32 -3.50 -65.55 -17.68
CA LEU C 32 -3.55 -64.09 -17.53
C LEU C 32 -3.71 -63.72 -16.05
N LEU C 33 -4.67 -64.35 -15.39
CA LEU C 33 -4.96 -64.17 -13.96
C LEU C 33 -3.74 -64.40 -13.06
N THR C 34 -2.98 -65.44 -13.38
CA THR C 34 -1.80 -65.82 -12.60
C THR C 34 -0.69 -64.75 -12.59
N VAL C 35 -0.74 -63.82 -13.55
CA VAL C 35 0.24 -62.74 -13.65
C VAL C 35 -0.02 -61.62 -12.61
N LEU C 36 -1.26 -61.52 -12.15
CA LEU C 36 -1.62 -60.55 -11.10
C LEU C 36 -0.75 -60.71 -9.85
N GLU C 37 -0.11 -59.62 -9.45
CA GLU C 37 0.73 -59.62 -8.27
C GLU C 37 0.30 -58.54 -7.28
N PRO C 38 0.05 -58.92 -6.01
CA PRO C 38 -0.18 -57.91 -4.99
C PRO C 38 1.11 -57.13 -4.71
N VAL C 39 1.00 -55.82 -4.58
CA VAL C 39 2.17 -54.97 -4.35
C VAL C 39 1.89 -53.95 -3.27
N TYR C 40 2.93 -53.22 -2.87
CA TYR C 40 2.84 -52.19 -1.84
C TYR C 40 1.73 -51.17 -2.17
N PRO C 41 0.72 -51.06 -1.29
CA PRO C 41 -0.38 -50.12 -1.53
C PRO C 41 -0.01 -48.72 -1.09
N LEU C 42 -0.56 -47.73 -1.78
CA LEU C 42 -0.44 -46.33 -1.36
C LEU C 42 -1.36 -46.06 -0.15
N PRO C 43 -1.11 -44.95 0.58
CA PRO C 43 -1.77 -44.60 1.86
C PRO C 43 -3.29 -44.75 1.89
N ASN C 44 -3.96 -44.38 0.81
CA ASN C 44 -5.42 -44.42 0.75
C ASN C 44 -5.96 -45.74 0.20
N GLU C 45 -5.07 -46.69 -0.07
CA GLU C 45 -5.42 -47.89 -0.81
C GLU C 45 -5.59 -49.12 0.07
N LEU C 46 -6.69 -49.81 -0.16
CA LEU C 46 -6.99 -51.11 0.41
C LEU C 46 -6.10 -52.20 -0.22
N GLY C 47 -5.75 -52.02 -1.49
CA GLY C 47 -4.90 -52.97 -2.20
C GLY C 47 -4.42 -52.43 -3.54
N ARG C 48 -3.24 -52.87 -3.94
CA ARG C 48 -2.66 -52.50 -5.24
C ARG C 48 -2.13 -53.76 -5.91
N VAL C 49 -2.45 -53.92 -7.19
CA VAL C 49 -2.11 -55.13 -7.93
C VAL C 49 -1.37 -54.77 -9.22
N SER C 50 -0.30 -55.52 -9.52
CA SER C 50 0.48 -55.31 -10.73
C SER C 50 0.50 -56.56 -11.59
N ALA C 51 0.21 -56.41 -12.88
CA ALA C 51 0.36 -57.50 -13.82
C ALA C 51 1.22 -57.03 -15.00
N ARG C 52 2.40 -57.64 -15.14
CA ARG C 52 3.32 -57.26 -16.20
C ARG C 52 3.58 -58.45 -17.12
N PHE C 53 3.12 -58.30 -18.36
CA PHE C 53 3.14 -59.39 -19.33
C PHE C 53 4.37 -59.38 -20.21
N SER C 54 4.71 -60.55 -20.74
CA SER C 54 5.89 -60.72 -21.61
C SER C 54 5.81 -59.92 -22.91
N ASP C 55 4.59 -59.67 -23.39
CA ASP C 55 4.40 -58.85 -24.58
C ASP C 55 4.64 -57.36 -24.30
N GLY C 56 5.13 -57.05 -23.10
CA GLY C 56 5.44 -55.68 -22.72
C GLY C 56 4.25 -54.82 -22.30
N SER C 57 3.06 -55.40 -22.27
CA SER C 57 1.90 -54.70 -21.74
C SER C 57 1.81 -54.90 -20.22
N SER C 58 1.16 -53.96 -19.55
CA SER C 58 1.01 -54.04 -18.09
C SER C 58 -0.31 -53.46 -17.61
N LEU C 59 -0.66 -53.80 -16.38
CA LEU C 59 -1.88 -53.37 -15.74
C LEU C 59 -1.53 -53.03 -14.30
N ARG C 60 -1.90 -51.83 -13.86
CA ARG C 60 -1.83 -51.47 -12.45
C ARG C 60 -3.22 -51.16 -11.93
N ILE C 61 -3.68 -51.98 -10.98
CA ILE C 61 -5.03 -51.84 -10.42
C ILE C 61 -4.96 -51.36 -8.98
N SER C 62 -5.58 -50.22 -8.71
CA SER C 62 -5.66 -49.71 -7.35
C SER C 62 -7.10 -49.75 -6.83
N VAL C 63 -7.25 -50.19 -5.59
CA VAL C 63 -8.54 -50.19 -4.89
C VAL C 63 -8.43 -49.29 -3.67
N THR C 64 -9.21 -48.22 -3.62
CA THR C 64 -9.19 -47.32 -2.47
C THR C 64 -9.85 -47.99 -1.26
N ASN C 65 -9.66 -47.39 -0.08
CA ASN C 65 -10.35 -47.83 1.14
C ASN C 65 -11.86 -47.77 1.02
N SER C 66 -12.36 -46.93 0.11
CA SER C 66 -13.78 -46.83 -0.21
C SER C 66 -14.19 -47.86 -1.27
N GLU C 67 -13.23 -48.67 -1.70
CA GLU C 67 -13.45 -49.70 -2.73
C GLU C 67 -13.79 -49.11 -4.12
N SER C 68 -13.23 -47.94 -4.40
CA SER C 68 -13.23 -47.36 -5.75
C SER C 68 -12.05 -47.96 -6.53
N ILE C 69 -12.26 -48.25 -7.82
CA ILE C 69 -11.30 -49.07 -8.58
C ILE C 69 -10.84 -48.45 -9.89
N GLU C 70 -9.52 -48.25 -10.01
CA GLU C 70 -8.90 -47.74 -11.22
C GLU C 70 -7.86 -48.72 -11.74
N ALA C 71 -7.83 -48.90 -13.05
CA ALA C 71 -6.85 -49.75 -13.70
C ALA C 71 -6.06 -48.97 -14.76
N GLU C 72 -4.75 -48.88 -14.52
CA GLU C 72 -3.83 -48.21 -15.43
C GLU C 72 -3.31 -49.24 -16.41
N ILE C 73 -3.59 -49.02 -17.69
CA ILE C 73 -3.17 -49.97 -18.73
C ILE C 73 -2.15 -49.37 -19.69
N ARG C 74 -0.98 -50.01 -19.74
CA ARG C 74 0.08 -49.67 -20.68
C ARG C 74 0.18 -50.79 -21.72
N THR C 75 0.35 -50.41 -22.98
CA THR C 75 0.46 -51.38 -24.06
C THR C 75 1.91 -51.44 -24.58
N PRO C 76 2.27 -52.49 -25.37
CA PRO C 76 3.64 -52.60 -25.88
C PRO C 76 4.17 -51.20 -26.16
N ASP C 77 3.49 -50.50 -27.07
CA ASP C 77 3.50 -49.03 -27.14
C ASP C 77 2.42 -48.45 -28.05
N ASN C 78 1.30 -48.17 -27.36
CA ASN C 78 0.16 -47.41 -27.82
C ASN C 78 0.05 -45.95 -27.31
N GLU C 79 0.03 -45.71 -25.99
CA GLU C 79 0.16 -46.76 -24.97
C GLU C 79 -0.65 -46.66 -23.64
N LYS C 80 -0.87 -45.46 -23.06
CA LYS C 80 -1.32 -45.42 -21.65
C LYS C 80 -2.57 -44.68 -21.13
N ILE C 81 -3.51 -45.41 -20.58
CA ILE C 81 -4.80 -44.88 -20.15
C ILE C 81 -5.25 -45.44 -18.80
N THR C 82 -6.01 -44.64 -18.07
CA THR C 82 -6.61 -45.06 -16.81
C THR C 82 -8.09 -45.33 -17.01
N VAL C 83 -8.50 -46.54 -16.65
CA VAL C 83 -9.87 -47.00 -16.78
C VAL C 83 -10.51 -47.03 -15.39
N LEU C 84 -11.77 -46.62 -15.32
CA LEU C 84 -12.54 -46.73 -14.09
C LEU C 84 -13.37 -48.00 -14.12
N LEU C 85 -13.17 -48.82 -13.10
CA LEU C 85 -13.84 -50.11 -13.02
C LEU C 85 -14.92 -50.07 -11.96
N GLU C 86 -16.02 -50.75 -12.25
CA GLU C 86 -17.07 -50.92 -11.26
C GLU C 86 -17.23 -52.40 -10.92
N SER C 87 -17.40 -52.68 -9.63
CA SER C 87 -17.60 -54.05 -9.18
C SER C 87 -19.05 -54.26 -8.81
N ASN C 88 -19.60 -55.40 -9.26
CA ASN C 88 -21.00 -55.73 -9.04
C ASN C 88 -21.18 -57.24 -8.92
N GLU C 89 -22.43 -57.68 -8.76
CA GLU C 89 -22.74 -59.10 -8.57
C GLU C 89 -22.48 -59.97 -9.78
N GLN C 90 -22.46 -59.38 -10.98
CA GLN C 90 -22.18 -60.17 -12.19
C GLN C 90 -20.71 -60.34 -12.53
N ASN C 91 -19.92 -59.27 -12.42
CA ASN C 91 -18.48 -59.41 -12.68
C ASN C 91 -17.66 -59.94 -11.49
N ARG C 92 -18.20 -59.76 -10.28
CA ARG C 92 -17.52 -60.12 -9.03
C ARG C 92 -16.07 -59.65 -8.99
N LEU C 93 -15.84 -58.41 -9.44
CA LEU C 93 -14.51 -57.85 -9.62
C LEU C 93 -13.68 -57.79 -8.33
N LEU C 94 -14.26 -57.19 -7.28
CA LEU C 94 -13.57 -57.07 -6.00
C LEU C 94 -13.16 -58.43 -5.41
N GLN C 95 -13.82 -59.50 -5.87
CA GLN C 95 -13.53 -60.86 -5.41
C GLN C 95 -12.43 -61.53 -6.22
N SER C 96 -12.17 -61.01 -7.42
CA SER C 96 -11.26 -61.64 -8.38
C SER C 96 -9.87 -60.99 -8.42
N LEU C 97 -9.49 -60.38 -7.30
CA LEU C 97 -8.22 -59.67 -7.17
C LEU C 97 -7.56 -60.08 -5.86
N PRO C 98 -6.21 -60.17 -5.84
CA PRO C 98 -5.52 -60.52 -4.59
C PRO C 98 -5.51 -59.36 -3.57
N ILE C 99 -6.66 -59.11 -2.96
CA ILE C 99 -6.85 -58.00 -2.03
C ILE C 99 -7.58 -58.45 -0.76
N ASP C 100 -7.29 -57.78 0.36
CA ASP C 100 -7.94 -58.06 1.63
C ASP C 100 -9.05 -57.04 1.84
N ARG C 101 -10.22 -57.49 2.26
CA ARG C 101 -11.27 -56.54 2.62
C ARG C 101 -11.94 -56.85 3.95
N HIS C 102 -12.49 -55.81 4.58
CA HIS C 102 -13.33 -55.94 5.76
C HIS C 102 -14.74 -56.28 5.31
N MET C 103 -15.25 -57.40 5.81
CA MET C 103 -16.53 -57.95 5.38
C MET C 103 -17.18 -58.63 6.58
N PRO C 104 -18.52 -58.75 6.59
CA PRO C 104 -19.20 -59.50 7.66
C PRO C 104 -18.94 -61.00 7.60
N TYR C 105 -18.47 -61.50 6.46
CA TYR C 105 -18.33 -62.93 6.23
C TYR C 105 -17.00 -63.26 5.55
N ILE C 106 -16.55 -64.50 5.72
CA ILE C 106 -15.37 -64.98 5.02
C ILE C 106 -15.76 -65.18 3.57
N GLN C 107 -15.05 -64.53 2.66
CA GLN C 107 -15.34 -64.63 1.23
C GLN C 107 -15.26 -66.08 0.75
N VAL C 108 -16.32 -66.54 0.11
CA VAL C 108 -16.39 -67.87 -0.48
C VAL C 108 -16.23 -67.76 -2.01
N HIS C 109 -15.36 -68.59 -2.58
CA HIS C 109 -15.17 -68.64 -4.04
C HIS C 109 -15.49 -70.03 -4.60
N ARG C 110 -15.71 -70.08 -5.92
CA ARG C 110 -15.84 -71.34 -6.65
C ARG C 110 -14.54 -71.68 -7.35
N ALA C 111 -14.11 -72.94 -7.20
CA ALA C 111 -13.00 -73.47 -7.99
C ALA C 111 -13.45 -73.67 -9.43
N LEU C 112 -12.48 -73.67 -10.36
CA LEU C 112 -12.77 -73.97 -11.77
C LEU C 112 -13.20 -75.42 -11.91
N SER C 113 -14.14 -75.68 -12.82
CA SER C 113 -14.74 -77.01 -12.96
C SER C 113 -13.73 -78.14 -13.25
N GLU C 114 -12.60 -77.79 -13.88
CA GLU C 114 -11.56 -78.79 -14.17
C GLU C 114 -10.72 -79.17 -12.94
N MET C 115 -10.80 -78.36 -11.88
CA MET C 115 -10.04 -78.58 -10.65
C MET C 115 -10.63 -79.68 -9.76
N ASP C 116 -9.76 -80.34 -9.01
CA ASP C 116 -10.13 -81.37 -8.03
C ASP C 116 -9.05 -81.40 -6.95
N LEU C 117 -9.30 -82.13 -5.86
CA LEU C 117 -8.29 -82.36 -4.83
C LEU C 117 -8.04 -83.84 -4.67
N THR C 118 -6.94 -84.31 -5.26
CA THR C 118 -6.59 -85.72 -5.19
C THR C 118 -5.14 -85.91 -4.73
N ASP C 119 -4.26 -84.99 -5.13
CA ASP C 119 -2.83 -85.08 -4.83
C ASP C 119 -2.21 -83.72 -4.56
N THR C 120 -0.89 -83.71 -4.36
CA THR C 120 -0.14 -82.48 -4.09
C THR C 120 -0.22 -81.47 -5.23
N THR C 121 -0.14 -81.95 -6.47
CA THR C 121 -0.17 -81.08 -7.67
C THR C 121 -1.49 -80.32 -7.81
N SER C 122 -2.62 -81.03 -7.63
CA SER C 122 -3.94 -80.42 -7.78
C SER C 122 -4.23 -79.41 -6.67
N MET C 123 -3.67 -79.67 -5.49
CA MET C 123 -3.79 -78.77 -4.34
C MET C 123 -2.97 -77.51 -4.55
N ARG C 124 -1.74 -77.67 -5.03
CA ARG C 124 -0.89 -76.53 -5.37
C ARG C 124 -1.54 -75.68 -6.45
N ASN C 125 -2.13 -76.36 -7.43
CA ASN C 125 -2.87 -75.72 -8.51
C ASN C 125 -4.09 -74.92 -8.02
N LEU C 126 -4.85 -75.49 -7.08
CA LEU C 126 -5.97 -74.75 -6.49
C LEU C 126 -5.48 -73.48 -5.79
N LEU C 127 -4.43 -73.60 -4.98
CA LEU C 127 -3.84 -72.44 -4.31
C LEU C 127 -3.32 -71.39 -5.30
N GLY C 128 -2.77 -71.84 -6.43
CA GLY C 128 -2.33 -70.94 -7.49
C GLY C 128 -3.45 -70.02 -7.95
N PHE C 129 -4.66 -70.56 -7.92
CA PHE C 129 -5.88 -69.83 -8.27
C PHE C 129 -6.39 -68.95 -7.11
N THR C 130 -6.55 -69.52 -5.92
CA THR C 130 -7.10 -68.79 -4.75
C THR C 130 -6.22 -67.65 -4.26
N SER C 131 -4.91 -67.76 -4.50
CA SER C 131 -3.95 -66.70 -4.18
C SER C 131 -4.16 -65.42 -4.99
N LYS C 132 -4.99 -65.50 -6.03
CA LYS C 132 -5.31 -64.34 -6.87
C LYS C 132 -6.72 -63.80 -6.61
N LEU C 133 -7.40 -64.38 -5.63
CA LEU C 133 -8.77 -63.96 -5.29
C LEU C 133 -8.83 -63.27 -3.92
N SER C 134 -9.96 -62.64 -3.62
CA SER C 134 -10.07 -61.82 -2.41
C SER C 134 -10.10 -62.65 -1.12
N THR C 135 -9.76 -62.02 -0.01
CA THR C 135 -9.84 -62.64 1.31
C THR C 135 -10.49 -61.65 2.26
N THR C 136 -11.05 -62.17 3.34
CA THR C 136 -11.68 -61.35 4.36
C THR C 136 -10.75 -61.20 5.55
N LEU C 137 -10.49 -59.95 5.95
CA LEU C 137 -9.63 -59.65 7.09
C LEU C 137 -10.22 -60.21 8.39
N ILE C 138 -9.40 -60.87 9.19
CA ILE C 138 -9.90 -61.37 10.47
C ILE C 138 -9.01 -60.94 11.64
N PRO C 139 -9.64 -60.56 12.76
CA PRO C 139 -8.89 -60.08 13.90
C PRO C 139 -8.36 -61.21 14.75
N HIS C 140 -7.25 -60.96 15.43
CA HIS C 140 -6.71 -61.92 16.38
C HIS C 140 -7.00 -61.46 17.80
N ASN C 141 -6.82 -62.38 18.74
CA ASN C 141 -6.75 -62.03 20.15
C ASN C 141 -5.39 -62.49 20.65
N ALA C 142 -5.10 -62.32 21.93
CA ALA C 142 -3.78 -62.64 22.48
C ALA C 142 -3.40 -64.11 22.38
N GLN C 143 -4.40 -64.98 22.23
CA GLN C 143 -4.12 -66.41 21.99
C GLN C 143 -3.79 -66.72 20.55
N THR C 144 -4.55 -66.17 19.60
CA THR C 144 -4.42 -66.54 18.20
C THR C 144 -3.39 -65.70 17.44
N ASP C 145 -3.00 -64.56 18.01
CA ASP C 145 -2.00 -63.66 17.42
C ASP C 145 -0.69 -64.42 17.18
N PRO C 146 -0.28 -64.55 15.90
CA PRO C 146 0.97 -65.25 15.55
C PRO C 146 2.21 -64.61 16.19
N LEU C 147 2.09 -63.34 16.54
CA LEU C 147 3.22 -62.58 17.11
C LEU C 147 3.12 -62.38 18.63
N SER C 148 2.15 -63.02 19.26
CA SER C 148 2.08 -63.03 20.72
C SER C 148 2.85 -64.23 21.25
N GLY C 149 2.69 -64.54 22.53
CA GLY C 149 3.35 -65.73 23.07
C GLY C 149 4.81 -65.49 23.37
N PRO C 150 5.48 -66.52 23.92
CA PRO C 150 6.83 -66.31 24.43
C PRO C 150 7.92 -66.29 23.35
N THR C 151 7.59 -66.79 22.15
CA THR C 151 8.60 -67.03 21.11
C THR C 151 8.15 -66.60 19.69
N PRO C 152 7.80 -65.31 19.49
CA PRO C 152 7.30 -64.88 18.18
C PRO C 152 8.38 -64.97 17.08
N PHE C 153 7.99 -65.45 15.91
CA PHE C 153 8.91 -65.63 14.76
C PHE C 153 10.05 -66.64 14.99
N SER C 154 10.06 -67.38 16.10
CA SER C 154 11.23 -68.21 16.40
C SER C 154 11.44 -69.33 15.39
N SER C 155 10.35 -69.86 14.83
CA SER C 155 10.41 -71.00 13.90
C SER C 155 10.67 -70.64 12.43
N ILE C 156 10.81 -69.35 12.12
CA ILE C 156 10.85 -68.92 10.71
C ILE C 156 11.97 -69.51 9.87
N PHE C 157 13.12 -69.79 10.48
CA PHE C 157 14.25 -70.30 9.70
C PHE C 157 14.05 -71.77 9.38
N MET C 158 13.53 -72.52 10.36
CA MET C 158 13.18 -73.91 10.13
C MET C 158 11.98 -74.00 9.17
N ASP C 159 11.03 -73.06 9.30
CA ASP C 159 9.90 -72.96 8.37
C ASP C 159 10.36 -72.68 6.93
N THR C 160 11.34 -71.79 6.80
CA THR C 160 11.93 -71.46 5.50
C THR C 160 12.61 -72.68 4.84
N CYS C 161 13.38 -73.44 5.63
CA CYS C 161 14.03 -74.63 5.11
C CYS C 161 13.05 -75.74 4.75
N ARG C 162 11.94 -75.81 5.48
CA ARG C 162 10.86 -76.74 5.20
C ARG C 162 10.14 -76.34 3.90
N GLY C 163 9.93 -75.04 3.70
CA GLY C 163 9.15 -74.54 2.57
C GLY C 163 9.88 -74.36 1.24
N LEU C 164 11.13 -73.88 1.29
CA LEU C 164 11.88 -73.65 0.04
C LEU C 164 12.05 -74.94 -0.75
N GLY C 165 11.73 -74.89 -2.03
CA GLY C 165 11.76 -76.08 -2.89
C GLY C 165 10.44 -76.84 -2.90
N ASN C 166 9.52 -76.45 -2.03
CA ASN C 166 8.19 -77.06 -1.95
C ASN C 166 7.14 -75.96 -1.85
N ALA C 167 7.32 -74.92 -2.65
CA ALA C 167 6.48 -73.74 -2.56
C ALA C 167 6.46 -73.04 -3.91
N LYS C 168 5.37 -72.34 -4.16
CA LYS C 168 5.29 -71.41 -5.29
C LYS C 168 5.81 -70.07 -4.78
N LEU C 169 6.82 -69.54 -5.47
CA LEU C 169 7.47 -68.29 -5.04
C LEU C 169 7.66 -67.36 -6.22
N SER C 170 7.26 -66.10 -6.01
CA SER C 170 7.33 -65.08 -7.01
C SER C 170 7.98 -63.84 -6.42
N LEU C 171 9.02 -63.35 -7.08
CA LEU C 171 9.69 -62.12 -6.68
C LEU C 171 9.61 -61.11 -7.82
N ASN C 172 8.98 -59.97 -7.54
CA ASN C 172 8.68 -58.96 -8.57
C ASN C 172 8.03 -59.52 -9.86
N GLY C 173 7.18 -60.53 -9.68
CA GLY C 173 6.48 -61.14 -10.83
C GLY C 173 7.28 -62.24 -11.51
N VAL C 174 8.46 -62.55 -10.96
CA VAL C 174 9.33 -63.58 -11.52
C VAL C 174 9.17 -64.87 -10.72
N ASP C 175 8.76 -65.95 -11.40
CA ASP C 175 8.64 -67.23 -10.72
C ASP C 175 10.02 -67.79 -10.41
N ILE C 176 10.19 -68.20 -9.16
CA ILE C 176 11.41 -68.83 -8.69
C ILE C 176 11.16 -70.32 -8.58
N PRO C 177 11.69 -71.12 -9.52
CA PRO C 177 11.41 -72.56 -9.50
C PRO C 177 12.12 -73.28 -8.35
N ALA C 178 11.73 -74.54 -8.11
CA ALA C 178 12.28 -75.33 -7.01
C ALA C 178 13.82 -75.29 -6.92
N ASN C 179 14.52 -75.47 -8.05
CA ASN C 179 16.00 -75.48 -7.99
C ASN C 179 16.60 -74.12 -7.59
N ALA C 180 15.99 -73.03 -8.05
CA ALA C 180 16.42 -71.68 -7.66
C ALA C 180 16.10 -71.38 -6.19
N GLN C 181 15.04 -71.98 -5.67
CA GLN C 181 14.71 -71.87 -4.24
C GLN C 181 15.74 -72.59 -3.38
N MET C 182 16.23 -73.75 -3.85
CA MET C 182 17.31 -74.44 -3.17
C MET C 182 18.61 -73.61 -3.17
N LEU C 183 18.91 -72.99 -4.32
CA LEU C 183 19.97 -71.98 -4.42
C LEU C 183 19.77 -70.83 -3.41
N LEU C 184 18.53 -70.35 -3.32
CA LEU C 184 18.17 -69.31 -2.35
C LEU C 184 18.42 -69.73 -0.90
N ARG C 185 18.04 -70.97 -0.58
CA ARG C 185 18.33 -71.53 0.74
C ARG C 185 19.83 -71.50 1.05
N ASP C 186 20.64 -71.96 0.10
CA ASP C 186 22.09 -71.97 0.26
C ASP C 186 22.64 -70.54 0.40
N ALA C 187 22.11 -69.63 -0.42
CA ALA C 187 22.54 -68.24 -0.42
C ALA C 187 22.30 -67.53 0.92
N LEU C 188 21.25 -67.94 1.63
CA LEU C 188 20.91 -67.39 2.94
C LEU C 188 21.82 -67.91 4.06
N GLY C 189 22.58 -68.97 3.77
CA GLY C 189 23.41 -69.62 4.77
C GLY C 189 22.75 -70.85 5.37
N LEU C 190 21.65 -71.28 4.76
CA LEU C 190 20.78 -72.31 5.37
C LEU C 190 20.88 -73.71 4.74
N LYS C 191 21.92 -73.94 3.94
CA LYS C 191 22.10 -75.21 3.22
C LYS C 191 21.91 -76.44 4.12
N ASP C 192 22.77 -76.59 5.13
CA ASP C 192 22.71 -77.78 5.98
C ASP C 192 23.01 -77.57 7.47
N THR C 193 24.27 -77.30 7.81
CA THR C 193 24.68 -77.18 9.21
C THR C 193 23.96 -76.05 9.96
N HIS C 194 23.92 -74.85 9.37
CA HIS C 194 23.41 -73.67 10.07
C HIS C 194 21.89 -73.53 10.00
N SER C 195 21.28 -73.28 11.15
CA SER C 195 19.84 -73.24 11.30
C SER C 195 19.28 -71.81 11.34
N SER C 196 20.14 -70.83 11.10
CA SER C 196 19.71 -69.45 10.93
C SER C 196 20.72 -68.76 9.99
N PRO C 197 20.30 -67.67 9.33
CA PRO C 197 21.12 -67.07 8.27
C PRO C 197 22.49 -66.61 8.78
N SER C 198 23.46 -66.55 7.88
CA SER C 198 24.79 -66.07 8.24
C SER C 198 24.74 -64.57 8.54
N ARG C 199 25.63 -64.13 9.41
CA ARG C 199 25.71 -62.72 9.79
C ARG C 199 25.97 -61.81 8.60
N ASN C 200 26.76 -62.31 7.65
CA ASN C 200 27.06 -61.60 6.42
C ASN C 200 25.81 -61.30 5.60
N VAL C 201 24.93 -62.29 5.48
CA VAL C 201 23.66 -62.10 4.77
C VAL C 201 22.76 -61.15 5.55
N ILE C 202 22.73 -61.31 6.87
CA ILE C 202 21.92 -60.45 7.72
C ILE C 202 22.32 -58.99 7.53
N ASP C 203 23.62 -58.72 7.51
CA ASP C 203 24.13 -57.34 7.39
C ASP C 203 24.19 -56.76 5.98
N HIS C 204 24.40 -57.62 4.98
CA HIS C 204 24.70 -57.14 3.61
C HIS C 204 23.81 -57.70 2.53
N GLY C 205 22.87 -58.56 2.90
CA GLY C 205 22.01 -59.22 1.93
C GLY C 205 22.74 -60.36 1.24
N ILE C 206 22.06 -60.95 0.27
CA ILE C 206 22.62 -62.04 -0.52
C ILE C 206 23.70 -61.46 -1.47
N SER C 207 24.77 -62.24 -1.70
CA SER C 207 25.86 -61.78 -2.55
C SER C 207 25.35 -61.54 -3.96
N ARG C 208 25.91 -60.56 -4.64
CA ARG C 208 25.53 -60.25 -6.02
C ARG C 208 25.62 -61.48 -6.91
N HIS C 209 26.71 -62.25 -6.79
CA HIS C 209 26.89 -63.46 -7.57
C HIS C 209 25.77 -64.49 -7.32
N ASP C 210 25.49 -64.77 -6.05
CA ASP C 210 24.42 -65.69 -5.67
C ASP C 210 23.06 -65.20 -6.22
N ALA C 211 22.82 -63.90 -6.09
CA ALA C 211 21.57 -63.28 -6.54
C ALA C 211 21.38 -63.40 -8.06
N GLU C 212 22.45 -63.15 -8.81
CA GLU C 212 22.42 -63.27 -10.27
C GLU C 212 22.21 -64.71 -10.71
N GLN C 213 22.84 -65.65 -9.99
CA GLN C 213 22.63 -67.06 -10.28
C GLN C 213 21.17 -67.47 -10.10
N ILE C 214 20.55 -67.03 -9.00
CA ILE C 214 19.16 -67.37 -8.70
C ILE C 214 18.21 -66.86 -9.80
N ALA C 215 18.37 -65.59 -10.16
CA ALA C 215 17.59 -64.96 -11.23
C ALA C 215 17.78 -65.65 -12.59
N ARG C 216 19.02 -66.01 -12.89
CA ARG C 216 19.33 -66.75 -14.12
C ARG C 216 18.46 -68.00 -14.27
N GLU C 217 18.25 -68.69 -13.15
CA GLU C 217 17.50 -69.94 -13.13
C GLU C 217 15.99 -69.74 -13.07
N SER C 218 15.55 -68.50 -13.02
CA SER C 218 14.14 -68.19 -12.78
C SER C 218 13.36 -67.88 -14.06
N SER C 219 12.07 -67.58 -13.92
CA SER C 219 11.19 -67.43 -15.08
C SER C 219 10.46 -66.08 -15.14
N GLY C 220 10.97 -65.20 -16.00
CA GLY C 220 10.43 -63.85 -16.17
C GLY C 220 11.31 -63.02 -17.11
N SER C 221 10.89 -61.78 -17.36
CA SER C 221 11.62 -60.89 -18.27
C SER C 221 12.98 -60.47 -17.72
N ASP C 222 13.87 -60.05 -18.61
CA ASP C 222 15.20 -59.56 -18.24
C ASP C 222 15.14 -58.35 -17.30
N ASN C 223 14.16 -57.48 -17.54
CA ASN C 223 13.95 -56.31 -16.72
C ASN C 223 13.55 -56.68 -15.29
N GLN C 224 12.63 -57.62 -15.17
CA GLN C 224 12.16 -58.06 -13.86
C GLN C 224 13.24 -58.86 -13.12
N LYS C 225 14.03 -59.65 -13.86
CA LYS C 225 15.19 -60.35 -13.31
C LYS C 225 16.22 -59.38 -12.72
N ALA C 226 16.44 -58.25 -13.39
CA ALA C 226 17.30 -57.18 -12.86
C ALA C 226 16.74 -56.66 -11.54
N GLU C 227 15.43 -56.49 -11.46
CA GLU C 227 14.75 -56.09 -10.23
C GLU C 227 14.94 -57.12 -9.10
N VAL C 228 14.83 -58.40 -9.44
CA VAL C 228 15.03 -59.48 -8.46
C VAL C 228 16.44 -59.47 -7.89
N VAL C 229 17.43 -59.33 -8.78
CA VAL C 229 18.82 -59.23 -8.36
C VAL C 229 18.96 -58.06 -7.38
N GLU C 230 18.45 -56.90 -7.79
CA GLU C 230 18.54 -55.69 -6.99
C GLU C 230 17.84 -55.89 -5.63
N PHE C 231 16.69 -56.55 -5.65
CA PHE C 231 15.98 -56.94 -4.42
C PHE C 231 16.81 -57.86 -3.52
N LEU C 232 17.30 -58.97 -4.08
CA LEU C 232 17.99 -59.98 -3.30
C LEU C 232 19.24 -59.46 -2.57
N CYS C 233 19.89 -58.45 -3.15
CA CYS C 233 21.10 -57.85 -2.57
C CYS C 233 20.82 -56.96 -1.35
N HIS C 234 19.55 -56.75 -1.03
CA HIS C 234 19.14 -56.03 0.18
C HIS C 234 19.18 -56.95 1.40
N PRO C 235 19.69 -56.46 2.55
CA PRO C 235 19.48 -57.19 3.81
C PRO C 235 18.00 -57.50 4.05
N GLU C 236 17.13 -56.57 3.64
CA GLU C 236 15.69 -56.70 3.84
C GLU C 236 15.02 -57.83 3.04
N ALA C 237 15.70 -58.29 1.98
CA ALA C 237 15.24 -59.45 1.23
C ALA C 237 15.25 -60.72 2.09
N ALA C 238 16.31 -60.91 2.89
CA ALA C 238 16.38 -62.04 3.81
C ALA C 238 15.24 -61.96 4.84
N THR C 239 15.03 -60.77 5.40
CA THR C 239 13.92 -60.54 6.32
C THR C 239 12.58 -60.93 5.69
N ALA C 240 12.36 -60.46 4.46
CA ALA C 240 11.09 -60.70 3.76
C ALA C 240 10.84 -62.18 3.46
N ILE C 241 11.88 -62.85 2.97
CA ILE C 241 11.78 -64.24 2.56
C ILE C 241 11.57 -65.17 3.76
N CYS C 242 12.39 -65.02 4.79
CA CYS C 242 12.28 -65.89 5.94
C CYS C 242 10.97 -65.69 6.70
N SER C 243 10.57 -64.44 6.91
CA SER C 243 9.32 -64.13 7.60
C SER C 243 8.10 -64.68 6.87
N ALA C 244 8.14 -64.66 5.53
CA ALA C 244 7.02 -65.11 4.69
C ALA C 244 6.59 -66.54 4.96
N PHE C 245 7.54 -67.39 5.40
CA PHE C 245 7.26 -68.81 5.65
C PHE C 245 6.73 -69.13 7.06
N TYR C 246 6.61 -68.12 7.92
CA TYR C 246 6.16 -68.32 9.32
C TYR C 246 4.88 -69.17 9.38
N GLN C 247 4.98 -70.36 9.98
CA GLN C 247 3.87 -71.31 10.02
C GLN C 247 2.68 -70.82 10.84
N SER C 248 2.95 -69.98 11.84
CA SER C 248 1.92 -69.50 12.76
C SER C 248 0.97 -68.45 12.18
N PHE C 249 1.29 -67.94 10.98
CA PHE C 249 0.49 -66.89 10.34
C PHE C 249 -0.99 -67.27 10.18
N ASN C 250 -1.27 -68.56 9.95
CA ASN C 250 -2.65 -68.97 9.69
C ASN C 250 -3.46 -69.44 10.90
N VAL C 251 -2.88 -69.30 12.09
CA VAL C 251 -3.58 -69.67 13.33
C VAL C 251 -4.98 -68.99 13.47
N PRO C 252 -5.08 -67.66 13.28
CA PRO C 252 -6.41 -67.03 13.33
C PRO C 252 -7.40 -67.66 12.34
N ALA C 253 -6.96 -67.95 11.12
CA ALA C 253 -7.80 -68.59 10.13
C ALA C 253 -8.15 -70.03 10.50
N LEU C 254 -7.17 -70.81 10.96
CA LEU C 254 -7.40 -72.20 11.38
C LEU C 254 -8.38 -72.30 12.54
N THR C 255 -8.27 -71.37 13.48
CA THR C 255 -9.14 -71.27 14.64
C THR C 255 -10.59 -71.04 14.21
N LEU C 256 -10.77 -70.09 13.29
CA LEU C 256 -12.07 -69.73 12.76
C LEU C 256 -12.77 -70.90 12.07
N THR C 257 -11.99 -71.72 11.38
CA THR C 257 -12.60 -72.73 10.50
C THR C 257 -12.19 -74.14 10.92
N HIS C 258 -12.07 -74.32 12.23
CA HIS C 258 -11.64 -75.59 12.84
C HIS C 258 -12.53 -76.78 12.50
N GLU C 259 -13.84 -76.58 12.44
CA GLU C 259 -14.80 -77.66 12.17
C GLU C 259 -14.61 -78.28 10.77
N ARG C 260 -14.49 -77.42 9.76
CA ARG C 260 -14.35 -77.89 8.39
C ARG C 260 -12.95 -78.42 8.10
N ILE C 261 -11.96 -77.94 8.84
CA ILE C 261 -10.62 -78.52 8.81
C ILE C 261 -10.69 -79.95 9.36
N SER C 262 -11.35 -80.11 10.50
CA SER C 262 -11.52 -81.41 11.13
C SER C 262 -12.28 -82.38 10.23
N LYS C 263 -13.36 -81.92 9.61
CA LYS C 263 -14.17 -82.78 8.75
C LYS C 263 -13.39 -83.30 7.55
N ALA C 264 -12.50 -82.46 7.01
CA ALA C 264 -11.63 -82.84 5.89
C ALA C 264 -10.64 -83.95 6.25
N SER C 265 -9.93 -83.79 7.37
CA SER C 265 -8.92 -84.78 7.78
C SER C 265 -9.55 -86.10 8.21
N GLU C 266 -10.71 -86.01 8.86
CA GLU C 266 -11.48 -87.17 9.28
C GLU C 266 -12.11 -87.90 8.08
N TYR C 267 -12.36 -87.16 7.00
CA TYR C 267 -12.86 -87.75 5.76
C TYR C 267 -11.73 -88.50 5.05
N ASN C 268 -10.56 -87.88 5.01
CA ASN C 268 -9.37 -88.45 4.39
C ASN C 268 -8.83 -89.66 5.15
N ALA C 269 -9.06 -89.69 6.46
CA ALA C 269 -8.64 -90.80 7.32
C ALA C 269 -9.32 -92.11 6.94
N GLU C 270 -10.58 -92.01 6.48
CA GLU C 270 -11.33 -93.17 6.00
C GLU C 270 -11.28 -93.27 4.47
N ARG C 271 -10.34 -92.55 3.86
CA ARG C 271 -10.22 -92.48 2.40
C ARG C 271 -8.83 -92.92 1.93
N PRO C 276 -0.26 -83.56 1.13
CA PRO C 276 0.43 -82.69 2.09
C PRO C 276 -0.52 -81.98 3.04
N ASN C 277 -0.01 -81.58 4.20
CA ASN C 277 -0.78 -80.83 5.20
C ASN C 277 -1.14 -79.41 4.72
N ALA C 278 -0.21 -78.75 4.04
CA ALA C 278 -0.39 -77.38 3.58
C ALA C 278 0.45 -77.04 2.34
N CYS C 279 -0.12 -76.18 1.49
CA CYS C 279 0.57 -75.67 0.32
C CYS C 279 0.92 -74.22 0.57
N ILE C 280 2.01 -73.76 -0.05
CA ILE C 280 2.50 -72.40 0.16
C ILE C 280 2.63 -71.68 -1.18
N ASN C 281 2.19 -70.42 -1.19
CA ASN C 281 2.27 -69.56 -2.36
C ASN C 281 2.58 -68.15 -1.91
N ILE C 282 3.78 -67.67 -2.23
CA ILE C 282 4.26 -66.39 -1.75
C ILE C 282 4.58 -65.45 -2.91
N SER C 283 4.15 -64.19 -2.77
CA SER C 283 4.57 -63.13 -3.68
C SER C 283 5.23 -62.05 -2.88
N ILE C 284 6.42 -61.66 -3.30
CA ILE C 284 7.09 -60.52 -2.72
C ILE C 284 7.44 -59.59 -3.86
N SER C 285 7.28 -58.29 -3.64
CA SER C 285 7.64 -57.31 -4.65
C SER C 285 8.26 -56.10 -4.00
N GLN C 286 9.31 -55.59 -4.63
CA GLN C 286 9.87 -54.31 -4.26
C GLN C 286 9.49 -53.30 -5.36
N SER C 287 8.82 -52.23 -4.96
CA SER C 287 8.33 -51.22 -5.89
C SER C 287 9.50 -50.41 -6.46
N SER C 288 9.23 -49.60 -7.50
CA SER C 288 10.28 -48.77 -8.08
C SER C 288 10.76 -47.69 -7.09
N ASP C 289 9.94 -47.40 -6.08
CA ASP C 289 10.33 -46.50 -4.99
C ASP C 289 11.07 -47.24 -3.86
N GLY C 290 11.21 -48.55 -3.98
CA GLY C 290 12.03 -49.34 -3.06
C GLY C 290 11.27 -50.02 -1.93
N ASN C 291 9.94 -49.88 -1.94
CA ASN C 291 9.11 -50.44 -0.89
C ASN C 291 8.88 -51.94 -1.08
N ILE C 292 9.25 -52.72 -0.08
CA ILE C 292 9.10 -54.17 -0.12
C ILE C 292 7.76 -54.58 0.49
N TYR C 293 7.03 -55.44 -0.21
CA TYR C 293 5.72 -55.88 0.26
C TYR C 293 5.59 -57.38 0.11
N VAL C 294 5.19 -58.04 1.20
CA VAL C 294 5.04 -59.48 1.22
C VAL C 294 3.56 -59.85 1.27
N THR C 295 3.16 -60.78 0.41
CA THR C 295 1.88 -61.43 0.53
C THR C 295 2.13 -62.93 0.53
N SER C 296 1.92 -63.54 1.69
CA SER C 296 2.18 -64.96 1.87
C SER C 296 0.89 -65.74 2.03
N HIS C 297 0.74 -66.83 1.28
CA HIS C 297 -0.49 -67.63 1.29
C HIS C 297 -0.22 -69.06 1.70
N THR C 298 -1.07 -69.57 2.59
CA THR C 298 -1.09 -71.00 2.90
C THR C 298 -2.50 -71.52 2.65
N GLY C 299 -2.58 -72.66 1.98
CA GLY C 299 -3.85 -73.31 1.67
C GLY C 299 -3.97 -74.64 2.38
N VAL C 300 -5.12 -74.87 2.99
CA VAL C 300 -5.38 -76.08 3.77
C VAL C 300 -6.73 -76.65 3.33
N LEU C 301 -6.85 -77.97 3.33
CA LEU C 301 -8.10 -78.63 2.97
C LEU C 301 -9.21 -78.42 4.00
N ILE C 302 -10.42 -78.23 3.50
CA ILE C 302 -11.61 -78.12 4.33
C ILE C 302 -12.73 -78.88 3.66
N MET C 303 -13.71 -79.28 4.46
CA MET C 303 -14.88 -79.96 3.93
C MET C 303 -16.12 -79.53 4.67
N ALA C 304 -17.16 -79.20 3.91
CA ALA C 304 -18.47 -78.83 4.46
C ALA C 304 -19.19 -80.10 4.92
N PRO C 305 -20.18 -79.94 5.84
CA PRO C 305 -21.00 -81.08 6.26
C PRO C 305 -21.67 -81.80 5.10
N GLU C 306 -21.91 -83.10 5.28
CA GLU C 306 -22.49 -83.97 4.25
C GLU C 306 -23.75 -83.39 3.61
N ASP C 307 -24.66 -82.86 4.42
CA ASP C 307 -25.93 -82.34 3.90
C ASP C 307 -25.99 -80.84 3.60
N ARG C 308 -24.88 -80.15 3.78
CA ARG C 308 -24.71 -78.81 3.20
C ARG C 308 -24.35 -79.00 1.72
N PRO C 309 -24.64 -77.99 0.87
CA PRO C 309 -24.45 -78.16 -0.59
C PRO C 309 -23.00 -78.50 -1.01
N ASN C 310 -22.03 -77.75 -0.52
CA ASN C 310 -20.62 -77.97 -0.86
C ASN C 310 -20.02 -79.20 -0.16
N GLU C 311 -18.88 -79.68 -0.67
CA GLU C 311 -18.07 -80.65 0.08
C GLU C 311 -16.59 -80.27 0.26
N MET C 312 -15.74 -80.63 -0.69
CA MET C 312 -14.30 -80.43 -0.54
C MET C 312 -13.92 -79.03 -1.04
N GLY C 313 -13.00 -78.40 -0.32
CA GLY C 313 -12.51 -77.08 -0.69
C GLY C 313 -11.16 -76.74 -0.08
N MET C 314 -10.76 -75.48 -0.21
CA MET C 314 -9.51 -74.98 0.37
C MET C 314 -9.74 -73.72 1.19
N LEU C 315 -9.24 -73.73 2.42
CA LEU C 315 -9.10 -72.53 3.21
C LEU C 315 -7.79 -71.85 2.82
N THR C 316 -7.89 -70.64 2.28
CA THR C 316 -6.70 -69.87 1.94
C THR C 316 -6.50 -68.75 2.95
N ASN C 317 -5.33 -68.72 3.57
CA ASN C 317 -4.96 -67.61 4.44
C ASN C 317 -3.97 -66.71 3.73
N ARG C 318 -4.24 -65.41 3.79
CA ARG C 318 -3.35 -64.42 3.23
C ARG C 318 -2.75 -63.56 4.35
N THR C 319 -1.43 -63.44 4.36
CA THR C 319 -0.73 -62.58 5.29
C THR C 319 0.02 -61.52 4.51
N SER C 320 -0.30 -60.25 4.76
CA SER C 320 0.26 -59.13 4.00
C SER C 320 0.97 -58.18 4.93
N TYR C 321 2.13 -57.69 4.51
CA TYR C 321 2.88 -56.71 5.29
C TYR C 321 4.01 -56.10 4.50
N GLU C 322 4.31 -54.86 4.85
CA GLU C 322 5.51 -54.19 4.39
C GLU C 322 6.70 -54.72 5.21
N VAL C 323 7.85 -54.80 4.56
CA VAL C 323 9.12 -54.99 5.26
C VAL C 323 9.85 -53.66 5.14
N PRO C 324 9.76 -52.81 6.19
CA PRO C 324 10.35 -51.47 6.12
C PRO C 324 11.86 -51.53 5.89
N GLN C 325 12.40 -50.50 5.24
CA GLN C 325 13.84 -50.37 5.08
C GLN C 325 14.52 -50.37 6.45
N GLY C 326 15.69 -50.98 6.50
CA GLY C 326 16.50 -51.03 7.73
C GLY C 326 16.18 -52.17 8.67
N VAL C 327 15.15 -52.96 8.37
CA VAL C 327 14.79 -54.12 9.21
C VAL C 327 15.52 -55.37 8.74
N LYS C 328 16.54 -55.77 9.50
CA LYS C 328 17.36 -56.94 9.18
C LYS C 328 16.73 -58.23 9.70
N CYS C 329 17.25 -59.34 9.19
CA CYS C 329 16.68 -60.65 9.44
C CYS C 329 17.15 -61.21 10.79
N THR C 330 16.82 -60.49 11.87
CA THR C 330 17.00 -60.97 13.23
C THR C 330 15.66 -60.91 13.98
N ILE C 331 15.46 -61.90 14.85
CA ILE C 331 14.17 -62.12 15.50
C ILE C 331 13.58 -60.86 16.15
N ASP C 332 14.36 -60.22 17.04
CA ASP C 332 13.88 -59.07 17.78
C ASP C 332 13.52 -57.88 16.89
N GLU C 333 14.38 -57.58 15.91
CA GLU C 333 14.12 -56.54 14.91
C GLU C 333 12.79 -56.77 14.18
N MET C 334 12.56 -58.01 13.77
CA MET C 334 11.34 -58.38 13.04
C MET C 334 10.10 -58.33 13.91
N VAL C 335 10.23 -58.81 15.16
CA VAL C 335 9.14 -58.70 16.13
C VAL C 335 8.76 -57.22 16.31
N ARG C 336 9.76 -56.37 16.43
CA ARG C 336 9.57 -54.94 16.65
C ARG C 336 8.88 -54.24 15.48
N ALA C 337 9.33 -54.53 14.26
CA ALA C 337 8.97 -53.73 13.09
C ALA C 337 7.89 -54.30 12.17
N LEU C 338 7.77 -55.62 12.09
CA LEU C 338 6.81 -56.19 11.15
C LEU C 338 5.39 -56.18 11.73
N GLN C 339 4.41 -55.77 10.94
CA GLN C 339 3.02 -55.72 11.37
C GLN C 339 2.11 -56.44 10.37
N PRO C 340 2.11 -57.79 10.41
CA PRO C 340 1.28 -58.50 9.45
C PRO C 340 -0.21 -58.36 9.74
N ARG C 341 -1.02 -58.41 8.69
CA ARG C 341 -2.46 -58.56 8.84
C ARG C 341 -2.85 -59.89 8.23
N TYR C 342 -4.02 -60.39 8.63
CA TYR C 342 -4.40 -61.76 8.36
C TYR C 342 -5.79 -61.78 7.78
N ALA C 343 -5.96 -62.57 6.73
CA ALA C 343 -7.22 -62.63 6.01
C ALA C 343 -7.44 -64.01 5.42
N ALA C 344 -8.69 -64.36 5.15
CA ALA C 344 -9.00 -65.71 4.70
C ALA C 344 -10.14 -65.79 3.70
N SER C 345 -10.15 -66.88 2.93
CA SER C 345 -11.25 -67.20 2.04
C SER C 345 -11.44 -68.70 2.03
N GLU C 346 -12.63 -69.14 1.61
CA GLU C 346 -12.88 -70.54 1.37
C GLU C 346 -13.23 -70.73 -0.11
N THR C 347 -12.63 -71.71 -0.75
CA THR C 347 -12.92 -72.00 -2.16
C THR C 347 -13.32 -73.45 -2.31
N TYR C 348 -14.50 -73.67 -2.88
CA TYR C 348 -15.04 -75.01 -3.01
C TYR C 348 -15.06 -75.53 -4.45
N LEU C 349 -14.82 -76.83 -4.60
CA LEU C 349 -14.89 -77.50 -5.90
C LEU C 349 -16.31 -77.53 -6.45
N GLN C 350 -16.44 -77.65 -7.77
CA GLN C 350 -17.74 -77.72 -8.42
C GLN C 350 -18.28 -79.15 -8.45
N GLU D 1 -71.37 -28.94 -31.17
CA GLU D 1 -70.36 -28.55 -30.13
C GLU D 1 -69.30 -27.63 -30.72
N MET D 2 -69.74 -26.52 -31.32
CA MET D 2 -68.82 -25.59 -31.96
C MET D 2 -68.26 -24.55 -30.99
N SER D 3 -67.00 -24.20 -31.21
CA SER D 3 -66.31 -23.20 -30.40
C SER D 3 -66.86 -21.79 -30.65
N CYS D 4 -66.49 -20.86 -29.78
CA CYS D 4 -66.90 -19.46 -29.91
C CYS D 4 -66.51 -18.88 -31.26
N ALA D 5 -65.27 -19.14 -31.69
CA ALA D 5 -64.81 -18.67 -33.00
C ALA D 5 -65.70 -19.13 -34.14
N GLU D 6 -66.13 -20.40 -34.06
CA GLU D 6 -67.04 -20.97 -35.05
C GLU D 6 -68.43 -20.34 -34.99
N LYS D 7 -68.98 -20.23 -33.78
CA LYS D 7 -70.27 -19.56 -33.58
C LYS D 7 -70.26 -18.14 -34.18
N LEU D 8 -69.18 -17.41 -33.98
CA LEU D 8 -69.07 -16.05 -34.53
C LEU D 8 -68.97 -16.06 -36.05
N LEU D 9 -68.16 -16.97 -36.59
CA LEU D 9 -68.00 -17.07 -38.04
C LEU D 9 -69.33 -17.37 -38.75
N LYS D 10 -70.13 -18.27 -38.17
CA LYS D 10 -71.44 -18.63 -38.69
C LYS D 10 -72.40 -17.44 -38.73
N VAL D 11 -72.43 -16.67 -37.64
CA VAL D 11 -73.25 -15.47 -37.54
C VAL D 11 -72.81 -14.41 -38.56
N LEU D 12 -71.51 -14.17 -38.66
CA LEU D 12 -70.97 -13.25 -39.66
C LEU D 12 -71.33 -13.63 -41.09
N SER D 13 -71.29 -14.92 -41.41
CA SER D 13 -71.56 -15.44 -42.75
C SER D 13 -73.04 -15.45 -43.12
N PHE D 14 -73.90 -15.70 -42.13
CA PHE D 14 -75.34 -15.66 -42.33
C PHE D 14 -75.85 -14.21 -42.29
N GLY D 15 -75.15 -13.36 -41.54
CA GLY D 15 -75.50 -11.94 -41.44
C GLY D 15 -76.14 -11.59 -40.11
N LEU D 16 -75.42 -10.80 -39.32
CA LEU D 16 -75.86 -10.42 -37.98
C LEU D 16 -77.15 -9.57 -37.95
N TRP D 17 -77.57 -9.02 -39.10
CA TRP D 17 -78.82 -8.23 -39.16
C TRP D 17 -80.05 -9.04 -39.58
N ASN D 18 -79.92 -10.35 -39.67
CA ASN D 18 -81.04 -11.19 -40.05
C ASN D 18 -82.19 -11.20 -39.03
N PRO D 19 -83.43 -10.95 -39.49
CA PRO D 19 -84.65 -10.97 -38.67
C PRO D 19 -84.90 -12.29 -37.93
N THR D 20 -84.37 -13.40 -38.45
CA THR D 20 -84.59 -14.73 -37.87
C THR D 20 -84.12 -14.85 -36.42
N TYR D 21 -83.01 -14.18 -36.10
CA TYR D 21 -82.44 -14.21 -34.75
C TYR D 21 -83.39 -13.58 -33.73
N SER D 22 -83.38 -14.14 -32.52
CA SER D 22 -84.21 -13.64 -31.42
C SER D 22 -83.43 -12.67 -30.52
N ARG D 23 -84.10 -12.17 -29.47
CA ARG D 23 -83.53 -11.21 -28.54
C ARG D 23 -82.26 -11.72 -27.85
N SER D 24 -82.37 -12.85 -27.15
CA SER D 24 -81.24 -13.46 -26.46
C SER D 24 -80.22 -14.07 -27.43
N GLU D 25 -80.64 -14.29 -28.67
CA GLU D 25 -79.76 -14.79 -29.74
C GLU D 25 -78.84 -13.66 -30.18
N ARG D 26 -79.42 -12.47 -30.40
CA ARG D 26 -78.68 -11.25 -30.68
C ARG D 26 -77.65 -10.90 -29.61
N GLN D 27 -78.06 -10.96 -28.34
CA GLN D 27 -77.18 -10.63 -27.23
C GLN D 27 -76.02 -11.64 -27.11
N SER D 28 -76.31 -12.91 -27.36
CA SER D 28 -75.27 -13.94 -27.33
C SER D 28 -74.15 -13.68 -28.33
N PHE D 29 -74.48 -13.45 -29.59
CA PHE D 29 -73.44 -13.23 -30.60
C PHE D 29 -72.81 -11.83 -30.54
N GLN D 30 -73.49 -10.90 -29.88
CA GLN D 30 -72.93 -9.57 -29.60
C GLN D 30 -71.81 -9.64 -28.58
N GLU D 31 -71.95 -10.53 -27.61
CA GLU D 31 -70.87 -10.86 -26.67
C GLU D 31 -69.65 -11.44 -27.41
N LEU D 32 -69.90 -12.09 -28.53
CA LEU D 32 -68.81 -12.62 -29.36
C LEU D 32 -68.25 -11.54 -30.30
N LEU D 33 -69.13 -10.68 -30.79
CA LEU D 33 -68.72 -9.61 -31.71
C LEU D 33 -67.76 -8.58 -31.07
N THR D 34 -67.95 -8.31 -29.78
CA THR D 34 -67.09 -7.36 -29.07
C THR D 34 -65.66 -7.91 -28.90
N VAL D 35 -65.49 -9.21 -29.12
CA VAL D 35 -64.19 -9.86 -29.01
C VAL D 35 -63.32 -9.55 -30.24
N LEU D 36 -63.97 -9.23 -31.36
CA LEU D 36 -63.26 -8.81 -32.57
C LEU D 36 -62.49 -7.52 -32.39
N GLU D 37 -61.23 -7.53 -32.80
CA GLU D 37 -60.37 -6.35 -32.68
C GLU D 37 -59.64 -6.04 -33.99
N PRO D 38 -59.64 -4.77 -34.40
CA PRO D 38 -58.78 -4.40 -35.52
C PRO D 38 -57.31 -4.48 -35.12
N VAL D 39 -56.49 -5.10 -35.96
CA VAL D 39 -55.05 -5.23 -35.70
C VAL D 39 -54.25 -4.69 -36.90
N TYR D 40 -52.93 -4.63 -36.74
CA TYR D 40 -52.06 -4.16 -37.82
C TYR D 40 -52.29 -4.96 -39.11
N PRO D 41 -52.63 -4.27 -40.22
CA PRO D 41 -52.88 -4.97 -41.48
C PRO D 41 -51.62 -5.20 -42.29
N LEU D 42 -51.58 -6.31 -43.01
CA LEU D 42 -50.47 -6.60 -43.92
C LEU D 42 -50.54 -5.66 -45.13
N PRO D 43 -49.41 -5.47 -45.83
CA PRO D 43 -49.33 -4.48 -46.92
C PRO D 43 -50.48 -4.59 -47.94
N ASN D 44 -50.89 -5.82 -48.24
CA ASN D 44 -51.92 -6.08 -49.25
C ASN D 44 -53.36 -6.09 -48.70
N GLU D 45 -53.51 -5.78 -47.41
CA GLU D 45 -54.81 -5.83 -46.78
C GLU D 45 -55.36 -4.44 -46.52
N LEU D 46 -56.65 -4.27 -46.69
CA LEU D 46 -57.27 -3.03 -46.24
C LEU D 46 -57.63 -3.11 -44.74
N GLY D 47 -57.75 -4.33 -44.23
CA GLY D 47 -58.04 -4.54 -42.82
C GLY D 47 -57.70 -5.94 -42.36
N ARG D 48 -57.38 -6.04 -41.07
CA ARG D 48 -57.16 -7.31 -40.39
C ARG D 48 -57.78 -7.22 -39.01
N VAL D 49 -58.51 -8.28 -38.67
CA VAL D 49 -59.29 -8.35 -37.45
C VAL D 49 -58.91 -9.64 -36.73
N SER D 50 -58.83 -9.56 -35.41
CA SER D 50 -58.49 -10.70 -34.60
C SER D 50 -59.40 -10.84 -33.38
N ALA D 51 -59.65 -12.09 -33.00
CA ALA D 51 -60.40 -12.40 -31.80
C ALA D 51 -59.79 -13.60 -31.10
N ARG D 52 -59.53 -13.44 -29.81
CA ARG D 52 -59.16 -14.55 -28.94
C ARG D 52 -60.29 -14.77 -27.97
N PHE D 53 -60.87 -15.97 -27.99
CA PHE D 53 -61.99 -16.27 -27.12
C PHE D 53 -61.56 -17.01 -25.86
N SER D 54 -62.40 -16.91 -24.83
CA SER D 54 -62.12 -17.51 -23.52
C SER D 54 -61.99 -19.04 -23.57
N ASP D 55 -62.69 -19.67 -24.52
CA ASP D 55 -62.63 -21.13 -24.69
C ASP D 55 -61.35 -21.61 -25.38
N GLY D 56 -60.45 -20.68 -25.71
CA GLY D 56 -59.18 -21.01 -26.35
C GLY D 56 -59.23 -20.96 -27.86
N SER D 57 -60.42 -20.83 -28.44
CA SER D 57 -60.55 -20.73 -29.89
C SER D 57 -60.20 -19.32 -30.33
N SER D 58 -59.87 -19.15 -31.61
CA SER D 58 -59.53 -17.84 -32.15
C SER D 58 -59.94 -17.70 -33.61
N LEU D 59 -60.09 -16.44 -34.02
CA LEU D 59 -60.50 -16.09 -35.36
C LEU D 59 -59.69 -14.89 -35.86
N ARG D 60 -59.15 -15.02 -37.06
CA ARG D 60 -58.45 -13.92 -37.72
C ARG D 60 -59.06 -13.70 -39.10
N ILE D 61 -59.53 -12.48 -39.35
CA ILE D 61 -60.17 -12.14 -40.61
C ILE D 61 -59.37 -11.07 -41.35
N SER D 62 -58.97 -11.41 -42.58
CA SER D 62 -58.29 -10.49 -43.47
C SER D 62 -59.22 -10.08 -44.59
N VAL D 63 -59.19 -8.79 -44.91
CA VAL D 63 -59.86 -8.28 -46.11
C VAL D 63 -58.75 -7.76 -47.02
N THR D 64 -58.55 -8.43 -48.15
CA THR D 64 -57.52 -8.04 -49.11
C THR D 64 -57.93 -6.77 -49.85
N ASN D 65 -57.02 -6.22 -50.64
CA ASN D 65 -57.29 -4.98 -51.40
C ASN D 65 -58.39 -5.11 -52.45
N SER D 66 -58.63 -6.34 -52.91
CA SER D 66 -59.74 -6.63 -53.82
C SER D 66 -61.01 -7.00 -53.05
N GLU D 67 -61.06 -6.59 -51.78
CA GLU D 67 -62.11 -6.96 -50.81
C GLU D 67 -62.54 -8.44 -50.80
N SER D 68 -61.56 -9.32 -51.05
CA SER D 68 -61.69 -10.74 -50.80
C SER D 68 -61.47 -11.00 -49.30
N ILE D 69 -62.27 -11.91 -48.74
CA ILE D 69 -62.32 -12.10 -47.30
C ILE D 69 -61.87 -13.51 -46.91
N GLU D 70 -60.83 -13.56 -46.08
CA GLU D 70 -60.35 -14.84 -45.59
C GLU D 70 -60.37 -14.90 -44.08
N ALA D 71 -60.88 -16.01 -43.57
CA ALA D 71 -61.08 -16.19 -42.14
C ALA D 71 -60.36 -17.44 -41.65
N GLU D 72 -59.27 -17.21 -40.92
CA GLU D 72 -58.51 -18.30 -40.32
C GLU D 72 -59.06 -18.57 -38.93
N ILE D 73 -59.48 -19.81 -38.71
CA ILE D 73 -60.09 -20.20 -37.46
C ILE D 73 -59.33 -21.35 -36.80
N ARG D 74 -59.01 -21.16 -35.52
CA ARG D 74 -58.31 -22.15 -34.73
C ARG D 74 -59.19 -22.60 -33.57
N THR D 75 -59.46 -23.90 -33.48
CA THR D 75 -60.28 -24.46 -32.41
C THR D 75 -59.46 -24.59 -31.12
N PRO D 76 -60.14 -24.85 -29.98
CA PRO D 76 -59.44 -25.10 -28.70
C PRO D 76 -58.52 -26.31 -28.76
N ASP D 77 -58.80 -27.23 -29.68
CA ASP D 77 -57.96 -28.42 -29.90
C ASP D 77 -56.81 -28.14 -30.86
N ASN D 78 -56.68 -26.89 -31.30
CA ASN D 78 -55.57 -26.44 -32.15
C ASN D 78 -55.68 -26.85 -33.63
N GLU D 79 -56.84 -27.34 -34.06
CA GLU D 79 -57.06 -27.55 -35.48
C GLU D 79 -57.37 -26.23 -36.19
N LYS D 80 -56.67 -26.02 -37.31
CA LYS D 80 -56.62 -24.75 -38.01
C LYS D 80 -57.21 -24.91 -39.40
N ILE D 81 -58.02 -23.93 -39.81
CA ILE D 81 -58.60 -23.94 -41.16
C ILE D 81 -58.86 -22.50 -41.62
N THR D 82 -58.63 -22.24 -42.90
CA THR D 82 -58.86 -20.92 -43.47
C THR D 82 -60.00 -20.96 -44.49
N VAL D 83 -61.06 -20.22 -44.19
CA VAL D 83 -62.27 -20.19 -44.98
C VAL D 83 -62.28 -18.92 -45.83
N LEU D 84 -62.69 -19.05 -47.08
CA LEU D 84 -62.91 -17.90 -47.93
C LEU D 84 -64.37 -17.50 -47.84
N LEU D 85 -64.59 -16.25 -47.47
CA LEU D 85 -65.92 -15.72 -47.29
C LEU D 85 -66.28 -14.79 -48.44
N GLU D 86 -67.57 -14.74 -48.73
CA GLU D 86 -68.12 -13.85 -49.75
C GLU D 86 -69.05 -12.88 -49.06
N SER D 87 -68.88 -11.59 -49.34
CA SER D 87 -69.77 -10.60 -48.81
C SER D 87 -70.82 -10.23 -49.85
N ASN D 88 -72.07 -10.20 -49.43
CA ASN D 88 -73.17 -9.79 -50.29
C ASN D 88 -74.20 -8.95 -49.53
N GLU D 89 -75.27 -8.58 -50.22
CA GLU D 89 -76.31 -7.73 -49.63
C GLU D 89 -77.16 -8.47 -48.59
N GLN D 90 -77.09 -9.79 -48.58
CA GLN D 90 -77.80 -10.60 -47.57
C GLN D 90 -77.04 -10.64 -46.23
N ASN D 91 -75.77 -11.02 -46.26
CA ASN D 91 -75.00 -11.12 -45.03
C ASN D 91 -74.38 -9.80 -44.55
N ARG D 92 -74.15 -8.88 -45.47
CA ARG D 92 -73.48 -7.59 -45.19
C ARG D 92 -72.17 -7.81 -44.43
N LEU D 93 -71.42 -8.83 -44.84
CA LEU D 93 -70.21 -9.24 -44.13
C LEU D 93 -69.18 -8.11 -44.03
N LEU D 94 -68.95 -7.43 -45.14
CA LEU D 94 -67.98 -6.35 -45.22
C LEU D 94 -68.36 -5.22 -44.25
N GLN D 95 -69.66 -5.02 -44.06
CA GLN D 95 -70.17 -4.02 -43.14
C GLN D 95 -70.03 -4.44 -41.67
N SER D 96 -69.90 -5.75 -41.45
CA SER D 96 -69.90 -6.34 -40.10
C SER D 96 -68.49 -6.46 -39.49
N LEU D 97 -67.51 -5.79 -40.10
CA LEU D 97 -66.11 -5.87 -39.70
C LEU D 97 -65.58 -4.46 -39.45
N PRO D 98 -64.65 -4.30 -38.49
CA PRO D 98 -64.11 -2.96 -38.24
C PRO D 98 -63.03 -2.58 -39.26
N ILE D 99 -63.45 -2.31 -40.48
CA ILE D 99 -62.54 -1.97 -41.56
C ILE D 99 -62.94 -0.63 -42.24
N ASP D 100 -61.94 0.12 -42.68
CA ASP D 100 -62.14 1.37 -43.40
C ASP D 100 -62.10 1.14 -44.91
N ARG D 101 -63.05 1.71 -45.64
CA ARG D 101 -63.03 1.58 -47.10
C ARG D 101 -63.30 2.89 -47.82
N HIS D 102 -62.80 2.99 -49.05
CA HIS D 102 -63.10 4.12 -49.91
C HIS D 102 -64.47 3.88 -50.53
N MET D 103 -65.41 4.77 -50.24
CA MET D 103 -66.78 4.70 -50.76
C MET D 103 -67.25 6.09 -51.14
N PRO D 104 -68.21 6.21 -52.08
CA PRO D 104 -68.76 7.51 -52.39
C PRO D 104 -69.72 8.02 -51.32
N TYR D 105 -70.11 7.15 -50.39
CA TYR D 105 -71.02 7.56 -49.31
C TYR D 105 -70.54 7.09 -47.95
N ILE D 106 -70.91 7.83 -46.92
CA ILE D 106 -70.63 7.43 -45.54
C ILE D 106 -71.53 6.23 -45.23
N GLN D 107 -70.91 5.15 -44.77
CA GLN D 107 -71.62 3.90 -44.50
C GLN D 107 -72.67 4.09 -43.43
N VAL D 108 -73.86 3.55 -43.70
CA VAL D 108 -74.98 3.62 -42.77
C VAL D 108 -75.27 2.21 -42.26
N HIS D 109 -75.49 2.11 -40.95
CA HIS D 109 -75.80 0.83 -40.29
C HIS D 109 -77.09 0.96 -39.49
N ARG D 110 -77.73 -0.18 -39.26
CA ARG D 110 -78.85 -0.24 -38.32
C ARG D 110 -78.35 -0.73 -36.97
N ALA D 111 -78.85 -0.10 -35.90
CA ALA D 111 -78.64 -0.62 -34.55
C ALA D 111 -79.44 -1.90 -34.41
N LEU D 112 -78.94 -2.82 -33.60
CA LEU D 112 -79.68 -4.05 -33.32
C LEU D 112 -80.94 -3.75 -32.52
N SER D 113 -81.94 -4.62 -32.68
CA SER D 113 -83.35 -4.36 -32.35
C SER D 113 -83.66 -3.54 -31.09
N GLU D 114 -82.94 -3.80 -29.99
CA GLU D 114 -83.33 -3.27 -28.68
C GLU D 114 -82.56 -2.03 -28.21
N MET D 115 -81.44 -1.74 -28.88
CA MET D 115 -80.57 -0.61 -28.53
C MET D 115 -81.33 0.72 -28.50
N ASP D 116 -81.06 1.54 -27.48
CA ASP D 116 -81.58 2.92 -27.42
C ASP D 116 -80.45 3.92 -27.18
N LEU D 117 -80.78 5.17 -26.85
CA LEU D 117 -79.80 6.25 -27.03
C LEU D 117 -79.82 7.46 -26.09
N THR D 118 -80.72 7.47 -25.10
CA THR D 118 -80.90 8.67 -24.27
C THR D 118 -79.88 8.81 -23.13
N ASP D 119 -79.53 7.71 -22.47
CA ASP D 119 -78.58 7.77 -21.35
C ASP D 119 -77.16 7.31 -21.70
N THR D 120 -76.25 7.49 -20.75
CA THR D 120 -74.81 7.30 -20.97
C THR D 120 -74.38 5.84 -21.24
N THR D 121 -74.97 4.90 -20.52
CA THR D 121 -74.61 3.49 -20.68
C THR D 121 -75.02 2.96 -22.07
N SER D 122 -76.20 3.35 -22.53
CA SER D 122 -76.73 2.87 -23.81
C SER D 122 -75.98 3.46 -24.99
N MET D 123 -75.48 4.68 -24.82
CA MET D 123 -74.63 5.31 -25.81
C MET D 123 -73.29 4.58 -25.96
N ARG D 124 -72.67 4.29 -24.82
CA ARG D 124 -71.42 3.52 -24.77
C ARG D 124 -71.63 2.12 -25.32
N ASN D 125 -72.77 1.52 -24.97
CA ASN D 125 -73.19 0.24 -25.52
C ASN D 125 -73.36 0.28 -27.04
N LEU D 126 -73.95 1.36 -27.56
CA LEU D 126 -74.08 1.52 -29.00
C LEU D 126 -72.70 1.59 -29.67
N LEU D 127 -71.80 2.39 -29.11
CA LEU D 127 -70.43 2.49 -29.61
C LEU D 127 -69.72 1.15 -29.49
N GLY D 128 -70.02 0.39 -28.45
CA GLY D 128 -69.51 -0.98 -28.31
C GLY D 128 -69.81 -1.82 -29.55
N PHE D 129 -70.97 -1.56 -30.17
CA PHE D 129 -71.40 -2.25 -31.39
C PHE D 129 -70.77 -1.62 -32.64
N THR D 130 -70.99 -0.31 -32.83
CA THR D 130 -70.56 0.36 -34.06
C THR D 130 -69.04 0.39 -34.25
N SER D 131 -68.29 0.32 -33.17
CA SER D 131 -66.83 0.25 -33.29
C SER D 131 -66.35 -1.08 -33.94
N LYS D 132 -67.27 -2.03 -34.12
CA LYS D 132 -66.98 -3.32 -34.78
C LYS D 132 -67.44 -3.36 -36.24
N LEU D 133 -68.01 -2.25 -36.71
CA LEU D 133 -68.61 -2.18 -38.04
C LEU D 133 -67.78 -1.29 -38.97
N SER D 134 -68.04 -1.39 -40.27
CA SER D 134 -67.21 -0.71 -41.26
C SER D 134 -67.41 0.80 -41.26
N THR D 135 -66.45 1.52 -41.84
CA THR D 135 -66.49 2.97 -41.93
C THR D 135 -66.01 3.39 -43.32
N THR D 136 -66.36 4.61 -43.70
CA THR D 136 -65.93 5.17 -44.97
C THR D 136 -64.81 6.17 -44.74
N LEU D 137 -63.72 6.01 -45.48
CA LEU D 137 -62.59 6.94 -45.39
C LEU D 137 -62.96 8.36 -45.82
N ILE D 138 -62.48 9.34 -45.06
CA ILE D 138 -62.77 10.74 -45.28
C ILE D 138 -61.45 11.50 -45.47
N PRO D 139 -61.32 12.23 -46.58
CA PRO D 139 -60.10 13.00 -46.76
C PRO D 139 -60.12 14.29 -45.93
N HIS D 140 -58.96 14.76 -45.53
CA HIS D 140 -58.87 16.05 -44.84
C HIS D 140 -58.33 17.12 -45.78
N ASN D 141 -58.57 18.38 -45.42
CA ASN D 141 -57.86 19.50 -46.01
C ASN D 141 -57.02 20.13 -44.91
N ALA D 142 -56.37 21.26 -45.21
CA ALA D 142 -55.50 21.93 -44.24
C ALA D 142 -56.26 22.44 -43.01
N GLN D 143 -57.55 22.70 -43.14
CA GLN D 143 -58.33 23.18 -42.01
C GLN D 143 -58.83 22.07 -41.09
N THR D 144 -59.14 20.91 -41.67
CA THR D 144 -59.67 19.81 -40.89
C THR D 144 -58.58 18.83 -40.41
N ASP D 145 -57.43 18.85 -41.08
CA ASP D 145 -56.29 17.98 -40.74
C ASP D 145 -55.83 18.21 -39.29
N PRO D 146 -56.06 17.22 -38.41
CA PRO D 146 -55.70 17.33 -37.00
C PRO D 146 -54.20 17.60 -36.78
N LEU D 147 -53.36 17.21 -37.73
CA LEU D 147 -51.92 17.39 -37.59
C LEU D 147 -51.36 18.65 -38.25
N SER D 148 -52.23 19.43 -38.91
CA SER D 148 -51.80 20.68 -39.54
C SER D 148 -51.92 21.86 -38.58
N GLY D 149 -51.35 22.98 -38.99
CA GLY D 149 -51.47 24.22 -38.23
C GLY D 149 -50.43 24.35 -37.15
N PRO D 150 -50.50 25.44 -36.36
CA PRO D 150 -49.41 25.76 -35.44
C PRO D 150 -49.45 24.99 -34.13
N THR D 151 -50.58 24.38 -33.79
CA THR D 151 -50.75 23.76 -32.48
C THR D 151 -51.23 22.28 -32.52
N PRO D 152 -50.64 21.43 -33.38
CA PRO D 152 -51.04 20.02 -33.37
C PRO D 152 -50.76 19.34 -32.02
N PHE D 153 -51.65 18.41 -31.63
CA PHE D 153 -51.57 17.67 -30.37
C PHE D 153 -51.51 18.52 -29.10
N SER D 154 -52.04 19.74 -29.13
CA SER D 154 -51.95 20.64 -27.97
C SER D 154 -52.84 20.23 -26.78
N SER D 155 -53.79 19.32 -27.02
CA SER D 155 -54.71 18.85 -25.99
C SER D 155 -54.50 17.38 -25.61
N ILE D 156 -53.42 16.78 -26.14
CA ILE D 156 -53.23 15.34 -26.02
C ILE D 156 -53.23 14.84 -24.56
N PHE D 157 -52.55 15.54 -23.66
CA PHE D 157 -52.47 15.10 -22.27
C PHE D 157 -53.76 15.34 -21.50
N MET D 158 -54.39 16.50 -21.69
CA MET D 158 -55.69 16.73 -21.05
C MET D 158 -56.78 15.80 -21.59
N ASP D 159 -56.76 15.52 -22.89
CA ASP D 159 -57.69 14.55 -23.49
C ASP D 159 -57.50 13.17 -22.86
N THR D 160 -56.25 12.74 -22.74
CA THR D 160 -55.92 11.45 -22.09
C THR D 160 -56.28 11.48 -20.59
N CYS D 161 -55.97 12.59 -19.93
CA CYS D 161 -56.31 12.76 -18.52
C CYS D 161 -57.82 12.59 -18.29
N ARG D 162 -58.63 13.23 -19.13
CA ARG D 162 -60.08 13.20 -18.99
C ARG D 162 -60.68 11.90 -19.52
N GLY D 163 -60.04 11.32 -20.53
CA GLY D 163 -60.57 10.14 -21.21
C GLY D 163 -60.43 8.85 -20.40
N LEU D 164 -59.28 8.69 -19.76
CA LEU D 164 -59.01 7.49 -18.98
C LEU D 164 -59.94 7.41 -17.78
N GLY D 165 -60.43 6.21 -17.50
CA GLY D 165 -61.42 5.97 -16.46
C GLY D 165 -62.83 6.06 -17.03
N ASN D 166 -62.95 6.67 -18.20
CA ASN D 166 -64.25 6.90 -18.82
C ASN D 166 -64.28 6.36 -20.25
N ALA D 167 -63.48 5.34 -20.52
CA ALA D 167 -63.34 4.84 -21.88
C ALA D 167 -63.50 3.35 -21.90
N LYS D 168 -63.84 2.81 -23.07
CA LYS D 168 -63.63 1.39 -23.32
C LYS D 168 -62.24 1.27 -23.93
N LEU D 169 -61.39 0.44 -23.32
CA LEU D 169 -60.00 0.36 -23.73
C LEU D 169 -59.52 -1.08 -23.68
N SER D 170 -58.92 -1.55 -24.76
CA SER D 170 -58.31 -2.87 -24.75
C SER D 170 -56.91 -2.82 -25.33
N LEU D 171 -56.07 -3.71 -24.84
CA LEU D 171 -54.70 -3.84 -25.29
C LEU D 171 -54.50 -5.31 -25.67
N ASN D 172 -54.24 -5.57 -26.95
CA ASN D 172 -54.15 -6.93 -27.47
C ASN D 172 -55.39 -7.74 -27.16
N GLY D 173 -56.55 -7.10 -27.30
CA GLY D 173 -57.84 -7.74 -27.02
C GLY D 173 -58.14 -7.86 -25.53
N VAL D 174 -57.22 -7.39 -24.68
CA VAL D 174 -57.40 -7.46 -23.22
C VAL D 174 -58.08 -6.19 -22.72
N ASP D 175 -59.27 -6.34 -22.15
CA ASP D 175 -60.00 -5.19 -21.62
C ASP D 175 -59.28 -4.59 -20.42
N ILE D 176 -59.11 -3.27 -20.47
CA ILE D 176 -58.51 -2.51 -19.38
C ILE D 176 -59.65 -1.74 -18.72
N PRO D 177 -60.14 -2.23 -17.56
CA PRO D 177 -61.33 -1.61 -16.97
C PRO D 177 -61.05 -0.26 -16.33
N ALA D 178 -62.09 0.42 -15.88
CA ALA D 178 -62.00 1.80 -15.39
C ALA D 178 -60.94 1.99 -14.31
N ASN D 179 -60.88 1.09 -13.33
CA ASN D 179 -59.87 1.21 -12.27
C ASN D 179 -58.44 1.08 -12.79
N ALA D 180 -58.21 0.14 -13.70
CA ALA D 180 -56.90 -0.03 -14.32
C ALA D 180 -56.52 1.18 -15.18
N GLN D 181 -57.51 1.80 -15.80
CA GLN D 181 -57.29 3.00 -16.59
C GLN D 181 -56.86 4.16 -15.69
N MET D 182 -57.42 4.24 -14.48
CA MET D 182 -57.03 5.26 -13.50
C MET D 182 -55.60 5.03 -13.00
N LEU D 183 -55.21 3.76 -12.81
CA LEU D 183 -53.82 3.44 -12.50
C LEU D 183 -52.90 3.87 -13.65
N LEU D 184 -53.36 3.63 -14.88
CA LEU D 184 -52.62 4.01 -16.08
C LEU D 184 -52.48 5.54 -16.22
N ARG D 185 -53.55 6.26 -15.90
CA ARG D 185 -53.53 7.72 -15.91
C ARG D 185 -52.45 8.24 -14.95
N ASP D 186 -52.46 7.74 -13.71
CA ASP D 186 -51.43 8.04 -12.72
C ASP D 186 -50.02 7.70 -13.20
N ALA D 187 -49.87 6.52 -13.78
CA ALA D 187 -48.56 6.01 -14.21
C ALA D 187 -47.98 6.90 -15.31
N LEU D 188 -48.85 7.48 -16.13
CA LEU D 188 -48.45 8.45 -17.13
C LEU D 188 -48.18 9.85 -16.54
N GLY D 189 -48.45 10.04 -15.26
CA GLY D 189 -48.26 11.34 -14.61
C GLY D 189 -49.34 12.36 -14.96
N LEU D 190 -50.50 11.86 -15.37
CA LEU D 190 -51.58 12.71 -15.85
C LEU D 190 -52.67 12.91 -14.79
N LYS D 191 -52.26 13.43 -13.64
CA LYS D 191 -53.11 13.55 -12.46
C LYS D 191 -54.14 14.68 -12.54
N ASP D 192 -53.91 15.62 -13.46
CA ASP D 192 -54.89 16.65 -13.81
C ASP D 192 -54.56 17.19 -15.19
N THR D 193 -55.43 18.05 -15.72
CA THR D 193 -55.32 18.55 -17.10
C THR D 193 -54.12 19.50 -17.32
N HIS D 194 -53.49 19.94 -16.23
CA HIS D 194 -52.28 20.76 -16.31
C HIS D 194 -50.98 19.95 -16.10
N SER D 195 -51.10 18.64 -16.12
CA SER D 195 -49.97 17.75 -15.88
C SER D 195 -49.52 17.08 -17.18
N SER D 196 -48.25 16.67 -17.22
CA SER D 196 -47.71 16.02 -18.40
C SER D 196 -46.69 14.97 -17.94
N PRO D 197 -46.45 13.93 -18.76
CA PRO D 197 -45.55 12.87 -18.31
C PRO D 197 -44.12 13.34 -18.09
N SER D 198 -43.43 12.67 -17.18
CA SER D 198 -42.00 12.93 -16.95
C SER D 198 -41.20 12.52 -18.18
N ARG D 199 -39.99 13.07 -18.30
CA ARG D 199 -39.09 12.70 -19.39
C ARG D 199 -38.82 11.19 -19.38
N ASN D 200 -38.71 10.64 -18.19
CA ASN D 200 -38.51 9.21 -17.98
C ASN D 200 -39.58 8.35 -18.66
N VAL D 201 -40.84 8.69 -18.42
CA VAL D 201 -41.98 8.01 -19.06
C VAL D 201 -41.95 8.19 -20.58
N ILE D 202 -41.65 9.40 -21.02
CA ILE D 202 -41.47 9.69 -22.45
C ILE D 202 -40.37 8.83 -23.10
N ASP D 203 -39.25 8.68 -22.40
CA ASP D 203 -38.12 7.91 -22.90
C ASP D 203 -38.28 6.40 -22.78
N HIS D 204 -38.95 5.93 -21.73
CA HIS D 204 -38.92 4.51 -21.37
C HIS D 204 -40.27 3.85 -21.20
N GLY D 205 -41.35 4.64 -21.29
CA GLY D 205 -42.69 4.12 -21.06
C GLY D 205 -43.05 4.03 -19.59
N ILE D 206 -44.17 3.37 -19.32
CA ILE D 206 -44.64 3.08 -17.95
C ILE D 206 -43.59 2.27 -17.20
N SER D 207 -43.41 2.57 -15.91
CA SER D 207 -42.50 1.81 -15.07
C SER D 207 -42.98 0.37 -14.98
N ARG D 208 -42.04 -0.55 -14.82
CA ARG D 208 -42.37 -1.95 -14.71
C ARG D 208 -43.24 -2.22 -13.49
N HIS D 209 -42.96 -1.50 -12.40
CA HIS D 209 -43.81 -1.55 -11.22
C HIS D 209 -45.27 -1.14 -11.50
N ASP D 210 -45.46 -0.01 -12.19
CA ASP D 210 -46.82 0.45 -12.52
C ASP D 210 -47.50 -0.47 -13.54
N ALA D 211 -46.75 -0.95 -14.52
CA ALA D 211 -47.29 -1.83 -15.58
C ALA D 211 -47.86 -3.12 -15.00
N GLU D 212 -47.13 -3.70 -14.05
CA GLU D 212 -47.56 -4.92 -13.37
C GLU D 212 -48.92 -4.71 -12.69
N GLN D 213 -49.04 -3.60 -11.97
CA GLN D 213 -50.29 -3.24 -11.26
C GLN D 213 -51.47 -3.04 -12.21
N ILE D 214 -51.22 -2.36 -13.33
CA ILE D 214 -52.26 -2.10 -14.33
C ILE D 214 -52.72 -3.42 -14.95
N ALA D 215 -51.76 -4.27 -15.34
CA ALA D 215 -52.06 -5.56 -15.95
C ALA D 215 -52.84 -6.45 -15.00
N ARG D 216 -52.39 -6.47 -13.74
CA ARG D 216 -53.01 -7.26 -12.67
C ARG D 216 -54.50 -6.99 -12.54
N GLU D 217 -54.90 -5.74 -12.76
CA GLU D 217 -56.30 -5.34 -12.63
C GLU D 217 -57.14 -5.61 -13.88
N SER D 218 -56.47 -6.02 -14.96
CA SER D 218 -57.14 -6.17 -16.26
C SER D 218 -57.75 -7.56 -16.52
N SER D 219 -58.37 -7.72 -17.69
CA SER D 219 -59.29 -8.83 -17.97
C SER D 219 -58.82 -9.87 -18.97
N GLY D 220 -57.84 -10.70 -18.59
CA GLY D 220 -57.38 -11.80 -19.45
C GLY D 220 -56.70 -12.92 -18.66
N SER D 221 -56.07 -13.85 -19.37
CA SER D 221 -55.30 -14.93 -18.72
C SER D 221 -53.95 -14.41 -18.21
N ASP D 222 -53.24 -15.25 -17.45
CA ASP D 222 -51.92 -14.92 -16.92
C ASP D 222 -50.93 -14.47 -18.00
N ASN D 223 -50.85 -15.22 -19.09
CA ASN D 223 -49.98 -14.88 -20.21
C ASN D 223 -50.47 -13.66 -20.98
N GLN D 224 -51.79 -13.48 -21.04
CA GLN D 224 -52.41 -12.30 -21.66
C GLN D 224 -52.13 -11.02 -20.88
N LYS D 225 -52.11 -11.12 -19.55
CA LYS D 225 -51.72 -10.00 -18.69
C LYS D 225 -50.26 -9.61 -18.91
N ALA D 226 -49.41 -10.62 -19.13
CA ALA D 226 -47.99 -10.39 -19.36
C ALA D 226 -47.77 -9.66 -20.68
N GLU D 227 -48.62 -9.94 -21.67
CA GLU D 227 -48.64 -9.19 -22.92
C GLU D 227 -48.91 -7.70 -22.67
N VAL D 228 -49.79 -7.42 -21.70
CA VAL D 228 -50.11 -6.04 -21.34
C VAL D 228 -48.91 -5.38 -20.65
N VAL D 229 -48.33 -6.08 -19.68
CA VAL D 229 -47.11 -5.62 -18.98
C VAL D 229 -46.04 -5.28 -20.00
N GLU D 230 -45.76 -6.24 -20.88
CA GLU D 230 -44.71 -6.09 -21.89
C GLU D 230 -44.97 -4.91 -22.81
N PHE D 231 -46.22 -4.77 -23.28
CA PHE D 231 -46.57 -3.64 -24.14
C PHE D 231 -46.35 -2.29 -23.48
N LEU D 232 -46.71 -2.18 -22.20
CA LEU D 232 -46.71 -0.90 -21.47
C LEU D 232 -45.33 -0.32 -21.20
N CYS D 233 -44.33 -1.19 -21.05
CA CYS D 233 -42.99 -0.80 -20.64
C CYS D 233 -42.09 -0.37 -21.80
N HIS D 234 -42.69 0.35 -22.75
CA HIS D 234 -41.96 0.88 -23.89
C HIS D 234 -42.44 2.31 -24.17
N PRO D 235 -41.54 3.17 -24.67
CA PRO D 235 -41.91 4.57 -24.98
C PRO D 235 -43.09 4.71 -25.94
N GLU D 236 -43.24 3.75 -26.85
CA GLU D 236 -44.29 3.78 -27.86
C GLU D 236 -45.67 3.52 -27.26
N ALA D 237 -45.73 2.88 -26.10
CA ALA D 237 -47.00 2.67 -25.40
C ALA D 237 -47.62 3.99 -24.95
N ALA D 238 -46.80 4.92 -24.46
CA ALA D 238 -47.29 6.24 -24.07
C ALA D 238 -47.77 6.99 -25.29
N THR D 239 -46.97 6.95 -26.35
CA THR D 239 -47.33 7.54 -27.64
C THR D 239 -48.69 7.03 -28.13
N ALA D 240 -48.85 5.71 -28.19
CA ALA D 240 -50.08 5.08 -28.67
C ALA D 240 -51.29 5.45 -27.81
N ILE D 241 -51.13 5.35 -26.49
CA ILE D 241 -52.23 5.58 -25.56
C ILE D 241 -52.67 7.05 -25.56
N CYS D 242 -51.71 7.96 -25.43
CA CYS D 242 -52.03 9.38 -25.35
C CYS D 242 -52.59 9.93 -26.66
N SER D 243 -51.98 9.57 -27.79
CA SER D 243 -52.47 10.03 -29.08
C SER D 243 -53.87 9.52 -29.36
N ALA D 244 -54.17 8.31 -28.90
CA ALA D 244 -55.46 7.67 -29.14
C ALA D 244 -56.64 8.49 -28.62
N PHE D 245 -56.42 9.24 -27.53
CA PHE D 245 -57.44 10.12 -26.94
C PHE D 245 -57.56 11.51 -27.58
N TYR D 246 -56.64 11.84 -28.48
CA TYR D 246 -56.61 13.17 -29.08
C TYR D 246 -57.94 13.52 -29.76
N GLN D 247 -58.67 14.47 -29.19
CA GLN D 247 -60.03 14.77 -29.64
C GLN D 247 -60.12 15.41 -31.03
N SER D 248 -59.06 16.09 -31.45
CA SER D 248 -59.06 16.75 -32.77
C SER D 248 -59.07 15.79 -33.95
N PHE D 249 -58.72 14.53 -33.70
CA PHE D 249 -58.85 13.45 -34.69
C PHE D 249 -60.27 13.36 -35.27
N ASN D 250 -61.26 13.81 -34.49
CA ASN D 250 -62.67 13.75 -34.89
C ASN D 250 -63.12 14.86 -35.85
N VAL D 251 -62.26 15.85 -36.06
CA VAL D 251 -62.65 17.06 -36.83
C VAL D 251 -63.08 16.79 -38.29
N PRO D 252 -62.33 15.95 -39.02
CA PRO D 252 -62.82 15.63 -40.37
C PRO D 252 -64.25 15.06 -40.38
N ALA D 253 -64.53 14.10 -39.52
CA ALA D 253 -65.87 13.50 -39.45
C ALA D 253 -66.94 14.49 -38.94
N LEU D 254 -66.59 15.28 -37.93
CA LEU D 254 -67.51 16.30 -37.38
C LEU D 254 -67.83 17.39 -38.38
N THR D 255 -66.87 17.71 -39.24
CA THR D 255 -67.07 18.74 -40.26
C THR D 255 -68.00 18.24 -41.36
N LEU D 256 -67.83 16.98 -41.75
CA LEU D 256 -68.68 16.38 -42.78
C LEU D 256 -70.12 16.29 -42.32
N THR D 257 -70.30 16.04 -41.02
CA THR D 257 -71.62 15.74 -40.45
C THR D 257 -72.17 16.89 -39.60
N HIS D 258 -71.69 18.11 -39.85
CA HIS D 258 -71.97 19.24 -38.95
C HIS D 258 -73.47 19.53 -38.80
N GLU D 259 -74.24 19.26 -39.84
CA GLU D 259 -75.66 19.58 -39.85
C GLU D 259 -76.47 18.66 -38.93
N ARG D 260 -76.26 17.34 -39.06
CA ARG D 260 -77.00 16.38 -38.23
C ARG D 260 -76.50 16.33 -36.78
N ILE D 261 -75.25 16.76 -36.56
CA ILE D 261 -74.71 16.98 -35.21
C ILE D 261 -75.51 18.10 -34.55
N SER D 262 -75.65 19.22 -35.26
CA SER D 262 -76.38 20.41 -34.80
C SER D 262 -77.85 20.12 -34.54
N LYS D 263 -78.49 19.41 -35.47
CA LYS D 263 -79.88 18.96 -35.29
C LYS D 263 -80.06 18.24 -33.96
N ALA D 264 -79.14 17.33 -33.63
CA ALA D 264 -79.19 16.58 -32.38
C ALA D 264 -78.97 17.47 -31.15
N SER D 265 -78.09 18.47 -31.28
CA SER D 265 -77.80 19.43 -30.21
C SER D 265 -78.95 20.42 -29.99
N GLU D 266 -79.45 20.98 -31.09
CA GLU D 266 -80.61 21.88 -31.06
C GLU D 266 -81.86 21.16 -30.54
N TYR D 267 -81.97 19.87 -30.85
CA TYR D 267 -83.07 19.04 -30.39
C TYR D 267 -82.98 18.79 -28.88
N ASN D 268 -81.76 18.74 -28.36
CA ASN D 268 -81.52 18.45 -26.95
C ASN D 268 -81.12 19.68 -26.11
N ALA D 269 -81.41 20.87 -26.63
CA ALA D 269 -81.03 22.13 -25.99
C ALA D 269 -81.60 22.32 -24.58
N CYS D 279 -67.59 9.74 -25.18
CA CYS D 279 -67.94 8.43 -25.75
C CYS D 279 -66.78 7.84 -26.57
N ILE D 280 -65.93 7.05 -25.89
CA ILE D 280 -64.67 6.61 -26.48
C ILE D 280 -64.42 5.10 -26.36
N ASN D 281 -63.92 4.52 -27.44
CA ASN D 281 -63.68 3.08 -27.53
C ASN D 281 -62.41 2.88 -28.34
N ILE D 282 -61.36 2.42 -27.67
CA ILE D 282 -60.02 2.33 -28.24
C ILE D 282 -59.51 0.89 -28.23
N SER D 283 -58.95 0.47 -29.35
CA SER D 283 -58.29 -0.83 -29.44
C SER D 283 -56.86 -0.62 -29.90
N ILE D 284 -55.93 -1.04 -29.06
CA ILE D 284 -54.53 -0.97 -29.38
C ILE D 284 -54.00 -2.40 -29.40
N SER D 285 -53.20 -2.71 -30.40
CA SER D 285 -52.59 -4.01 -30.47
C SER D 285 -51.12 -3.91 -30.85
N GLN D 286 -50.35 -4.88 -30.37
CA GLN D 286 -48.98 -5.06 -30.79
C GLN D 286 -48.82 -6.51 -31.20
N SER D 287 -48.44 -6.74 -32.45
CA SER D 287 -48.24 -8.09 -32.99
C SER D 287 -47.03 -8.78 -32.34
N SER D 288 -46.95 -10.09 -32.54
CA SER D 288 -45.83 -10.89 -32.03
C SER D 288 -44.51 -10.56 -32.74
N ASP D 289 -44.61 -9.77 -33.81
CA ASP D 289 -43.43 -9.21 -34.46
C ASP D 289 -43.11 -7.82 -33.89
N GLY D 290 -44.06 -7.25 -33.16
CA GLY D 290 -43.82 -6.06 -32.34
C GLY D 290 -44.34 -4.77 -32.93
N ASN D 291 -45.23 -4.87 -33.91
CA ASN D 291 -45.78 -3.68 -34.54
C ASN D 291 -47.03 -3.17 -33.81
N ILE D 292 -46.99 -1.89 -33.41
CA ILE D 292 -48.09 -1.27 -32.66
C ILE D 292 -49.10 -0.57 -33.59
N TYR D 293 -50.37 -0.94 -33.43
CA TYR D 293 -51.43 -0.37 -34.25
C TYR D 293 -52.54 0.19 -33.36
N VAL D 294 -52.99 1.41 -33.65
CA VAL D 294 -54.13 1.91 -32.89
C VAL D 294 -55.36 2.21 -33.72
N THR D 295 -56.50 1.83 -33.16
CA THR D 295 -57.79 2.18 -33.73
C THR D 295 -58.59 2.86 -32.62
N SER D 296 -58.91 4.13 -32.82
CA SER D 296 -59.61 4.91 -31.81
C SER D 296 -60.98 5.32 -32.33
N HIS D 297 -62.03 5.03 -31.55
CA HIS D 297 -63.41 5.34 -31.94
C HIS D 297 -64.07 6.32 -30.99
N THR D 298 -64.73 7.33 -31.55
CA THR D 298 -65.58 8.25 -30.79
C THR D 298 -66.99 8.19 -31.35
N GLY D 299 -67.97 8.10 -30.45
CA GLY D 299 -69.38 8.19 -30.81
C GLY D 299 -69.99 9.53 -30.44
N VAL D 300 -70.70 10.14 -31.37
CA VAL D 300 -71.39 11.42 -31.16
C VAL D 300 -72.83 11.34 -31.69
N LEU D 301 -73.77 11.95 -30.97
CA LEU D 301 -75.18 11.92 -31.37
C LEU D 301 -75.48 12.72 -32.63
N ILE D 302 -76.27 12.13 -33.52
CA ILE D 302 -76.75 12.79 -34.72
C ILE D 302 -78.24 12.52 -34.87
N MET D 303 -78.93 13.45 -35.50
CA MET D 303 -80.33 13.28 -35.78
C MET D 303 -80.59 13.67 -37.21
N ALA D 304 -81.28 12.80 -37.94
CA ALA D 304 -81.82 13.13 -39.26
C ALA D 304 -83.08 13.98 -39.10
N PRO D 305 -83.26 15.00 -39.97
CA PRO D 305 -84.48 15.81 -39.97
C PRO D 305 -85.76 14.96 -39.99
N GLU D 306 -86.83 15.48 -39.41
CA GLU D 306 -88.11 14.76 -39.35
C GLU D 306 -88.62 14.38 -40.74
N ASP D 307 -88.36 15.23 -41.72
CA ASP D 307 -88.77 14.99 -43.12
C ASP D 307 -87.97 13.85 -43.76
N ARG D 308 -86.77 13.58 -43.23
CA ARG D 308 -85.98 12.42 -43.62
C ARG D 308 -86.46 11.17 -42.86
N PRO D 309 -86.27 9.96 -43.46
CA PRO D 309 -86.75 8.68 -42.89
C PRO D 309 -86.37 8.40 -41.42
N ASN D 310 -85.08 8.32 -41.12
CA ASN D 310 -84.60 7.97 -39.78
C ASN D 310 -84.89 9.04 -38.70
N GLU D 311 -84.49 8.77 -37.46
CA GLU D 311 -84.53 9.79 -36.42
C GLU D 311 -83.24 10.07 -35.62
N MET D 312 -83.01 9.31 -34.55
CA MET D 312 -81.84 9.54 -33.69
C MET D 312 -80.79 8.50 -34.05
N GLY D 313 -79.52 8.92 -34.04
CA GLY D 313 -78.44 8.02 -34.37
C GLY D 313 -77.07 8.41 -33.82
N MET D 314 -76.07 7.66 -34.20
CA MET D 314 -74.71 7.89 -33.75
C MET D 314 -73.72 8.01 -34.91
N LEU D 315 -72.95 9.06 -34.91
CA LEU D 315 -71.77 9.16 -35.76
C LEU D 315 -70.58 8.52 -35.06
N THR D 316 -70.02 7.50 -35.69
CA THR D 316 -68.84 6.84 -35.17
C THR D 316 -67.66 7.23 -36.04
N ASN D 317 -66.66 7.84 -35.43
CA ASN D 317 -65.43 8.15 -36.14
C ASN D 317 -64.36 7.16 -35.77
N ARG D 318 -63.69 6.61 -36.78
CA ARG D 318 -62.58 5.73 -36.57
C ARG D 318 -61.31 6.39 -37.05
N THR D 319 -60.35 6.55 -36.14
CA THR D 319 -59.03 7.01 -36.49
C THR D 319 -58.09 5.83 -36.28
N SER D 320 -57.27 5.53 -37.28
CA SER D 320 -56.38 4.39 -37.17
C SER D 320 -55.00 4.72 -37.73
N TYR D 321 -53.99 4.17 -37.09
CA TYR D 321 -52.60 4.44 -37.45
C TYR D 321 -51.67 3.49 -36.74
N GLU D 322 -50.55 3.24 -37.39
CA GLU D 322 -49.43 2.53 -36.82
C GLU D 322 -48.65 3.52 -35.95
N VAL D 323 -48.12 3.04 -34.83
CA VAL D 323 -47.16 3.81 -34.05
C VAL D 323 -45.79 3.16 -34.23
N PRO D 324 -44.94 3.72 -35.12
CA PRO D 324 -43.64 3.11 -35.43
C PRO D 324 -42.71 3.10 -34.24
N GLN D 325 -41.82 2.11 -34.20
CA GLN D 325 -40.81 2.00 -33.14
C GLN D 325 -39.91 3.23 -33.15
N GLY D 326 -39.54 3.69 -31.96
CA GLY D 326 -38.70 4.88 -31.81
C GLY D 326 -39.48 6.19 -31.71
N VAL D 327 -40.78 6.14 -32.01
CA VAL D 327 -41.62 7.35 -31.94
C VAL D 327 -42.11 7.63 -30.51
N LYS D 328 -41.52 8.65 -29.91
CA LYS D 328 -41.83 9.02 -28.53
C LYS D 328 -42.97 10.03 -28.47
N CYS D 329 -43.58 10.13 -27.29
CA CYS D 329 -44.76 10.96 -27.08
C CYS D 329 -44.41 12.44 -26.93
N THR D 330 -43.87 13.02 -28.01
CA THR D 330 -43.61 14.46 -28.08
C THR D 330 -44.24 14.99 -29.35
N ILE D 331 -44.73 16.23 -29.32
CA ILE D 331 -45.45 16.80 -30.46
C ILE D 331 -44.69 16.62 -31.78
N ASP D 332 -43.44 17.06 -31.81
CA ASP D 332 -42.62 17.02 -33.04
C ASP D 332 -42.43 15.62 -33.62
N GLU D 333 -42.15 14.64 -32.76
CA GLU D 333 -41.97 13.25 -33.20
C GLU D 333 -43.26 12.69 -33.76
N MET D 334 -44.36 12.95 -33.05
CA MET D 334 -45.67 12.46 -33.45
C MET D 334 -46.16 13.07 -34.77
N VAL D 335 -45.94 14.37 -34.95
CA VAL D 335 -46.31 15.05 -36.19
C VAL D 335 -45.49 14.53 -37.37
N ARG D 336 -44.22 14.22 -37.11
CA ARG D 336 -43.32 13.76 -38.16
C ARG D 336 -43.62 12.32 -38.59
N ALA D 337 -44.02 11.48 -37.63
CA ALA D 337 -44.06 10.04 -37.86
C ALA D 337 -45.45 9.41 -37.97
N LEU D 338 -46.43 9.96 -37.26
CA LEU D 338 -47.77 9.37 -37.30
C LEU D 338 -48.48 9.81 -38.57
N GLN D 339 -49.14 8.88 -39.24
CA GLN D 339 -50.02 9.23 -40.36
C GLN D 339 -51.38 8.55 -40.17
N PRO D 340 -52.26 9.18 -39.37
CA PRO D 340 -53.57 8.61 -39.09
C PRO D 340 -54.50 8.72 -40.30
N ARG D 341 -55.40 7.74 -40.43
CA ARG D 341 -56.51 7.79 -41.40
C ARG D 341 -57.80 8.07 -40.63
N TYR D 342 -58.74 8.72 -41.29
CA TYR D 342 -60.01 9.10 -40.68
C TYR D 342 -61.16 8.51 -41.49
N ALA D 343 -62.12 7.94 -40.79
CA ALA D 343 -63.24 7.28 -41.42
C ALA D 343 -64.46 7.37 -40.51
N ALA D 344 -65.66 7.27 -41.08
CA ALA D 344 -66.88 7.38 -40.29
C ALA D 344 -68.02 6.51 -40.78
N SER D 345 -68.94 6.23 -39.86
CA SER D 345 -70.22 5.61 -40.19
C SER D 345 -71.32 6.30 -39.42
N GLU D 346 -72.54 6.18 -39.93
CA GLU D 346 -73.74 6.62 -39.23
C GLU D 346 -74.58 5.37 -38.90
N THR D 347 -74.96 5.21 -37.63
CA THR D 347 -75.82 4.11 -37.21
C THR D 347 -77.10 4.62 -36.57
N TYR D 348 -78.23 4.13 -37.04
CA TYR D 348 -79.55 4.59 -36.59
C TYR D 348 -80.33 3.48 -35.88
N LEU D 349 -81.10 3.87 -34.87
CA LEU D 349 -81.93 2.95 -34.11
C LEU D 349 -83.11 2.46 -34.95
N GLN D 350 -83.50 1.24 -34.68
CA GLN D 350 -84.69 0.66 -35.19
C GLN D 350 -85.83 1.36 -34.55
N GLU E 1 26.33 -57.39 40.33
CA GLU E 1 26.98 -56.52 41.35
C GLU E 1 26.48 -55.06 41.31
N MET E 2 27.33 -54.16 40.85
CA MET E 2 27.12 -52.72 41.07
C MET E 2 25.98 -52.07 40.30
N SER E 3 25.31 -51.13 40.98
CA SER E 3 24.25 -50.33 40.40
C SER E 3 24.77 -49.46 39.25
N CYS E 4 23.86 -48.97 38.43
CA CYS E 4 24.20 -48.10 37.31
C CYS E 4 24.91 -46.83 37.78
N ALA E 5 24.47 -46.27 38.91
CA ALA E 5 25.08 -45.06 39.49
C ALA E 5 26.56 -45.29 39.85
N GLU E 6 26.84 -46.47 40.41
CA GLU E 6 28.19 -46.89 40.74
C GLU E 6 29.08 -47.04 39.50
N LYS E 7 28.50 -47.59 38.43
CA LYS E 7 29.21 -47.70 37.15
C LYS E 7 29.54 -46.34 36.58
N LEU E 8 28.55 -45.44 36.63
CA LEU E 8 28.73 -44.07 36.12
C LEU E 8 29.87 -43.37 36.87
N LEU E 9 29.84 -43.44 38.19
CA LEU E 9 30.86 -42.82 39.04
C LEU E 9 32.26 -43.34 38.72
N LYS E 10 32.38 -44.66 38.53
CA LYS E 10 33.65 -45.29 38.13
C LYS E 10 34.17 -44.73 36.80
N VAL E 11 33.30 -44.65 35.79
CA VAL E 11 33.64 -44.13 34.47
C VAL E 11 34.12 -42.68 34.57
N LEU E 12 33.38 -41.87 35.33
CA LEU E 12 33.77 -40.50 35.62
C LEU E 12 35.11 -40.39 36.36
N SER E 13 35.33 -41.29 37.31
CA SER E 13 36.54 -41.30 38.14
C SER E 13 37.80 -41.67 37.37
N PHE E 14 37.69 -42.67 36.50
CA PHE E 14 38.79 -43.08 35.64
C PHE E 14 38.87 -42.21 34.39
N GLY E 15 37.72 -41.83 33.85
CA GLY E 15 37.64 -40.96 32.68
C GLY E 15 37.28 -41.74 31.43
N LEU E 16 36.29 -41.24 30.69
CA LEU E 16 35.89 -41.87 29.43
C LEU E 16 37.08 -42.11 28.49
N TRP E 17 37.96 -41.12 28.38
CA TRP E 17 39.08 -41.20 27.44
C TRP E 17 40.35 -41.90 27.97
N ASN E 18 40.25 -42.48 29.17
CA ASN E 18 41.31 -43.30 29.74
C ASN E 18 41.66 -44.45 28.77
N PRO E 19 42.97 -44.59 28.44
CA PRO E 19 43.47 -45.61 27.51
C PRO E 19 43.12 -47.04 27.91
N THR E 20 42.85 -47.26 29.20
CA THR E 20 42.42 -48.57 29.71
C THR E 20 41.08 -49.03 29.12
N TYR E 21 40.31 -48.08 28.61
CA TYR E 21 39.04 -48.39 27.94
C TYR E 21 39.21 -48.50 26.43
N SER E 22 38.51 -49.47 25.85
CA SER E 22 38.48 -49.65 24.42
C SER E 22 37.41 -48.76 23.80
N ARG E 23 37.37 -48.71 22.46
CA ARG E 23 36.31 -48.03 21.73
C ARG E 23 34.92 -48.58 22.11
N SER E 24 34.83 -49.90 22.24
CA SER E 24 33.58 -50.59 22.55
C SER E 24 33.06 -50.24 23.94
N GLU E 25 33.98 -50.14 24.89
CA GLU E 25 33.62 -49.77 26.27
C GLU E 25 33.13 -48.32 26.33
N ARG E 26 33.82 -47.43 25.61
CA ARG E 26 33.40 -46.03 25.49
C ARG E 26 31.97 -45.92 24.96
N GLN E 27 31.64 -46.73 23.96
CA GLN E 27 30.30 -46.77 23.37
C GLN E 27 29.23 -47.23 24.36
N SER E 28 29.57 -48.25 25.15
CA SER E 28 28.65 -48.78 26.15
C SER E 28 28.39 -47.80 27.30
N PHE E 29 29.37 -46.97 27.62
CA PHE E 29 29.23 -45.99 28.72
C PHE E 29 28.28 -44.85 28.37
N GLN E 30 27.96 -44.69 27.09
CA GLN E 30 27.11 -43.58 26.64
C GLN E 30 25.71 -43.58 27.24
N GLU E 31 25.19 -44.78 27.50
CA GLU E 31 23.86 -44.93 28.12
C GLU E 31 23.87 -44.52 29.58
N LEU E 32 25.06 -44.50 30.19
CA LEU E 32 25.22 -44.00 31.55
C LEU E 32 25.38 -42.48 31.54
N LEU E 33 26.34 -42.00 30.75
CA LEU E 33 26.62 -40.56 30.61
C LEU E 33 25.39 -39.75 30.21
N THR E 34 24.61 -40.26 29.25
CA THR E 34 23.42 -39.52 28.77
C THR E 34 22.36 -39.28 29.85
N VAL E 35 22.46 -40.01 30.96
CA VAL E 35 21.51 -39.86 32.07
C VAL E 35 21.83 -38.63 32.96
N LEU E 36 23.06 -38.14 32.90
CA LEU E 36 23.46 -36.94 33.65
C LEU E 36 22.61 -35.74 33.23
N GLU E 37 22.04 -35.05 34.21
CA GLU E 37 21.20 -33.90 33.95
C GLU E 37 21.63 -32.71 34.81
N PRO E 38 21.86 -31.53 34.18
CA PRO E 38 22.16 -30.33 34.97
C PRO E 38 20.89 -29.87 35.69
N VAL E 39 21.04 -29.51 36.97
CA VAL E 39 19.91 -29.12 37.81
C VAL E 39 20.22 -27.84 38.59
N TYR E 40 19.22 -27.32 39.30
CA TYR E 40 19.35 -26.10 40.10
C TYR E 40 20.55 -26.17 41.06
N PRO E 41 21.50 -25.22 40.93
CA PRO E 41 22.66 -25.21 41.82
C PRO E 41 22.38 -24.49 43.13
N LEU E 42 22.98 -24.99 44.20
CA LEU E 42 22.97 -24.33 45.49
C LEU E 42 23.84 -23.08 45.43
N PRO E 43 23.61 -22.11 46.36
CA PRO E 43 24.25 -20.78 46.35
C PRO E 43 25.75 -20.75 46.03
N ASN E 44 26.51 -21.70 46.56
CA ASN E 44 27.97 -21.72 46.41
C ASN E 44 28.48 -22.69 45.34
N GLU E 45 27.58 -23.21 44.50
CA GLU E 45 27.95 -24.19 43.48
C GLU E 45 28.01 -23.54 42.11
N LEU E 46 29.02 -23.89 41.33
CA LEU E 46 29.05 -23.46 39.92
C LEU E 46 28.19 -24.39 39.06
N GLY E 47 27.88 -25.56 39.60
CA GLY E 47 27.10 -26.56 38.88
C GLY E 47 26.66 -27.72 39.76
N ARG E 48 25.48 -28.25 39.46
CA ARG E 48 24.96 -29.43 40.12
C ARG E 48 24.38 -30.33 39.05
N VAL E 49 24.73 -31.61 39.12
CA VAL E 49 24.36 -32.59 38.11
C VAL E 49 23.74 -33.81 38.77
N SER E 50 22.64 -34.29 38.20
CA SER E 50 21.87 -35.39 38.76
C SER E 50 21.67 -36.49 37.72
N ALA E 51 21.98 -37.71 38.10
CA ALA E 51 21.72 -38.87 37.26
C ALA E 51 20.89 -39.89 38.02
N ARG E 52 19.68 -40.15 37.55
CA ARG E 52 18.75 -41.07 38.22
C ARG E 52 18.37 -42.23 37.29
N PHE E 53 18.72 -43.45 37.71
CA PHE E 53 18.59 -44.64 36.86
C PHE E 53 17.37 -45.48 37.19
N SER E 54 16.92 -46.29 36.22
CA SER E 54 15.77 -47.18 36.41
C SER E 54 15.94 -48.18 37.56
N ASP E 55 17.19 -48.50 37.91
CA ASP E 55 17.44 -49.49 38.97
C ASP E 55 17.22 -48.94 40.39
N GLY E 56 16.84 -47.67 40.48
CA GLY E 56 16.60 -47.02 41.77
C GLY E 56 17.83 -46.37 42.36
N SER E 57 18.96 -46.48 41.67
CA SER E 57 20.19 -45.85 42.11
C SER E 57 20.30 -44.45 41.53
N SER E 58 21.04 -43.60 42.21
CA SER E 58 21.25 -42.23 41.76
C SER E 58 22.63 -41.68 42.08
N LEU E 59 23.07 -40.73 41.27
CA LEU E 59 24.31 -40.01 41.52
C LEU E 59 24.03 -38.52 41.44
N ARG E 60 24.55 -37.79 42.42
CA ARG E 60 24.40 -36.35 42.46
C ARG E 60 25.78 -35.73 42.63
N ILE E 61 26.18 -34.91 41.66
CA ILE E 61 27.51 -34.31 41.66
C ILE E 61 27.43 -32.79 41.82
N SER E 62 28.13 -32.27 42.82
CA SER E 62 28.23 -30.84 43.09
C SER E 62 29.64 -30.34 42.86
N VAL E 63 29.75 -29.24 42.14
CA VAL E 63 31.02 -28.55 41.93
C VAL E 63 30.90 -27.14 42.52
N THR E 64 31.69 -26.86 43.55
CA THR E 64 31.67 -25.52 44.17
C THR E 64 32.33 -24.49 43.25
N ASN E 65 32.11 -23.20 43.51
CA ASN E 65 32.73 -22.14 42.70
C ASN E 65 34.26 -22.24 42.67
N SER E 66 34.84 -22.73 43.76
CA SER E 66 36.27 -23.01 43.86
C SER E 66 36.63 -24.39 43.29
N GLU E 67 35.68 -24.99 42.58
CA GLU E 67 35.89 -26.27 41.86
C GLU E 67 36.36 -27.48 42.70
N SER E 68 35.88 -27.60 43.95
CA SER E 68 35.96 -28.88 44.64
C SER E 68 34.71 -29.71 44.30
N ILE E 69 34.89 -31.02 44.20
CA ILE E 69 33.86 -31.91 43.66
C ILE E 69 33.38 -32.94 44.67
N GLU E 70 32.06 -32.96 44.91
CA GLU E 70 31.42 -33.93 45.79
C GLU E 70 30.39 -34.74 45.01
N ALA E 71 30.40 -36.05 45.22
CA ALA E 71 29.45 -36.97 44.60
C ALA E 71 28.69 -37.76 45.65
N GLU E 72 27.37 -37.52 45.74
CA GLU E 72 26.52 -38.29 46.62
C GLU E 72 25.87 -39.44 45.85
N ILE E 73 26.23 -40.65 46.22
CA ILE E 73 25.72 -41.84 45.55
C ILE E 73 24.71 -42.58 46.43
N ARG E 74 23.56 -42.90 45.85
CA ARG E 74 22.54 -43.70 46.53
C ARG E 74 22.36 -45.01 45.78
N THR E 75 22.55 -46.12 46.50
CA THR E 75 22.34 -47.46 45.95
C THR E 75 20.85 -47.76 45.98
N PRO E 76 20.36 -48.69 45.12
CA PRO E 76 18.94 -49.03 45.19
C PRO E 76 18.55 -49.58 46.56
N ASP E 77 19.53 -50.15 47.26
CA ASP E 77 19.37 -50.69 48.62
C ASP E 77 19.15 -49.57 49.64
N ASN E 78 19.31 -48.32 49.19
CA ASN E 78 18.98 -47.11 49.96
C ASN E 78 20.06 -46.49 50.86
N GLU E 79 21.26 -47.06 50.89
CA GLU E 79 22.38 -46.41 51.59
C GLU E 79 22.97 -45.25 50.76
N LYS E 80 23.35 -44.17 51.45
CA LYS E 80 23.94 -43.00 50.80
C LYS E 80 25.33 -42.71 51.34
N ILE E 81 26.26 -42.37 50.45
CA ILE E 81 27.55 -41.81 50.86
C ILE E 81 27.95 -40.67 49.93
N THR E 82 28.67 -39.70 50.49
CA THR E 82 29.25 -38.62 49.71
C THR E 82 30.75 -38.87 49.55
N VAL E 83 31.18 -38.99 48.31
CA VAL E 83 32.57 -39.23 47.95
C VAL E 83 33.19 -37.94 47.42
N LEU E 84 34.45 -37.69 47.81
CA LEU E 84 35.20 -36.55 47.31
C LEU E 84 36.00 -36.99 46.11
N LEU E 85 35.80 -36.31 44.99
CA LEU E 85 36.48 -36.64 43.76
C LEU E 85 37.50 -35.55 43.41
N GLU E 86 38.58 -35.96 42.76
CA GLU E 86 39.52 -34.99 42.22
C GLU E 86 39.51 -35.03 40.69
N SER E 87 39.55 -33.85 40.09
CA SER E 87 39.69 -33.75 38.65
C SER E 87 41.14 -33.46 38.29
N ASN E 88 41.63 -34.21 37.32
CA ASN E 88 42.99 -34.06 36.81
C ASN E 88 43.03 -34.36 35.32
N GLU E 89 44.23 -34.37 34.74
CA GLU E 89 44.43 -34.47 33.30
C GLU E 89 44.07 -35.84 32.71
N GLN E 90 44.15 -36.88 33.54
CA GLN E 90 43.82 -38.22 33.08
C GLN E 90 42.32 -38.53 33.07
N ASN E 91 41.59 -38.13 34.11
CA ASN E 91 40.15 -38.36 34.11
C ASN E 91 39.30 -37.30 33.40
N ARG E 92 39.84 -36.12 33.25
CA ARG E 92 39.14 -34.97 32.70
C ARG E 92 37.75 -34.82 33.29
N LEU E 93 37.65 -34.98 34.60
CA LEU E 93 36.35 -35.00 35.28
C LEU E 93 35.55 -33.71 35.12
N LEU E 94 36.18 -32.57 35.42
CA LEU E 94 35.56 -31.27 35.25
C LEU E 94 35.17 -30.97 33.79
N GLN E 95 35.80 -31.65 32.84
CA GLN E 95 35.46 -31.51 31.42
C GLN E 95 34.29 -32.40 31.01
N SER E 96 33.99 -33.38 31.85
CA SER E 96 33.06 -34.46 31.50
C SER E 96 31.70 -34.37 32.19
N LEU E 97 31.30 -33.16 32.56
CA LEU E 97 30.03 -32.89 33.25
C LEU E 97 29.35 -31.72 32.56
N PRO E 98 28.00 -31.70 32.57
CA PRO E 98 27.29 -30.56 31.99
C PRO E 98 27.33 -29.33 32.91
N ILE E 99 28.51 -28.71 32.98
CA ILE E 99 28.74 -27.52 33.82
C ILE E 99 29.43 -26.39 33.04
N ASP E 100 29.19 -25.15 33.49
CA ASP E 100 29.85 -23.96 32.95
C ASP E 100 31.01 -23.57 33.85
N ARG E 101 32.15 -23.25 33.25
CA ARG E 101 33.34 -22.87 34.00
C ARG E 101 33.92 -21.57 33.45
N HIS E 102 34.53 -20.78 34.32
CA HIS E 102 35.38 -19.66 33.91
C HIS E 102 36.73 -20.22 33.49
N MET E 103 37.09 -20.05 32.23
CA MET E 103 38.34 -20.58 31.69
C MET E 103 38.91 -19.55 30.72
N PRO E 104 40.25 -19.52 30.58
CA PRO E 104 40.86 -18.59 29.61
C PRO E 104 40.70 -19.04 28.16
N TYR E 105 40.15 -20.23 27.95
CA TYR E 105 39.93 -20.77 26.61
C TYR E 105 38.61 -21.53 26.52
N ILE E 106 38.02 -21.52 25.33
CA ILE E 106 36.84 -22.32 25.04
C ILE E 106 37.25 -23.79 25.10
N GLN E 107 36.58 -24.56 25.95
CA GLN E 107 36.91 -25.96 26.16
C GLN E 107 36.79 -26.74 24.86
N VAL E 108 37.81 -27.55 24.57
CA VAL E 108 37.81 -28.42 23.41
C VAL E 108 37.68 -29.88 23.85
N HIS E 109 36.71 -30.57 23.26
CA HIS E 109 36.49 -32.00 23.53
C HIS E 109 36.74 -32.79 22.26
N ARG E 110 36.98 -34.08 22.39
CA ARG E 110 36.95 -34.93 21.21
C ARG E 110 35.71 -35.81 21.15
N ALA E 111 35.19 -35.98 19.94
CA ALA E 111 34.02 -36.81 19.70
C ALA E 111 34.42 -38.27 19.83
N LEU E 112 33.42 -39.12 20.05
CA LEU E 112 33.63 -40.57 20.01
C LEU E 112 34.18 -40.97 18.66
N SER E 113 34.94 -42.06 18.64
CA SER E 113 35.55 -42.57 17.42
C SER E 113 34.51 -43.00 16.38
N GLU E 114 33.33 -43.38 16.85
CA GLU E 114 32.27 -43.89 15.96
C GLU E 114 31.38 -42.76 15.41
N MET E 115 31.62 -41.54 15.91
CA MET E 115 30.85 -40.37 15.50
C MET E 115 31.36 -39.76 14.21
N ASP E 116 30.44 -39.15 13.46
CA ASP E 116 30.77 -38.33 12.31
C ASP E 116 29.68 -37.27 12.12
N LEU E 117 29.80 -36.46 11.08
CA LEU E 117 28.86 -35.39 10.81
C LEU E 117 28.37 -35.47 9.37
N THR E 118 27.62 -36.52 9.08
CA THR E 118 27.19 -36.81 7.71
C THR E 118 25.75 -36.35 7.42
N ASP E 119 24.88 -36.41 8.43
CA ASP E 119 23.48 -36.02 8.27
C ASP E 119 22.88 -35.44 9.57
N THR E 120 21.57 -35.21 9.56
CA THR E 120 20.87 -34.63 10.72
C THR E 120 20.99 -35.53 11.95
N THR E 121 20.79 -36.83 11.74
CA THR E 121 20.89 -37.83 12.81
C THR E 121 22.26 -37.81 13.49
N SER E 122 23.32 -37.78 12.69
CA SER E 122 24.69 -37.74 13.22
C SER E 122 24.99 -36.43 13.94
N MET E 123 24.44 -35.33 13.45
CA MET E 123 24.59 -34.03 14.09
C MET E 123 23.88 -34.01 15.45
N ARG E 124 22.65 -34.53 15.49
CA ARG E 124 21.91 -34.75 16.73
C ARG E 124 22.65 -35.62 17.73
N ASN E 125 23.24 -36.70 17.22
CA ASN E 125 24.00 -37.63 18.03
C ASN E 125 25.19 -36.95 18.70
N LEU E 126 25.92 -36.15 17.93
CA LEU E 126 27.05 -35.41 18.46
C LEU E 126 26.60 -34.44 19.56
N LEU E 127 25.56 -33.64 19.29
CA LEU E 127 25.03 -32.72 20.31
C LEU E 127 24.52 -33.46 21.55
N GLY E 128 24.02 -34.68 21.36
CA GLY E 128 23.62 -35.52 22.49
C GLY E 128 24.77 -35.77 23.44
N PHE E 129 25.96 -35.96 22.86
CA PHE E 129 27.19 -36.18 23.60
C PHE E 129 27.74 -34.90 24.24
N THR E 130 27.92 -33.84 23.43
CA THR E 130 28.49 -32.56 23.89
C THR E 130 27.66 -31.86 24.96
N SER E 131 26.35 -32.13 24.96
CA SER E 131 25.43 -31.57 25.95
C SER E 131 25.72 -32.08 27.37
N LYS E 132 26.52 -33.12 27.47
CA LYS E 132 26.90 -33.68 28.79
C LYS E 132 28.33 -33.29 29.18
N LEU E 133 28.99 -32.48 28.34
CA LEU E 133 30.37 -32.07 28.59
C LEU E 133 30.48 -30.59 28.97
N SER E 134 31.62 -30.18 29.50
CA SER E 134 31.77 -28.82 30.02
C SER E 134 31.81 -27.74 28.94
N THR E 135 31.52 -26.52 29.36
CA THR E 135 31.55 -25.36 28.49
C THR E 135 32.26 -24.23 29.21
N THR E 136 32.74 -23.25 28.43
CA THR E 136 33.45 -22.10 28.96
C THR E 136 32.55 -20.87 28.88
N LEU E 137 32.33 -20.19 30.01
CA LEU E 137 31.55 -18.97 30.04
C LEU E 137 32.13 -17.87 29.15
N ILE E 138 31.25 -17.21 28.41
CA ILE E 138 31.61 -16.13 27.50
C ILE E 138 30.84 -14.88 27.90
N PRO E 139 31.54 -13.79 28.17
CA PRO E 139 30.82 -12.55 28.48
C PRO E 139 30.17 -11.97 27.22
N HIS E 140 29.04 -11.31 27.37
CA HIS E 140 28.42 -10.60 26.23
C HIS E 140 28.76 -9.11 26.27
N ASN E 141 28.58 -8.45 25.14
CA ASN E 141 28.58 -6.99 25.09
C ASN E 141 27.24 -6.56 24.51
N ALA E 142 27.03 -5.27 24.27
CA ALA E 142 25.74 -4.82 23.75
C ALA E 142 25.46 -5.37 22.35
N GLN E 143 26.53 -5.59 21.57
CA GLN E 143 26.45 -6.16 20.23
C GLN E 143 25.90 -7.59 20.28
N THR E 144 26.39 -8.39 21.23
CA THR E 144 26.07 -9.82 21.26
C THR E 144 24.99 -10.22 22.27
N ASP E 145 24.71 -9.36 23.25
CA ASP E 145 23.77 -9.68 24.34
C ASP E 145 22.37 -10.07 23.83
N PRO E 146 21.94 -11.32 24.07
CA PRO E 146 20.62 -11.77 23.62
C PRO E 146 19.48 -10.95 24.19
N LEU E 147 19.73 -10.29 25.32
CA LEU E 147 18.70 -9.50 25.97
C LEU E 147 18.91 -7.98 25.89
N SER E 148 19.82 -7.55 25.02
CA SER E 148 19.95 -6.12 24.75
C SER E 148 19.11 -5.80 23.52
N GLY E 149 18.92 -4.52 23.26
CA GLY E 149 18.11 -4.11 22.12
C GLY E 149 16.73 -3.69 22.55
N PRO E 150 15.90 -3.28 21.58
CA PRO E 150 14.59 -2.76 21.95
C PRO E 150 13.56 -3.85 22.28
N THR E 151 13.82 -5.08 21.83
CA THR E 151 12.80 -6.14 21.92
C THR E 151 13.31 -7.49 22.46
N PRO E 152 13.88 -7.52 23.68
CA PRO E 152 14.41 -8.79 24.19
C PRO E 152 13.32 -9.86 24.35
N PHE E 153 13.64 -11.10 23.95
CA PHE E 153 12.72 -12.25 23.99
C PHE E 153 11.54 -12.26 23.00
N SER E 154 11.43 -11.27 22.11
CA SER E 154 10.22 -11.14 21.28
C SER E 154 10.00 -12.27 20.30
N SER E 155 11.07 -12.98 19.93
CA SER E 155 10.98 -14.07 18.97
C SER E 155 10.72 -15.46 19.58
N ILE E 156 10.68 -15.56 20.91
CA ILE E 156 10.64 -16.88 21.56
C ILE E 156 9.51 -17.82 21.14
N PHE E 157 8.32 -17.28 20.90
CA PHE E 157 7.17 -18.14 20.57
C PHE E 157 7.29 -18.69 19.15
N MET E 158 7.75 -17.86 18.23
CA MET E 158 8.10 -18.31 16.87
C MET E 158 9.28 -19.29 16.93
N ASP E 159 10.26 -18.99 17.77
CA ASP E 159 11.38 -19.92 18.02
C ASP E 159 10.92 -21.26 18.56
N THR E 160 10.01 -21.22 19.53
CA THR E 160 9.44 -22.42 20.15
C THR E 160 8.72 -23.28 19.11
N CYS E 161 7.95 -22.65 18.25
CA CYS E 161 7.21 -23.36 17.20
C CYS E 161 8.14 -23.99 16.16
N ARG E 162 9.27 -23.35 15.86
CA ARG E 162 10.27 -23.93 14.97
C ARG E 162 10.97 -25.11 15.62
N GLY E 163 11.24 -25.02 16.92
CA GLY E 163 12.04 -26.02 17.62
C GLY E 163 11.32 -27.28 18.06
N LEU E 164 10.10 -27.11 18.60
CA LEU E 164 9.32 -28.25 19.09
C LEU E 164 9.07 -29.25 17.97
N GLY E 165 9.35 -30.53 18.25
CA GLY E 165 9.23 -31.59 17.25
C GLY E 165 10.50 -31.81 16.45
N ASN E 166 11.49 -30.94 16.67
CA ASN E 166 12.79 -31.03 16.03
C ASN E 166 13.89 -30.73 17.04
N ALA E 167 13.73 -31.26 18.24
CA ALA E 167 14.66 -31.01 19.31
C ALA E 167 14.72 -32.21 20.22
N LYS E 168 15.82 -32.34 20.94
CA LYS E 168 15.93 -33.29 22.02
C LYS E 168 15.48 -32.52 23.25
N LEU E 169 14.52 -33.06 23.98
CA LEU E 169 13.99 -32.38 25.16
C LEU E 169 13.85 -33.33 26.32
N SER E 170 14.40 -32.94 27.46
CA SER E 170 14.33 -33.74 28.66
C SER E 170 13.72 -32.92 29.79
N LEU E 171 12.68 -33.46 30.40
CA LEU E 171 12.01 -32.84 31.55
C LEU E 171 12.20 -33.75 32.76
N ASN E 172 12.89 -33.23 33.78
CA ASN E 172 13.26 -34.03 34.96
C ASN E 172 13.82 -35.40 34.63
N GLY E 173 14.66 -35.47 33.59
CA GLY E 173 15.28 -36.73 33.17
C GLY E 173 14.44 -37.56 32.21
N VAL E 174 13.22 -37.10 31.90
CA VAL E 174 12.31 -37.85 31.04
C VAL E 174 12.39 -37.32 29.61
N ASP E 175 12.74 -38.19 28.66
CA ASP E 175 12.82 -37.78 27.27
C ASP E 175 11.42 -37.51 26.73
N ILE E 176 11.24 -36.33 26.13
CA ILE E 176 9.98 -35.95 25.51
C ILE E 176 10.12 -36.10 24.00
N PRO E 177 9.57 -37.20 23.43
CA PRO E 177 9.73 -37.46 22.01
C PRO E 177 9.01 -36.43 21.13
N ALA E 178 9.39 -36.40 19.85
CA ALA E 178 8.84 -35.45 18.87
C ALA E 178 7.33 -35.32 18.94
N ASN E 179 6.63 -36.46 18.98
CA ASN E 179 5.17 -36.45 18.98
C ASN E 179 4.58 -35.82 20.25
N ALA E 180 5.26 -36.02 21.38
CA ALA E 180 4.87 -35.41 22.63
C ALA E 180 5.18 -33.91 22.65
N GLN E 181 6.24 -33.52 21.92
CA GLN E 181 6.57 -32.11 21.75
C GLN E 181 5.49 -31.37 20.94
N MET E 182 4.90 -32.05 19.96
CA MET E 182 3.83 -31.46 19.16
C MET E 182 2.55 -31.31 19.98
N LEU E 183 2.30 -32.28 20.86
CA LEU E 183 1.22 -32.16 21.85
C LEU E 183 1.46 -30.96 22.74
N LEU E 184 2.70 -30.79 23.16
CA LEU E 184 3.12 -29.66 23.98
C LEU E 184 2.86 -28.32 23.27
N ARG E 185 3.23 -28.23 22.00
CA ARG E 185 2.93 -27.05 21.17
C ARG E 185 1.42 -26.72 21.19
N ASP E 186 0.59 -27.75 20.98
CA ASP E 186 -0.87 -27.61 21.03
C ASP E 186 -1.34 -27.15 22.40
N ALA E 187 -0.83 -27.82 23.44
CA ALA E 187 -1.21 -27.52 24.83
C ALA E 187 -0.87 -26.09 25.23
N LEU E 188 0.17 -25.53 24.60
CA LEU E 188 0.57 -24.15 24.86
C LEU E 188 -0.33 -23.13 24.16
N GLY E 189 -1.12 -23.59 23.19
CA GLY E 189 -1.99 -22.73 22.42
C GLY E 189 -1.36 -22.31 21.10
N LEU E 190 -0.27 -22.99 20.73
CA LEU E 190 0.58 -22.57 19.60
C LEU E 190 0.48 -23.45 18.35
N LYS E 191 -0.59 -24.25 18.25
CA LYS E 191 -0.74 -25.21 17.16
C LYS E 191 -0.56 -24.56 15.78
N ASP E 192 -1.42 -23.60 15.45
CA ASP E 192 -1.40 -22.97 14.14
C ASP E 192 -1.63 -21.46 14.13
N THR E 193 -2.87 -21.04 14.40
CA THR E 193 -3.24 -19.62 14.28
C THR E 193 -2.48 -18.71 15.25
N HIS E 194 -2.51 -19.03 16.54
CA HIS E 194 -1.99 -18.13 17.56
C HIS E 194 -0.47 -18.14 17.66
N SER E 195 0.11 -16.95 17.66
CA SER E 195 1.55 -16.77 17.63
C SER E 195 2.14 -16.49 19.01
N SER E 196 1.30 -16.62 20.04
CA SER E 196 1.76 -16.60 21.42
C SER E 196 0.80 -17.46 22.27
N PRO E 197 1.26 -17.92 23.46
CA PRO E 197 0.47 -18.89 24.22
C PRO E 197 -0.88 -18.36 24.67
N SER E 198 -1.82 -19.27 24.88
CA SER E 198 -3.16 -18.89 25.32
C SER E 198 -3.10 -18.27 26.72
N ARG E 199 -4.00 -17.32 26.95
CA ARG E 199 -4.09 -16.62 28.23
C ARG E 199 -4.28 -17.57 29.40
N ASN E 200 -5.03 -18.65 29.17
CA ASN E 200 -5.29 -19.64 30.19
C ASN E 200 -4.04 -20.41 30.61
N VAL E 201 -3.20 -20.73 29.64
CA VAL E 201 -1.96 -21.45 29.92
C VAL E 201 -0.95 -20.54 30.63
N ILE E 202 -0.92 -19.27 30.24
CA ILE E 202 -0.08 -18.28 30.90
C ILE E 202 -0.46 -18.17 32.38
N ASP E 203 -1.76 -18.11 32.66
CA ASP E 203 -2.26 -17.94 34.03
C ASP E 203 -2.28 -19.20 34.89
N HIS E 204 -2.55 -20.35 34.29
CA HIS E 204 -2.78 -21.58 35.06
C HIS E 204 -1.83 -22.72 34.74
N GLY E 205 -0.95 -22.52 33.77
CA GLY E 205 -0.10 -23.60 33.26
C GLY E 205 -0.87 -24.52 32.33
N ILE E 206 -0.17 -25.51 31.79
CA ILE E 206 -0.76 -26.55 30.97
C ILE E 206 -1.83 -27.30 31.78
N SER E 207 -2.97 -27.61 31.15
CA SER E 207 -4.04 -28.35 31.83
C SER E 207 -3.56 -29.75 32.24
N ARG E 208 -4.14 -30.29 33.30
CA ARG E 208 -3.73 -31.59 33.83
C ARG E 208 -3.90 -32.72 32.80
N HIS E 209 -5.02 -32.71 32.09
CA HIS E 209 -5.27 -33.68 31.03
C HIS E 209 -4.18 -33.64 29.96
N ASP E 210 -3.84 -32.44 29.50
CA ASP E 210 -2.81 -32.25 28.47
C ASP E 210 -1.45 -32.72 28.98
N ALA E 211 -1.13 -32.40 30.23
CA ALA E 211 0.13 -32.77 30.85
C ALA E 211 0.30 -34.30 30.97
N GLU E 212 -0.77 -34.98 31.39
CA GLU E 212 -0.76 -36.43 31.55
C GLU E 212 -0.60 -37.12 30.21
N GLN E 213 -1.28 -36.60 29.19
CA GLN E 213 -1.15 -37.09 27.83
C GLN E 213 0.29 -36.93 27.31
N ILE E 214 0.92 -35.79 27.61
CA ILE E 214 2.30 -35.55 27.19
C ILE E 214 3.22 -36.58 27.85
N ALA E 215 3.09 -36.73 29.17
CA ALA E 215 3.90 -37.66 29.95
C ALA E 215 3.75 -39.13 29.53
N ARG E 216 2.52 -39.56 29.23
CA ARG E 216 2.28 -40.96 28.85
C ARG E 216 2.96 -41.35 27.53
N GLU E 217 3.18 -40.37 26.66
CA GLU E 217 3.90 -40.56 25.41
C GLU E 217 5.42 -40.58 25.62
N SER E 218 5.87 -40.06 26.76
CA SER E 218 7.29 -39.84 27.01
C SER E 218 8.03 -41.06 27.59
N SER E 219 9.33 -40.90 27.83
CA SER E 219 10.20 -42.01 28.24
C SER E 219 11.00 -41.74 29.52
N GLY E 220 10.67 -42.42 30.62
CA GLY E 220 9.60 -43.43 30.68
C GLY E 220 9.29 -43.88 32.11
N SER E 221 10.12 -43.44 33.06
CA SER E 221 9.98 -43.82 34.47
C SER E 221 8.72 -43.26 35.12
N ASP E 222 7.87 -44.17 35.62
CA ASP E 222 6.58 -43.81 36.23
C ASP E 222 6.67 -42.73 37.31
N ASN E 223 7.74 -42.76 38.09
CA ASN E 223 7.99 -41.77 39.13
C ASN E 223 8.31 -40.39 38.54
N GLN E 224 9.26 -40.36 37.61
CA GLN E 224 9.69 -39.10 36.99
C GLN E 224 8.61 -38.54 36.06
N LYS E 225 7.81 -39.43 35.48
CA LYS E 225 6.62 -39.02 34.71
C LYS E 225 5.65 -38.19 35.56
N ALA E 226 5.42 -38.63 36.80
CA ALA E 226 4.60 -37.87 37.75
C ALA E 226 5.22 -36.51 38.06
N GLU E 227 6.55 -36.48 38.14
CA GLU E 227 7.29 -35.23 38.29
C GLU E 227 7.05 -34.33 37.07
N VAL E 228 7.02 -34.93 35.88
CA VAL E 228 6.77 -34.17 34.64
C VAL E 228 5.37 -33.54 34.65
N VAL E 229 4.35 -34.35 34.94
CA VAL E 229 2.96 -33.87 34.99
C VAL E 229 2.87 -32.66 35.93
N GLU E 230 3.44 -32.83 37.12
CA GLU E 230 3.42 -31.81 38.16
C GLU E 230 4.15 -30.54 37.72
N PHE E 231 5.32 -30.71 37.09
CA PHE E 231 6.03 -29.58 36.50
C PHE E 231 5.18 -28.86 35.45
N LEU E 232 4.61 -29.62 34.52
CA LEU E 232 3.88 -29.01 33.39
C LEU E 232 2.67 -28.21 33.82
N CYS E 233 2.06 -28.59 34.95
CA CYS E 233 0.90 -27.88 35.48
C CYS E 233 1.23 -26.52 36.10
N HIS E 234 2.51 -26.20 36.19
CA HIS E 234 2.96 -24.88 36.64
C HIS E 234 2.90 -23.86 35.51
N PRO E 235 2.43 -22.63 35.81
CA PRO E 235 2.53 -21.52 34.84
C PRO E 235 3.97 -21.28 34.41
N GLU E 236 4.92 -21.43 35.33
CA GLU E 236 6.32 -21.19 35.01
C GLU E 236 6.96 -22.31 34.16
N ALA E 237 6.24 -23.41 33.97
CA ALA E 237 6.66 -24.43 33.01
C ALA E 237 6.56 -23.94 31.56
N ALA E 238 5.51 -23.21 31.23
CA ALA E 238 5.40 -22.53 29.93
C ALA E 238 6.55 -21.54 29.73
N THR E 239 6.84 -20.76 30.77
CA THR E 239 7.93 -19.79 30.77
C THR E 239 9.26 -20.47 30.48
N ALA E 240 9.54 -21.56 31.21
CA ALA E 240 10.79 -22.30 31.05
C ALA E 240 10.94 -22.87 29.66
N ILE E 241 9.89 -23.49 29.14
CA ILE E 241 9.95 -24.19 27.85
C ILE E 241 10.10 -23.23 26.68
N CYS E 242 9.29 -22.17 26.67
CA CYS E 242 9.34 -21.19 25.58
C CYS E 242 10.65 -20.42 25.58
N SER E 243 11.07 -19.94 26.74
CA SER E 243 12.34 -19.21 26.85
C SER E 243 13.54 -20.05 26.38
N ALA E 244 13.50 -21.36 26.64
CA ALA E 244 14.60 -22.26 26.26
C ALA E 244 14.96 -22.25 24.78
N PHE E 245 13.97 -21.96 23.92
CA PHE E 245 14.17 -21.95 22.47
C PHE E 245 14.68 -20.63 21.87
N TYR E 246 14.90 -19.62 22.71
CA TYR E 246 15.32 -18.30 22.22
C TYR E 246 16.54 -18.40 21.30
N GLN E 247 16.37 -18.01 20.04
CA GLN E 247 17.43 -18.22 19.04
C GLN E 247 18.67 -17.34 19.22
N SER E 248 18.51 -16.23 19.93
CA SER E 248 19.61 -15.28 20.14
C SER E 248 20.59 -15.73 21.24
N PHE E 249 20.22 -16.73 22.03
CA PHE E 249 21.07 -17.23 23.12
C PHE E 249 22.49 -17.56 22.66
N ASN E 250 22.63 -18.06 21.45
CA ASN E 250 23.97 -18.45 21.01
C ASN E 250 24.74 -17.41 20.22
N VAL E 251 24.25 -16.16 20.18
CA VAL E 251 24.92 -15.10 19.43
C VAL E 251 26.35 -14.81 19.94
N PRO E 252 26.55 -14.70 21.28
CA PRO E 252 27.92 -14.51 21.76
C PRO E 252 28.88 -15.59 21.26
N ALA E 253 28.45 -16.85 21.33
CA ALA E 253 29.26 -17.98 20.86
C ALA E 253 29.46 -17.95 19.35
N LEU E 254 28.39 -17.73 18.59
CA LEU E 254 28.49 -17.61 17.13
C LEU E 254 29.45 -16.49 16.70
N THR E 255 29.44 -15.39 17.45
CA THR E 255 30.31 -14.25 17.17
C THR E 255 31.77 -14.61 17.42
N LEU E 256 32.05 -15.28 18.53
CA LEU E 256 33.42 -15.63 18.91
C LEU E 256 34.04 -16.62 17.93
N THR E 257 33.23 -17.48 17.32
CA THR E 257 33.74 -18.55 16.47
C THR E 257 33.26 -18.42 15.01
N HIS E 258 33.03 -17.17 14.59
CA HIS E 258 32.41 -16.89 13.29
C HIS E 258 33.25 -17.33 12.09
N GLU E 259 34.56 -17.28 12.21
CA GLU E 259 35.47 -17.71 11.12
C GLU E 259 35.30 -19.20 10.80
N ARG E 260 35.27 -20.02 11.85
CA ARG E 260 35.17 -21.46 11.67
C ARG E 260 33.74 -21.95 11.39
N ILE E 261 32.75 -21.13 11.77
CA ILE E 261 31.37 -21.32 11.30
C ILE E 261 31.28 -21.06 9.79
N SER E 262 31.84 -19.95 9.33
CA SER E 262 31.89 -19.62 7.90
C SER E 262 32.67 -20.66 7.09
N LYS E 263 33.77 -21.15 7.65
CA LYS E 263 34.58 -22.18 6.99
C LYS E 263 33.77 -23.45 6.73
N ALA E 264 33.00 -23.88 7.74
CA ALA E 264 32.16 -25.06 7.62
C ALA E 264 31.04 -24.88 6.59
N SER E 265 30.42 -23.70 6.60
CA SER E 265 29.31 -23.41 5.71
C SER E 265 29.75 -23.34 4.25
N GLU E 266 30.89 -22.68 4.02
CA GLU E 266 31.49 -22.55 2.69
C GLU E 266 32.02 -23.88 2.18
N TYR E 267 32.39 -24.75 3.11
CA TYR E 267 32.83 -26.10 2.77
C TYR E 267 31.65 -26.94 2.29
N ASN E 268 30.50 -26.75 2.92
CA ASN E 268 29.28 -27.47 2.56
C ASN E 268 28.43 -26.75 1.51
N ALA E 269 29.11 -26.06 0.60
CA ALA E 269 28.46 -25.36 -0.51
C ALA E 269 28.50 -26.19 -1.79
N GLU E 270 29.64 -26.85 -2.03
CA GLU E 270 29.79 -27.77 -3.15
C GLU E 270 29.23 -29.16 -2.80
N ARG E 271 28.95 -29.37 -1.52
CA ARG E 271 28.50 -30.65 -1.00
C ARG E 271 27.13 -30.52 -0.32
N SER E 272 26.83 -31.42 0.62
CA SER E 272 25.59 -31.40 1.38
C SER E 272 25.74 -32.24 2.66
N THR E 275 23.32 -31.21 5.89
CA THR E 275 23.26 -30.94 7.33
C THR E 275 22.27 -29.82 7.65
N PRO E 276 21.51 -29.96 8.76
CA PRO E 276 20.65 -28.88 9.22
C PRO E 276 21.51 -27.75 9.80
N ASN E 277 20.96 -26.54 9.85
CA ASN E 277 21.75 -25.39 10.30
C ASN E 277 22.12 -25.40 11.78
N ALA E 278 21.25 -26.00 12.60
CA ALA E 278 21.49 -26.13 14.05
C ALA E 278 20.57 -27.18 14.68
N CYS E 279 21.13 -27.93 15.62
CA CYS E 279 20.36 -28.89 16.42
C CYS E 279 20.14 -28.31 17.81
N ILE E 280 19.06 -28.73 18.45
CA ILE E 280 18.68 -28.24 19.76
C ILE E 280 18.56 -29.39 20.78
N ASN E 281 19.11 -29.18 21.96
CA ASN E 281 19.07 -30.14 23.07
C ASN E 281 18.84 -29.40 24.39
N ILE E 282 17.65 -29.58 24.97
CA ILE E 282 17.23 -28.85 26.17
C ILE E 282 16.96 -29.79 27.35
N SER E 283 17.50 -29.44 28.52
CA SER E 283 17.15 -30.11 29.76
C SER E 283 16.54 -29.11 30.70
N ILE E 284 15.37 -29.44 31.23
CA ILE E 284 14.73 -28.64 32.26
C ILE E 284 14.45 -29.54 33.44
N SER E 285 14.75 -29.05 34.65
CA SER E 285 14.41 -29.79 35.86
C SER E 285 13.80 -28.91 36.94
N GLN E 286 12.75 -29.42 37.57
CA GLN E 286 12.24 -28.83 38.78
C GLN E 286 12.67 -29.72 39.94
N SER E 287 13.35 -29.14 40.91
CA SER E 287 13.87 -29.87 42.05
C SER E 287 12.74 -30.17 43.02
N SER E 288 12.98 -31.12 43.94
CA SER E 288 12.01 -31.49 44.94
C SER E 288 11.60 -30.30 45.83
N ASP E 289 12.39 -29.24 45.81
CA ASP E 289 12.08 -28.00 46.51
C ASP E 289 11.34 -26.98 45.65
N GLY E 290 11.09 -27.32 44.39
CA GLY E 290 10.28 -26.49 43.49
C GLY E 290 11.07 -25.61 42.53
N ASN E 291 12.40 -25.59 42.68
CA ASN E 291 13.25 -24.73 41.87
C ASN E 291 13.39 -25.21 40.42
N ILE E 292 13.03 -24.35 39.48
CA ILE E 292 13.09 -24.68 38.06
C ILE E 292 14.39 -24.17 37.45
N TYR E 293 15.09 -25.04 36.75
CA TYR E 293 16.35 -24.70 36.13
C TYR E 293 16.38 -25.19 34.68
N VAL E 294 16.71 -24.30 33.76
CA VAL E 294 16.85 -24.71 32.36
C VAL E 294 18.28 -24.65 31.85
N THR E 295 18.66 -25.70 31.12
CA THR E 295 19.92 -25.75 30.43
C THR E 295 19.65 -26.05 28.96
N SER E 296 19.83 -25.03 28.13
CA SER E 296 19.45 -25.11 26.72
C SER E 296 20.71 -25.16 25.86
N HIS E 297 20.79 -26.13 24.96
CA HIS E 297 21.94 -26.30 24.08
C HIS E 297 21.58 -26.19 22.62
N THR E 298 22.39 -25.43 21.88
CA THR E 298 22.32 -25.39 20.43
C THR E 298 23.68 -25.79 19.88
N GLY E 299 23.68 -26.63 18.85
CA GLY E 299 24.91 -27.08 18.23
C GLY E 299 24.96 -26.66 16.78
N VAL E 300 26.11 -26.11 16.39
CA VAL E 300 26.34 -25.63 15.03
C VAL E 300 27.66 -26.21 14.50
N LEU E 301 27.70 -26.55 13.22
CA LEU E 301 28.92 -27.09 12.63
C LEU E 301 30.03 -26.06 12.48
N ILE E 302 31.26 -26.52 12.70
CA ILE E 302 32.47 -25.71 12.54
C ILE E 302 33.55 -26.58 11.91
N MET E 303 34.52 -25.95 11.26
CA MET E 303 35.74 -26.64 10.88
C MET E 303 36.95 -25.73 10.92
N ALA E 304 38.05 -26.30 11.39
CA ALA E 304 39.34 -25.62 11.44
C ALA E 304 39.88 -25.43 10.02
N PRO E 305 40.76 -24.42 9.81
CA PRO E 305 41.49 -24.27 8.55
C PRO E 305 42.18 -25.57 8.15
N GLU E 306 42.29 -25.81 6.83
CA GLU E 306 42.85 -27.06 6.31
C GLU E 306 44.24 -27.40 6.87
N ASP E 307 45.05 -26.37 7.14
CA ASP E 307 46.41 -26.53 7.65
C ASP E 307 46.47 -27.07 9.09
N ARG E 308 45.54 -26.62 9.93
CA ARG E 308 45.49 -27.04 11.33
C ARG E 308 45.02 -28.50 11.47
N PRO E 309 45.36 -29.16 12.61
CA PRO E 309 45.19 -30.62 12.76
C PRO E 309 43.74 -31.09 12.71
N ASN E 310 42.84 -30.40 13.42
CA ASN E 310 41.42 -30.73 13.42
C ASN E 310 40.76 -30.39 12.08
N GLU E 311 39.63 -31.05 11.82
CA GLU E 311 38.83 -30.77 10.63
C GLU E 311 37.40 -30.27 10.88
N MET E 312 36.44 -31.20 10.92
CA MET E 312 35.04 -30.84 11.13
C MET E 312 34.77 -31.04 12.62
N GLY E 313 33.84 -30.23 13.14
CA GLY E 313 33.41 -30.36 14.53
C GLY E 313 32.15 -29.59 14.83
N MET E 314 31.82 -29.49 16.11
CA MET E 314 30.61 -28.81 16.55
C MET E 314 30.89 -27.75 17.63
N LEU E 315 30.31 -26.56 17.41
CA LEU E 315 30.25 -25.53 18.41
C LEU E 315 28.97 -25.75 19.24
N THR E 316 29.14 -26.08 20.52
CA THR E 316 28.01 -26.26 21.42
C THR E 316 27.89 -25.04 22.32
N ASN E 317 26.75 -24.37 22.27
CA ASN E 317 26.45 -23.28 23.19
C ASN E 317 25.51 -23.75 24.28
N ARG E 318 25.87 -23.46 25.53
CA ARG E 318 25.03 -23.78 26.66
C ARG E 318 24.49 -22.49 27.26
N THR E 319 23.17 -22.45 27.47
CA THR E 319 22.51 -21.34 28.16
C THR E 319 21.82 -21.87 29.41
N SER E 320 22.24 -21.38 30.57
CA SER E 320 21.75 -21.85 31.87
C SER E 320 21.08 -20.73 32.66
N TYR E 321 19.94 -21.04 33.27
CA TYR E 321 19.25 -20.07 34.12
C TYR E 321 18.13 -20.71 34.92
N GLU E 322 17.86 -20.11 36.08
CA GLU E 322 16.69 -20.38 36.87
C GLU E 322 15.47 -19.67 36.29
N VAL E 323 14.33 -20.34 36.36
CA VAL E 323 13.04 -19.70 36.16
C VAL E 323 12.39 -19.55 37.53
N PRO E 324 12.49 -18.35 38.15
CA PRO E 324 11.95 -18.21 39.50
C PRO E 324 10.43 -18.44 39.56
N GLN E 325 9.96 -18.79 40.75
CA GLN E 325 8.54 -18.96 41.00
C GLN E 325 7.81 -17.65 40.78
N GLY E 326 6.66 -17.73 40.12
CA GLY E 326 5.82 -16.57 39.86
C GLY E 326 6.07 -15.90 38.51
N VAL E 327 7.10 -16.31 37.79
CA VAL E 327 7.39 -15.71 36.50
C VAL E 327 6.55 -16.37 35.40
N LYS E 328 5.51 -15.66 34.98
CA LYS E 328 4.56 -16.15 33.99
C LYS E 328 5.12 -16.00 32.59
N CYS E 329 4.50 -16.67 31.62
CA CYS E 329 5.01 -16.71 30.25
C CYS E 329 4.58 -15.49 29.44
N THR E 330 5.03 -14.32 29.88
CA THR E 330 4.82 -13.07 29.14
C THR E 330 6.18 -12.42 28.96
N ILE E 331 6.38 -11.81 27.79
CA ILE E 331 7.66 -11.21 27.44
C ILE E 331 8.22 -10.32 28.54
N ASP E 332 7.40 -9.40 29.03
CA ASP E 332 7.84 -8.44 30.04
C ASP E 332 8.27 -9.05 31.38
N GLU E 333 7.50 -10.02 31.88
CA GLU E 333 7.88 -10.83 33.05
C GLU E 333 9.25 -11.48 32.86
N MET E 334 9.45 -12.06 31.69
CA MET E 334 10.66 -12.80 31.37
C MET E 334 11.88 -11.90 31.22
N VAL E 335 11.68 -10.73 30.60
CA VAL E 335 12.74 -9.72 30.49
C VAL E 335 13.16 -9.25 31.89
N ARG E 336 12.17 -9.03 32.75
CA ARG E 336 12.36 -8.55 34.11
C ARG E 336 13.08 -9.59 35.00
N ALA E 337 12.68 -10.86 34.90
CA ALA E 337 13.10 -11.87 35.87
C ALA E 337 14.23 -12.79 35.44
N LEU E 338 14.31 -13.11 34.16
CA LEU E 338 15.26 -14.11 33.71
C LEU E 338 16.64 -13.51 33.48
N GLN E 339 17.67 -14.21 33.96
CA GLN E 339 19.05 -13.79 33.78
C GLN E 339 19.94 -14.95 33.33
N PRO E 340 19.88 -15.29 32.02
CA PRO E 340 20.68 -16.40 31.48
C PRO E 340 22.16 -16.06 31.46
N ARG E 341 22.99 -17.12 31.46
CA ARG E 341 24.42 -16.96 31.19
C ARG E 341 24.77 -17.86 30.01
N TYR E 342 25.91 -17.60 29.38
CA TYR E 342 26.23 -18.19 28.09
C TYR E 342 27.63 -18.79 28.10
N ALA E 343 27.74 -19.99 27.57
CA ALA E 343 29.00 -20.73 27.59
C ALA E 343 29.09 -21.62 26.35
N ALA E 344 30.32 -21.89 25.90
CA ALA E 344 30.49 -22.74 24.72
C ALA E 344 31.65 -23.73 24.78
N SER E 345 31.58 -24.74 23.90
CA SER E 345 32.66 -25.70 23.73
C SER E 345 32.80 -26.04 22.25
N GLU E 346 33.96 -26.54 21.87
CA GLU E 346 34.19 -27.02 20.53
C GLU E 346 34.57 -28.48 20.63
N THR E 347 33.93 -29.30 19.81
CA THR E 347 34.16 -30.74 19.83
C THR E 347 34.45 -31.21 18.41
N TYR E 348 35.62 -31.81 18.23
CA TYR E 348 36.08 -32.22 16.90
C TYR E 348 36.09 -33.73 16.70
N LEU E 349 35.84 -34.13 15.46
CA LEU E 349 35.80 -35.53 15.07
C LEU E 349 37.19 -36.14 15.08
N GLN E 350 37.26 -37.43 15.40
CA GLN E 350 38.51 -38.18 15.32
C GLN E 350 38.83 -38.54 13.87
N ASN E 351 39.32 -37.54 13.13
CA ASN E 351 39.80 -37.72 11.75
C ASN E 351 38.87 -38.52 10.84
N MET F 2 59.06 33.66 12.49
CA MET F 2 59.37 35.11 12.66
C MET F 2 58.37 35.98 11.89
N SER F 3 57.70 36.88 12.61
CA SER F 3 56.67 37.72 12.02
C SER F 3 57.24 38.75 11.05
N CYS F 4 56.38 39.33 10.21
CA CYS F 4 56.78 40.36 9.26
C CYS F 4 57.32 41.61 9.96
N ALA F 5 56.71 41.98 11.08
CA ALA F 5 57.17 43.12 11.87
C ALA F 5 58.61 42.92 12.35
N GLU F 6 58.91 41.70 12.79
CA GLU F 6 60.27 41.32 13.21
C GLU F 6 61.25 41.39 12.05
N LYS F 7 60.85 40.84 10.91
CA LYS F 7 61.65 40.88 9.69
C LYS F 7 61.98 42.32 9.31
N LEU F 8 60.97 43.19 9.31
CA LEU F 8 61.15 44.60 8.95
C LEU F 8 62.13 45.31 9.88
N LEU F 9 61.96 45.10 11.19
CA LEU F 9 62.82 45.68 12.22
C LEU F 9 64.30 45.30 12.05
N LYS F 10 64.55 44.05 11.67
CA LYS F 10 65.91 43.58 11.43
C LYS F 10 66.52 44.22 10.18
N VAL F 11 65.73 44.36 9.13
CA VAL F 11 66.18 45.01 7.90
C VAL F 11 66.52 46.47 8.18
N LEU F 12 65.67 47.15 8.94
CA LEU F 12 65.93 48.54 9.32
C LEU F 12 67.15 48.69 10.21
N SER F 13 67.35 47.72 11.10
CA SER F 13 68.49 47.74 12.03
C SER F 13 69.83 47.52 11.34
N PHE F 14 69.84 46.63 10.34
CA PHE F 14 71.05 46.31 9.60
C PHE F 14 71.27 47.33 8.49
N GLY F 15 70.17 47.74 7.86
CA GLY F 15 70.19 48.68 6.74
C GLY F 15 69.88 47.97 5.44
N LEU F 16 68.98 48.55 4.65
CA LEU F 16 68.62 48.01 3.34
C LEU F 16 69.88 47.85 2.48
N TRP F 17 70.79 48.82 2.56
CA TRP F 17 72.00 48.83 1.75
C TRP F 17 73.23 48.23 2.43
N ASN F 18 73.02 47.47 3.50
CA ASN F 18 74.07 46.73 4.16
C ASN F 18 74.57 45.60 3.25
N PRO F 19 75.89 45.57 2.94
CA PRO F 19 76.49 44.62 1.98
C PRO F 19 76.31 43.13 2.32
N THR F 20 75.78 42.83 3.50
CA THR F 20 75.46 41.44 3.87
C THR F 20 74.28 40.91 3.04
N TYR F 21 73.43 41.82 2.56
CA TYR F 21 72.32 41.47 1.68
C TYR F 21 72.74 41.53 0.20
N SER F 22 72.12 40.68 -0.61
CA SER F 22 72.22 40.75 -2.07
C SER F 22 71.08 41.60 -2.62
N ARG F 23 71.03 41.77 -3.95
CA ARG F 23 69.94 42.52 -4.58
C ARG F 23 68.61 41.78 -4.55
N SER F 24 68.67 40.45 -4.63
CA SER F 24 67.48 39.61 -4.53
C SER F 24 66.85 39.69 -3.14
N GLU F 25 67.69 39.90 -2.14
CA GLU F 25 67.21 40.12 -0.77
C GLU F 25 66.60 41.51 -0.62
N ARG F 26 67.26 42.52 -1.19
CA ARG F 26 66.76 43.89 -1.17
C ARG F 26 65.39 43.99 -1.84
N GLN F 27 65.24 43.35 -3.00
CA GLN F 27 63.97 43.25 -3.71
C GLN F 27 62.90 42.60 -2.83
N SER F 28 63.27 41.50 -2.19
CA SER F 28 62.40 40.79 -1.27
C SER F 28 61.93 41.65 -0.09
N PHE F 29 62.79 42.57 0.36
CA PHE F 29 62.48 43.41 1.52
C PHE F 29 61.48 44.53 1.21
N GLN F 30 61.29 44.83 -0.08
CA GLN F 30 60.38 45.89 -0.50
C GLN F 30 58.94 45.71 -0.04
N GLU F 31 58.46 44.46 -0.07
CA GLU F 31 57.11 44.15 0.39
C GLU F 31 56.91 44.43 1.89
N LEU F 32 58.00 44.59 2.62
CA LEU F 32 57.93 44.96 4.03
C LEU F 32 57.97 46.47 4.19
N LEU F 33 58.95 47.11 3.55
CA LEU F 33 59.13 48.57 3.64
C LEU F 33 57.90 49.33 3.18
N THR F 34 57.25 48.83 2.13
CA THR F 34 56.08 49.48 1.55
C THR F 34 54.90 49.61 2.53
N VAL F 35 54.92 48.82 3.59
CA VAL F 35 53.89 48.82 4.63
C VAL F 35 54.06 49.97 5.64
N LEU F 36 55.28 50.53 5.72
CA LEU F 36 55.54 51.69 6.58
C LEU F 36 54.62 52.85 6.21
N GLU F 37 53.93 53.41 7.19
CA GLU F 37 53.05 54.55 6.94
C GLU F 37 53.32 55.70 7.88
N PRO F 38 53.55 56.91 7.33
CA PRO F 38 53.68 58.07 8.21
C PRO F 38 52.34 58.39 8.83
N VAL F 39 52.33 58.62 10.14
CA VAL F 39 51.10 58.92 10.87
C VAL F 39 51.28 60.14 11.75
N TYR F 40 50.18 60.58 12.37
CA TYR F 40 50.15 61.69 13.29
C TYR F 40 51.22 61.58 14.38
N PRO F 41 52.13 62.56 14.48
CA PRO F 41 53.20 62.49 15.46
C PRO F 41 52.78 63.14 16.77
N LEU F 42 53.36 62.64 17.87
CA LEU F 42 53.11 63.23 19.18
C LEU F 42 53.89 64.55 19.28
N PRO F 43 53.53 65.41 20.26
CA PRO F 43 54.09 66.76 20.35
C PRO F 43 55.64 66.87 20.32
N ASN F 44 56.31 65.88 20.90
CA ASN F 44 57.79 65.89 20.99
C ASN F 44 58.45 65.09 19.86
N GLU F 45 57.66 64.69 18.87
CA GLU F 45 58.14 63.80 17.83
C GLU F 45 58.36 64.53 16.51
N LEU F 46 59.50 64.23 15.91
CA LEU F 46 59.85 64.67 14.58
C LEU F 46 59.00 63.87 13.56
N GLY F 47 58.79 62.60 13.84
CA GLY F 47 57.92 61.78 13.03
C GLY F 47 57.52 60.51 13.75
N ARG F 48 56.40 59.93 13.33
CA ARG F 48 56.13 58.54 13.69
C ARG F 48 55.54 57.76 12.53
N VAL F 49 55.89 56.48 12.49
CA VAL F 49 55.47 55.63 11.40
C VAL F 49 54.94 54.29 11.89
N SER F 50 53.86 53.87 11.23
CA SER F 50 53.17 52.64 11.57
C SER F 50 53.32 51.64 10.43
N ALA F 51 53.57 50.38 10.79
CA ALA F 51 53.55 49.29 9.85
C ALA F 51 52.71 48.16 10.41
N ARG F 52 51.55 47.92 9.80
CA ARG F 52 50.65 46.88 10.26
C ARG F 52 50.50 45.80 9.19
N PHE F 53 50.93 44.59 9.53
CA PHE F 53 51.01 43.50 8.58
C PHE F 53 49.82 42.54 8.72
N SER F 54 49.47 41.85 7.64
CA SER F 54 48.32 40.95 7.64
C SER F 54 48.49 39.73 8.55
N ASP F 55 49.74 39.43 8.93
CA ASP F 55 50.01 38.35 9.88
C ASP F 55 49.63 38.73 11.32
N GLY F 56 49.12 39.95 11.51
CA GLY F 56 48.70 40.40 12.83
C GLY F 56 49.79 41.14 13.59
N SER F 57 51.02 41.09 13.07
CA SER F 57 52.12 41.80 13.71
C SER F 57 52.13 43.26 13.28
N SER F 58 52.70 44.12 14.13
CA SER F 58 52.80 45.53 13.83
C SER F 58 54.06 46.12 14.40
N LEU F 59 54.44 47.26 13.85
CA LEU F 59 55.60 47.99 14.28
C LEU F 59 55.26 49.47 14.29
N ARG F 60 55.56 50.14 15.40
CA ARG F 60 55.49 51.60 15.42
C ARG F 60 56.82 52.21 15.81
N ILE F 61 57.36 53.03 14.91
CA ILE F 61 58.62 53.72 15.14
C ILE F 61 58.35 55.19 15.46
N SER F 62 58.95 55.63 16.55
CA SER F 62 58.86 56.99 17.01
C SER F 62 60.26 57.65 16.93
N VAL F 63 60.32 58.85 16.34
CA VAL F 63 61.57 59.62 16.29
C VAL F 63 61.38 60.97 16.97
N THR F 64 62.09 61.20 18.07
CA THR F 64 61.98 62.46 18.81
C THR F 64 62.63 63.61 18.04
N ASN F 65 62.37 64.84 18.45
CA ASN F 65 62.99 66.03 17.83
C ASN F 65 64.51 66.03 17.96
N SER F 66 65.03 65.30 18.94
CA SER F 66 66.48 65.11 19.11
C SER F 66 66.98 63.87 18.39
N GLU F 67 66.09 63.23 17.63
CA GLU F 67 66.40 62.05 16.80
C GLU F 67 66.73 60.77 17.60
N SER F 68 66.15 60.64 18.79
CA SER F 68 66.16 59.36 19.51
C SER F 68 65.07 58.47 18.92
N ILE F 69 65.43 57.22 18.63
CA ILE F 69 64.55 56.30 17.91
C ILE F 69 64.04 55.17 18.78
N GLU F 70 62.73 54.94 18.70
CA GLU F 70 62.03 53.97 19.50
C GLU F 70 61.10 53.16 18.60
N ALA F 71 61.14 51.83 18.72
CA ALA F 71 60.26 50.95 17.96
C ALA F 71 59.48 50.00 18.87
N GLU F 72 58.17 50.17 18.90
CA GLU F 72 57.31 49.24 19.63
C GLU F 72 56.85 48.16 18.67
N ILE F 73 57.18 46.91 19.00
CA ILE F 73 56.81 45.77 18.17
C ILE F 73 55.74 44.91 18.84
N ARG F 74 54.64 44.69 18.12
CA ARG F 74 53.59 43.80 18.55
C ARG F 74 53.63 42.53 17.71
N THR F 75 53.53 41.40 18.40
CA THR F 75 53.59 40.09 17.77
C THR F 75 52.18 39.51 17.68
N PRO F 76 51.92 38.59 16.71
CA PRO F 76 50.59 37.99 16.56
C PRO F 76 49.94 37.59 17.88
N ASP F 77 50.73 37.04 18.80
CA ASP F 77 50.26 36.61 20.12
C ASP F 77 50.15 37.75 21.15
N ASN F 78 50.05 38.98 20.65
CA ASN F 78 49.73 40.19 21.45
C ASN F 78 50.78 40.62 22.50
N GLU F 79 51.94 39.95 22.52
CA GLU F 79 53.04 40.40 23.36
C GLU F 79 53.70 41.62 22.71
N LYS F 80 54.07 42.60 23.51
CA LYS F 80 54.69 43.82 22.98
C LYS F 80 55.90 44.29 23.77
N ILE F 81 56.94 44.68 23.04
CA ILE F 81 58.13 45.27 23.66
C ILE F 81 58.60 46.50 22.89
N THR F 82 59.22 47.44 23.62
CA THR F 82 59.78 48.63 23.04
C THR F 82 61.30 48.46 22.88
N VAL F 83 61.75 48.62 21.64
CA VAL F 83 63.15 48.44 21.28
C VAL F 83 63.78 49.81 21.04
N LEU F 84 64.98 50.01 21.58
CA LEU F 84 65.73 51.22 21.29
C LEU F 84 66.63 50.98 20.09
N LEU F 85 66.43 51.79 19.06
CA LEU F 85 67.22 51.68 17.85
C LEU F 85 68.25 52.81 17.78
N GLU F 86 69.35 52.54 17.10
CA GLU F 86 70.40 53.53 16.87
C GLU F 86 70.58 53.74 15.37
N SER F 87 70.71 55.00 14.96
CA SER F 87 70.96 55.33 13.56
C SER F 87 72.42 55.71 13.35
N ASN F 88 73.02 55.12 12.32
CA ASN F 88 74.42 55.38 11.98
C ASN F 88 74.68 55.31 10.47
N GLU F 89 75.94 55.39 10.08
CA GLU F 89 76.33 55.33 8.67
C GLU F 89 76.11 53.96 8.03
N GLN F 90 76.14 52.91 8.85
CA GLN F 90 76.03 51.54 8.33
C GLN F 90 74.58 51.21 8.00
N ASN F 91 73.68 51.43 8.94
CA ASN F 91 72.28 51.10 8.73
C ASN F 91 71.42 52.16 8.02
N ARG F 92 71.89 53.41 8.00
CA ARG F 92 71.15 54.55 7.44
C ARG F 92 69.68 54.58 7.89
N LEU F 93 69.43 54.23 9.15
CA LEU F 93 68.06 54.08 9.66
C LEU F 93 67.21 55.34 9.50
N LEU F 94 67.75 56.48 9.91
CA LEU F 94 67.04 57.75 9.86
C LEU F 94 66.69 58.14 8.42
N GLN F 95 67.54 57.76 7.47
CA GLN F 95 67.28 57.96 6.05
C GLN F 95 66.23 57.00 5.48
N SER F 96 65.93 55.92 6.20
CA SER F 96 65.14 54.79 5.69
C SER F 96 63.68 54.78 6.17
N LEU F 97 63.22 55.91 6.69
CA LEU F 97 61.87 56.04 7.21
C LEU F 97 61.22 57.24 6.54
N PRO F 98 59.89 57.22 6.36
CA PRO F 98 59.19 58.38 5.81
C PRO F 98 59.08 59.51 6.83
N ILE F 99 60.20 60.17 7.09
CA ILE F 99 60.26 61.27 8.05
C ILE F 99 60.95 62.50 7.44
N ASP F 100 60.60 63.68 7.93
CA ASP F 100 61.21 64.94 7.50
C ASP F 100 62.26 65.30 8.57
N ARG F 101 63.45 65.74 8.15
CA ARG F 101 64.45 66.22 9.11
C ARG F 101 65.04 67.57 8.70
N HIS F 102 65.54 68.31 9.69
CA HIS F 102 66.31 69.52 9.44
C HIS F 102 67.76 69.13 9.18
N MET F 103 68.24 69.46 7.99
CA MET F 103 69.58 69.07 7.52
C MET F 103 70.20 70.21 6.73
N PRO F 104 71.55 70.29 6.69
CA PRO F 104 72.21 71.27 5.83
C PRO F 104 72.06 70.97 4.32
N TYR F 105 71.72 69.74 3.98
CA TYR F 105 71.61 69.33 2.57
C TYR F 105 70.33 68.56 2.29
N ILE F 106 69.94 68.55 1.02
CA ILE F 106 68.83 67.72 0.56
C ILE F 106 69.33 66.28 0.55
N GLN F 107 68.63 65.43 1.31
CA GLN F 107 68.99 64.04 1.44
C GLN F 107 69.01 63.36 0.08
N VAL F 108 70.09 62.66 -0.20
CA VAL F 108 70.24 61.89 -1.43
C VAL F 108 70.12 60.39 -1.10
N HIS F 109 69.31 59.68 -1.89
CA HIS F 109 69.14 58.24 -1.74
C HIS F 109 69.58 57.51 -3.01
N ARG F 110 69.84 56.21 -2.85
CA ARG F 110 70.18 55.34 -3.95
C ARG F 110 68.95 54.52 -4.31
N ALA F 111 68.61 54.48 -5.60
CA ALA F 111 67.55 53.61 -6.08
C ALA F 111 68.04 52.16 -6.06
N LEU F 112 67.10 51.22 -5.99
CA LEU F 112 67.41 49.80 -6.14
C LEU F 112 67.98 49.53 -7.53
N SER F 113 68.95 48.61 -7.60
CA SER F 113 69.67 48.30 -8.83
C SER F 113 68.75 47.96 -10.00
N GLU F 114 67.60 47.40 -9.66
CA GLU F 114 66.61 46.88 -10.61
C GLU F 114 65.66 47.98 -11.13
N MET F 115 65.70 49.14 -10.49
CA MET F 115 64.85 50.26 -10.90
C MET F 115 65.42 50.97 -12.12
N ASP F 116 64.51 51.50 -12.94
CA ASP F 116 64.87 52.35 -14.08
C ASP F 116 63.82 53.44 -14.28
N LEU F 117 64.05 54.32 -15.25
CA LEU F 117 63.12 55.41 -15.51
C LEU F 117 62.81 55.49 -17.01
N THR F 118 62.02 54.54 -17.47
CA THR F 118 61.71 54.40 -18.89
C THR F 118 60.26 54.72 -19.23
N ASP F 119 59.34 54.41 -18.32
CA ASP F 119 57.92 54.66 -18.52
C ASP F 119 57.20 55.07 -17.22
N THR F 120 55.90 55.32 -17.34
CA THR F 120 55.07 55.74 -16.20
C THR F 120 55.07 54.73 -15.05
N THR F 121 55.01 53.43 -15.36
CA THR F 121 55.00 52.40 -14.32
C THR F 121 56.31 52.35 -13.51
N SER F 122 57.44 52.42 -14.21
CA SER F 122 58.76 52.45 -13.56
C SER F 122 58.95 53.72 -12.72
N MET F 123 58.36 54.82 -13.17
CA MET F 123 58.40 56.08 -12.45
C MET F 123 57.57 56.00 -11.18
N ARG F 124 56.36 55.45 -11.29
CA ARG F 124 55.49 55.20 -10.15
C ARG F 124 56.13 54.23 -9.17
N ASN F 125 56.88 53.26 -9.70
CA ASN F 125 57.61 52.29 -8.88
C ASN F 125 58.69 52.96 -8.03
N LEU F 126 59.46 53.87 -8.64
CA LEU F 126 60.49 54.61 -7.93
C LEU F 126 59.91 55.49 -6.81
N LEU F 127 58.85 56.23 -7.12
CA LEU F 127 58.17 57.03 -6.10
C LEU F 127 57.60 56.16 -4.96
N GLY F 128 57.15 54.95 -5.29
CA GLY F 128 56.67 54.01 -4.28
C GLY F 128 57.73 53.69 -3.24
N PHE F 129 58.99 53.69 -3.69
CA PHE F 129 60.16 53.46 -2.86
C PHE F 129 60.55 54.73 -2.11
N THR F 130 60.66 55.85 -2.82
CA THR F 130 61.18 57.09 -2.22
C THR F 130 60.24 57.70 -1.19
N SER F 131 58.95 57.43 -1.36
CA SER F 131 57.91 57.83 -0.41
C SER F 131 58.08 57.22 0.98
N LYS F 132 58.95 56.21 1.09
CA LYS F 132 59.22 55.56 2.37
C LYS F 132 60.58 55.97 2.94
N LEU F 133 61.26 56.88 2.26
CA LEU F 133 62.59 57.34 2.69
C LEU F 133 62.56 58.79 3.17
N SER F 134 63.63 59.23 3.84
CA SER F 134 63.64 60.54 4.47
C SER F 134 63.69 61.71 3.47
N THR F 135 63.28 62.88 3.95
CA THR F 135 63.33 64.11 3.17
C THR F 135 63.94 65.20 4.04
N THR F 136 64.39 66.26 3.41
CA THR F 136 64.97 67.39 4.12
C THR F 136 63.97 68.54 4.07
N LEU F 137 63.63 69.08 5.24
CA LEU F 137 62.72 70.22 5.35
C LEU F 137 63.29 71.44 4.65
N ILE F 138 62.45 72.12 3.89
CA ILE F 138 62.88 73.26 3.07
C ILE F 138 62.05 74.49 3.39
N PRO F 139 62.71 75.65 3.54
CA PRO F 139 61.96 76.88 3.82
C PRO F 139 61.39 77.47 2.54
N HIS F 140 60.30 78.22 2.66
CA HIS F 140 59.77 79.00 1.54
C HIS F 140 59.91 80.48 1.85
N ASN F 141 59.77 81.31 0.82
CA ASN F 141 59.59 82.74 1.00
C ASN F 141 58.20 83.10 0.48
N ALA F 142 57.88 84.40 0.45
CA ALA F 142 56.53 84.82 0.05
C ALA F 142 56.19 84.51 -1.42
N GLN F 143 57.20 84.26 -2.25
CA GLN F 143 56.97 83.85 -3.65
C GLN F 143 56.77 82.34 -3.84
N THR F 144 57.56 81.54 -3.14
CA THR F 144 57.49 80.09 -3.29
C THR F 144 56.44 79.42 -2.40
N ASP F 145 56.00 80.12 -1.36
CA ASP F 145 54.97 79.63 -0.45
C ASP F 145 53.72 79.21 -1.25
N PRO F 146 53.41 77.90 -1.27
CA PRO F 146 52.24 77.34 -1.96
C PRO F 146 50.93 77.98 -1.54
N LEU F 147 50.91 78.52 -0.32
CA LEU F 147 49.70 79.15 0.22
C LEU F 147 49.76 80.67 0.28
N SER F 148 50.80 81.27 -0.28
CA SER F 148 50.79 82.71 -0.45
C SER F 148 50.05 83.01 -1.75
N GLY F 149 49.98 84.27 -2.13
CA GLY F 149 49.37 84.61 -3.42
C GLY F 149 47.89 84.83 -3.31
N PRO F 150 47.24 85.16 -4.44
CA PRO F 150 45.87 85.64 -4.39
C PRO F 150 44.82 84.54 -4.25
N THR F 151 45.17 83.30 -4.57
CA THR F 151 44.20 82.19 -4.63
C THR F 151 44.71 80.87 -4.01
N PRO F 152 45.12 80.89 -2.73
CA PRO F 152 45.65 79.68 -2.11
C PRO F 152 44.61 78.54 -2.09
N PHE F 153 45.05 77.33 -2.42
CA PHE F 153 44.18 76.13 -2.51
C PHE F 153 43.11 76.16 -3.61
N SER F 154 43.12 77.19 -4.45
CA SER F 154 42.07 77.36 -5.48
C SER F 154 41.92 76.18 -6.46
N SER F 155 43.05 75.56 -6.83
CA SER F 155 43.07 74.52 -7.85
C SER F 155 42.83 73.11 -7.31
N ILE F 156 42.59 72.96 -6.01
CA ILE F 156 42.58 71.62 -5.40
C ILE F 156 41.54 70.63 -5.96
N PHE F 157 40.36 71.11 -6.35
CA PHE F 157 39.33 70.21 -6.83
C PHE F 157 39.64 69.74 -8.25
N MET F 158 40.12 70.64 -9.08
CA MET F 158 40.61 70.25 -10.41
C MET F 158 41.83 69.35 -10.28
N ASP F 159 42.70 69.64 -9.31
CA ASP F 159 43.89 68.83 -9.04
C ASP F 159 43.49 67.42 -8.62
N THR F 160 42.49 67.33 -7.74
CA THR F 160 41.96 66.04 -7.29
C THR F 160 41.37 65.25 -8.47
N CYS F 161 40.65 65.93 -9.36
CA CYS F 161 40.08 65.25 -10.54
C CYS F 161 41.14 64.76 -11.53
N ARG F 162 42.23 65.51 -11.68
CA ARG F 162 43.36 65.08 -12.48
C ARG F 162 44.10 63.90 -11.82
N GLY F 163 44.16 63.92 -10.49
CA GLY F 163 44.97 62.95 -9.74
C GLY F 163 44.31 61.61 -9.47
N LEU F 164 43.04 61.63 -9.07
CA LEU F 164 42.33 60.39 -8.73
C LEU F 164 42.24 59.46 -9.95
N GLY F 165 42.60 58.20 -9.75
CA GLY F 165 42.65 57.22 -10.83
C GLY F 165 44.04 57.01 -11.39
N ASN F 166 44.93 57.95 -11.10
CA ASN F 166 46.32 57.88 -11.56
C ASN F 166 47.23 58.30 -10.43
N ALA F 167 46.93 57.82 -9.23
CA ALA F 167 47.72 58.13 -8.06
C ALA F 167 47.86 56.86 -7.25
N LYS F 168 48.87 56.81 -6.41
CA LYS F 168 48.97 55.79 -5.39
C LYS F 168 48.35 56.40 -4.14
N LEU F 169 47.32 55.75 -3.60
CA LEU F 169 46.58 56.28 -2.46
C LEU F 169 46.46 55.23 -1.37
N SER F 170 46.87 55.62 -0.17
CA SER F 170 46.79 54.77 1.00
C SER F 170 45.98 55.47 2.08
N LEU F 171 44.98 54.77 2.58
CA LEU F 171 44.12 55.28 3.64
C LEU F 171 44.23 54.31 4.81
N ASN F 172 44.79 54.77 5.92
CA ASN F 172 45.11 53.91 7.06
C ASN F 172 45.83 52.62 6.67
N GLY F 173 46.78 52.74 5.73
CA GLY F 173 47.55 51.58 5.27
C GLY F 173 46.83 50.66 4.31
N VAL F 174 45.62 51.06 3.87
CA VAL F 174 44.84 50.31 2.90
C VAL F 174 45.01 50.94 1.52
N ASP F 175 45.54 50.17 0.57
CA ASP F 175 45.70 50.67 -0.79
C ASP F 175 44.32 50.88 -1.43
N ILE F 176 44.13 52.06 -2.04
CA ILE F 176 42.91 52.39 -2.76
C ILE F 176 43.22 52.30 -4.26
N PRO F 177 42.74 51.23 -4.94
CA PRO F 177 43.09 51.06 -6.35
C PRO F 177 42.40 52.10 -7.24
N ALA F 178 42.87 52.23 -8.47
CA ALA F 178 42.40 53.23 -9.42
C ALA F 178 40.87 53.26 -9.57
N ASN F 179 40.23 52.10 -9.62
CA ASN F 179 38.77 52.06 -9.76
C ASN F 179 38.03 52.54 -8.50
N ALA F 180 38.58 52.24 -7.34
CA ALA F 180 38.03 52.76 -6.08
C ALA F 180 38.27 54.27 -5.96
N GLN F 181 39.34 54.76 -6.57
CA GLN F 181 39.61 56.19 -6.62
C GLN F 181 38.58 56.89 -7.50
N MET F 182 38.15 56.24 -8.58
CA MET F 182 37.07 56.81 -9.42
C MET F 182 35.74 56.83 -8.68
N LEU F 183 35.46 55.76 -7.92
CA LEU F 183 34.33 55.73 -7.00
C LEU F 183 34.42 56.91 -6.02
N LEU F 184 35.61 57.13 -5.48
CA LEU F 184 35.84 58.21 -4.52
C LEU F 184 35.57 59.58 -5.15
N ARG F 185 36.04 59.77 -6.38
CA ARG F 185 35.72 60.98 -7.14
C ARG F 185 34.20 61.23 -7.24
N ASP F 186 33.45 60.20 -7.65
CA ASP F 186 31.99 60.27 -7.72
C ASP F 186 31.37 60.60 -6.36
N ALA F 187 31.85 59.90 -5.33
CA ALA F 187 31.39 60.08 -3.95
C ALA F 187 31.51 61.52 -3.45
N LEU F 188 32.53 62.23 -3.93
CA LEU F 188 32.77 63.61 -3.57
C LEU F 188 31.85 64.59 -4.29
N GLY F 189 31.17 64.11 -5.34
CA GLY F 189 30.33 64.95 -6.17
C GLY F 189 31.07 65.47 -7.39
N LEU F 190 32.26 64.91 -7.63
CA LEU F 190 33.17 65.41 -8.66
C LEU F 190 33.17 64.62 -9.99
N LYS F 191 32.18 63.76 -10.20
CA LYS F 191 32.14 62.85 -11.35
C LYS F 191 32.35 63.62 -12.66
N ASP F 192 31.44 64.53 -12.98
CA ASP F 192 31.49 65.24 -14.26
C ASP F 192 31.15 66.74 -14.26
N THR F 193 29.85 67.05 -14.16
CA THR F 193 29.36 68.42 -14.24
C THR F 193 29.94 69.36 -13.17
N HIS F 194 29.94 68.93 -11.92
CA HIS F 194 30.36 69.80 -10.82
C HIS F 194 31.86 69.79 -10.59
N SER F 195 32.43 70.98 -10.42
CA SER F 195 33.88 71.16 -10.31
C SER F 195 34.35 71.45 -8.88
N SER F 196 33.44 71.35 -7.92
CA SER F 196 33.79 71.33 -6.50
C SER F 196 32.80 70.42 -5.76
N PRO F 197 33.16 69.92 -4.55
CA PRO F 197 32.34 68.91 -3.90
C PRO F 197 30.92 69.38 -3.58
N SER F 198 29.99 68.44 -3.50
CA SER F 198 28.61 68.78 -3.14
C SER F 198 28.55 69.24 -1.69
N ARG F 199 27.63 70.16 -1.42
CA ARG F 199 27.37 70.65 -0.05
C ARG F 199 27.19 69.52 0.96
N ASN F 200 26.45 68.49 0.58
CA ASN F 200 26.19 67.35 1.45
C ASN F 200 27.47 66.67 1.93
N VAL F 201 28.41 66.47 1.01
CA VAL F 201 29.68 65.84 1.35
C VAL F 201 30.50 66.75 2.24
N ILE F 202 30.48 68.05 1.94
CA ILE F 202 31.20 69.04 2.74
C ILE F 202 30.70 69.03 4.19
N ASP F 203 29.37 68.95 4.35
CA ASP F 203 28.76 69.04 5.67
C ASP F 203 28.71 67.72 6.43
N HIS F 204 28.52 66.61 5.72
CA HIS F 204 28.32 65.30 6.36
C HIS F 204 29.33 64.21 5.99
N GLY F 205 30.25 64.52 5.08
CA GLY F 205 31.22 63.52 4.60
C GLY F 205 30.64 62.62 3.53
N ILE F 206 31.48 61.71 2.99
CA ILE F 206 31.06 60.63 2.09
C ILE F 206 29.96 59.80 2.78
N SER F 207 28.92 59.44 2.04
CA SER F 207 27.85 58.59 2.59
C SER F 207 28.39 57.21 2.97
N ARG F 208 27.78 56.60 3.99
CA ARG F 208 28.24 55.31 4.48
C ARG F 208 28.21 54.24 3.39
N HIS F 209 27.14 54.25 2.58
CA HIS F 209 27.03 53.34 1.45
C HIS F 209 28.19 53.52 0.47
N ASP F 210 28.48 54.77 0.11
CA ASP F 210 29.57 55.07 -0.80
C ASP F 210 30.93 54.65 -0.23
N ALA F 211 31.12 54.91 1.06
CA ALA F 211 32.36 54.56 1.75
C ALA F 211 32.60 53.04 1.78
N GLU F 212 31.54 52.28 2.06
CA GLU F 212 31.65 50.82 2.12
C GLU F 212 31.98 50.25 0.74
N GLN F 213 31.36 50.80 -0.31
CA GLN F 213 31.67 50.39 -1.68
C GLN F 213 33.14 50.61 -2.03
N ILE F 214 33.67 51.77 -1.64
CA ILE F 214 35.09 52.09 -1.87
C ILE F 214 36.01 51.14 -1.11
N ALA F 215 35.74 50.95 0.17
CA ALA F 215 36.51 50.03 1.01
C ALA F 215 36.48 48.60 0.46
N ARG F 216 35.30 48.15 0.04
CA ARG F 216 35.11 46.80 -0.52
C ARG F 216 36.03 46.55 -1.70
N GLU F 217 36.29 47.61 -2.45
CA GLU F 217 37.06 47.55 -3.69
C GLU F 217 38.56 47.65 -3.42
N SER F 218 38.92 47.98 -2.18
CA SER F 218 40.30 48.29 -1.79
C SER F 218 41.08 47.11 -1.20
N SER F 219 42.34 47.35 -0.91
CA SER F 219 43.22 46.30 -0.55
C SER F 219 43.86 46.46 0.78
N GLY F 220 43.28 45.75 1.73
CA GLY F 220 43.75 45.71 3.08
C GLY F 220 42.97 44.80 3.99
N SER F 221 43.41 44.79 5.22
CA SER F 221 42.80 44.00 6.22
C SER F 221 41.41 44.47 6.48
N ASP F 222 40.59 43.54 6.95
CA ASP F 222 39.22 43.80 7.41
C ASP F 222 39.10 44.84 8.51
N ASN F 223 40.06 44.86 9.43
CA ASN F 223 40.04 45.84 10.50
C ASN F 223 40.36 47.26 10.03
N GLN F 224 41.37 47.42 9.17
CA GLN F 224 41.65 48.76 8.62
C GLN F 224 40.71 49.20 7.49
N LYS F 225 40.03 48.27 6.83
CA LYS F 225 38.93 48.59 5.91
C LYS F 225 37.77 49.23 6.65
N ALA F 226 37.46 48.71 7.85
CA ALA F 226 36.50 49.34 8.74
C ALA F 226 36.98 50.73 9.20
N GLU F 227 38.28 50.87 9.41
CA GLU F 227 38.89 52.18 9.72
C GLU F 227 38.72 53.16 8.55
N VAL F 228 38.89 52.66 7.34
CA VAL F 228 38.73 53.45 6.11
C VAL F 228 37.29 53.95 5.95
N VAL F 229 36.32 53.05 6.12
CA VAL F 229 34.90 53.43 6.09
C VAL F 229 34.64 54.55 7.11
N GLU F 230 35.12 54.34 8.34
CA GLU F 230 34.89 55.31 9.39
C GLU F 230 35.53 56.67 9.08
N PHE F 231 36.76 56.63 8.59
CA PHE F 231 37.45 57.85 8.14
C PHE F 231 36.68 58.59 7.04
N LEU F 232 36.23 57.84 6.02
CA LEU F 232 35.57 58.42 4.85
C LEU F 232 34.24 59.15 5.19
N CYS F 233 33.57 58.70 6.24
CA CYS F 233 32.32 59.30 6.69
C CYS F 233 32.47 60.62 7.45
N HIS F 234 33.71 61.03 7.70
CA HIS F 234 34.00 62.34 8.29
C HIS F 234 33.99 63.41 7.19
N PRO F 235 33.43 64.60 7.48
CA PRO F 235 33.58 65.73 6.57
C PRO F 235 35.06 66.04 6.33
N GLU F 236 35.87 65.87 7.38
CA GLU F 236 37.32 66.11 7.31
C GLU F 236 38.04 65.21 6.32
N ALA F 237 37.45 64.06 6.00
CA ALA F 237 38.00 63.17 4.97
C ALA F 237 38.06 63.85 3.60
N ALA F 238 36.99 64.55 3.23
CA ALA F 238 36.97 65.32 1.98
C ALA F 238 38.06 66.41 1.99
N THR F 239 38.19 67.08 3.14
CA THR F 239 39.25 68.07 3.35
C THR F 239 40.64 67.47 3.13
N ALA F 240 40.89 66.32 3.75
CA ALA F 240 42.19 65.65 3.67
C ALA F 240 42.53 65.20 2.25
N ILE F 241 41.56 64.55 1.59
CA ILE F 241 41.76 63.99 0.27
C ILE F 241 42.01 65.07 -0.80
N CYS F 242 41.14 66.07 -0.86
CA CYS F 242 41.27 67.13 -1.86
C CYS F 242 42.52 67.99 -1.68
N SER F 243 42.81 68.38 -0.44
CA SER F 243 44.01 69.19 -0.18
C SER F 243 45.27 68.43 -0.55
N ALA F 244 45.27 67.12 -0.36
CA ALA F 244 46.45 66.30 -0.63
C ALA F 244 46.96 66.42 -2.08
N PHE F 245 46.05 66.68 -3.01
CA PHE F 245 46.38 66.78 -4.44
C PHE F 245 46.86 68.17 -4.91
N TYR F 246 46.93 69.13 -4.00
CA TYR F 246 47.33 70.51 -4.35
C TYR F 246 48.65 70.52 -5.11
N GLN F 247 48.59 70.99 -6.36
CA GLN F 247 49.72 70.93 -7.28
C GLN F 247 50.86 71.85 -6.87
N SER F 248 50.53 72.92 -6.15
CA SER F 248 51.51 73.94 -5.80
C SER F 248 52.37 73.58 -4.59
N PHE F 249 52.08 72.45 -3.94
CA PHE F 249 52.85 71.99 -2.79
C PHE F 249 54.35 71.85 -3.08
N ASN F 250 54.70 71.48 -4.31
CA ASN F 250 56.12 71.26 -4.60
C ASN F 250 56.88 72.45 -5.21
N VAL F 251 56.26 73.63 -5.20
CA VAL F 251 56.94 74.82 -5.72
C VAL F 251 58.29 75.09 -5.00
N PRO F 252 58.33 75.06 -3.65
CA PRO F 252 59.65 75.25 -3.03
C PRO F 252 60.69 74.25 -3.51
N ALA F 253 60.31 72.98 -3.66
CA ALA F 253 61.21 71.93 -4.11
C ALA F 253 61.64 72.11 -5.57
N LEU F 254 60.69 72.45 -6.43
CA LEU F 254 61.00 72.71 -7.84
C LEU F 254 61.95 73.89 -8.01
N THR F 255 61.78 74.91 -7.16
CA THR F 255 62.59 76.12 -7.24
C THR F 255 64.04 75.82 -6.91
N LEU F 256 64.24 74.98 -5.90
CA LEU F 256 65.56 74.58 -5.44
C LEU F 256 66.30 73.71 -6.46
N THR F 257 65.54 72.88 -7.17
CA THR F 257 66.12 71.83 -8.01
C THR F 257 65.90 72.14 -9.49
N HIS F 258 65.72 73.43 -9.81
CA HIS F 258 65.35 73.86 -11.15
C HIS F 258 66.32 73.42 -12.24
N GLU F 259 67.62 73.47 -11.95
CA GLU F 259 68.64 73.12 -12.94
C GLU F 259 68.58 71.66 -13.37
N ARG F 260 68.51 70.75 -12.40
CA ARG F 260 68.49 69.33 -12.72
C ARG F 260 67.14 68.86 -13.26
N ILE F 261 66.07 69.58 -12.92
CA ILE F 261 64.76 69.36 -13.55
C ILE F 261 64.85 69.75 -15.03
N SER F 262 65.44 70.91 -15.31
CA SER F 262 65.64 71.39 -16.68
C SER F 262 66.47 70.41 -17.51
N LYS F 263 67.55 69.90 -16.92
CA LYS F 263 68.42 68.94 -17.59
C LYS F 263 67.66 67.68 -17.99
N ALA F 264 66.77 67.22 -17.10
CA ALA F 264 65.90 66.08 -17.38
C ALA F 264 65.01 66.32 -18.60
N SER F 265 64.31 67.45 -18.64
CA SER F 265 63.46 67.83 -19.77
C SER F 265 64.21 67.95 -21.10
N GLU F 266 65.43 68.47 -21.03
CA GLU F 266 66.26 68.71 -22.21
C GLU F 266 66.92 67.43 -22.72
N TYR F 267 67.05 66.44 -21.84
CA TYR F 267 67.65 65.15 -22.19
C TYR F 267 66.70 64.30 -23.03
N ASN F 268 65.47 64.15 -22.58
CA ASN F 268 64.50 63.32 -23.30
C ASN F 268 63.46 64.10 -24.13
N ALA F 269 63.98 64.99 -24.97
CA ALA F 269 63.15 65.79 -25.87
C ALA F 269 63.43 65.42 -27.33
N PRO F 276 54.95 60.63 -17.83
CA PRO F 276 54.23 61.73 -17.21
C PRO F 276 55.18 62.78 -16.63
N ASN F 277 54.67 64.00 -16.44
CA ASN F 277 55.46 65.11 -15.89
C ASN F 277 55.73 64.92 -14.40
N ALA F 278 54.81 64.24 -13.72
CA ALA F 278 54.91 63.98 -12.28
C ALA F 278 53.92 62.88 -11.87
N CYS F 279 54.29 62.11 -10.84
CA CYS F 279 53.34 61.17 -10.27
C CYS F 279 53.14 61.40 -8.77
N ILE F 280 52.06 60.82 -8.26
CA ILE F 280 51.55 61.14 -6.95
C ILE F 280 51.43 59.89 -6.09
N ASN F 281 51.82 60.03 -4.84
CA ASN F 281 51.74 58.95 -3.87
C ASN F 281 51.38 59.57 -2.53
N ILE F 282 50.17 59.26 -2.06
CA ILE F 282 49.59 59.88 -0.89
C ILE F 282 49.28 58.85 0.19
N SER F 283 49.62 59.20 1.43
CA SER F 283 49.19 58.41 2.59
C SER F 283 48.43 59.31 3.53
N ILE F 284 47.21 58.89 3.88
CA ILE F 284 46.42 59.57 4.89
C ILE F 284 46.10 58.53 5.96
N SER F 285 46.24 58.91 7.23
CA SER F 285 45.82 58.05 8.33
C SER F 285 45.09 58.83 9.41
N GLN F 286 44.04 58.21 9.94
CA GLN F 286 43.36 58.71 11.13
C GLN F 286 43.70 57.78 12.27
N SER F 287 44.34 58.34 13.29
CA SER F 287 44.78 57.59 14.47
C SER F 287 43.59 57.09 15.29
N SER F 288 43.84 56.16 16.22
CA SER F 288 42.79 55.63 17.08
C SER F 288 42.18 56.73 17.98
N ASP F 289 42.93 57.81 18.19
CA ASP F 289 42.43 58.98 18.92
C ASP F 289 41.71 60.00 18.01
N GLY F 290 41.62 59.68 16.71
CA GLY F 290 40.85 60.50 15.78
C GLY F 290 41.62 61.56 15.01
N ASN F 291 42.93 61.59 15.17
CA ASN F 291 43.78 62.58 14.51
C ASN F 291 44.09 62.21 13.06
N ILE F 292 43.71 63.10 12.14
CA ILE F 292 43.95 62.90 10.71
C ILE F 292 45.26 63.53 10.30
N TYR F 293 46.11 62.73 9.67
CA TYR F 293 47.40 63.20 9.19
C TYR F 293 47.57 62.85 7.73
N VAL F 294 47.97 63.81 6.91
CA VAL F 294 48.28 63.53 5.50
C VAL F 294 49.75 63.73 5.16
N THR F 295 50.25 62.80 4.38
CA THR F 295 51.57 62.90 3.83
C THR F 295 51.47 62.65 2.34
N SER F 296 51.65 63.72 1.58
CA SER F 296 51.45 63.71 0.15
C SER F 296 52.80 63.80 -0.56
N HIS F 297 53.04 62.91 -1.52
CA HIS F 297 54.31 62.91 -2.23
C HIS F 297 54.09 63.13 -3.72
N THR F 298 54.94 63.96 -4.31
CA THR F 298 55.04 64.10 -5.76
C THR F 298 56.47 63.81 -6.21
N GLY F 299 56.58 63.01 -7.26
CA GLY F 299 57.87 62.63 -7.82
C GLY F 299 58.03 63.25 -9.19
N VAL F 300 59.20 63.84 -9.44
CA VAL F 300 59.49 64.54 -10.67
C VAL F 300 60.89 64.11 -11.12
N LEU F 301 61.07 63.95 -12.43
CA LEU F 301 62.36 63.54 -12.99
C LEU F 301 63.43 64.65 -12.92
N ILE F 302 64.65 64.24 -12.56
CA ILE F 302 65.80 65.15 -12.51
C ILE F 302 67.00 64.42 -13.09
N MET F 303 67.98 65.18 -13.54
CA MET F 303 69.18 64.58 -14.07
C MET F 303 70.41 65.41 -13.72
N ALA F 304 71.41 64.75 -13.17
CA ALA F 304 72.70 65.39 -12.83
C ALA F 304 73.47 65.74 -14.09
N PRO F 305 74.41 66.70 -13.99
CA PRO F 305 75.24 67.04 -15.16
C PRO F 305 76.06 65.86 -15.66
N GLU F 306 76.45 65.92 -16.93
CA GLU F 306 77.18 64.84 -17.62
C GLU F 306 78.50 64.50 -16.95
N ASP F 307 79.24 65.54 -16.54
CA ASP F 307 80.55 65.37 -15.90
C ASP F 307 80.42 65.22 -14.38
N ARG F 308 79.23 64.83 -13.94
CA ARG F 308 78.95 64.52 -12.55
C ARG F 308 78.63 63.02 -12.48
N PRO F 309 79.04 62.33 -11.39
CA PRO F 309 78.92 60.86 -11.27
C PRO F 309 77.52 60.28 -11.52
N ASN F 310 76.49 60.88 -10.92
CA ASN F 310 75.10 60.42 -11.12
C ASN F 310 74.53 60.86 -12.47
N GLU F 311 73.44 60.22 -12.88
CA GLU F 311 72.67 60.71 -14.04
C GLU F 311 71.18 61.00 -13.85
N MET F 312 70.33 59.98 -14.07
CA MET F 312 68.89 60.18 -14.05
C MET F 312 68.41 59.87 -12.63
N GLY F 313 67.41 60.62 -12.17
CA GLY F 313 66.86 60.40 -10.84
C GLY F 313 65.48 61.01 -10.62
N MET F 314 65.05 60.98 -9.36
CA MET F 314 63.76 61.52 -8.96
C MET F 314 63.88 62.51 -7.80
N LEU F 315 63.28 63.68 -7.97
CA LEU F 315 63.04 64.61 -6.88
C LEU F 315 61.71 64.25 -6.23
N THR F 316 61.75 63.94 -4.94
CA THR F 316 60.53 63.64 -4.19
C THR F 316 60.24 64.79 -3.24
N ASN F 317 59.06 65.38 -3.40
CA ASN F 317 58.57 66.36 -2.46
C ASN F 317 57.59 65.70 -1.52
N ARG F 318 57.79 65.92 -0.22
CA ARG F 318 56.84 65.43 0.77
C ARG F 318 56.17 66.64 1.43
N THR F 319 54.84 66.60 1.48
CA THR F 319 54.07 67.62 2.19
C THR F 319 53.28 66.94 3.32
N SER F 320 53.48 67.41 4.55
CA SER F 320 52.88 66.76 5.73
C SER F 320 52.08 67.77 6.53
N TYR F 321 50.89 67.35 6.97
CA TYR F 321 50.06 68.21 7.81
C TYR F 321 48.92 67.43 8.47
N GLU F 322 48.54 67.92 9.64
CA GLU F 322 47.33 67.50 10.30
C GLU F 322 46.13 68.17 9.63
N VAL F 323 45.03 67.45 9.52
CA VAL F 323 43.73 68.05 9.22
C VAL F 323 42.95 68.05 10.52
N PRO F 324 42.89 69.20 11.22
CA PRO F 324 42.21 69.26 12.51
C PRO F 324 40.73 68.97 12.39
N GLN F 325 40.13 68.49 13.48
CA GLN F 325 38.70 68.24 13.54
C GLN F 325 37.92 69.54 13.30
N GLY F 326 36.83 69.44 12.56
CA GLY F 326 35.96 70.59 12.31
C GLY F 326 36.35 71.41 11.08
N VAL F 327 37.46 71.06 10.44
CA VAL F 327 37.89 71.78 9.24
C VAL F 327 37.26 71.14 8.01
N LYS F 328 36.25 71.80 7.47
CA LYS F 328 35.49 71.27 6.34
C LYS F 328 36.11 71.67 4.99
N CYS F 329 35.67 70.98 3.95
CA CYS F 329 36.29 71.06 2.64
C CYS F 329 35.83 72.28 1.86
N THR F 330 36.10 73.47 2.41
CA THR F 330 35.88 74.74 1.73
C THR F 330 37.16 75.57 1.80
N ILE F 331 37.42 76.30 0.72
CA ILE F 331 38.67 77.04 0.54
C ILE F 331 39.07 77.87 1.77
N ASP F 332 38.18 78.73 2.25
CA ASP F 332 38.51 79.63 3.37
C ASP F 332 38.84 78.90 4.67
N GLU F 333 38.14 77.79 4.92
CA GLU F 333 38.40 76.94 6.08
C GLU F 333 39.80 76.32 6.01
N MET F 334 40.17 75.86 4.83
CA MET F 334 41.42 75.16 4.64
C MET F 334 42.63 76.10 4.69
N VAL F 335 42.45 77.30 4.13
CA VAL F 335 43.48 78.32 4.17
C VAL F 335 43.69 78.80 5.61
N ARG F 336 42.61 79.01 6.35
CA ARG F 336 42.69 79.36 7.76
C ARG F 336 43.39 78.28 8.61
N ALA F 337 43.02 77.02 8.43
CA ALA F 337 43.38 75.96 9.39
C ALA F 337 44.57 75.08 9.04
N LEU F 338 44.82 74.85 7.75
CA LEU F 338 45.85 73.89 7.38
C LEU F 338 47.24 74.50 7.33
N GLN F 339 48.22 73.79 7.88
CA GLN F 339 49.59 74.28 7.94
C GLN F 339 50.55 73.21 7.41
N PRO F 340 50.70 73.13 6.09
CA PRO F 340 51.56 72.12 5.50
C PRO F 340 53.02 72.45 5.72
N ARG F 341 53.86 71.44 5.79
CA ARG F 341 55.30 71.67 5.73
C ARG F 341 55.89 70.89 4.57
N TYR F 342 57.04 71.34 4.10
CA TYR F 342 57.58 70.89 2.83
C TYR F 342 59.00 70.37 3.01
N ALA F 343 59.29 69.26 2.35
CA ALA F 343 60.58 68.60 2.47
C ALA F 343 60.89 67.85 1.17
N ALA F 344 62.16 67.62 0.89
CA ALA F 344 62.55 66.98 -0.38
C ALA F 344 63.73 66.05 -0.27
N SER F 345 63.79 65.10 -1.20
CA SER F 345 64.93 64.23 -1.38
C SER F 345 65.23 64.08 -2.88
N GLU F 346 66.46 63.67 -3.19
CA GLU F 346 66.84 63.29 -4.54
C GLU F 346 67.28 61.84 -4.50
N THR F 347 66.76 61.03 -5.41
CA THR F 347 67.12 59.61 -5.50
C THR F 347 67.55 59.27 -6.92
N TYR F 348 68.75 58.71 -7.05
CA TYR F 348 69.34 58.46 -8.35
C TYR F 348 69.45 56.97 -8.64
N LEU F 349 69.26 56.61 -9.91
CA LEU F 349 69.53 55.26 -10.39
C LEU F 349 71.04 55.03 -10.34
N GLN F 350 71.38 53.76 -10.11
CA GLN F 350 72.70 53.09 -10.28
C GLN F 350 73.40 53.11 -11.64
N ASN F 351 74.73 53.33 -11.71
CA ASN F 351 75.42 53.19 -13.01
C ASN F 351 74.86 54.10 -14.10
N MET G 2 -4.55 18.01 26.96
CA MET G 2 -4.48 18.49 28.38
C MET G 2 -3.13 18.18 29.02
N SER G 3 -2.60 19.15 29.77
CA SER G 3 -1.42 18.93 30.60
C SER G 3 -1.87 18.11 31.81
N CYS G 4 -0.91 17.49 32.50
CA CYS G 4 -1.20 16.64 33.66
C CYS G 4 -1.97 17.36 34.78
N ALA G 5 -1.62 18.62 35.04
CA ALA G 5 -2.27 19.38 36.10
C ALA G 5 -3.75 19.61 35.83
N GLU G 6 -4.10 19.96 34.59
CA GLU G 6 -5.50 20.21 34.27
C GLU G 6 -6.38 18.96 34.23
N LYS G 7 -5.79 17.80 33.91
CA LYS G 7 -6.57 16.57 34.01
C LYS G 7 -6.75 16.06 35.45
N LEU G 8 -5.75 16.29 36.29
CA LEU G 8 -5.92 16.07 37.72
C LEU G 8 -7.02 16.98 38.26
N LEU G 9 -6.97 18.25 37.87
CA LEU G 9 -8.00 19.21 38.24
C LEU G 9 -9.39 18.75 37.82
N LYS G 10 -9.49 18.22 36.60
CA LYS G 10 -10.77 17.75 36.08
C LYS G 10 -11.26 16.51 36.83
N VAL G 11 -10.34 15.59 37.12
CA VAL G 11 -10.63 14.39 37.89
C VAL G 11 -11.18 14.75 39.28
N LEU G 12 -10.49 15.65 39.98
CA LEU G 12 -10.91 16.09 41.31
C LEU G 12 -12.27 16.80 41.29
N SER G 13 -12.53 17.54 40.22
CA SER G 13 -13.77 18.28 40.08
C SER G 13 -15.01 17.42 39.85
N PHE G 14 -14.83 16.18 39.41
CA PHE G 14 -15.94 15.30 39.08
C PHE G 14 -16.61 14.39 40.09
N GLY G 15 -15.94 13.58 40.89
CA GLY G 15 -14.49 13.36 40.87
C GLY G 15 -14.20 11.89 40.69
N LEU G 16 -13.34 11.32 41.55
CA LEU G 16 -12.86 9.94 41.37
C LEU G 16 -13.97 8.88 41.33
N TRP G 17 -14.89 8.93 42.29
CA TRP G 17 -15.95 7.92 42.40
C TRP G 17 -17.23 8.24 41.63
N ASN G 18 -17.16 9.18 40.69
CA ASN G 18 -18.28 9.53 39.84
C ASN G 18 -18.59 8.41 38.84
N PRO G 19 -19.88 8.03 38.70
CA PRO G 19 -20.35 7.00 37.76
C PRO G 19 -19.85 7.14 36.32
N THR G 20 -19.51 8.38 35.92
CA THR G 20 -18.99 8.65 34.58
C THR G 20 -17.64 7.98 34.29
N TYR G 21 -16.91 7.63 35.36
CA TYR G 21 -15.66 6.89 35.24
C TYR G 21 -15.85 5.41 35.54
N SER G 22 -15.15 4.57 34.79
CA SER G 22 -15.14 3.12 35.01
C SER G 22 -13.98 2.72 35.92
N ARG G 23 -13.85 1.42 36.18
CA ARG G 23 -12.76 0.86 36.99
C ARG G 23 -11.38 1.19 36.39
N SER G 24 -11.24 0.98 35.08
CA SER G 24 -9.99 1.23 34.37
C SER G 24 -9.60 2.72 34.39
N GLU G 25 -10.61 3.59 34.35
CA GLU G 25 -10.42 5.04 34.41
C GLU G 25 -9.82 5.46 35.75
N ARG G 26 -10.42 4.97 36.84
CA ARG G 26 -9.98 5.27 38.20
C ARG G 26 -8.55 4.79 38.45
N GLN G 27 -8.24 3.59 37.98
CA GLN G 27 -6.88 3.03 38.05
C GLN G 27 -5.89 3.94 37.33
N SER G 28 -6.30 4.46 36.17
CA SER G 28 -5.47 5.35 35.36
C SER G 28 -5.19 6.70 36.05
N PHE G 29 -6.13 7.15 36.88
CA PHE G 29 -6.02 8.45 37.55
C PHE G 29 -5.07 8.45 38.76
N GLN G 30 -4.65 7.25 39.18
CA GLN G 30 -3.82 7.09 40.37
C GLN G 30 -2.45 7.73 40.22
N GLU G 31 -1.89 7.69 39.01
CA GLU G 31 -0.60 8.33 38.74
C GLU G 31 -0.71 9.86 38.79
N LEU G 32 -1.94 10.37 38.77
CA LEU G 32 -2.20 11.80 38.93
C LEU G 32 -2.37 12.17 40.41
N LEU G 33 -3.22 11.42 41.12
CA LEU G 33 -3.51 11.64 42.55
C LEU G 33 -2.28 11.53 43.47
N THR G 34 -1.39 10.57 43.21
CA THR G 34 -0.22 10.37 44.08
C THR G 34 0.77 11.53 44.04
N VAL G 35 0.65 12.38 43.02
CA VAL G 35 1.51 13.55 42.86
C VAL G 35 1.11 14.68 43.82
N LEU G 36 -0.11 14.58 44.36
CA LEU G 36 -0.58 15.52 45.38
C LEU G 36 0.26 15.41 46.64
N GLU G 37 0.74 16.55 47.12
CA GLU G 37 1.54 16.57 48.33
C GLU G 37 1.00 17.63 49.29
N PRO G 38 0.74 17.25 50.56
CA PRO G 38 0.37 18.23 51.58
C PRO G 38 1.57 19.13 51.86
N VAL G 39 1.30 20.41 52.10
CA VAL G 39 2.33 21.42 52.09
C VAL G 39 2.07 22.48 53.18
N TYR G 40 3.09 23.26 53.53
CA TYR G 40 2.94 24.29 54.55
C TYR G 40 1.75 25.23 54.24
N PRO G 41 0.78 25.29 55.16
CA PRO G 41 -0.42 26.10 54.97
C PRO G 41 -0.23 27.55 55.42
N LEU G 42 -0.88 28.47 54.71
CA LEU G 42 -0.92 29.86 55.15
C LEU G 42 -1.85 30.00 56.35
N PRO G 43 -1.75 31.12 57.11
CA PRO G 43 -2.46 31.27 58.39
C PRO G 43 -3.97 31.04 58.33
N ASN G 44 -4.60 31.37 57.21
CA ASN G 44 -6.05 31.24 57.08
C ASN G 44 -6.51 29.90 56.48
N GLU G 45 -5.55 29.00 56.24
CA GLU G 45 -5.82 27.75 55.54
C GLU G 45 -5.79 26.56 56.47
N LEU G 46 -6.75 25.66 56.32
CA LEU G 46 -6.71 24.39 57.05
C LEU G 46 -5.83 23.37 56.31
N GLY G 47 -5.62 23.62 55.01
CA GLY G 47 -4.79 22.75 54.20
C GLY G 47 -4.31 23.41 52.92
N ARG G 48 -3.08 23.08 52.54
CA ARG G 48 -2.50 23.48 51.27
C ARG G 48 -1.86 22.25 50.60
N VAL G 49 -2.17 22.06 49.33
CA VAL G 49 -1.76 20.87 48.60
C VAL G 49 -1.11 21.27 47.28
N SER G 50 0.04 20.64 46.99
CA SER G 50 0.83 20.92 45.79
C SER G 50 0.98 19.68 44.92
N ALA G 51 0.80 19.84 43.62
CA ALA G 51 1.00 18.74 42.68
C ALA G 51 1.85 19.23 41.51
N ARG G 52 3.08 18.74 41.43
CA ARG G 52 4.01 19.17 40.39
C ARG G 52 4.40 18.03 39.46
N PHE G 53 4.10 18.20 38.17
CA PHE G 53 4.23 17.15 37.18
C PHE G 53 5.44 17.31 36.28
N SER G 54 5.88 16.20 35.70
CA SER G 54 7.09 16.17 34.87
C SER G 54 6.97 17.00 33.59
N ASP G 55 5.73 17.30 33.17
CA ASP G 55 5.49 18.10 31.97
C ASP G 55 5.64 19.61 32.19
N GLY G 56 5.97 20.01 33.43
CA GLY G 56 6.13 21.42 33.78
C GLY G 56 4.86 22.07 34.31
N SER G 57 3.74 21.34 34.22
CA SER G 57 2.47 21.84 34.73
C SER G 57 2.35 21.59 36.23
N SER G 58 1.56 22.44 36.89
CA SER G 58 1.48 22.47 38.35
C SER G 58 0.07 22.78 38.83
N LEU G 59 -0.30 22.18 39.95
CA LEU G 59 -1.59 22.47 40.60
C LEU G 59 -1.38 22.73 42.09
N ARG G 60 -1.90 23.86 42.56
CA ARG G 60 -1.86 24.19 43.98
C ARG G 60 -3.25 24.45 44.53
N ILE G 61 -3.65 23.63 45.52
CA ILE G 61 -4.97 23.71 46.12
C ILE G 61 -4.91 24.27 47.54
N SER G 62 -5.67 25.33 47.77
CA SER G 62 -5.80 25.92 49.09
C SER G 62 -7.21 25.72 49.61
N VAL G 63 -7.33 25.32 50.87
CA VAL G 63 -8.61 25.19 51.54
C VAL G 63 -8.59 26.08 52.80
N THR G 64 -9.43 27.12 52.81
CA THR G 64 -9.49 28.02 53.97
C THR G 64 -10.15 27.34 55.18
N ASN G 65 -10.04 27.99 56.34
CA ASN G 65 -10.65 27.48 57.57
C ASN G 65 -12.18 27.47 57.51
N SER G 66 -12.74 28.29 56.62
CA SER G 66 -14.17 28.28 56.33
C SER G 66 -14.48 27.30 55.19
N GLU G 67 -13.46 26.57 54.75
CA GLU G 67 -13.55 25.49 53.76
C GLU G 67 -13.93 25.93 52.32
N SER G 68 -13.50 27.13 51.93
CA SER G 68 -13.56 27.53 50.52
C SER G 68 -12.31 27.06 49.78
N ILE G 69 -12.46 26.65 48.53
CA ILE G 69 -11.43 25.93 47.81
C ILE G 69 -10.94 26.63 46.54
N GLU G 70 -9.69 27.08 46.58
CA GLU G 70 -9.05 27.73 45.44
C GLU G 70 -8.01 26.81 44.82
N ALA G 71 -7.95 26.78 43.50
CA ALA G 71 -6.98 25.97 42.77
C ALA G 71 -6.21 26.78 41.74
N GLU G 72 -4.90 26.87 41.94
CA GLU G 72 -4.03 27.60 41.04
C GLU G 72 -3.36 26.62 40.09
N ILE G 73 -3.70 26.73 38.81
CA ILE G 73 -3.17 25.86 37.76
C ILE G 73 -2.14 26.61 36.92
N ARG G 74 -0.91 26.10 36.91
CA ARG G 74 0.13 26.61 36.03
C ARG G 74 0.35 25.64 34.88
N THR G 75 0.13 26.13 33.67
CA THR G 75 0.26 25.34 32.46
C THR G 75 1.74 25.36 32.02
N PRO G 76 2.13 24.46 31.09
CA PRO G 76 3.47 24.68 30.54
C PRO G 76 3.42 25.57 29.28
N ASP G 77 4.12 26.71 29.28
CA ASP G 77 4.82 27.27 30.43
C ASP G 77 5.05 28.77 30.22
N ASN G 78 4.42 29.62 31.03
CA ASN G 78 3.49 29.21 32.08
C ASN G 78 2.36 30.22 32.25
N GLU G 79 1.18 29.91 31.68
CA GLU G 79 -0.04 30.66 31.96
C GLU G 79 -0.57 30.27 33.34
N LYS G 80 -0.89 31.28 34.14
CA LYS G 80 -1.21 31.11 35.56
C LYS G 80 -2.62 31.63 35.85
N ILE G 81 -3.53 30.73 36.22
CA ILE G 81 -4.88 31.13 36.64
C ILE G 81 -5.34 30.42 37.91
N THR G 82 -6.15 31.11 38.70
CA THR G 82 -6.75 30.52 39.89
C THR G 82 -8.26 30.32 39.75
N VAL G 83 -8.68 29.09 40.02
CA VAL G 83 -10.06 28.66 39.84
C VAL G 83 -10.72 28.39 41.21
N LEU G 84 -11.97 28.81 41.36
CA LEU G 84 -12.75 28.50 42.54
C LEU G 84 -13.44 27.17 42.34
N LEU G 85 -13.34 26.30 43.33
CA LEU G 85 -13.94 24.97 43.25
C LEU G 85 -14.98 24.76 44.33
N GLU G 86 -15.99 23.96 44.01
CA GLU G 86 -17.06 23.61 44.93
C GLU G 86 -17.00 22.15 45.30
N SER G 87 -17.03 21.87 46.61
CA SER G 87 -17.10 20.50 47.11
C SER G 87 -18.54 20.13 47.43
N ASN G 88 -19.00 19.04 46.84
CA ASN G 88 -20.35 18.54 47.08
C ASN G 88 -20.36 17.03 47.29
N GLU G 89 -21.54 16.44 47.43
CA GLU G 89 -21.69 15.00 47.63
C GLU G 89 -21.31 14.19 46.39
N GLN G 90 -21.41 14.82 45.22
CA GLN G 90 -21.08 14.17 43.95
C GLN G 90 -19.57 13.99 43.76
N ASN G 91 -18.81 15.07 43.81
CA ASN G 91 -17.36 14.98 43.61
C ASN G 91 -16.56 14.56 44.86
N ARG G 92 -17.16 14.75 46.03
CA ARG G 92 -16.47 14.65 47.32
C ARG G 92 -15.04 15.19 47.27
N LEU G 93 -14.90 16.44 46.82
CA LEU G 93 -13.59 17.07 46.64
C LEU G 93 -12.83 17.18 47.95
N LEU G 94 -13.53 17.61 49.01
CA LEU G 94 -12.93 17.87 50.31
C LEU G 94 -12.43 16.56 50.93
N GLN G 95 -13.01 15.45 50.49
CA GLN G 95 -12.57 14.13 50.94
C GLN G 95 -11.43 13.57 50.10
N SER G 96 -11.17 14.19 48.97
CA SER G 96 -10.21 13.66 47.98
C SER G 96 -8.84 14.37 48.01
N LEU G 97 -8.55 15.02 49.13
CA LEU G 97 -7.32 15.78 49.30
C LEU G 97 -6.64 15.37 50.61
N PRO G 98 -5.29 15.41 50.66
CA PRO G 98 -4.59 15.13 51.93
C PRO G 98 -4.69 16.29 52.91
N ILE G 99 -5.89 16.46 53.47
CA ILE G 99 -6.18 17.53 54.41
C ILE G 99 -6.86 17.02 55.68
N ASP G 100 -6.64 17.74 56.78
CA ASP G 100 -7.30 17.49 58.05
C ASP G 100 -8.49 18.41 58.19
N ARG G 101 -9.63 17.86 58.62
CA ARG G 101 -10.77 18.70 58.95
C ARG G 101 -11.44 18.33 60.27
N HIS G 102 -12.15 19.30 60.86
CA HIS G 102 -13.00 19.03 62.00
C HIS G 102 -14.33 18.50 61.50
N MET G 103 -14.67 17.29 61.89
CA MET G 103 -15.94 16.65 61.51
C MET G 103 -16.52 15.92 62.72
N PRO G 104 -17.85 15.75 62.78
CA PRO G 104 -18.45 14.99 63.87
C PRO G 104 -18.16 13.47 63.78
N TYR G 105 -17.61 13.03 62.65
CA TYR G 105 -17.31 11.62 62.43
C TYR G 105 -15.97 11.42 61.77
N ILE G 106 -15.36 10.26 62.01
CA ILE G 106 -14.14 9.86 61.31
C ILE G 106 -14.50 9.57 59.84
N GLN G 107 -13.82 10.26 58.93
CA GLN G 107 -14.09 10.13 57.50
C GLN G 107 -13.85 8.70 57.02
N VAL G 108 -14.85 8.17 56.32
CA VAL G 108 -14.76 6.84 55.75
C VAL G 108 -14.56 6.95 54.23
N HIS G 109 -13.56 6.24 53.73
CA HIS G 109 -13.33 6.15 52.30
C HIS G 109 -13.56 4.73 51.85
N ARG G 110 -13.84 4.55 50.56
CA ARG G 110 -13.85 3.20 50.01
C ARG G 110 -12.60 2.96 49.16
N ALA G 111 -11.98 1.80 49.34
CA ALA G 111 -10.83 1.40 48.54
C ALA G 111 -11.24 1.25 47.08
N LEU G 112 -10.25 1.27 46.19
CA LEU G 112 -10.48 0.95 44.79
C LEU G 112 -10.88 -0.52 44.65
N SER G 113 -11.56 -0.84 43.55
CA SER G 113 -12.08 -2.18 43.29
C SER G 113 -10.99 -3.25 43.25
N GLU G 114 -9.85 -2.91 42.66
CA GLU G 114 -8.76 -3.87 42.46
C GLU G 114 -7.85 -4.04 43.67
N MET G 115 -8.03 -3.16 44.66
CA MET G 115 -7.24 -3.22 45.90
C MET G 115 -7.70 -4.35 46.83
N ASP G 116 -6.73 -5.08 47.38
CA ASP G 116 -7.00 -6.08 48.41
C ASP G 116 -5.99 -5.95 49.55
N LEU G 117 -6.17 -6.74 50.60
CA LEU G 117 -5.24 -6.76 51.73
C LEU G 117 -4.70 -8.17 51.95
N THR G 118 -3.66 -8.51 51.19
CA THR G 118 -3.04 -9.83 51.24
C THR G 118 -1.57 -9.73 51.65
N ASP G 119 -0.79 -9.03 50.85
CA ASP G 119 0.65 -8.86 51.05
C ASP G 119 0.97 -7.63 51.89
N THR G 120 2.26 -7.42 52.13
CA THR G 120 2.77 -6.19 52.71
C THR G 120 2.70 -5.12 51.62
N THR G 121 3.01 -5.52 50.39
CA THR G 121 2.91 -4.67 49.20
C THR G 121 1.47 -4.15 49.03
N SER G 122 0.52 -5.03 49.27
CA SER G 122 -0.91 -4.75 49.11
C SER G 122 -1.36 -3.62 50.04
N MET G 123 -0.98 -3.71 51.31
CA MET G 123 -1.41 -2.72 52.29
C MET G 123 -0.56 -1.46 52.21
N ARG G 124 0.68 -1.58 51.71
CA ARG G 124 1.49 -0.42 51.36
C ARG G 124 0.84 0.37 50.24
N ASN G 125 0.35 -0.34 49.22
CA ASN G 125 -0.37 0.24 48.09
C ASN G 125 -1.64 0.98 48.54
N LEU G 126 -2.36 0.40 49.50
CA LEU G 126 -3.58 1.00 50.03
C LEU G 126 -3.28 2.28 50.80
N LEU G 127 -2.21 2.28 51.59
CA LEU G 127 -1.80 3.48 52.30
C LEU G 127 -1.35 4.57 51.34
N GLY G 128 -0.79 4.17 50.20
CA GLY G 128 -0.42 5.11 49.14
C GLY G 128 -1.63 5.89 48.65
N PHE G 129 -2.77 5.21 48.59
CA PHE G 129 -4.06 5.79 48.22
C PHE G 129 -4.61 6.68 49.34
N THR G 130 -4.72 6.12 50.54
CA THR G 130 -5.37 6.81 51.67
C THR G 130 -4.59 8.01 52.18
N SER G 131 -3.27 8.00 51.95
CA SER G 131 -2.42 9.14 52.26
C SER G 131 -2.76 10.38 51.43
N LYS G 132 -3.53 10.19 50.37
CA LYS G 132 -3.95 11.31 49.52
C LYS G 132 -5.41 11.74 49.78
N LEU G 133 -6.03 11.18 50.82
CA LEU G 133 -7.43 11.45 51.13
C LEU G 133 -7.59 12.08 52.53
N SER G 134 -8.76 12.64 52.78
CA SER G 134 -9.00 13.43 53.98
C SER G 134 -9.01 12.61 55.26
N THR G 135 -8.73 13.28 56.37
CA THR G 135 -8.81 12.70 57.69
C THR G 135 -9.60 13.63 58.60
N THR G 136 -10.13 13.07 59.69
CA THR G 136 -10.85 13.84 60.71
C THR G 136 -9.95 14.08 61.91
N LEU G 137 -9.82 15.34 62.32
CA LEU G 137 -9.04 15.68 63.49
C LEU G 137 -9.60 15.05 64.76
N ILE G 138 -8.71 14.53 65.60
CA ILE G 138 -9.08 13.85 66.83
C ILE G 138 -8.37 14.50 68.01
N PRO G 139 -9.13 14.81 69.07
CA PRO G 139 -8.50 15.35 70.27
C PRO G 139 -7.85 14.24 71.08
N HIS G 140 -6.81 14.59 71.83
CA HIS G 140 -6.16 13.65 72.73
C HIS G 140 -6.47 14.00 74.17
N ASN G 141 -6.22 13.06 75.08
CA ASN G 141 -6.21 13.33 76.50
C ASN G 141 -4.83 12.97 77.05
N ALA G 142 -4.62 13.12 78.36
CA ALA G 142 -3.31 12.84 78.96
C ALA G 142 -2.84 11.39 78.78
N GLN G 143 -3.79 10.47 78.56
CA GLN G 143 -3.45 9.06 78.32
C GLN G 143 -3.04 8.79 76.88
N THR G 144 -3.72 9.43 75.94
CA THR G 144 -3.49 9.18 74.53
C THR G 144 -2.47 10.14 73.91
N ASP G 145 -2.22 11.27 74.55
CA ASP G 145 -1.33 12.30 74.01
C ASP G 145 0.07 11.72 73.78
N PRO G 146 0.51 11.63 72.50
CA PRO G 146 1.81 11.09 72.12
C PRO G 146 2.97 11.79 72.81
N LEU G 147 2.76 13.04 73.18
CA LEU G 147 3.79 13.84 73.81
C LEU G 147 3.52 14.10 75.30
N SER G 148 2.66 13.30 75.89
CA SER G 148 2.44 13.37 77.34
C SER G 148 3.50 12.53 78.05
N GLY G 149 3.66 12.76 79.34
CA GLY G 149 4.47 11.89 80.17
C GLY G 149 5.89 12.39 80.36
N PRO G 150 6.71 11.64 81.11
CA PRO G 150 8.03 12.13 81.47
C PRO G 150 9.02 12.17 80.30
N THR G 151 8.79 11.36 79.26
CA THR G 151 9.78 11.17 78.20
C THR G 151 9.26 11.29 76.75
N PRO G 152 8.67 12.45 76.38
CA PRO G 152 8.17 12.58 75.00
C PRO G 152 9.29 12.49 73.96
N PHE G 153 8.99 11.87 72.82
CA PHE G 153 9.95 11.67 71.71
C PHE G 153 11.16 10.75 72.01
N SER G 154 11.18 10.08 73.16
CA SER G 154 12.37 9.30 73.55
C SER G 154 12.71 8.15 72.59
N SER G 155 11.69 7.53 72.01
CA SER G 155 11.90 6.38 71.11
C SER G 155 12.23 6.79 69.66
N ILE G 156 12.36 8.09 69.43
CA ILE G 156 12.38 8.64 68.06
C ILE G 156 13.47 8.09 67.13
N PHE G 157 14.69 8.00 67.65
CA PHE G 157 15.80 7.55 66.82
C PHE G 157 15.75 6.06 66.55
N MET G 158 15.28 5.29 67.55
CA MET G 158 15.02 3.86 67.38
C MET G 158 13.88 3.63 66.39
N ASP G 159 12.85 4.48 66.49
CA ASP G 159 11.73 4.46 65.55
C ASP G 159 12.20 4.75 64.12
N THR G 160 13.08 5.74 63.99
CA THR G 160 13.63 6.13 62.70
C THR G 160 14.43 4.99 62.03
N CYS G 161 15.28 4.31 62.82
CA CYS G 161 16.06 3.17 62.34
C CYS G 161 15.20 1.97 61.93
N ARG G 162 14.10 1.78 62.65
CA ARG G 162 13.11 0.76 62.32
C ARG G 162 12.38 1.10 61.00
N GLY G 163 12.03 2.38 60.84
CA GLY G 163 11.24 2.82 59.68
C GLY G 163 12.01 2.98 58.38
N LEU G 164 13.13 3.70 58.42
CA LEU G 164 13.91 3.96 57.21
C LEU G 164 14.28 2.66 56.50
N GLY G 165 13.99 2.61 55.20
CA GLY G 165 14.19 1.40 54.40
C GLY G 165 12.92 0.60 54.27
N ASN G 166 11.94 0.91 55.12
CA ASN G 166 10.67 0.20 55.18
C ASN G 166 9.49 1.17 55.18
N ALA G 167 9.62 2.25 54.41
CA ALA G 167 8.60 3.28 54.37
C ALA G 167 8.53 3.95 53.00
N LYS G 168 7.36 4.50 52.71
CA LYS G 168 7.19 5.39 51.59
C LYS G 168 7.62 6.77 52.08
N LEU G 169 8.61 7.37 51.40
CA LEU G 169 9.10 8.69 51.78
C LEU G 169 9.12 9.60 50.56
N SER G 170 8.56 10.79 50.72
CA SER G 170 8.61 11.82 49.70
C SER G 170 9.16 13.12 50.27
N LEU G 171 10.14 13.70 49.59
CA LEU G 171 10.73 14.97 49.97
C LEU G 171 10.54 15.97 48.83
N ASN G 172 9.79 17.04 49.09
CA ASN G 172 9.39 17.99 48.03
C ASN G 172 8.89 17.30 46.76
N GLY G 173 8.02 16.31 46.92
CA GLY G 173 7.46 15.57 45.79
C GLY G 173 8.40 14.58 45.11
N VAL G 174 9.60 14.42 45.66
CA VAL G 174 10.58 13.47 45.15
C VAL G 174 10.54 12.20 46.00
N ASP G 175 10.27 11.07 45.34
CA ASP G 175 10.26 9.78 46.05
C ASP G 175 11.66 9.33 46.41
N ILE G 176 11.84 8.95 47.68
CA ILE G 176 13.10 8.46 48.19
C ILE G 176 13.01 6.94 48.33
N PRO G 177 13.66 6.18 47.43
CA PRO G 177 13.57 4.72 47.49
C PRO G 177 14.28 4.13 48.71
N ALA G 178 14.06 2.83 48.95
CA ALA G 178 14.66 2.11 50.07
C ALA G 178 16.17 2.31 50.20
N ASN G 179 16.90 2.12 49.10
CA ASN G 179 18.37 2.24 49.13
C ASN G 179 18.82 3.68 49.41
N ALA G 180 18.05 4.65 48.95
CA ALA G 180 18.31 6.05 49.23
C ALA G 180 18.01 6.37 50.70
N GLN G 181 16.98 5.72 51.26
CA GLN G 181 16.67 5.84 52.68
C GLN G 181 17.79 5.28 53.54
N MET G 182 18.37 4.16 53.12
CA MET G 182 19.52 3.60 53.83
C MET G 182 20.73 4.54 53.79
N LEU G 183 20.96 5.16 52.62
CA LEU G 183 21.99 6.21 52.51
C LEU G 183 21.68 7.36 53.47
N LEU G 184 20.40 7.71 53.56
CA LEU G 184 19.94 8.75 54.49
C LEU G 184 20.20 8.38 55.93
N ARG G 185 19.88 7.13 56.30
CA ARG G 185 20.12 6.63 57.65
C ARG G 185 21.60 6.75 58.02
N ASP G 186 22.48 6.34 57.12
CA ASP G 186 23.93 6.43 57.33
C ASP G 186 24.40 7.89 57.43
N ALA G 187 23.86 8.74 56.55
CA ALA G 187 24.15 10.18 56.55
C ALA G 187 23.79 10.87 57.87
N LEU G 188 22.72 10.40 58.51
CA LEU G 188 22.28 10.93 59.80
C LEU G 188 23.20 10.50 60.96
N GLY G 189 23.89 9.38 60.80
CA GLY G 189 24.75 8.83 61.83
C GLY G 189 24.14 7.66 62.58
N LEU G 190 23.05 7.14 62.02
CA LEU G 190 22.27 6.10 62.67
C LEU G 190 22.48 4.70 62.08
N LYS G 191 23.62 4.49 61.42
CA LYS G 191 23.89 3.23 60.69
C LYS G 191 23.80 1.96 61.54
N ASP G 192 24.73 1.78 62.48
CA ASP G 192 24.73 0.58 63.32
C ASP G 192 24.81 0.80 64.84
N THR G 193 26.03 0.95 65.39
CA THR G 193 26.21 0.97 66.85
C THR G 193 25.42 2.09 67.53
N HIS G 194 25.69 3.33 67.11
CA HIS G 194 25.06 4.52 67.68
C HIS G 194 23.55 4.53 67.52
N SER G 195 22.85 4.80 68.62
CA SER G 195 21.40 4.83 68.64
C SER G 195 20.85 6.26 68.54
N SER G 196 21.72 7.22 68.22
CA SER G 196 21.31 8.61 68.03
C SER G 196 22.28 9.35 67.07
N PRO G 197 21.83 10.47 66.46
CA PRO G 197 22.56 11.03 65.30
C PRO G 197 23.88 11.71 65.65
N SER G 198 24.72 11.96 64.64
CA SER G 198 26.02 12.59 64.87
C SER G 198 25.87 14.07 65.21
N ARG G 199 26.79 14.56 66.05
CA ARG G 199 26.77 15.93 66.54
C ARG G 199 26.88 16.95 65.40
N ASN G 200 27.62 16.58 64.36
CA ASN G 200 27.78 17.46 63.19
C ASN G 200 26.50 17.63 62.39
N VAL G 201 25.77 16.54 62.19
CA VAL G 201 24.46 16.56 61.54
C VAL G 201 23.48 17.42 62.33
N ILE G 202 23.55 17.30 63.65
CA ILE G 202 22.72 18.11 64.53
C ILE G 202 22.96 19.62 64.34
N ASP G 203 24.23 20.00 64.27
CA ASP G 203 24.60 21.41 64.16
C ASP G 203 24.54 22.00 62.74
N HIS G 204 24.90 21.19 61.74
CA HIS G 204 25.09 21.70 60.38
C HIS G 204 24.25 21.00 59.30
N GLY G 205 23.37 20.09 59.73
CA GLY G 205 22.61 19.26 58.79
C GLY G 205 23.49 18.20 58.15
N ILE G 206 22.91 17.39 57.27
CA ILE G 206 23.72 16.41 56.54
C ILE G 206 24.57 17.13 55.48
N SER G 207 25.76 16.60 55.24
CA SER G 207 26.71 17.22 54.31
C SER G 207 26.12 17.30 52.91
N ARG G 208 26.56 18.30 52.15
CA ARG G 208 26.09 18.51 50.78
C ARG G 208 26.40 17.30 49.89
N HIS G 209 27.56 16.68 50.14
CA HIS G 209 27.96 15.46 49.43
C HIS G 209 26.92 14.35 49.58
N ASP G 210 26.57 14.01 50.83
CA ASP G 210 25.57 13.00 51.11
C ASP G 210 24.18 13.39 50.59
N ALA G 211 23.85 14.67 50.69
CA ALA G 211 22.59 15.19 50.18
C ALA G 211 22.44 14.93 48.68
N GLU G 212 23.49 15.21 47.91
CA GLU G 212 23.49 14.91 46.47
C GLU G 212 23.49 13.41 46.17
N GLN G 213 24.23 12.61 46.95
CA GLN G 213 24.21 11.15 46.80
C GLN G 213 22.78 10.60 46.93
N ILE G 214 22.05 11.10 47.94
CA ILE G 214 20.68 10.66 48.23
C ILE G 214 19.70 11.09 47.16
N ALA G 215 19.80 12.34 46.72
CA ALA G 215 18.98 12.87 45.64
C ALA G 215 19.23 12.16 44.30
N ARG G 216 20.51 11.96 43.95
CA ARG G 216 20.89 11.26 42.71
C ARG G 216 20.24 9.88 42.62
N GLU G 217 19.99 9.29 43.78
CA GLU G 217 19.43 7.95 43.90
C GLU G 217 17.89 7.95 43.85
N SER G 218 17.30 9.14 43.88
CA SER G 218 15.85 9.26 44.06
C SER G 218 15.04 9.47 42.78
N SER G 219 13.72 9.54 42.91
CA SER G 219 12.82 9.64 41.75
C SER G 219 11.98 10.91 41.73
N GLY G 220 12.33 11.81 40.84
CA GLY G 220 11.61 13.08 40.63
C GLY G 220 12.32 13.94 39.61
N SER G 221 11.74 15.11 39.31
CA SER G 221 12.35 16.05 38.37
C SER G 221 13.64 16.64 38.95
N ASP G 222 14.50 17.16 38.07
CA ASP G 222 15.78 17.70 38.47
C ASP G 222 15.66 18.97 39.32
N ASN G 223 14.63 19.76 39.05
CA ASN G 223 14.36 20.97 39.81
C ASN G 223 14.08 20.68 41.28
N GLN G 224 13.18 19.74 41.55
CA GLN G 224 12.88 19.40 42.94
C GLN G 224 13.92 18.49 43.62
N LYS G 225 14.78 17.88 42.81
CA LYS G 225 15.97 17.20 43.34
C LYS G 225 16.95 18.23 43.92
N ALA G 226 17.09 19.36 43.23
CA ALA G 226 17.91 20.47 43.73
C ALA G 226 17.29 21.07 45.00
N GLU G 227 15.96 21.10 45.06
CA GLU G 227 15.23 21.45 46.28
C GLU G 227 15.52 20.50 47.43
N VAL G 228 15.54 19.19 47.15
CA VAL G 228 15.86 18.18 48.17
C VAL G 228 17.28 18.36 48.71
N VAL G 229 18.24 18.54 47.81
CA VAL G 229 19.63 18.83 48.18
C VAL G 229 19.68 20.01 49.15
N GLU G 230 19.10 21.14 48.74
CA GLU G 230 19.07 22.32 49.57
C GLU G 230 18.36 22.07 50.90
N PHE G 231 17.24 21.36 50.86
CA PHE G 231 16.50 20.96 52.08
C PHE G 231 17.34 20.11 53.03
N LEU G 232 17.99 19.07 52.50
CA LEU G 232 18.74 18.13 53.33
C LEU G 232 19.95 18.73 54.04
N CYS G 233 20.49 19.83 53.49
CA CYS G 233 21.63 20.53 54.09
C CYS G 233 21.26 21.36 55.34
N HIS G 234 19.97 21.52 55.59
CA HIS G 234 19.49 22.22 56.80
C HIS G 234 19.56 21.26 58.00
N PRO G 235 20.00 21.77 59.16
CA PRO G 235 19.88 21.00 60.41
C PRO G 235 18.45 20.55 60.67
N GLU G 236 17.50 21.42 60.32
CA GLU G 236 16.07 21.17 60.56
C GLU G 236 15.53 19.98 59.75
N ALA G 237 16.19 19.63 58.65
CA ALA G 237 15.80 18.49 57.83
C ALA G 237 15.92 17.18 58.61
N ALA G 238 17.02 17.05 59.36
CA ALA G 238 17.23 15.88 60.20
C ALA G 238 16.10 15.77 61.22
N THR G 239 15.74 16.91 61.82
CA THR G 239 14.64 16.99 62.78
C THR G 239 13.33 16.52 62.14
N ALA G 240 13.01 17.07 60.98
CA ALA G 240 11.77 16.75 60.28
C ALA G 240 11.68 15.26 59.98
N ILE G 241 12.76 14.72 59.42
CA ILE G 241 12.79 13.33 58.99
C ILE G 241 12.67 12.38 60.19
N CYS G 242 13.49 12.60 61.21
CA CYS G 242 13.46 11.75 62.39
C CYS G 242 12.14 11.83 63.18
N SER G 243 11.64 13.04 63.39
CA SER G 243 10.40 13.22 64.16
C SER G 243 9.21 12.51 63.52
N ALA G 244 9.18 12.48 62.18
CA ALA G 244 8.10 11.89 61.42
C ALA G 244 7.84 10.41 61.74
N PHE G 245 8.87 9.71 62.23
CA PHE G 245 8.79 8.27 62.49
C PHE G 245 8.24 7.88 63.88
N TYR G 246 7.87 8.87 64.69
CA TYR G 246 7.45 8.62 66.07
C TYR G 246 6.30 7.62 66.17
N GLN G 247 6.55 6.52 66.88
CA GLN G 247 5.60 5.40 66.98
C GLN G 247 4.30 5.79 67.70
N SER G 248 4.35 6.78 68.57
CA SER G 248 3.21 7.14 69.42
C SER G 248 2.19 8.09 68.77
N PHE G 249 2.53 8.65 67.60
CA PHE G 249 1.63 9.55 66.88
C PHE G 249 0.22 9.00 66.71
N ASN G 250 0.10 7.71 66.40
CA ASN G 250 -1.21 7.12 66.12
C ASN G 250 -2.00 6.59 67.34
N VAL G 251 -1.52 6.87 68.55
CA VAL G 251 -2.20 6.39 69.75
C VAL G 251 -3.65 6.92 69.91
N PRO G 252 -3.88 8.24 69.74
CA PRO G 252 -5.28 8.71 69.76
C PRO G 252 -6.18 7.96 68.76
N ALA G 253 -5.72 7.78 67.53
CA ALA G 253 -6.46 7.00 66.53
C ALA G 253 -6.67 5.54 66.96
N LEU G 254 -5.58 4.85 67.33
CA LEU G 254 -5.67 3.45 67.80
C LEU G 254 -6.69 3.26 68.91
N THR G 255 -6.75 4.24 69.81
CA THR G 255 -7.64 4.20 70.97
C THR G 255 -9.11 4.30 70.53
N LEU G 256 -9.39 5.13 69.55
CA LEU G 256 -10.76 5.38 69.12
C LEU G 256 -11.35 4.17 68.39
N THR G 257 -10.49 3.34 67.82
CA THR G 257 -10.95 2.24 66.99
C THR G 257 -10.32 0.89 67.41
N HIS G 258 -10.10 0.75 68.71
CA HIS G 258 -9.44 -0.44 69.28
C HIS G 258 -10.20 -1.74 69.06
N GLU G 259 -11.53 -1.69 69.03
CA GLU G 259 -12.36 -2.87 68.77
C GLU G 259 -12.10 -3.43 67.38
N ARG G 260 -12.21 -2.56 66.37
CA ARG G 260 -12.01 -2.97 64.98
C ARG G 260 -10.55 -3.31 64.67
N ILE G 261 -9.63 -2.79 65.49
CA ILE G 261 -8.22 -3.19 65.41
C ILE G 261 -8.04 -4.61 65.94
N SER G 262 -8.52 -4.85 67.16
CA SER G 262 -8.43 -6.17 67.79
C SER G 262 -9.20 -7.24 66.99
N LYS G 263 -10.30 -6.82 66.36
CA LYS G 263 -11.09 -7.68 65.47
C LYS G 263 -10.28 -8.14 64.25
N ALA G 264 -9.41 -7.27 63.75
CA ALA G 264 -8.58 -7.57 62.59
C ALA G 264 -7.43 -8.53 62.94
N SER G 265 -6.84 -8.35 64.12
CA SER G 265 -5.73 -9.18 64.58
C SER G 265 -6.19 -10.60 64.94
N GLU G 266 -7.39 -10.69 65.54
CA GLU G 266 -7.96 -11.98 65.93
C GLU G 266 -8.47 -12.78 64.73
N TYR G 267 -8.86 -12.07 63.67
CA TYR G 267 -9.29 -12.71 62.43
C TYR G 267 -8.09 -13.29 61.69
N ASN G 268 -7.09 -12.44 61.43
CA ASN G 268 -5.87 -12.86 60.76
C ASN G 268 -4.86 -13.48 61.72
N THR G 275 0.33 -10.03 57.75
CA THR G 275 0.56 -8.66 57.30
C THR G 275 1.24 -7.84 58.41
N PRO G 276 2.29 -7.07 58.04
CA PRO G 276 3.07 -6.29 59.02
C PRO G 276 2.15 -5.42 59.86
N ASN G 277 2.51 -5.22 61.12
CA ASN G 277 1.65 -4.50 62.07
C ASN G 277 1.26 -3.09 61.62
N ALA G 278 2.19 -2.40 60.96
CA ALA G 278 1.95 -1.03 60.48
C ALA G 278 2.82 -0.64 59.28
N CYS G 279 2.22 0.09 58.34
CA CYS G 279 2.94 0.67 57.21
C CYS G 279 3.08 2.18 57.38
N ILE G 280 4.13 2.74 56.77
CA ILE G 280 4.46 4.15 56.95
C ILE G 280 4.58 4.90 55.62
N ASN G 281 3.96 6.08 55.55
CA ASN G 281 4.00 6.93 54.36
C ASN G 281 4.17 8.39 54.76
N ILE G 282 5.32 8.97 54.41
CA ILE G 282 5.70 10.29 54.89
C ILE G 282 5.90 11.26 53.72
N SER G 283 5.37 12.46 53.89
CA SER G 283 5.61 13.56 52.96
C SER G 283 6.15 14.77 53.73
N ILE G 284 7.33 15.23 53.32
CA ILE G 284 7.91 16.46 53.86
C ILE G 284 8.18 17.42 52.72
N SER G 285 7.87 18.70 52.95
CA SER G 285 8.18 19.74 51.97
C SER G 285 8.72 20.99 52.64
N GLN G 286 9.73 21.58 52.02
CA GLN G 286 10.19 22.92 52.35
C GLN G 286 9.74 23.84 51.23
N SER G 287 8.96 24.85 51.59
CA SER G 287 8.42 25.80 50.64
C SER G 287 9.52 26.71 50.10
N SER G 288 9.22 27.44 49.03
CA SER G 288 10.16 28.40 48.46
C SER G 288 10.53 29.51 49.44
N ASP G 289 9.68 29.70 50.46
CA ASP G 289 9.94 30.68 51.52
C ASP G 289 10.74 30.11 52.69
N GLY G 290 11.01 28.81 52.65
CA GLY G 290 11.87 28.17 53.65
C GLY G 290 11.13 27.32 54.67
N ASN G 291 9.80 27.38 54.65
CA ASN G 291 8.97 26.72 55.65
C ASN G 291 8.90 25.22 55.44
N ILE G 292 9.28 24.48 56.48
CA ILE G 292 9.29 23.02 56.47
C ILE G 292 8.02 22.46 57.09
N TYR G 293 7.36 21.56 56.36
CA TYR G 293 6.13 20.97 56.87
C TYR G 293 6.20 19.46 56.74
N VAL G 294 5.78 18.74 57.77
CA VAL G 294 5.71 17.28 57.65
C VAL G 294 4.30 16.72 57.83
N THR G 295 4.00 15.74 56.98
CA THR G 295 2.77 15.00 57.09
C THR G 295 3.15 13.53 57.10
N SER G 296 2.93 12.89 58.24
CA SER G 296 3.32 11.50 58.45
C SER G 296 2.10 10.62 58.62
N HIS G 297 2.03 9.55 57.85
CA HIS G 297 0.91 8.61 57.89
C HIS G 297 1.33 7.23 58.37
N THR G 298 0.49 6.64 59.21
CA THR G 298 0.64 5.23 59.56
C THR G 298 -0.69 4.53 59.28
N GLY G 299 -0.61 3.42 58.56
CA GLY G 299 -1.78 2.61 58.24
C GLY G 299 -1.77 1.31 59.04
N VAL G 300 -2.88 1.04 59.70
CA VAL G 300 -3.05 -0.19 60.47
C VAL G 300 -4.32 -0.89 60.00
N LEU G 301 -4.29 -2.22 59.93
CA LEU G 301 -5.45 -2.99 59.49
C LEU G 301 -6.59 -2.99 60.50
N ILE G 302 -7.82 -2.95 59.98
CA ILE G 302 -9.03 -2.91 60.79
C ILE G 302 -10.12 -3.73 60.14
N MET G 303 -11.02 -4.28 60.96
CA MET G 303 -12.13 -5.08 60.43
C MET G 303 -13.44 -4.77 61.16
N ALA G 304 -14.49 -4.53 60.38
CA ALA G 304 -15.83 -4.34 60.91
C ALA G 304 -16.38 -5.70 61.38
N PRO G 305 -17.27 -5.70 62.40
CA PRO G 305 -17.92 -6.94 62.86
C PRO G 305 -18.72 -7.63 61.75
N GLU G 306 -18.94 -8.93 61.90
CA GLU G 306 -19.55 -9.77 60.86
C GLU G 306 -20.86 -9.22 60.30
N ASP G 307 -21.76 -8.83 61.20
CA ASP G 307 -23.10 -8.35 60.81
C ASP G 307 -23.09 -7.00 60.08
N ARG G 308 -22.07 -6.18 60.33
CA ARG G 308 -21.93 -4.88 59.68
C ARG G 308 -21.52 -5.05 58.20
N PRO G 309 -21.90 -4.08 57.34
CA PRO G 309 -21.78 -4.28 55.88
C PRO G 309 -20.34 -4.33 55.38
N ASN G 310 -19.50 -3.40 55.85
CA ASN G 310 -18.08 -3.42 55.52
C ASN G 310 -17.30 -4.55 56.21
N GLU G 311 -16.15 -4.91 55.65
CA GLU G 311 -15.33 -6.01 56.19
C GLU G 311 -13.90 -5.67 56.61
N MET G 312 -12.94 -5.84 55.69
CA MET G 312 -11.54 -5.55 55.98
C MET G 312 -11.23 -4.13 55.49
N GLY G 313 -10.44 -3.41 56.27
CA GLY G 313 -10.06 -2.04 55.92
C GLY G 313 -8.76 -1.57 56.57
N MET G 314 -8.46 -0.29 56.38
CA MET G 314 -7.27 0.33 56.95
C MET G 314 -7.61 1.62 57.72
N LEU G 315 -7.09 1.71 58.94
CA LEU G 315 -7.11 2.96 59.69
C LEU G 315 -5.87 3.77 59.34
N THR G 316 -6.06 4.94 58.75
CA THR G 316 -4.96 5.83 58.40
C THR G 316 -4.89 6.96 59.41
N ASN G 317 -3.76 7.10 60.06
CA ASN G 317 -3.49 8.24 60.92
C ASN G 317 -2.57 9.21 60.23
N ARG G 318 -2.96 10.48 60.22
CA ARG G 318 -2.16 11.56 59.67
C ARG G 318 -1.68 12.46 60.81
N THR G 319 -0.37 12.72 60.84
CA THR G 319 0.22 13.64 61.79
C THR G 319 0.86 14.78 61.02
N SER G 320 0.38 15.99 61.26
CA SER G 320 0.84 17.18 60.53
C SER G 320 1.42 18.21 61.47
N TYR G 321 2.58 18.75 61.09
CA TYR G 321 3.22 19.82 61.85
C TYR G 321 4.31 20.52 61.06
N GLU G 322 4.49 21.79 61.39
CA GLU G 322 5.60 22.59 60.92
C GLU G 322 6.85 22.21 61.71
N VAL G 323 8.01 22.28 61.05
CA VAL G 323 9.28 22.21 61.76
C VAL G 323 9.90 23.61 61.72
N PRO G 324 9.73 24.39 62.80
CA PRO G 324 10.21 25.77 62.81
C PRO G 324 11.71 25.89 62.56
N GLN G 325 12.13 27.00 61.98
CA GLN G 325 13.55 27.27 61.74
C GLN G 325 14.29 27.32 63.09
N GLY G 326 15.47 26.72 63.13
CA GLY G 326 16.29 26.72 64.33
C GLY G 326 16.07 25.55 65.28
N VAL G 327 15.21 24.61 64.88
CA VAL G 327 14.93 23.43 65.70
C VAL G 327 15.82 22.27 65.24
N LYS G 328 16.84 21.97 66.05
CA LYS G 328 17.86 20.96 65.70
C LYS G 328 17.43 19.56 66.17
N CYS G 329 18.11 18.55 65.64
CA CYS G 329 17.68 17.15 65.77
C CYS G 329 18.04 16.50 67.10
N THR G 330 17.55 17.10 68.18
CA THR G 330 17.69 16.52 69.52
C THR G 330 16.32 16.37 70.12
N ILE G 331 16.18 15.40 71.02
CA ILE G 331 14.90 15.12 71.64
C ILE G 331 14.33 16.32 72.39
N ASP G 332 15.16 16.98 73.22
CA ASP G 332 14.75 18.18 73.94
C ASP G 332 14.26 19.29 73.02
N GLU G 333 14.85 19.37 71.84
CA GLU G 333 14.49 20.40 70.87
C GLU G 333 13.13 20.09 70.21
N MET G 334 12.91 18.83 69.88
CA MET G 334 11.63 18.38 69.35
C MET G 334 10.50 18.58 70.36
N VAL G 335 10.77 18.26 71.62
CA VAL G 335 9.79 18.43 72.69
C VAL G 335 9.44 19.91 72.85
N ARG G 336 10.47 20.77 72.80
CA ARG G 336 10.30 22.20 72.97
C ARG G 336 9.41 22.83 71.88
N ALA G 337 9.69 22.49 70.63
CA ALA G 337 9.21 23.29 69.51
C ALA G 337 8.10 22.66 68.66
N LEU G 338 8.06 21.33 68.59
CA LEU G 338 7.12 20.67 67.68
C LEU G 338 5.73 20.53 68.29
N GLN G 339 4.72 20.88 67.48
CA GLN G 339 3.32 20.90 67.93
C GLN G 339 2.44 20.15 66.92
N PRO G 340 2.55 18.80 66.90
CA PRO G 340 1.80 18.00 65.92
C PRO G 340 0.28 18.02 66.17
N ARG G 341 -0.48 17.76 65.12
CA ARG G 341 -1.91 17.50 65.28
C ARG G 341 -2.24 16.14 64.68
N TYR G 342 -3.33 15.54 65.14
CA TYR G 342 -3.62 14.15 64.86
C TYR G 342 -4.98 14.02 64.22
N ALA G 343 -5.06 13.22 63.17
CA ALA G 343 -6.31 13.02 62.44
C ALA G 343 -6.37 11.62 61.83
N ALA G 344 -7.58 11.13 61.56
CA ALA G 344 -7.72 9.76 61.07
C ALA G 344 -8.85 9.54 60.07
N SER G 345 -8.72 8.47 59.30
CA SER G 345 -9.74 8.01 58.38
C SER G 345 -9.79 6.49 58.37
N GLU G 346 -10.92 5.94 57.94
CA GLU G 346 -11.08 4.51 57.74
C GLU G 346 -11.40 4.23 56.28
N THR G 347 -10.63 3.35 55.65
CA THR G 347 -10.85 3.01 54.25
C THR G 347 -11.10 1.52 54.11
N TYR G 348 -12.24 1.17 53.50
CA TYR G 348 -12.68 -0.21 53.38
C TYR G 348 -12.72 -0.71 51.94
N LEU G 349 -12.31 -1.96 51.76
CA LEU G 349 -12.65 -2.74 50.56
C LEU G 349 -14.17 -2.85 50.53
N GLN G 350 -14.80 -2.95 49.35
CA GLN G 350 -14.14 -3.16 48.07
C GLN G 350 -14.39 -1.96 47.14
N MET H 2 -33.20 82.11 -31.99
CA MET H 2 -33.09 82.09 -30.50
C MET H 2 -31.75 81.51 -30.04
N SER H 3 -31.55 81.43 -28.72
CA SER H 3 -30.43 80.71 -28.15
C SER H 3 -30.63 79.20 -28.28
N CYS H 4 -29.60 78.43 -28.02
CA CYS H 4 -29.67 76.97 -28.18
C CYS H 4 -30.69 76.32 -27.24
N ALA H 5 -30.79 76.82 -26.01
CA ALA H 5 -31.76 76.32 -25.04
C ALA H 5 -33.20 76.51 -25.53
N GLU H 6 -33.49 77.68 -26.08
CA GLU H 6 -34.82 78.00 -26.64
C GLU H 6 -35.15 77.09 -27.82
N LYS H 7 -34.16 76.87 -28.68
CA LYS H 7 -34.30 75.96 -29.82
C LYS H 7 -34.58 74.52 -29.36
N LEU H 8 -33.89 74.08 -28.31
CA LEU H 8 -34.10 72.73 -27.77
C LEU H 8 -35.51 72.60 -27.21
N LEU H 9 -35.93 73.62 -26.46
CA LEU H 9 -37.26 73.65 -25.86
C LEU H 9 -38.37 73.49 -26.90
N LYS H 10 -38.25 74.20 -28.02
CA LYS H 10 -39.28 74.12 -29.06
C LYS H 10 -39.22 72.81 -29.83
N VAL H 11 -38.02 72.22 -29.94
CA VAL H 11 -37.88 70.89 -30.56
C VAL H 11 -38.51 69.82 -29.67
N LEU H 12 -38.41 69.98 -28.36
CA LEU H 12 -39.04 69.05 -27.41
C LEU H 12 -40.56 69.29 -27.30
N SER H 13 -40.99 70.53 -27.55
CA SER H 13 -42.39 70.89 -27.47
C SER H 13 -43.23 70.39 -28.65
N PHE H 14 -42.57 70.15 -29.79
CA PHE H 14 -43.29 69.83 -31.04
C PHE H 14 -43.72 68.37 -31.30
N GLY H 15 -42.83 67.36 -31.25
CA GLY H 15 -41.40 67.45 -30.99
C GLY H 15 -40.62 66.88 -32.16
N LEU H 16 -39.69 65.96 -31.88
CA LEU H 16 -38.75 65.50 -32.91
C LEU H 16 -39.41 64.80 -34.09
N TRP H 17 -40.34 63.89 -33.80
CA TRP H 17 -40.99 63.10 -34.85
C TRP H 17 -42.25 63.74 -35.41
N ASN H 18 -42.38 65.05 -35.21
CA ASN H 18 -43.48 65.81 -35.76
C ASN H 18 -43.34 65.91 -37.29
N PRO H 19 -44.42 65.59 -38.03
CA PRO H 19 -44.45 65.69 -39.50
C PRO H 19 -44.02 67.05 -40.05
N THR H 20 -44.18 68.10 -39.23
CA THR H 20 -43.79 69.46 -39.60
C THR H 20 -42.28 69.61 -39.87
N TYR H 21 -41.47 68.76 -39.22
CA TYR H 21 -40.03 68.71 -39.46
C TYR H 21 -39.71 67.70 -40.54
N SER H 22 -38.65 67.98 -41.30
CA SER H 22 -38.17 67.07 -42.34
C SER H 22 -37.02 66.22 -41.82
N ARG H 23 -36.59 65.26 -42.65
CA ARG H 23 -35.46 64.38 -42.32
C ARG H 23 -34.19 65.16 -42.00
N SER H 24 -33.93 66.21 -42.79
CA SER H 24 -32.75 67.06 -42.63
C SER H 24 -32.72 67.79 -41.29
N GLU H 25 -33.88 68.29 -40.88
CA GLU H 25 -34.01 69.07 -39.66
C GLU H 25 -33.79 68.22 -38.40
N ARG H 26 -34.32 67.00 -38.41
CA ARG H 26 -34.14 66.04 -37.30
C ARG H 26 -32.66 65.81 -37.02
N GLN H 27 -31.87 65.68 -38.09
CA GLN H 27 -30.42 65.52 -38.00
C GLN H 27 -29.76 66.73 -37.36
N SER H 28 -30.26 67.92 -37.70
CA SER H 28 -29.76 69.19 -37.16
C SER H 28 -30.02 69.33 -35.66
N PHE H 29 -31.11 68.70 -35.19
CA PHE H 29 -31.50 68.78 -33.78
C PHE H 29 -30.68 67.87 -32.89
N GLN H 30 -29.96 66.92 -33.48
CA GLN H 30 -29.12 65.98 -32.73
C GLN H 30 -28.07 66.67 -31.88
N GLU H 31 -27.42 67.70 -32.41
CA GLU H 31 -26.40 68.42 -31.66
C GLU H 31 -27.01 69.14 -30.45
N LEU H 32 -28.32 69.35 -30.48
CA LEU H 32 -29.04 69.93 -29.36
C LEU H 32 -29.45 68.84 -28.35
N LEU H 33 -30.09 67.79 -28.85
CA LEU H 33 -30.55 66.67 -28.02
C LEU H 33 -29.42 66.04 -27.20
N THR H 34 -28.24 65.88 -27.82
CA THR H 34 -27.10 65.22 -27.16
C THR H 34 -26.60 65.98 -25.92
N VAL H 35 -27.01 67.23 -25.79
CA VAL H 35 -26.57 68.10 -24.69
C VAL H 35 -27.33 67.81 -23.39
N LEU H 36 -28.51 67.22 -23.51
CA LEU H 36 -29.32 66.83 -22.36
C LEU H 36 -28.57 65.83 -21.48
N GLU H 37 -28.45 66.15 -20.19
CA GLU H 37 -27.81 65.25 -19.24
C GLU H 37 -28.73 64.97 -18.06
N PRO H 38 -28.93 63.69 -17.72
CA PRO H 38 -29.67 63.34 -16.50
C PRO H 38 -28.86 63.70 -15.27
N VAL H 39 -29.51 64.30 -14.28
CA VAL H 39 -28.81 64.72 -13.07
C VAL H 39 -29.56 64.31 -11.81
N TYR H 40 -28.93 64.55 -10.66
CA TYR H 40 -29.55 64.27 -9.36
C TYR H 40 -30.98 64.83 -9.26
N PRO H 41 -31.96 63.94 -8.99
CA PRO H 41 -33.35 64.38 -8.82
C PRO H 41 -33.66 64.84 -7.40
N LEU H 42 -34.55 65.82 -7.29
CA LEU H 42 -35.06 66.25 -6.00
C LEU H 42 -36.10 65.24 -5.49
N PRO H 43 -36.39 65.25 -4.17
CA PRO H 43 -37.23 64.21 -3.51
C PRO H 43 -38.55 63.85 -4.21
N ASN H 44 -39.22 64.84 -4.79
CA ASN H 44 -40.51 64.62 -5.46
C ASN H 44 -40.39 64.26 -6.95
N GLU H 45 -39.16 64.17 -7.44
CA GLU H 45 -38.93 64.07 -8.88
C GLU H 45 -38.64 62.65 -9.39
N LEU H 46 -39.33 62.33 -10.48
CA LEU H 46 -39.14 61.13 -11.27
C LEU H 46 -37.78 61.20 -11.95
N GLY H 47 -37.40 62.42 -12.33
CA GLY H 47 -36.13 62.66 -12.96
C GLY H 47 -35.91 64.13 -13.22
N ARG H 48 -34.66 64.51 -13.45
CA ARG H 48 -34.36 65.84 -13.93
C ARG H 48 -33.15 65.87 -14.84
N VAL H 49 -33.26 66.71 -15.86
CA VAL H 49 -32.30 66.76 -16.94
C VAL H 49 -31.75 68.18 -17.06
N SER H 50 -30.46 68.28 -17.34
CA SER H 50 -29.79 69.57 -17.51
C SER H 50 -29.15 69.63 -18.89
N ALA H 51 -29.40 70.73 -19.60
CA ALA H 51 -28.77 70.98 -20.88
C ALA H 51 -28.11 72.35 -20.86
N ARG H 52 -26.77 72.36 -20.80
CA ARG H 52 -26.00 73.61 -20.71
C ARG H 52 -25.18 73.82 -21.97
N PHE H 53 -25.48 74.90 -22.68
CA PHE H 53 -24.90 75.15 -24.00
C PHE H 53 -23.74 76.13 -24.00
N SER H 54 -22.92 76.06 -25.05
CA SER H 54 -21.73 76.92 -25.20
C SER H 54 -22.05 78.42 -25.28
N ASP H 55 -23.29 78.74 -25.67
CA ASP H 55 -23.70 80.14 -25.81
C ASP H 55 -24.10 80.79 -24.48
N GLY H 56 -24.02 80.03 -23.39
CA GLY H 56 -24.36 80.52 -22.06
C GLY H 56 -25.78 80.22 -21.63
N SER H 57 -26.62 79.77 -22.58
CA SER H 57 -28.00 79.44 -22.27
C SER H 57 -28.10 78.05 -21.66
N SER H 58 -29.16 77.82 -20.88
CA SER H 58 -29.38 76.50 -20.28
C SER H 58 -30.85 76.15 -20.20
N LEU H 59 -31.10 74.84 -20.20
CA LEU H 59 -32.42 74.28 -20.02
C LEU H 59 -32.37 73.29 -18.87
N ARG H 60 -33.35 73.39 -17.99
CA ARG H 60 -33.44 72.55 -16.81
C ARG H 60 -34.86 72.02 -16.69
N ILE H 61 -35.03 70.72 -16.89
CA ILE H 61 -36.35 70.10 -16.93
C ILE H 61 -36.54 69.16 -15.74
N SER H 62 -37.62 69.37 -15.01
CA SER H 62 -37.98 68.48 -13.90
C SER H 62 -39.30 67.75 -14.21
N VAL H 63 -39.32 66.46 -13.92
CA VAL H 63 -40.52 65.63 -14.05
C VAL H 63 -40.85 65.07 -12.67
N THR H 64 -42.03 65.40 -12.15
CA THR H 64 -42.45 64.90 -10.84
C THR H 64 -42.86 63.43 -10.93
N ASN H 65 -42.97 62.78 -9.78
CA ASN H 65 -43.44 61.40 -9.71
C ASN H 65 -44.83 61.23 -10.32
N SER H 66 -45.63 62.31 -10.28
CA SER H 66 -46.94 62.35 -10.94
C SER H 66 -46.85 62.77 -12.41
N GLU H 67 -45.62 62.85 -12.92
CA GLU H 67 -45.30 63.14 -14.33
C GLU H 67 -45.73 64.54 -14.83
N SER H 68 -45.75 65.51 -13.90
CA SER H 68 -45.89 66.92 -14.24
C SER H 68 -44.53 67.46 -14.66
N ILE H 69 -44.50 68.22 -15.76
CA ILE H 69 -43.25 68.67 -16.37
C ILE H 69 -43.06 70.18 -16.30
N GLU H 70 -41.94 70.61 -15.73
CA GLU H 70 -41.54 72.03 -15.69
C GLU H 70 -40.18 72.22 -16.34
N ALA H 71 -40.03 73.30 -17.09
CA ALA H 71 -38.79 73.62 -17.77
C ALA H 71 -38.32 75.04 -17.45
N GLU H 72 -37.16 75.12 -16.79
CA GLU H 72 -36.57 76.41 -16.47
C GLU H 72 -35.51 76.77 -17.52
N ILE H 73 -35.75 77.89 -18.19
CA ILE H 73 -34.86 78.34 -19.27
C ILE H 73 -34.11 79.61 -18.88
N ARG H 74 -32.79 79.57 -19.01
CA ARG H 74 -31.93 80.72 -18.75
C ARG H 74 -31.32 81.22 -20.06
N THR H 75 -31.48 82.51 -20.31
CA THR H 75 -30.86 83.17 -21.44
C THR H 75 -29.47 83.67 -21.03
N PRO H 76 -28.58 83.90 -22.01
CA PRO H 76 -27.23 84.42 -21.71
C PRO H 76 -27.23 85.82 -21.07
N ASP H 77 -28.42 86.36 -20.80
CA ASP H 77 -28.58 87.63 -20.11
C ASP H 77 -28.93 87.41 -18.63
N ASN H 78 -28.83 86.15 -18.22
CA ASN H 78 -29.16 85.70 -16.85
C ASN H 78 -30.65 85.78 -16.45
N GLU H 79 -31.50 86.12 -17.41
CA GLU H 79 -32.95 86.07 -17.20
C GLU H 79 -33.46 84.61 -17.18
N LYS H 80 -34.24 84.27 -16.16
CA LYS H 80 -34.78 82.91 -16.02
C LYS H 80 -36.30 82.90 -15.96
N ILE H 81 -36.88 81.90 -16.61
CA ILE H 81 -38.32 81.67 -16.56
C ILE H 81 -38.67 80.20 -16.58
N THR H 82 -39.70 79.85 -15.83
CA THR H 82 -40.18 78.48 -15.75
C THR H 82 -41.43 78.35 -16.60
N VAL H 83 -41.38 77.44 -17.57
CA VAL H 83 -42.54 77.13 -18.39
C VAL H 83 -43.13 75.77 -18.02
N LEU H 84 -44.44 75.67 -18.13
CA LEU H 84 -45.14 74.41 -17.96
C LEU H 84 -45.28 73.72 -19.29
N LEU H 85 -44.89 72.45 -19.32
CA LEU H 85 -44.92 71.66 -20.53
C LEU H 85 -45.93 70.54 -20.43
N GLU H 86 -46.51 70.19 -21.57
CA GLU H 86 -47.46 69.08 -21.63
C GLU H 86 -46.91 67.99 -22.53
N SER H 87 -46.96 66.76 -22.04
CA SER H 87 -46.60 65.60 -22.84
C SER H 87 -47.87 64.96 -23.39
N ASN H 88 -47.85 64.69 -24.69
CA ASN H 88 -48.97 64.07 -25.39
C ASN H 88 -48.47 63.21 -26.55
N GLU H 89 -49.40 62.59 -27.28
CA GLU H 89 -49.08 61.65 -28.35
C GLU H 89 -48.36 62.28 -29.55
N GLN H 90 -48.53 63.58 -29.75
CA GLN H 90 -47.86 64.26 -30.87
C GLN H 90 -46.40 64.67 -30.60
N ASN H 91 -46.12 65.26 -29.44
CA ASN H 91 -44.72 65.60 -29.13
C ASN H 91 -43.89 64.47 -28.54
N ARG H 92 -44.55 63.51 -27.88
CA ARG H 92 -43.86 62.41 -27.19
C ARG H 92 -42.78 62.95 -26.27
N LEU H 93 -43.11 64.01 -25.54
CA LEU H 93 -42.14 64.71 -24.69
C LEU H 93 -41.52 63.76 -23.66
N LEU H 94 -42.38 63.03 -22.95
CA LEU H 94 -41.95 62.15 -21.87
C LEU H 94 -41.17 60.94 -22.37
N GLN H 95 -41.19 60.73 -23.68
CA GLN H 95 -40.44 59.67 -24.32
C GLN H 95 -39.07 60.15 -24.80
N SER H 96 -38.91 61.47 -24.84
CA SER H 96 -37.77 62.09 -25.49
C SER H 96 -36.82 62.76 -24.48
N LEU H 97 -36.81 62.24 -23.27
CA LEU H 97 -35.94 62.71 -22.19
C LEU H 97 -35.24 61.50 -21.57
N PRO H 98 -33.99 61.67 -21.08
CA PRO H 98 -33.32 60.59 -20.36
C PRO H 98 -33.90 60.36 -18.96
N ILE H 99 -35.09 59.77 -18.91
CA ILE H 99 -35.78 59.50 -17.64
C ILE H 99 -36.28 58.06 -17.58
N ASP H 100 -36.38 57.53 -16.36
CA ASP H 100 -36.98 56.22 -16.10
C ASP H 100 -38.44 56.42 -15.72
N ARG H 101 -39.33 55.59 -16.28
CA ARG H 101 -40.75 55.67 -15.93
C ARG H 101 -41.31 54.30 -15.55
N HIS H 102 -42.31 54.28 -14.68
CA HIS H 102 -43.11 53.09 -14.44
C HIS H 102 -44.16 53.00 -15.55
N MET H 103 -44.04 51.96 -16.38
CA MET H 103 -44.95 51.73 -17.52
C MET H 103 -45.32 50.26 -17.63
N PRO H 104 -46.52 49.94 -18.20
CA PRO H 104 -46.88 48.53 -18.38
C PRO H 104 -46.07 47.83 -19.48
N TYR H 105 -45.33 48.61 -20.26
CA TYR H 105 -44.55 48.10 -21.37
C TYR H 105 -43.19 48.77 -21.48
N ILE H 106 -42.24 48.03 -22.06
CA ILE H 106 -40.94 48.58 -22.40
C ILE H 106 -41.09 49.58 -23.55
N GLN H 107 -40.68 50.82 -23.30
CA GLN H 107 -40.82 51.89 -24.27
C GLN H 107 -40.08 51.54 -25.56
N VAL H 108 -40.78 51.70 -26.67
CA VAL H 108 -40.19 51.52 -27.99
C VAL H 108 -39.99 52.89 -28.63
N HIS H 109 -38.83 53.06 -29.26
CA HIS H 109 -38.48 54.30 -29.95
C HIS H 109 -38.14 54.01 -31.40
N ARG H 110 -38.19 55.05 -32.23
CA ARG H 110 -37.73 54.97 -33.61
C ARG H 110 -36.32 55.53 -33.73
N ALA H 111 -35.44 54.79 -34.39
CA ALA H 111 -34.14 55.33 -34.78
C ALA H 111 -34.33 56.29 -35.95
N LEU H 112 -33.42 57.25 -36.06
CA LEU H 112 -33.40 58.16 -37.20
C LEU H 112 -33.23 57.37 -38.49
N SER H 113 -33.75 57.94 -39.58
CA SER H 113 -33.73 57.29 -40.89
C SER H 113 -32.31 56.97 -41.36
N GLU H 114 -31.40 57.91 -41.12
CA GLU H 114 -30.00 57.77 -41.54
C GLU H 114 -29.21 56.75 -40.72
N MET H 115 -29.76 56.39 -39.56
CA MET H 115 -29.14 55.40 -38.68
C MET H 115 -29.27 53.98 -39.24
N ASP H 116 -28.17 53.24 -39.16
CA ASP H 116 -28.14 51.82 -39.53
C ASP H 116 -27.32 51.03 -38.51
N LEU H 117 -27.34 49.71 -38.63
CA LEU H 117 -26.57 48.84 -37.74
C LEU H 117 -25.63 47.94 -38.53
N THR H 118 -24.42 48.46 -38.78
CA THR H 118 -23.46 47.80 -39.68
C THR H 118 -22.14 47.51 -38.98
N ASP H 119 -21.63 48.50 -38.25
CA ASP H 119 -20.35 48.36 -37.56
C ASP H 119 -20.38 48.92 -36.13
N THR H 120 -19.20 49.05 -35.53
CA THR H 120 -19.07 49.54 -34.15
C THR H 120 -19.39 51.02 -34.00
N THR H 121 -19.09 51.81 -35.03
CA THR H 121 -19.40 53.23 -35.04
C THR H 121 -20.91 53.46 -35.11
N SER H 122 -21.55 52.65 -35.94
CA SER H 122 -22.99 52.73 -36.17
C SER H 122 -23.77 52.39 -34.90
N MET H 123 -23.31 51.38 -34.18
CA MET H 123 -23.91 50.92 -32.94
C MET H 123 -23.76 51.95 -31.82
N ARG H 124 -22.58 52.56 -31.72
CA ARG H 124 -22.30 53.61 -30.73
C ARG H 124 -23.13 54.87 -30.98
N ASN H 125 -23.30 55.21 -32.26
CA ASN H 125 -24.12 56.35 -32.68
C ASN H 125 -25.58 56.19 -32.25
N LEU H 126 -26.13 54.99 -32.41
CA LEU H 126 -27.51 54.72 -31.99
C LEU H 126 -27.68 54.81 -30.48
N LEU H 127 -26.71 54.33 -29.72
CA LEU H 127 -26.76 54.45 -28.26
C LEU H 127 -26.62 55.89 -27.81
N GLY H 128 -25.83 56.68 -28.55
CA GLY H 128 -25.72 58.12 -28.31
C GLY H 128 -27.10 58.78 -28.32
N PHE H 129 -27.96 58.30 -29.23
CA PHE H 129 -29.32 58.78 -29.39
C PHE H 129 -30.27 58.22 -28.32
N THR H 130 -30.26 56.91 -28.13
CA THR H 130 -31.18 56.24 -27.19
C THR H 130 -30.88 56.57 -25.73
N SER H 131 -29.63 56.93 -25.44
CA SER H 131 -29.23 57.38 -24.10
C SER H 131 -29.95 58.66 -23.68
N LYS H 132 -30.57 59.34 -24.64
CA LYS H 132 -31.28 60.59 -24.37
C LYS H 132 -32.80 60.41 -24.38
N LEU H 133 -33.24 59.15 -24.49
CA LEU H 133 -34.67 58.86 -24.57
C LEU H 133 -35.10 58.05 -23.35
N SER H 134 -36.41 57.96 -23.14
CA SER H 134 -36.97 57.38 -21.93
C SER H 134 -36.77 55.87 -21.86
N THR H 135 -36.78 55.36 -20.63
CA THR H 135 -36.71 53.92 -20.39
C THR H 135 -37.81 53.54 -19.41
N THR H 136 -38.16 52.25 -19.41
CA THR H 136 -39.18 51.72 -18.52
C THR H 136 -38.53 50.92 -17.39
N LEU H 137 -38.85 51.26 -16.15
CA LEU H 137 -38.34 50.55 -14.98
C LEU H 137 -38.71 49.07 -14.95
N ILE H 138 -37.72 48.24 -14.63
CA ILE H 138 -37.90 46.79 -14.53
C ILE H 138 -37.54 46.36 -13.11
N PRO H 139 -38.46 45.66 -12.43
CA PRO H 139 -38.13 45.16 -11.10
C PRO H 139 -37.21 43.96 -11.21
N HIS H 140 -36.30 43.82 -10.25
CA HIS H 140 -35.45 42.65 -10.25
C HIS H 140 -36.00 41.60 -9.29
N ASN H 141 -35.52 40.37 -9.44
CA ASN H 141 -35.75 39.33 -8.45
C ASN H 141 -34.39 38.80 -8.03
N ALA H 142 -34.34 37.78 -7.17
CA ALA H 142 -33.05 37.24 -6.72
C ALA H 142 -32.21 36.68 -7.88
N GLN H 143 -32.90 36.19 -8.92
CA GLN H 143 -32.24 35.65 -10.12
C GLN H 143 -31.51 36.74 -10.93
N THR H 144 -32.14 37.92 -11.07
CA THR H 144 -31.62 38.97 -11.96
C THR H 144 -30.94 40.13 -11.24
N ASP H 145 -31.11 40.22 -9.92
CA ASP H 145 -30.59 41.34 -9.13
C ASP H 145 -29.08 41.44 -9.30
N PRO H 146 -28.61 42.54 -9.92
CA PRO H 146 -27.16 42.75 -10.07
C PRO H 146 -26.39 42.70 -8.75
N LEU H 147 -27.07 43.01 -7.65
CA LEU H 147 -26.42 43.09 -6.33
C LEU H 147 -26.78 41.96 -5.35
N SER H 148 -27.42 40.91 -5.83
CA SER H 148 -27.63 39.73 -5.00
C SER H 148 -26.49 38.75 -5.27
N GLY H 149 -26.52 37.60 -4.61
CA GLY H 149 -25.47 36.61 -4.80
C GLY H 149 -24.32 36.83 -3.84
N PRO H 150 -23.30 35.97 -3.95
CA PRO H 150 -22.20 36.00 -2.98
C PRO H 150 -21.19 37.14 -3.19
N THR H 151 -21.06 37.65 -4.42
CA THR H 151 -20.00 38.61 -4.73
C THR H 151 -20.49 39.86 -5.48
N PRO H 152 -21.41 40.63 -4.87
CA PRO H 152 -21.91 41.80 -5.61
C PRO H 152 -20.81 42.85 -5.84
N PHE H 153 -20.81 43.46 -7.03
CA PHE H 153 -19.81 44.45 -7.46
C PHE H 153 -18.37 43.93 -7.63
N SER H 154 -18.13 42.63 -7.50
CA SER H 154 -16.76 42.11 -7.48
C SER H 154 -16.00 42.34 -8.79
N SER H 155 -16.72 42.43 -9.90
CA SER H 155 -16.10 42.57 -11.22
C SER H 155 -15.86 44.00 -11.68
N ILE H 156 -16.25 45.00 -10.89
CA ILE H 156 -16.25 46.39 -11.39
C ILE H 156 -14.90 46.93 -11.89
N PHE H 157 -13.80 46.53 -11.26
CA PHE H 157 -12.50 47.08 -11.66
C PHE H 157 -12.05 46.50 -13.00
N MET H 158 -12.25 45.19 -13.17
CA MET H 158 -12.04 44.55 -14.46
C MET H 158 -12.97 45.10 -15.51
N ASP H 159 -14.24 45.34 -15.15
CA ASP H 159 -15.24 45.93 -16.04
C ASP H 159 -14.83 47.35 -16.46
N THR H 160 -14.37 48.13 -15.50
CA THR H 160 -13.84 49.46 -15.76
C THR H 160 -12.68 49.42 -16.77
N CYS H 161 -11.79 48.45 -16.61
CA CYS H 161 -10.63 48.32 -17.50
C CYS H 161 -10.99 47.90 -18.92
N ARG H 162 -12.01 47.05 -19.07
CA ARG H 162 -12.57 46.72 -20.38
C ARG H 162 -13.28 47.93 -20.98
N GLY H 163 -13.90 48.75 -20.13
CA GLY H 163 -14.75 49.85 -20.57
C GLY H 163 -14.01 51.10 -21.00
N LEU H 164 -13.15 51.62 -20.13
CA LEU H 164 -12.42 52.87 -20.41
C LEU H 164 -11.65 52.78 -21.73
N GLY H 165 -11.81 53.80 -22.57
CA GLY H 165 -11.20 53.82 -23.89
C GLY H 165 -12.11 53.32 -25.00
N ASN H 166 -13.18 52.64 -24.60
CA ASN H 166 -14.18 52.11 -25.53
C ASN H 166 -15.57 52.40 -25.03
N ALA H 167 -15.79 53.62 -24.57
CA ALA H 167 -17.04 54.03 -23.98
C ALA H 167 -17.27 55.50 -24.27
N LYS H 168 -18.54 55.89 -24.29
CA LYS H 168 -18.91 57.28 -24.30
C LYS H 168 -19.04 57.70 -22.84
N LEU H 169 -18.29 58.73 -22.46
CA LEU H 169 -18.32 59.21 -21.08
C LEU H 169 -18.46 60.72 -21.00
N SER H 170 -19.41 61.14 -20.18
CA SER H 170 -19.67 62.55 -19.95
C SER H 170 -19.66 62.83 -18.45
N LEU H 171 -18.88 63.84 -18.05
CA LEU H 171 -18.80 64.29 -16.67
C LEU H 171 -19.25 65.74 -16.64
N ASN H 172 -20.34 66.00 -15.92
CA ASN H 172 -20.95 67.33 -15.88
C ASN H 172 -21.13 67.96 -17.26
N GLY H 173 -21.53 67.13 -18.23
CA GLY H 173 -21.75 67.59 -19.60
C GLY H 173 -20.51 67.67 -20.48
N VAL H 174 -19.33 67.37 -19.92
CA VAL H 174 -18.07 67.41 -20.68
C VAL H 174 -17.71 66.03 -21.21
N ASP H 175 -17.55 65.91 -22.53
CA ASP H 175 -17.16 64.63 -23.13
C ASP H 175 -15.71 64.27 -22.80
N ILE H 176 -15.52 63.06 -22.28
CA ILE H 176 -14.19 62.54 -21.97
C ILE H 176 -13.79 61.57 -23.10
N PRO H 177 -12.91 62.03 -24.01
CA PRO H 177 -12.56 61.22 -25.16
C PRO H 177 -11.73 59.99 -24.77
N ALA H 178 -11.56 59.06 -25.72
CA ALA H 178 -10.84 57.81 -25.51
C ALA H 178 -9.47 57.98 -24.82
N ASN H 179 -8.63 58.89 -25.32
CA ASN H 179 -7.30 59.11 -24.73
C ASN H 179 -7.35 59.57 -23.26
N ALA H 180 -8.31 60.44 -22.95
CA ALA H 180 -8.50 60.92 -21.58
C ALA H 180 -9.04 59.82 -20.66
N GLN H 181 -9.82 58.90 -21.23
CA GLN H 181 -10.31 57.74 -20.47
C GLN H 181 -9.15 56.81 -20.08
N MET H 182 -8.17 56.65 -20.97
CA MET H 182 -6.96 55.89 -20.65
C MET H 182 -6.15 56.62 -19.57
N LEU H 183 -6.08 57.95 -19.64
CA LEU H 183 -5.49 58.75 -18.57
C LEU H 183 -6.21 58.47 -17.23
N LEU H 184 -7.55 58.46 -17.27
CA LEU H 184 -8.37 58.15 -16.09
C LEU H 184 -8.07 56.76 -15.53
N ARG H 185 -7.98 55.76 -16.41
CA ARG H 185 -7.57 54.42 -16.02
C ARG H 185 -6.26 54.44 -15.24
N ASP H 186 -5.26 55.12 -15.80
CA ASP H 186 -3.96 55.25 -15.14
C ASP H 186 -4.08 55.96 -13.80
N ALA H 187 -4.87 57.04 -13.77
CA ALA H 187 -5.02 57.86 -12.55
C ALA H 187 -5.61 57.07 -11.39
N LEU H 188 -6.51 56.13 -11.70
CA LEU H 188 -7.13 55.23 -10.72
C LEU H 188 -6.16 54.18 -10.17
N GLY H 189 -5.04 53.99 -10.86
CA GLY H 189 -4.06 52.98 -10.47
C GLY H 189 -4.24 51.66 -11.19
N LEU H 190 -5.02 51.69 -12.27
CA LEU H 190 -5.46 50.49 -12.98
C LEU H 190 -4.75 50.26 -14.33
N LYS H 191 -3.63 50.95 -14.55
CA LYS H 191 -2.89 50.89 -15.81
C LYS H 191 -2.54 49.45 -16.18
N ASP H 192 -1.80 48.78 -15.30
CA ASP H 192 -1.03 47.59 -15.63
C ASP H 192 -1.23 46.37 -14.74
N THR H 193 -0.44 46.38 -13.67
CA THR H 193 -0.30 45.26 -12.76
C THR H 193 -1.49 45.20 -11.80
N HIS H 194 -1.94 46.35 -11.31
CA HIS H 194 -2.94 46.42 -10.25
C HIS H 194 -4.37 46.25 -10.74
N SER H 195 -5.07 45.28 -10.13
CA SER H 195 -6.42 44.89 -10.54
C SER H 195 -7.50 45.58 -9.72
N SER H 196 -7.10 46.49 -8.84
CA SER H 196 -8.03 47.36 -8.12
C SER H 196 -7.32 48.69 -7.80
N PRO H 197 -8.10 49.77 -7.54
CA PRO H 197 -7.52 51.10 -7.41
C PRO H 197 -6.50 51.23 -6.28
N SER H 198 -5.59 52.18 -6.43
CA SER H 198 -4.58 52.45 -5.40
C SER H 198 -5.25 53.00 -4.15
N ARG H 199 -4.66 52.71 -2.99
CA ARG H 199 -5.21 53.12 -1.71
C ARG H 199 -5.34 54.64 -1.59
N ASN H 200 -4.39 55.35 -2.19
CA ASN H 200 -4.37 56.81 -2.21
C ASN H 200 -5.58 57.42 -2.91
N VAL H 201 -5.92 56.87 -4.07
CA VAL H 201 -7.06 57.33 -4.84
C VAL H 201 -8.36 57.00 -4.09
N ILE H 202 -8.38 55.86 -3.41
CA ILE H 202 -9.55 55.45 -2.62
C ILE H 202 -9.80 56.45 -1.48
N ASP H 203 -8.74 56.84 -0.80
CA ASP H 203 -8.84 57.76 0.34
C ASP H 203 -8.93 59.24 -0.03
N HIS H 204 -8.22 59.66 -1.08
CA HIS H 204 -8.11 61.08 -1.40
C HIS H 204 -8.70 61.49 -2.75
N GLY H 205 -9.10 60.50 -3.55
CA GLY H 205 -9.55 60.75 -4.92
C GLY H 205 -8.36 60.83 -5.87
N ILE H 206 -8.65 61.10 -7.13
CA ILE H 206 -7.61 61.35 -8.13
C ILE H 206 -6.84 62.63 -7.78
N SER H 207 -5.53 62.65 -8.07
CA SER H 207 -4.70 63.83 -7.81
C SER H 207 -5.13 65.01 -8.69
N ARG H 208 -4.90 66.22 -8.21
CA ARG H 208 -5.30 67.43 -8.95
C ARG H 208 -4.56 67.54 -10.29
N HIS H 209 -3.28 67.20 -10.28
CA HIS H 209 -2.50 67.14 -11.51
C HIS H 209 -3.14 66.20 -12.54
N ASP H 210 -3.40 64.96 -12.12
CA ASP H 210 -4.04 63.96 -12.98
C ASP H 210 -5.41 64.41 -13.46
N ALA H 211 -6.20 64.97 -12.54
CA ALA H 211 -7.53 65.48 -12.85
C ALA H 211 -7.50 66.59 -13.90
N GLU H 212 -6.59 67.55 -13.69
CA GLU H 212 -6.39 68.66 -14.65
C GLU H 212 -5.93 68.16 -16.01
N GLN H 213 -5.00 67.20 -16.02
CA GLN H 213 -4.55 66.58 -17.26
C GLN H 213 -5.71 65.94 -18.03
N ILE H 214 -6.62 65.31 -17.29
CA ILE H 214 -7.79 64.66 -17.90
C ILE H 214 -8.74 65.69 -18.51
N ALA H 215 -9.10 66.70 -17.71
CA ALA H 215 -10.00 67.76 -18.15
C ALA H 215 -9.51 68.50 -19.38
N ARG H 216 -8.22 68.80 -19.45
CA ARG H 216 -7.68 69.56 -20.56
C ARG H 216 -7.73 68.81 -21.89
N GLU H 217 -7.76 67.48 -21.82
CA GLU H 217 -7.92 66.63 -23.00
C GLU H 217 -9.39 66.60 -23.45
N SER H 218 -10.30 67.01 -22.58
CA SER H 218 -11.73 66.78 -22.79
C SER H 218 -12.43 67.87 -23.61
N SER H 219 -13.70 67.65 -23.94
CA SER H 219 -14.47 68.56 -24.80
C SER H 219 -15.69 69.20 -24.11
N GLY H 220 -15.54 70.47 -23.76
CA GLY H 220 -16.59 71.24 -23.09
C GLY H 220 -16.09 72.62 -22.69
N SER H 221 -16.98 73.45 -22.15
CA SER H 221 -16.61 74.82 -21.76
C SER H 221 -15.67 74.83 -20.55
N ASP H 222 -14.94 75.92 -20.37
CA ASP H 222 -13.97 76.05 -19.28
C ASP H 222 -14.59 75.95 -17.89
N ASN H 223 -15.83 76.47 -17.75
CA ASN H 223 -16.57 76.38 -16.50
C ASN H 223 -16.79 74.95 -16.02
N GLN H 224 -17.41 74.12 -16.86
CA GLN H 224 -17.64 72.72 -16.49
C GLN H 224 -16.38 71.84 -16.56
N LYS H 225 -15.32 72.35 -17.18
CA LYS H 225 -14.00 71.73 -17.08
C LYS H 225 -13.45 71.86 -15.66
N ALA H 226 -13.68 73.02 -15.04
CA ALA H 226 -13.35 73.23 -13.63
C ALA H 226 -14.21 72.34 -12.75
N GLU H 227 -15.49 72.21 -13.10
CA GLU H 227 -16.41 71.29 -12.41
C GLU H 227 -15.90 69.86 -12.46
N VAL H 228 -15.42 69.44 -13.63
CA VAL H 228 -14.84 68.12 -13.85
C VAL H 228 -13.63 67.88 -12.93
N VAL H 229 -12.71 68.83 -12.91
CA VAL H 229 -11.53 68.76 -12.04
C VAL H 229 -11.94 68.61 -10.57
N GLU H 230 -12.82 69.51 -10.12
CA GLU H 230 -13.28 69.51 -8.74
C GLU H 230 -13.99 68.19 -8.40
N PHE H 231 -14.75 67.66 -9.35
CA PHE H 231 -15.40 66.36 -9.18
C PHE H 231 -14.39 65.21 -9.09
N LEU H 232 -13.44 65.18 -10.01
CA LEU H 232 -12.47 64.10 -10.07
C LEU H 232 -11.62 63.98 -8.81
N CYS H 233 -11.42 65.12 -8.12
CA CYS H 233 -10.63 65.16 -6.88
C CYS H 233 -11.37 64.59 -5.66
N HIS H 234 -12.64 64.25 -5.83
CA HIS H 234 -13.41 63.57 -4.79
C HIS H 234 -13.09 62.07 -4.76
N PRO H 235 -12.96 61.50 -3.55
CA PRO H 235 -12.87 60.04 -3.41
C PRO H 235 -14.08 59.35 -4.09
N GLU H 236 -15.25 59.97 -3.96
CA GLU H 236 -16.50 59.44 -4.49
C GLU H 236 -16.55 59.40 -6.03
N ALA H 237 -15.70 60.18 -6.68
CA ALA H 237 -15.59 60.14 -8.14
C ALA H 237 -15.10 58.78 -8.61
N ALA H 238 -14.10 58.23 -7.92
CA ALA H 238 -13.61 56.89 -8.21
C ALA H 238 -14.73 55.86 -8.05
N THR H 239 -15.49 56.01 -6.98
CA THR H 239 -16.63 55.15 -6.69
C THR H 239 -17.67 55.22 -7.83
N ALA H 240 -17.97 56.44 -8.25
CA ALA H 240 -18.94 56.70 -9.30
C ALA H 240 -18.50 56.10 -10.64
N ILE H 241 -17.27 56.40 -11.05
CA ILE H 241 -16.75 55.93 -12.34
C ILE H 241 -16.67 54.41 -12.40
N CYS H 242 -16.05 53.80 -11.39
CA CYS H 242 -15.88 52.36 -11.38
C CYS H 242 -17.20 51.60 -11.33
N SER H 243 -18.13 52.05 -10.48
CA SER H 243 -19.41 51.36 -10.37
C SER H 243 -20.22 51.42 -11.65
N ALA H 244 -20.06 52.51 -12.41
CA ALA H 244 -20.82 52.75 -13.65
C ALA H 244 -20.63 51.67 -14.70
N PHE H 245 -19.45 51.06 -14.71
CA PHE H 245 -19.13 50.00 -15.67
C PHE H 245 -19.58 48.59 -15.27
N TYR H 246 -20.22 48.45 -14.10
CA TYR H 246 -20.64 47.11 -13.63
C TYR H 246 -21.41 46.36 -14.71
N GLN H 247 -20.85 45.24 -15.15
CA GLN H 247 -21.41 44.48 -16.28
C GLN H 247 -22.77 43.87 -15.95
N SER H 248 -23.02 43.58 -14.67
CA SER H 248 -24.23 42.90 -14.24
C SER H 248 -25.49 43.77 -14.24
N PHE H 249 -25.32 45.09 -14.34
CA PHE H 249 -26.44 46.04 -14.29
C PHE H 249 -27.54 45.74 -15.31
N ASN H 250 -27.17 45.19 -16.45
CA ASN H 250 -28.13 44.99 -17.53
C ASN H 250 -28.80 43.61 -17.56
N VAL H 251 -28.52 42.80 -16.54
CA VAL H 251 -29.08 41.44 -16.47
C VAL H 251 -30.63 41.40 -16.46
N PRO H 252 -31.30 42.24 -15.65
CA PRO H 252 -32.77 42.24 -15.74
C PRO H 252 -33.29 42.51 -17.17
N ALA H 253 -32.76 43.54 -17.82
CA ALA H 253 -33.10 43.83 -19.22
C ALA H 253 -32.74 42.70 -20.18
N LEU H 254 -31.52 42.15 -20.05
CA LEU H 254 -31.12 41.01 -20.88
C LEU H 254 -32.06 39.81 -20.73
N THR H 255 -32.50 39.58 -19.49
CA THR H 255 -33.38 38.46 -19.18
C THR H 255 -34.77 38.65 -19.80
N LEU H 256 -35.34 39.85 -19.62
CA LEU H 256 -36.67 40.14 -20.14
C LEU H 256 -36.71 40.08 -21.67
N THR H 257 -35.59 40.39 -22.30
CA THR H 257 -35.56 40.42 -23.77
C THR H 257 -34.60 39.39 -24.40
N HIS H 258 -34.45 38.27 -23.71
CA HIS H 258 -33.51 37.22 -24.11
C HIS H 258 -33.80 36.62 -25.49
N GLU H 259 -35.08 36.51 -25.84
CA GLU H 259 -35.46 35.92 -27.11
C GLU H 259 -34.98 36.78 -28.29
N ARG H 260 -35.18 38.10 -28.21
CA ARG H 260 -34.78 38.97 -29.33
C ARG H 260 -33.27 39.27 -29.35
N ILE H 261 -32.61 39.08 -28.21
CA ILE H 261 -31.15 39.15 -28.13
C ILE H 261 -30.53 37.97 -28.90
N SER H 262 -30.95 36.76 -28.54
CA SER H 262 -30.40 35.56 -29.15
C SER H 262 -30.79 35.42 -30.63
N LYS H 263 -31.93 35.99 -31.00
CA LYS H 263 -32.36 36.00 -32.41
C LYS H 263 -31.44 36.88 -33.26
N ALA H 264 -31.03 38.02 -32.71
CA ALA H 264 -30.06 38.90 -33.36
C ALA H 264 -28.70 38.22 -33.47
N SER H 265 -28.29 37.58 -32.39
CA SER H 265 -27.00 36.88 -32.29
C SER H 265 -26.89 35.72 -33.28
N GLU H 266 -28.00 35.00 -33.47
CA GLU H 266 -28.04 33.87 -34.39
C GLU H 266 -28.31 34.28 -35.84
N TYR H 267 -28.73 35.53 -36.05
CA TYR H 267 -28.98 36.06 -37.39
C TYR H 267 -27.68 36.39 -38.11
N ASN H 268 -26.90 37.29 -37.54
CA ASN H 268 -25.62 37.69 -38.14
C ASN H 268 -24.50 36.67 -37.91
N ALA H 269 -24.88 35.45 -37.54
CA ALA H 269 -23.95 34.34 -37.40
C ALA H 269 -23.49 33.84 -38.77
N GLU H 270 -22.18 33.70 -38.92
CA GLU H 270 -21.53 33.36 -40.19
C GLU H 270 -21.58 34.49 -41.23
N ARG H 271 -21.96 35.69 -40.78
CA ARG H 271 -22.00 36.89 -41.64
C ARG H 271 -21.77 38.18 -40.85
N SER H 272 -20.69 38.20 -40.06
CA SER H 272 -20.27 39.37 -39.27
C SER H 272 -21.41 39.96 -38.42
N PRO H 276 -19.13 44.78 -32.01
CA PRO H 276 -18.96 44.36 -30.62
C PRO H 276 -20.28 43.83 -30.03
N ASN H 277 -20.19 43.19 -28.87
CA ASN H 277 -21.36 42.65 -28.17
C ASN H 277 -22.21 43.72 -27.49
N ALA H 278 -21.57 44.80 -27.02
CA ALA H 278 -22.25 45.86 -26.27
C ALA H 278 -21.48 47.19 -26.28
N CYS H 279 -22.20 48.28 -26.48
CA CYS H 279 -21.65 49.63 -26.37
C CYS H 279 -22.02 50.24 -25.03
N ILE H 280 -21.24 51.24 -24.60
CA ILE H 280 -21.40 51.85 -23.28
C ILE H 280 -21.46 53.38 -23.40
N ASN H 281 -22.42 53.98 -22.71
CA ASN H 281 -22.62 55.42 -22.71
C ASN H 281 -23.01 55.85 -21.30
N ILE H 282 -22.07 56.50 -20.61
CA ILE H 282 -22.22 56.87 -19.20
C ILE H 282 -22.27 58.39 -19.03
N SER H 283 -23.23 58.86 -18.22
CA SER H 283 -23.28 60.25 -17.79
C SER H 283 -23.18 60.29 -16.28
N ILE H 284 -22.21 61.03 -15.77
CA ILE H 284 -22.12 61.31 -14.33
C ILE H 284 -22.13 62.82 -14.13
N SER H 285 -22.85 63.27 -13.11
CA SER H 285 -22.89 64.68 -12.79
C SER H 285 -22.88 64.89 -11.29
N GLN H 286 -22.13 65.92 -10.88
CA GLN H 286 -22.17 66.42 -9.52
C GLN H 286 -22.82 67.79 -9.56
N SER H 287 -23.90 67.92 -8.81
CA SER H 287 -24.67 69.15 -8.77
C SER H 287 -23.90 70.24 -8.01
N SER H 288 -24.35 71.48 -8.11
CA SER H 288 -23.72 72.59 -7.41
C SER H 288 -23.88 72.45 -5.89
N ASP H 289 -24.84 71.61 -5.47
CA ASP H 289 -25.02 71.25 -4.06
C ASP H 289 -24.13 70.10 -3.62
N GLY H 290 -23.39 69.51 -4.56
CA GLY H 290 -22.46 68.42 -4.28
C GLY H 290 -22.97 67.00 -4.49
N ASN H 291 -24.21 66.85 -4.95
CA ASN H 291 -24.80 65.53 -5.13
C ASN H 291 -24.35 64.83 -6.41
N ILE H 292 -23.76 63.65 -6.25
CA ILE H 292 -23.27 62.87 -7.40
C ILE H 292 -24.32 61.88 -7.87
N TYR H 293 -24.62 61.93 -9.17
CA TYR H 293 -25.61 61.05 -9.77
C TYR H 293 -25.03 60.42 -11.01
N VAL H 294 -25.16 59.10 -11.12
CA VAL H 294 -24.71 58.39 -12.31
C VAL H 294 -25.85 57.72 -13.09
N THR H 295 -25.76 57.87 -14.41
CA THR H 295 -26.70 57.24 -15.30
C THR H 295 -25.85 56.50 -16.33
N SER H 296 -25.87 55.18 -16.24
CA SER H 296 -25.02 54.31 -17.04
C SER H 296 -25.87 53.54 -18.06
N HIS H 297 -25.51 53.63 -19.33
CA HIS H 297 -26.27 52.95 -20.40
C HIS H 297 -25.41 51.92 -21.09
N THR H 298 -26.00 50.74 -21.33
CA THR H 298 -25.40 49.72 -22.18
C THR H 298 -26.39 49.39 -23.29
N GLY H 299 -25.90 49.31 -24.53
CA GLY H 299 -26.75 48.96 -25.66
C GLY H 299 -26.30 47.66 -26.31
N VAL H 300 -27.25 46.76 -26.56
CA VAL H 300 -27.00 45.49 -27.23
C VAL H 300 -27.99 45.32 -28.39
N LEU H 301 -27.59 44.56 -29.41
CA LEU H 301 -28.45 44.36 -30.56
C LEU H 301 -29.57 43.37 -30.30
N ILE H 302 -30.74 43.67 -30.84
CA ILE H 302 -31.90 42.80 -30.79
C ILE H 302 -32.54 42.75 -32.17
N MET H 303 -33.28 41.69 -32.43
CA MET H 303 -33.99 41.55 -33.68
C MET H 303 -35.36 40.92 -33.48
N ALA H 304 -36.38 41.60 -34.01
CA ALA H 304 -37.74 41.09 -34.02
C ALA H 304 -37.85 39.93 -35.02
N PRO H 305 -38.74 38.95 -34.75
CA PRO H 305 -39.01 37.84 -35.67
C PRO H 305 -39.31 38.30 -37.10
N GLU H 306 -39.04 37.42 -38.07
CA GLU H 306 -39.18 37.73 -39.50
C GLU H 306 -40.56 38.29 -39.87
N ASP H 307 -41.61 37.78 -39.23
CA ASP H 307 -42.98 38.12 -39.60
C ASP H 307 -43.53 39.36 -38.91
N ARG H 308 -42.99 39.69 -37.75
CA ARG H 308 -43.36 40.93 -37.03
C ARG H 308 -42.82 42.15 -37.80
N PRO H 309 -43.48 43.33 -37.63
CA PRO H 309 -43.20 44.50 -38.49
C PRO H 309 -41.74 45.01 -38.48
N ASN H 310 -41.14 45.07 -37.29
CA ASN H 310 -39.75 45.53 -37.15
C ASN H 310 -38.75 44.45 -37.54
N GLU H 311 -37.47 44.82 -37.63
CA GLU H 311 -36.40 43.85 -37.77
C GLU H 311 -35.23 43.92 -36.79
N MET H 312 -34.21 44.71 -37.11
CA MET H 312 -33.02 44.83 -36.28
C MET H 312 -33.19 46.11 -35.48
N GLY H 313 -32.72 46.08 -34.22
CA GLY H 313 -32.75 47.25 -33.35
C GLY H 313 -31.79 47.15 -32.17
N MET H 314 -31.98 48.02 -31.18
CA MET H 314 -31.13 48.06 -30.00
C MET H 314 -31.92 48.07 -28.68
N LEU H 315 -31.48 47.23 -27.75
CA LEU H 315 -31.94 47.29 -26.37
C LEU H 315 -31.01 48.19 -25.56
N THR H 316 -31.55 49.25 -24.99
CA THR H 316 -30.79 50.15 -24.13
C THR H 316 -31.19 49.91 -22.69
N ASN H 317 -30.22 49.62 -21.83
CA ASN H 317 -30.46 49.56 -20.40
C ASN H 317 -29.94 50.82 -19.73
N ARG H 318 -30.74 51.41 -18.87
CA ARG H 318 -30.33 52.57 -18.10
C ARG H 318 -30.27 52.16 -16.64
N THR H 319 -29.12 52.41 -16.02
CA THR H 319 -28.96 52.21 -14.58
C THR H 319 -28.69 53.56 -13.92
N SER H 320 -29.52 53.92 -12.94
CA SER H 320 -29.50 55.25 -12.32
C SER H 320 -29.34 55.11 -10.82
N TYR H 321 -28.47 55.93 -10.24
CA TYR H 321 -28.27 55.93 -8.80
C TYR H 321 -27.44 57.11 -8.34
N GLU H 322 -27.70 57.51 -7.11
CA GLU H 322 -26.90 58.46 -6.39
C GLU H 322 -25.66 57.77 -5.84
N VAL H 323 -24.54 58.49 -5.82
CA VAL H 323 -23.36 58.08 -5.06
C VAL H 323 -23.27 59.05 -3.89
N PRO H 324 -23.80 58.64 -2.71
CA PRO H 324 -23.81 59.50 -1.53
C PRO H 324 -22.41 59.95 -1.11
N GLN H 325 -22.34 61.08 -0.41
CA GLN H 325 -21.10 61.61 0.11
C GLN H 325 -20.51 60.61 1.10
N GLY H 326 -19.19 60.40 1.01
CA GLY H 326 -18.49 59.53 1.93
C GLY H 326 -18.40 58.07 1.52
N VAL H 327 -19.00 57.70 0.39
CA VAL H 327 -18.88 56.34 -0.12
C VAL H 327 -17.62 56.20 -0.96
N LYS H 328 -16.62 55.51 -0.39
CA LYS H 328 -15.33 55.34 -1.04
C LYS H 328 -15.31 54.11 -1.96
N CYS H 329 -14.29 54.02 -2.79
CA CYS H 329 -14.22 53.02 -3.86
C CYS H 329 -13.73 51.65 -3.37
N THR H 330 -14.43 51.08 -2.40
CA THR H 330 -14.16 49.72 -1.93
C THR H 330 -15.44 48.90 -2.01
N ILE H 331 -15.29 47.62 -2.34
CA ILE H 331 -16.43 46.74 -2.61
C ILE H 331 -17.43 46.77 -1.47
N ASP H 332 -16.93 46.66 -0.23
CA ASP H 332 -17.80 46.61 0.95
C ASP H 332 -18.77 47.80 1.06
N GLU H 333 -18.25 49.02 0.99
CA GLU H 333 -19.12 50.18 1.19
C GLU H 333 -19.97 50.57 -0.03
N MET H 334 -19.54 50.11 -1.21
CA MET H 334 -20.37 50.23 -2.40
C MET H 334 -21.62 49.33 -2.33
N VAL H 335 -21.42 48.09 -1.87
CA VAL H 335 -22.52 47.16 -1.66
C VAL H 335 -23.46 47.71 -0.59
N ARG H 336 -22.88 48.16 0.52
CA ARG H 336 -23.61 48.78 1.63
C ARG H 336 -24.48 49.98 1.18
N ALA H 337 -23.92 50.83 0.34
CA ALA H 337 -24.49 52.17 0.15
C ALA H 337 -25.19 52.45 -1.17
N LEU H 338 -24.79 51.78 -2.24
CA LEU H 338 -25.34 52.11 -3.55
C LEU H 338 -26.64 51.36 -3.81
N GLN H 339 -27.64 52.08 -4.33
CA GLN H 339 -28.99 51.52 -4.54
C GLN H 339 -29.46 51.82 -5.97
N PRO H 340 -28.93 51.08 -6.97
CA PRO H 340 -29.32 51.41 -8.33
C PRO H 340 -30.71 50.90 -8.70
N ARG H 341 -31.32 51.53 -9.70
CA ARG H 341 -32.54 51.01 -10.31
C ARG H 341 -32.27 50.73 -11.78
N TYR H 342 -33.15 49.97 -12.42
CA TYR H 342 -32.87 49.45 -13.75
C TYR H 342 -34.07 49.64 -14.68
N ALA H 343 -33.79 50.02 -15.92
CA ALA H 343 -34.83 50.38 -16.88
C ALA H 343 -34.33 50.13 -18.29
N ALA H 344 -35.26 49.88 -19.22
CA ALA H 344 -34.88 49.56 -20.60
C ALA H 344 -35.82 50.15 -21.65
N SER H 345 -35.30 50.21 -22.87
CA SER H 345 -36.06 50.62 -24.04
C SER H 345 -35.58 49.80 -25.23
N GLU H 346 -36.46 49.65 -26.22
CA GLU H 346 -36.10 49.03 -27.49
C GLU H 346 -36.23 50.08 -28.58
N THR H 347 -35.19 50.21 -29.41
CA THR H 347 -35.21 51.19 -30.50
C THR H 347 -34.90 50.49 -31.82
N TYR H 348 -35.81 50.63 -32.78
CA TYR H 348 -35.71 49.94 -34.06
C TYR H 348 -35.44 50.90 -35.23
N LEU H 349 -34.79 50.40 -36.25
CA LEU H 349 -34.46 51.15 -37.43
C LEU H 349 -35.63 51.24 -38.39
N GLN H 350 -35.69 52.31 -39.16
CA GLN H 350 -36.74 52.53 -40.13
C GLN H 350 -36.80 51.44 -41.13
N ASN H 351 -37.97 50.85 -41.29
CA ASN H 351 -38.20 49.69 -42.14
C ASN H 351 -38.54 48.48 -41.28
N GLU I 1 -22.85 -14.53 34.39
CA GLU I 1 -21.38 -14.34 34.48
C GLU I 1 -20.63 -15.22 33.46
N MET I 2 -20.60 -14.76 32.21
CA MET I 2 -19.94 -15.48 31.13
C MET I 2 -18.97 -14.60 30.33
N SER I 3 -17.92 -15.20 29.79
CA SER I 3 -16.88 -14.47 29.06
C SER I 3 -17.36 -13.92 27.73
N CYS I 4 -16.61 -12.96 27.20
CA CYS I 4 -16.92 -12.37 25.91
C CYS I 4 -16.98 -13.39 24.79
N ALA I 5 -16.05 -14.35 24.79
CA ALA I 5 -15.99 -15.36 23.75
C ALA I 5 -17.26 -16.21 23.72
N GLU I 6 -17.79 -16.54 24.89
CA GLU I 6 -18.99 -17.36 24.90
C GLU I 6 -20.29 -16.57 24.68
N LYS I 7 -20.27 -15.28 25.03
CA LYS I 7 -21.34 -14.38 24.61
C LYS I 7 -21.40 -14.29 23.08
N LEU I 8 -20.25 -14.13 22.45
CA LEU I 8 -20.18 -14.06 20.98
C LEU I 8 -20.61 -15.38 20.34
N LEU I 9 -20.13 -16.49 20.91
CA LEU I 9 -20.48 -17.81 20.41
C LEU I 9 -21.99 -18.04 20.36
N LYS I 10 -22.70 -17.68 21.44
CA LYS I 10 -24.14 -17.90 21.43
C LYS I 10 -24.93 -16.88 20.61
N VAL I 11 -24.37 -15.69 20.44
CA VAL I 11 -24.93 -14.71 19.52
C VAL I 11 -24.84 -15.22 18.07
N LEU I 12 -23.69 -15.79 17.72
CA LEU I 12 -23.48 -16.37 16.40
C LEU I 12 -24.35 -17.62 16.18
N SER I 13 -24.50 -18.44 17.23
CA SER I 13 -25.35 -19.63 17.21
C SER I 13 -26.83 -19.32 17.03
N PHE I 14 -27.29 -18.25 17.68
CA PHE I 14 -28.70 -17.86 17.65
C PHE I 14 -29.00 -16.92 16.49
N GLY I 15 -28.00 -16.14 16.10
CA GLY I 15 -28.15 -15.15 15.03
C GLY I 15 -28.32 -13.76 15.61
N LEU I 16 -27.49 -12.81 15.15
CA LEU I 16 -27.54 -11.43 15.62
C LEU I 16 -28.95 -10.82 15.53
N TRP I 17 -29.70 -11.23 14.51
CA TRP I 17 -31.01 -10.66 14.22
C TRP I 17 -32.19 -11.45 14.83
N ASN I 18 -31.91 -12.29 15.82
CA ASN I 18 -32.97 -13.15 16.41
C ASN I 18 -33.96 -12.35 17.26
N PRO I 19 -35.27 -12.68 17.16
CA PRO I 19 -36.36 -11.84 17.69
C PRO I 19 -36.28 -11.52 19.18
N THR I 20 -35.58 -12.36 19.95
CA THR I 20 -35.51 -12.19 21.41
C THR I 20 -34.61 -11.02 21.82
N TYR I 21 -33.71 -10.60 20.92
CA TYR I 21 -32.83 -9.47 21.20
C TYR I 21 -33.53 -8.14 20.94
N SER I 22 -33.30 -7.20 21.85
CA SER I 22 -33.73 -5.83 21.67
C SER I 22 -32.68 -5.07 20.87
N ARG I 23 -33.02 -3.85 20.45
CA ARG I 23 -32.12 -2.97 19.72
C ARG I 23 -30.85 -2.65 20.52
N SER I 24 -31.00 -2.47 21.83
CA SER I 24 -29.87 -2.14 22.72
C SER I 24 -28.82 -3.23 22.83
N GLU I 25 -29.25 -4.48 22.95
CA GLU I 25 -28.30 -5.60 23.02
C GLU I 25 -27.74 -5.97 21.66
N ARG I 26 -28.53 -5.77 20.60
CA ARG I 26 -28.08 -5.99 19.23
C ARG I 26 -26.81 -5.20 18.89
N GLN I 27 -26.81 -3.91 19.24
CA GLN I 27 -25.63 -3.06 19.03
C GLN I 27 -24.50 -3.35 20.02
N SER I 28 -24.85 -3.94 21.17
CA SER I 28 -23.86 -4.37 22.15
C SER I 28 -23.13 -5.63 21.69
N PHE I 29 -23.85 -6.55 21.08
CA PHE I 29 -23.28 -7.79 20.53
C PHE I 29 -22.45 -7.50 19.29
N GLN I 30 -22.87 -6.50 18.53
CA GLN I 30 -22.16 -6.05 17.33
C GLN I 30 -20.74 -5.60 17.64
N GLU I 31 -20.54 -5.04 18.84
CA GLU I 31 -19.20 -4.62 19.27
C GLU I 31 -18.30 -5.81 19.59
N LEU I 32 -18.90 -6.90 20.04
CA LEU I 32 -18.19 -8.17 20.20
C LEU I 32 -17.74 -8.69 18.84
N LEU I 33 -18.57 -8.48 17.81
CA LEU I 33 -18.29 -8.94 16.46
C LEU I 33 -17.03 -8.34 15.84
N THR I 34 -16.69 -7.11 16.20
CA THR I 34 -15.54 -6.43 15.61
C THR I 34 -14.22 -7.07 16.03
N VAL I 35 -14.27 -7.85 17.11
CA VAL I 35 -13.09 -8.56 17.58
C VAL I 35 -12.75 -9.73 16.64
N LEU I 36 -13.76 -10.22 15.90
CA LEU I 36 -13.55 -11.30 14.92
C LEU I 36 -12.63 -10.87 13.80
N GLU I 37 -11.65 -11.70 13.48
CA GLU I 37 -10.69 -11.41 12.41
C GLU I 37 -10.53 -12.60 11.47
N PRO I 38 -10.60 -12.35 10.15
CA PRO I 38 -10.22 -13.44 9.24
C PRO I 38 -8.72 -13.72 9.35
N VAL I 39 -8.34 -14.98 9.34
CA VAL I 39 -6.93 -15.40 9.46
C VAL I 39 -6.63 -16.42 8.35
N TYR I 40 -5.36 -16.83 8.27
CA TYR I 40 -4.94 -17.84 7.31
C TYR I 40 -5.68 -19.15 7.57
N PRO I 41 -6.36 -19.69 6.54
CA PRO I 41 -7.10 -20.93 6.70
C PRO I 41 -6.21 -22.15 6.49
N LEU I 42 -6.54 -23.24 7.17
CA LEU I 42 -5.94 -24.54 6.90
C LEU I 42 -6.36 -25.03 5.51
N PRO I 43 -5.56 -25.91 4.88
CA PRO I 43 -5.84 -26.46 3.54
C PRO I 43 -7.29 -26.93 3.32
N ASN I 44 -7.89 -27.57 4.32
CA ASN I 44 -9.26 -28.11 4.19
C ASN I 44 -10.38 -27.11 4.47
N GLU I 45 -10.01 -25.86 4.76
CA GLU I 45 -10.97 -24.85 5.20
C GLU I 45 -11.24 -23.82 4.12
N LEU I 46 -12.49 -23.42 3.94
CA LEU I 46 -12.80 -22.30 3.06
C LEU I 46 -12.56 -20.96 3.75
N GLY I 47 -12.46 -20.98 5.08
CA GLY I 47 -12.19 -19.77 5.85
C GLY I 47 -11.98 -20.10 7.32
N ARG I 48 -11.16 -19.28 7.98
CA ARG I 48 -11.13 -19.28 9.43
C ARG I 48 -11.02 -17.90 10.04
N VAL I 49 -11.59 -17.79 11.23
CA VAL I 49 -11.82 -16.54 11.89
C VAL I 49 -11.37 -16.70 13.32
N SER I 50 -10.71 -15.67 13.86
CA SER I 50 -10.19 -15.70 15.21
C SER I 50 -10.53 -14.42 15.95
N ALA I 51 -10.90 -14.56 17.21
CA ALA I 51 -11.14 -13.40 18.08
C ALA I 51 -10.47 -13.63 19.42
N ARG I 52 -9.62 -12.68 19.84
CA ARG I 52 -9.01 -12.74 21.17
C ARG I 52 -9.45 -11.53 21.97
N PHE I 53 -10.15 -11.78 23.07
CA PHE I 53 -10.79 -10.71 23.84
C PHE I 53 -9.93 -10.28 25.03
N SER I 54 -10.13 -9.05 25.48
CA SER I 54 -9.35 -8.49 26.59
C SER I 54 -9.57 -9.21 27.92
N ASP I 55 -10.72 -9.87 28.07
CA ASP I 55 -11.01 -10.62 29.29
C ASP I 55 -10.24 -11.95 29.35
N GLY I 56 -9.46 -12.23 28.32
CA GLY I 56 -8.66 -13.46 28.29
C GLY I 56 -9.35 -14.66 27.67
N SER I 57 -10.53 -14.44 27.10
CA SER I 57 -11.22 -15.51 26.38
C SER I 57 -10.96 -15.39 24.89
N SER I 58 -11.15 -16.47 24.15
CA SER I 58 -10.96 -16.44 22.70
C SER I 58 -11.90 -17.41 21.97
N LEU I 59 -12.13 -17.11 20.69
CA LEU I 59 -12.98 -17.92 19.84
C LEU I 59 -12.31 -18.03 18.48
N ARG I 60 -12.15 -19.27 18.01
CA ARG I 60 -11.66 -19.52 16.66
C ARG I 60 -12.72 -20.35 15.90
N ILE I 61 -13.12 -19.85 14.72
CA ILE I 61 -14.16 -20.49 13.94
C ILE I 61 -13.62 -20.97 12.58
N SER I 62 -13.75 -22.26 12.32
CA SER I 62 -13.37 -22.83 11.04
C SER I 62 -14.59 -23.22 10.22
N VAL I 63 -14.57 -22.86 8.94
CA VAL I 63 -15.56 -23.36 8.00
C VAL I 63 -14.80 -24.20 6.99
N THR I 64 -15.06 -25.50 6.98
CA THR I 64 -14.43 -26.40 6.03
C THR I 64 -14.98 -26.17 4.62
N ASN I 65 -14.30 -26.72 3.62
CA ASN I 65 -14.80 -26.72 2.25
C ASN I 65 -16.17 -27.40 2.16
N SER I 66 -16.38 -28.38 3.05
CA SER I 66 -17.66 -29.05 3.25
C SER I 66 -18.75 -28.15 3.86
N GLU I 67 -18.40 -26.89 4.15
CA GLU I 67 -19.23 -25.96 4.93
C GLU I 67 -19.58 -26.47 6.35
N SER I 68 -18.84 -27.48 6.81
CA SER I 68 -18.88 -27.92 8.21
C SER I 68 -18.21 -26.85 9.06
N ILE I 69 -18.83 -26.51 10.19
CA ILE I 69 -18.39 -25.39 11.02
C ILE I 69 -18.05 -25.83 12.44
N GLU I 70 -16.85 -25.50 12.88
CA GLU I 70 -16.42 -25.76 14.26
C GLU I 70 -15.83 -24.50 14.93
N ALA I 71 -16.10 -24.37 16.22
CA ALA I 71 -15.66 -23.22 17.00
C ALA I 71 -14.91 -23.66 18.24
N GLU I 72 -13.61 -23.38 18.27
CA GLU I 72 -12.81 -23.64 19.46
C GLU I 72 -12.89 -22.45 20.39
N ILE I 73 -13.30 -22.71 21.62
CA ILE I 73 -13.48 -21.67 22.62
C ILE I 73 -12.62 -21.92 23.86
N ARG I 74 -11.89 -20.88 24.25
CA ARG I 74 -11.10 -20.86 25.49
C ARG I 74 -11.68 -19.79 26.41
N THR I 75 -11.92 -20.15 27.66
CA THR I 75 -12.55 -19.25 28.62
C THR I 75 -11.63 -19.07 29.84
N PRO I 76 -11.68 -17.90 30.50
CA PRO I 76 -10.73 -17.54 31.57
C PRO I 76 -10.63 -18.51 32.76
N ASP I 77 -11.40 -19.59 32.75
CA ASP I 77 -11.33 -20.60 33.81
C ASP I 77 -10.50 -21.84 33.43
N ASN I 78 -9.62 -21.67 32.43
CA ASN I 78 -8.73 -22.72 31.90
C ASN I 78 -9.42 -23.90 31.18
N GLU I 79 -10.65 -23.68 30.71
CA GLU I 79 -11.36 -24.67 29.88
C GLU I 79 -11.11 -24.42 28.40
N LYS I 80 -11.15 -25.49 27.62
CA LYS I 80 -10.90 -25.44 26.19
C LYS I 80 -11.73 -26.51 25.49
N ILE I 81 -12.77 -26.08 24.77
CA ILE I 81 -13.64 -27.03 24.07
C ILE I 81 -13.92 -26.64 22.62
N THR I 82 -14.19 -27.65 21.80
CA THR I 82 -14.55 -27.42 20.41
C THR I 82 -16.03 -27.74 20.21
N VAL I 83 -16.73 -26.74 19.69
CA VAL I 83 -18.17 -26.78 19.52
C VAL I 83 -18.50 -26.89 18.04
N LEU I 84 -19.51 -27.71 17.73
CA LEU I 84 -19.99 -27.89 16.38
C LEU I 84 -21.20 -27.01 16.14
N LEU I 85 -21.11 -26.17 15.10
CA LEU I 85 -22.16 -25.23 14.79
C LEU I 85 -22.80 -25.58 13.46
N GLU I 86 -24.06 -25.21 13.32
CA GLU I 86 -24.80 -25.44 12.09
C GLU I 86 -25.36 -24.11 11.60
N SER I 87 -25.11 -23.81 10.33
CA SER I 87 -25.69 -22.63 9.72
C SER I 87 -27.03 -22.98 9.08
N ASN I 88 -28.05 -22.20 9.40
CA ASN I 88 -29.39 -22.39 8.87
C ASN I 88 -30.06 -21.04 8.61
N GLU I 89 -31.29 -21.10 8.08
CA GLU I 89 -32.05 -19.91 7.70
C GLU I 89 -32.34 -18.96 8.86
N GLN I 90 -32.40 -19.49 10.07
CA GLN I 90 -32.72 -18.65 11.23
C GLN I 90 -31.53 -17.98 11.93
N ASN I 91 -30.36 -18.63 11.95
CA ASN I 91 -29.20 -18.00 12.56
C ASN I 91 -28.29 -17.21 11.60
N ARG I 92 -28.41 -17.48 10.30
CA ARG I 92 -27.57 -16.87 9.26
C ARG I 92 -26.08 -16.85 9.64
N LEU I 93 -25.62 -17.96 10.22
CA LEU I 93 -24.25 -18.04 10.73
C LEU I 93 -23.20 -17.82 9.64
N LEU I 94 -23.33 -18.55 8.54
CA LEU I 94 -22.42 -18.43 7.40
C LEU I 94 -22.32 -17.00 6.87
N GLN I 95 -23.42 -16.25 6.95
CA GLN I 95 -23.41 -14.84 6.54
C GLN I 95 -22.75 -13.91 7.56
N SER I 96 -22.67 -14.34 8.81
CA SER I 96 -22.20 -13.50 9.91
C SER I 96 -20.71 -13.66 10.24
N LEU I 97 -19.94 -14.15 9.27
CA LEU I 97 -18.50 -14.40 9.45
C LEU I 97 -17.71 -13.75 8.30
N PRO I 98 -16.47 -13.28 8.57
CA PRO I 98 -15.70 -12.71 7.46
C PRO I 98 -15.09 -13.79 6.55
N ILE I 99 -15.93 -14.41 5.74
CA ILE I 99 -15.49 -15.45 4.80
C ILE I 99 -16.02 -15.19 3.38
N ASP I 100 -15.27 -15.67 2.39
CA ASP I 100 -15.66 -15.54 0.99
C ASP I 100 -16.27 -16.86 0.55
N ARG I 101 -17.37 -16.77 -0.20
CA ARG I 101 -17.99 -17.98 -0.74
C ARG I 101 -18.44 -17.85 -2.19
N HIS I 102 -18.45 -18.99 -2.87
CA HIS I 102 -19.05 -19.07 -4.20
C HIS I 102 -20.56 -19.16 -4.02
N MET I 103 -21.26 -18.14 -4.50
CA MET I 103 -22.72 -18.07 -4.44
C MET I 103 -23.24 -17.55 -5.77
N PRO I 104 -24.48 -17.92 -6.14
CA PRO I 104 -25.09 -17.38 -7.37
C PRO I 104 -25.44 -15.90 -7.26
N TYR I 105 -25.43 -15.35 -6.04
CA TYR I 105 -25.79 -13.95 -5.83
C TYR I 105 -24.78 -13.25 -4.90
N ILE I 106 -24.67 -11.94 -5.06
CA ILE I 106 -23.91 -11.12 -4.13
C ILE I 106 -24.70 -11.08 -2.83
N GLN I 107 -24.07 -11.50 -1.74
CA GLN I 107 -24.71 -11.52 -0.44
C GLN I 107 -25.21 -10.14 -0.02
N VAL I 108 -26.47 -10.09 0.43
CA VAL I 108 -27.07 -8.88 0.94
C VAL I 108 -27.21 -9.01 2.46
N HIS I 109 -26.72 -7.99 3.19
CA HIS I 109 -26.86 -7.91 4.64
C HIS I 109 -27.69 -6.69 5.02
N ARG I 110 -28.22 -6.69 6.23
CA ARG I 110 -28.81 -5.46 6.77
C ARG I 110 -27.97 -4.83 7.87
N ALA I 111 -27.93 -3.50 7.87
CA ALA I 111 -27.27 -2.74 8.91
C ALA I 111 -28.13 -2.70 10.16
N LEU I 112 -27.53 -2.35 11.29
CA LEU I 112 -28.29 -2.14 12.53
C LEU I 112 -29.07 -0.83 12.45
N SER I 113 -30.08 -0.70 13.32
CA SER I 113 -31.02 0.41 13.27
C SER I 113 -30.38 1.79 13.46
N GLU I 114 -29.29 1.86 14.23
CA GLU I 114 -28.61 3.12 14.53
C GLU I 114 -27.69 3.66 13.42
N MET I 115 -27.33 2.80 12.48
CA MET I 115 -26.40 3.19 11.40
C MET I 115 -27.10 4.07 10.34
N ASP I 116 -26.44 5.14 9.93
CA ASP I 116 -27.13 6.22 9.19
C ASP I 116 -26.46 6.76 7.92
N LEU I 117 -25.18 6.45 7.72
CA LEU I 117 -24.43 6.82 6.51
C LEU I 117 -24.41 8.31 6.13
N THR I 118 -24.44 9.18 7.13
CA THR I 118 -24.51 10.63 6.87
C THR I 118 -23.15 11.32 6.68
N ASP I 119 -22.07 10.67 7.14
CA ASP I 119 -20.73 11.26 7.08
C ASP I 119 -19.61 10.20 7.08
N THR I 120 -18.37 10.68 7.13
CA THR I 120 -17.18 9.82 7.09
C THR I 120 -17.13 8.82 8.24
N THR I 121 -17.41 9.28 9.46
CA THR I 121 -17.37 8.43 10.65
C THR I 121 -18.45 7.33 10.65
N SER I 122 -19.67 7.67 10.25
CA SER I 122 -20.76 6.71 10.13
C SER I 122 -20.47 5.69 9.03
N MET I 123 -19.81 6.15 7.96
CA MET I 123 -19.36 5.29 6.88
C MET I 123 -18.30 4.30 7.36
N ARG I 124 -17.32 4.79 8.12
CA ARG I 124 -16.28 3.95 8.71
C ARG I 124 -16.88 2.94 9.70
N ASN I 125 -17.86 3.39 10.48
CA ASN I 125 -18.59 2.54 11.41
C ASN I 125 -19.29 1.37 10.71
N LEU I 126 -19.97 1.66 9.60
CA LEU I 126 -20.65 0.62 8.83
C LEU I 126 -19.66 -0.41 8.28
N LEU I 127 -18.53 0.06 7.74
CA LEU I 127 -17.51 -0.85 7.22
C LEU I 127 -16.89 -1.68 8.35
N GLY I 128 -16.83 -1.11 9.55
CA GLY I 128 -16.43 -1.85 10.74
C GLY I 128 -17.31 -3.07 10.98
N PHE I 129 -18.58 -2.97 10.60
CA PHE I 129 -19.55 -4.06 10.73
C PHE I 129 -19.49 -5.02 9.52
N THR I 130 -19.53 -4.47 8.31
CA THR I 130 -19.63 -5.26 7.08
C THR I 130 -18.36 -6.06 6.80
N SER I 131 -17.23 -5.57 7.30
CA SER I 131 -15.97 -6.29 7.17
C SER I 131 -15.94 -7.59 7.99
N LYS I 132 -16.97 -7.80 8.81
CA LYS I 132 -17.09 -9.01 9.63
C LYS I 132 -18.18 -9.96 9.09
N LEU I 133 -18.72 -9.61 7.91
CA LEU I 133 -19.82 -10.36 7.32
C LEU I 133 -19.36 -11.00 6.00
N SER I 134 -20.12 -11.97 5.51
CA SER I 134 -19.70 -12.75 4.35
C SER I 134 -19.77 -11.96 3.04
N THR I 135 -18.97 -12.40 2.08
CA THR I 135 -18.91 -11.78 0.76
C THR I 135 -19.02 -12.89 -0.29
N THR I 136 -19.37 -12.52 -1.52
CA THR I 136 -19.48 -13.48 -2.61
C THR I 136 -18.34 -13.28 -3.59
N LEU I 137 -17.61 -14.37 -3.87
CA LEU I 137 -16.51 -14.35 -4.81
C LEU I 137 -16.97 -13.90 -6.20
N ILE I 138 -16.22 -12.96 -6.79
CA ILE I 138 -16.52 -12.45 -8.12
C ILE I 138 -15.31 -12.62 -9.04
N PRO I 139 -15.54 -13.17 -10.25
CA PRO I 139 -14.43 -13.31 -11.19
C PRO I 139 -14.06 -11.98 -11.85
N HIS I 140 -12.80 -11.82 -12.22
CA HIS I 140 -12.38 -10.67 -13.04
C HIS I 140 -12.23 -11.09 -14.49
N ASN I 141 -12.21 -10.10 -15.38
CA ASN I 141 -11.77 -10.29 -16.75
C ASN I 141 -10.58 -9.36 -17.00
N ALA I 142 -10.08 -9.32 -18.24
CA ALA I 142 -8.92 -8.47 -18.57
C ALA I 142 -9.17 -6.99 -18.31
N GLN I 143 -10.39 -6.53 -18.65
CA GLN I 143 -10.83 -5.14 -18.46
C GLN I 143 -10.87 -4.74 -16.98
N THR I 144 -10.99 -5.74 -16.12
CA THR I 144 -11.37 -5.57 -14.73
C THR I 144 -10.28 -5.96 -13.73
N ASP I 145 -9.39 -6.86 -14.16
CA ASP I 145 -8.33 -7.42 -13.32
C ASP I 145 -7.32 -6.38 -12.82
N PRO I 146 -7.25 -6.17 -11.48
CA PRO I 146 -6.33 -5.21 -10.88
C PRO I 146 -4.86 -5.50 -11.16
N LEU I 147 -4.55 -6.74 -11.52
CA LEU I 147 -3.19 -7.15 -11.86
C LEU I 147 -2.93 -7.17 -13.37
N SER I 148 -3.90 -6.72 -14.16
CA SER I 148 -3.76 -6.65 -15.60
C SER I 148 -3.53 -5.20 -16.03
N GLY I 149 -3.24 -5.02 -17.31
CA GLY I 149 -2.92 -3.71 -17.86
C GLY I 149 -1.42 -3.46 -17.78
N PRO I 150 -0.97 -2.30 -18.29
CA PRO I 150 0.46 -2.02 -18.41
C PRO I 150 1.17 -1.75 -17.07
N THR I 151 0.43 -1.20 -16.11
CA THR I 151 1.02 -0.74 -14.85
C THR I 151 0.31 -1.24 -13.59
N PRO I 152 0.23 -2.58 -13.40
CA PRO I 152 -0.43 -3.06 -12.17
C PRO I 152 0.42 -2.76 -10.93
N PHE I 153 -0.24 -2.32 -9.86
CA PHE I 153 0.41 -1.96 -8.59
C PHE I 153 1.28 -0.70 -8.64
N SER I 154 1.19 0.09 -9.71
CA SER I 154 2.07 1.26 -9.86
C SER I 154 1.78 2.38 -8.85
N SER I 155 0.54 2.46 -8.39
CA SER I 155 0.13 3.48 -7.41
C SER I 155 0.21 2.98 -5.95
N ILE I 156 0.76 1.79 -5.76
CA ILE I 156 0.71 1.10 -4.46
C ILE I 156 1.28 1.90 -3.27
N PHE I 157 2.42 2.55 -3.47
CA PHE I 157 3.07 3.30 -2.39
C PHE I 157 2.38 4.63 -2.14
N MET I 158 1.84 5.22 -3.19
CA MET I 158 1.00 6.42 -3.06
C MET I 158 -0.31 6.10 -2.35
N ASP I 159 -0.89 4.94 -2.69
CA ASP I 159 -2.07 4.40 -1.99
C ASP I 159 -1.77 4.14 -0.52
N THR I 160 -0.63 3.50 -0.26
CA THR I 160 -0.21 3.19 1.11
C THR I 160 -0.06 4.50 1.89
N CYS I 161 0.62 5.46 1.27
CA CYS I 161 0.87 6.76 1.88
C CYS I 161 -0.42 7.54 2.19
N ARG I 162 -1.38 7.52 1.27
CA ARG I 162 -2.70 8.11 1.49
C ARG I 162 -3.51 7.35 2.56
N GLY I 163 -3.52 6.02 2.48
CA GLY I 163 -4.31 5.19 3.39
C GLY I 163 -3.87 5.14 4.84
N LEU I 164 -2.57 5.00 5.08
CA LEU I 164 -2.06 4.95 6.45
C LEU I 164 -2.38 6.23 7.23
N GLY I 165 -2.95 6.06 8.41
CA GLY I 165 -3.36 7.15 9.27
C GLY I 165 -4.85 7.47 9.18
N ASN I 166 -5.51 6.89 8.18
CA ASN I 166 -6.93 7.12 7.94
C ASN I 166 -7.72 5.82 7.81
N ALA I 167 -7.02 4.71 8.00
CA ALA I 167 -7.58 3.39 7.80
C ALA I 167 -7.80 2.66 9.12
N LYS I 168 -8.63 1.63 9.10
CA LYS I 168 -8.71 0.72 10.22
C LYS I 168 -7.77 -0.44 9.92
N LEU I 169 -6.83 -0.69 10.84
CA LEU I 169 -5.77 -1.67 10.62
C LEU I 169 -5.55 -2.52 11.86
N SER I 170 -5.52 -3.83 11.66
CA SER I 170 -5.11 -4.73 12.71
C SER I 170 -4.09 -5.74 12.19
N LEU I 171 -3.20 -6.14 13.08
CA LEU I 171 -2.18 -7.12 12.81
C LEU I 171 -2.34 -8.18 13.88
N ASN I 172 -2.63 -9.41 13.47
CA ASN I 172 -2.98 -10.50 14.40
C ASN I 172 -4.09 -10.09 15.37
N GLY I 173 -5.05 -9.30 14.89
CA GLY I 173 -6.15 -8.81 15.74
C GLY I 173 -5.78 -7.65 16.64
N VAL I 174 -4.54 -7.18 16.55
CA VAL I 174 -4.12 -6.03 17.33
C VAL I 174 -4.35 -4.74 16.53
N ASP I 175 -5.27 -3.92 17.02
CA ASP I 175 -5.56 -2.66 16.34
C ASP I 175 -4.33 -1.76 16.31
N ILE I 176 -4.03 -1.24 15.11
CA ILE I 176 -2.95 -0.27 14.94
C ILE I 176 -3.61 1.09 14.70
N PRO I 177 -3.67 1.94 15.74
CA PRO I 177 -4.38 3.22 15.62
C PRO I 177 -3.68 4.22 14.70
N ALA I 178 -4.37 5.32 14.39
CA ALA I 178 -3.90 6.32 13.43
C ALA I 178 -2.47 6.81 13.69
N ASN I 179 -2.15 7.10 14.94
CA ASN I 179 -0.80 7.57 15.29
C ASN I 179 0.28 6.51 15.04
N ALA I 180 -0.04 5.24 15.34
CA ALA I 180 0.89 4.14 15.10
C ALA I 180 1.03 3.87 13.61
N GLN I 181 -0.04 4.11 12.86
CA GLN I 181 0.01 4.02 11.40
C GLN I 181 0.94 5.09 10.79
N MET I 182 0.93 6.29 11.35
CA MET I 182 1.84 7.36 10.89
C MET I 182 3.30 6.99 11.15
N LEU I 183 3.57 6.39 12.30
CA LEU I 183 4.88 5.82 12.62
C LEU I 183 5.25 4.74 11.60
N LEU I 184 4.31 3.83 11.34
CA LEU I 184 4.52 2.75 10.37
C LEU I 184 4.83 3.31 8.98
N ARG I 185 4.11 4.35 8.58
CA ARG I 185 4.36 5.04 7.32
C ARG I 185 5.81 5.53 7.24
N ASP I 186 6.25 6.22 8.30
CA ASP I 186 7.64 6.68 8.40
C ASP I 186 8.62 5.50 8.43
N ALA I 187 8.26 4.44 9.16
CA ALA I 187 9.10 3.27 9.29
C ALA I 187 9.35 2.59 7.95
N LEU I 188 8.34 2.61 7.08
CA LEU I 188 8.43 2.02 5.75
C LEU I 188 9.29 2.88 4.82
N GLY I 189 9.40 4.18 5.14
CA GLY I 189 10.19 5.13 4.35
C GLY I 189 9.35 5.96 3.42
N LEU I 190 8.16 6.34 3.85
CA LEU I 190 7.21 7.07 3.02
C LEU I 190 6.66 8.27 3.70
N LYS I 191 7.50 9.01 4.42
CA LYS I 191 7.08 10.20 5.14
C LYS I 191 6.67 11.28 4.20
N ASP I 192 7.28 11.27 3.02
CA ASP I 192 6.95 12.15 1.92
C ASP I 192 6.33 11.26 0.85
N THR I 193 5.17 11.67 0.34
CA THR I 193 4.39 10.79 -0.48
C THR I 193 5.42 10.17 -1.39
N HIS I 194 6.34 10.95 -1.95
CA HIS I 194 7.17 10.30 -2.94
C HIS I 194 7.58 9.07 -2.24
N SER I 195 7.18 7.97 -2.86
CA SER I 195 7.25 6.74 -2.11
C SER I 195 7.84 5.57 -2.89
N SER I 196 8.93 5.06 -2.35
CA SER I 196 9.49 3.77 -2.70
C SER I 196 10.24 3.35 -1.45
N PRO I 197 9.77 2.28 -0.78
CA PRO I 197 10.36 1.85 0.48
C PRO I 197 11.89 1.84 0.42
N SER I 198 12.53 2.25 1.51
CA SER I 198 13.99 2.26 1.60
C SER I 198 14.55 0.88 1.31
N ARG I 199 15.77 0.84 0.78
CA ARG I 199 16.40 -0.44 0.41
C ARG I 199 16.57 -1.39 1.59
N ASN I 200 16.76 -0.84 2.79
CA ASN I 200 16.84 -1.62 4.02
C ASN I 200 15.58 -2.39 4.36
N VAL I 201 14.42 -1.74 4.24
CA VAL I 201 13.14 -2.38 4.56
C VAL I 201 12.73 -3.42 3.51
N ILE I 202 13.14 -3.23 2.27
CA ILE I 202 12.88 -4.22 1.21
C ILE I 202 13.68 -5.49 1.49
N ASP I 203 14.94 -5.31 1.89
CA ASP I 203 15.85 -6.42 2.14
C ASP I 203 15.66 -7.09 3.50
N HIS I 204 15.37 -6.28 4.52
CA HIS I 204 15.39 -6.76 5.91
C HIS I 204 14.12 -6.44 6.71
N GLY I 205 13.18 -5.76 6.07
CA GLY I 205 11.93 -5.37 6.74
C GLY I 205 12.12 -4.16 7.64
N ILE I 206 11.07 -3.83 8.38
CA ILE I 206 11.11 -2.74 9.35
C ILE I 206 12.16 -3.03 10.44
N SER I 207 12.91 -1.99 10.81
CA SER I 207 13.92 -2.11 11.87
C SER I 207 13.26 -2.50 13.19
N ARG I 208 14.04 -3.12 14.07
CA ARG I 208 13.51 -3.61 15.35
C ARG I 208 13.08 -2.45 16.25
N HIS I 209 13.87 -1.37 16.22
CA HIS I 209 13.56 -0.15 16.98
C HIS I 209 12.25 0.49 16.54
N ASP I 210 12.04 0.60 15.23
CA ASP I 210 10.80 1.17 14.70
C ASP I 210 9.60 0.28 15.01
N ALA I 211 9.77 -1.03 14.84
CA ALA I 211 8.71 -2.00 15.11
C ALA I 211 8.22 -1.89 16.55
N GLU I 212 9.16 -1.70 17.48
CA GLU I 212 8.81 -1.56 18.89
C GLU I 212 8.00 -0.29 19.16
N GLN I 213 8.41 0.83 18.56
CA GLN I 213 7.67 2.09 18.65
C GLN I 213 6.21 1.88 18.23
N ILE I 214 6.03 1.25 17.07
CA ILE I 214 4.72 1.03 16.47
C ILE I 214 3.85 0.14 17.35
N ALA I 215 4.39 -1.01 17.78
CA ALA I 215 3.70 -1.95 18.65
C ALA I 215 3.31 -1.35 20.00
N ARG I 216 4.21 -0.54 20.56
CA ARG I 216 4.00 0.11 21.86
C ARG I 216 2.75 0.99 21.86
N GLU I 217 2.49 1.67 20.75
CA GLU I 217 1.35 2.56 20.62
C GLU I 217 0.03 1.82 20.43
N SER I 218 0.13 0.54 20.11
CA SER I 218 -1.05 -0.28 19.80
C SER I 218 -1.68 -0.88 21.05
N SER I 219 -2.78 -1.61 20.86
CA SER I 219 -3.55 -2.16 21.97
C SER I 219 -3.18 -3.62 22.28
N GLY I 220 -3.70 -4.16 23.38
CA GLY I 220 -3.51 -5.57 23.69
C GLY I 220 -2.24 -5.90 24.43
N SER I 221 -2.03 -7.19 24.64
CA SER I 221 -0.99 -7.68 25.56
C SER I 221 0.44 -7.49 25.05
N ASP I 222 1.38 -7.66 25.97
CA ASP I 222 2.80 -7.60 25.70
C ASP I 222 3.21 -8.73 24.77
N ASN I 223 2.64 -9.92 24.98
CA ASN I 223 2.84 -11.03 24.06
C ASN I 223 2.34 -10.70 22.67
N GLN I 224 1.17 -10.08 22.60
CA GLN I 224 0.60 -9.63 21.32
C GLN I 224 1.45 -8.56 20.63
N LYS I 225 2.00 -7.62 21.43
CA LYS I 225 2.88 -6.61 20.86
C LYS I 225 4.13 -7.27 20.29
N ALA I 226 4.62 -8.29 21.00
CA ALA I 226 5.74 -9.09 20.55
C ALA I 226 5.43 -9.78 19.23
N GLU I 227 4.21 -10.31 19.12
CA GLU I 227 3.72 -10.88 17.87
C GLU I 227 3.87 -9.84 16.77
N VAL I 228 3.39 -8.62 17.04
CA VAL I 228 3.43 -7.53 16.07
C VAL I 228 4.87 -7.13 15.70
N VAL I 229 5.71 -6.93 16.72
CA VAL I 229 7.13 -6.62 16.53
C VAL I 229 7.77 -7.65 15.60
N GLU I 230 7.56 -8.92 15.93
CA GLU I 230 8.15 -10.04 15.21
C GLU I 230 7.66 -10.08 13.76
N PHE I 231 6.36 -9.88 13.57
CA PHE I 231 5.80 -9.78 12.24
C PHE I 231 6.43 -8.64 11.43
N LEU I 232 6.43 -7.43 12.00
CA LEU I 232 6.95 -6.23 11.32
C LEU I 232 8.40 -6.33 10.86
N CYS I 233 9.22 -7.11 11.57
CA CYS I 233 10.63 -7.26 11.21
C CYS I 233 10.88 -8.23 10.05
N HIS I 234 9.80 -8.65 9.40
CA HIS I 234 9.86 -9.47 8.19
C HIS I 234 9.88 -8.57 6.95
N PRO I 235 10.68 -8.93 5.94
CA PRO I 235 10.59 -8.28 4.63
C PRO I 235 9.18 -8.37 4.04
N GLU I 236 8.57 -9.54 4.13
CA GLU I 236 7.27 -9.73 3.50
C GLU I 236 6.11 -9.09 4.28
N ALA I 237 6.39 -8.61 5.49
CA ALA I 237 5.46 -7.77 6.24
C ALA I 237 5.25 -6.41 5.57
N ALA I 238 6.34 -5.81 5.07
CA ALA I 238 6.21 -4.58 4.30
C ALA I 238 5.39 -4.83 3.04
N THR I 239 5.65 -5.96 2.39
CA THR I 239 4.91 -6.38 1.20
C THR I 239 3.42 -6.51 1.47
N ALA I 240 3.08 -7.13 2.60
CA ALA I 240 1.69 -7.33 3.01
C ALA I 240 0.96 -6.01 3.29
N ILE I 241 1.58 -5.16 4.09
CA ILE I 241 0.99 -3.87 4.50
C ILE I 241 0.77 -2.94 3.30
N CYS I 242 1.78 -2.83 2.43
CA CYS I 242 1.71 -1.96 1.27
C CYS I 242 0.68 -2.45 0.26
N SER I 243 0.80 -3.72 -0.13
CA SER I 243 -0.11 -4.29 -1.12
C SER I 243 -1.59 -4.17 -0.73
N ALA I 244 -1.86 -4.18 0.57
CA ALA I 244 -3.25 -4.14 1.09
C ALA I 244 -4.05 -2.90 0.70
N PHE I 245 -3.35 -1.78 0.48
CA PHE I 245 -3.99 -0.49 0.22
C PHE I 245 -4.34 -0.21 -1.25
N TYR I 246 -4.01 -1.13 -2.14
CA TYR I 246 -4.19 -0.92 -3.58
C TYR I 246 -5.63 -0.51 -3.93
N GLN I 247 -5.79 0.68 -4.52
CA GLN I 247 -7.13 1.23 -4.79
C GLN I 247 -7.92 0.55 -5.90
N SER I 248 -7.23 -0.20 -6.76
CA SER I 248 -7.89 -0.92 -7.87
C SER I 248 -8.46 -2.29 -7.48
N PHE I 249 -8.32 -2.69 -6.22
CA PHE I 249 -8.82 -3.99 -5.75
C PHE I 249 -10.31 -4.16 -5.97
N ASN I 250 -11.06 -3.08 -5.80
CA ASN I 250 -12.51 -3.12 -5.87
C ASN I 250 -13.12 -2.89 -7.26
N VAL I 251 -12.27 -2.71 -8.28
CA VAL I 251 -12.74 -2.49 -9.65
C VAL I 251 -13.74 -3.57 -10.14
N PRO I 252 -13.41 -4.88 -9.96
CA PRO I 252 -14.38 -5.92 -10.32
C PRO I 252 -15.74 -5.73 -9.66
N ALA I 253 -15.75 -5.39 -8.37
CA ALA I 253 -16.99 -5.17 -7.63
C ALA I 253 -17.69 -3.87 -8.04
N LEU I 254 -16.90 -2.83 -8.30
CA LEU I 254 -17.43 -1.56 -8.80
C LEU I 254 -18.08 -1.72 -10.15
N THR I 255 -17.52 -2.60 -10.98
CA THR I 255 -18.03 -2.85 -12.33
C THR I 255 -19.40 -3.53 -12.30
N LEU I 256 -19.55 -4.54 -11.46
CA LEU I 256 -20.83 -5.26 -11.46
C LEU I 256 -21.95 -4.51 -10.73
N THR I 257 -21.57 -3.58 -9.86
CA THR I 257 -22.52 -2.78 -9.10
C THR I 257 -22.57 -1.34 -9.62
N HIS I 258 -22.20 -1.14 -10.89
CA HIS I 258 -21.99 0.21 -11.41
C HIS I 258 -23.25 1.08 -11.39
N GLU I 259 -24.41 0.45 -11.52
CA GLU I 259 -25.68 1.16 -11.59
C GLU I 259 -26.06 1.75 -10.24
N ARG I 260 -25.92 0.96 -9.17
CA ARG I 260 -26.25 1.43 -7.83
C ARG I 260 -25.20 2.40 -7.27
N ILE I 261 -23.96 2.28 -7.73
CA ILE I 261 -22.91 3.24 -7.39
C ILE I 261 -23.21 4.60 -8.00
N SER I 262 -23.39 4.63 -9.32
CA SER I 262 -23.69 5.87 -10.02
C SER I 262 -25.00 6.49 -9.54
N LYS I 263 -25.92 5.66 -9.06
CA LYS I 263 -27.16 6.17 -8.47
C LYS I 263 -26.91 6.89 -7.13
N ALA I 264 -26.10 6.27 -6.27
CA ALA I 264 -25.66 6.90 -5.02
C ALA I 264 -24.96 8.23 -5.29
N SER I 265 -24.10 8.23 -6.30
CA SER I 265 -23.34 9.41 -6.73
C SER I 265 -24.27 10.51 -7.21
N GLU I 266 -25.16 10.17 -8.15
CA GLU I 266 -26.17 11.09 -8.68
C GLU I 266 -27.08 11.68 -7.59
N TYR I 267 -27.47 10.83 -6.64
CA TYR I 267 -28.34 11.20 -5.53
C TYR I 267 -27.71 12.27 -4.63
N ASN I 268 -26.45 12.03 -4.24
CA ASN I 268 -25.69 12.94 -3.38
C ASN I 268 -25.31 14.25 -4.06
N ALA I 269 -25.01 14.19 -5.35
CA ALA I 269 -24.64 15.35 -6.16
C ALA I 269 -25.83 16.28 -6.41
N GLU I 270 -27.03 15.70 -6.55
CA GLU I 270 -28.25 16.46 -6.78
C GLU I 270 -28.76 17.15 -5.50
N ARG I 271 -28.44 16.56 -4.36
CA ARG I 271 -28.82 17.09 -3.05
C ARG I 271 -27.90 18.23 -2.61
N LEU I 273 -23.63 14.90 -0.31
CA LEU I 273 -22.28 15.05 -0.80
C LEU I 273 -21.32 15.49 0.32
N ASP I 274 -20.15 14.85 0.43
CA ASP I 274 -19.72 13.72 -0.40
C ASP I 274 -18.84 12.78 0.42
N THR I 275 -19.42 11.69 0.90
CA THR I 275 -18.72 10.73 1.75
C THR I 275 -17.62 10.00 0.98
N PRO I 276 -16.38 10.01 1.51
CA PRO I 276 -15.14 9.58 0.87
C PRO I 276 -15.33 8.58 -0.28
N CYS I 279 -12.67 4.80 2.47
CA CYS I 279 -13.17 3.97 3.56
C CYS I 279 -12.53 2.59 3.52
N ILE I 280 -11.56 2.37 4.41
CA ILE I 280 -10.73 1.16 4.35
C ILE I 280 -10.49 0.48 5.71
N ASN I 281 -10.65 -0.85 5.70
CA ASN I 281 -10.52 -1.71 6.89
C ASN I 281 -9.69 -2.95 6.53
N ILE I 282 -8.52 -3.08 7.16
CA ILE I 282 -7.54 -4.10 6.80
C ILE I 282 -7.20 -4.99 8.00
N SER I 283 -7.17 -6.29 7.75
CA SER I 283 -6.77 -7.27 8.76
C SER I 283 -5.69 -8.16 8.17
N ILE I 284 -4.49 -8.05 8.73
CA ILE I 284 -3.36 -8.87 8.30
C ILE I 284 -3.02 -9.85 9.42
N SER I 285 -2.68 -11.07 9.03
CA SER I 285 -2.41 -12.13 9.98
C SER I 285 -1.16 -12.91 9.61
N GLN I 286 -0.48 -13.43 10.62
CA GLN I 286 0.62 -14.35 10.43
C GLN I 286 0.46 -15.49 11.41
N SER I 287 0.41 -16.73 10.90
CA SER I 287 0.30 -17.90 11.75
C SER I 287 1.62 -18.17 12.46
N SER I 288 1.57 -19.06 13.46
CA SER I 288 2.74 -19.46 14.22
C SER I 288 3.80 -20.16 13.37
N ASP I 289 3.42 -20.59 12.16
CA ASP I 289 4.37 -21.12 11.19
C ASP I 289 4.91 -20.04 10.27
N GLY I 290 4.46 -18.81 10.47
CA GLY I 290 4.99 -17.67 9.73
C GLY I 290 4.21 -17.33 8.47
N ASN I 291 3.08 -18.02 8.26
CA ASN I 291 2.21 -17.77 7.10
C ASN I 291 1.42 -16.46 7.20
N ILE I 292 1.64 -15.59 6.22
CA ILE I 292 1.03 -14.26 6.19
C ILE I 292 -0.18 -14.22 5.26
N TYR I 293 -1.28 -13.68 5.77
CA TYR I 293 -2.54 -13.60 5.05
C TYR I 293 -3.10 -12.19 5.23
N VAL I 294 -3.51 -11.56 4.14
CA VAL I 294 -4.18 -10.26 4.26
C VAL I 294 -5.62 -10.28 3.75
N THR I 295 -6.47 -9.59 4.51
CA THR I 295 -7.83 -9.32 4.10
C THR I 295 -8.04 -7.80 4.13
N SER I 296 -8.25 -7.22 2.95
CA SER I 296 -8.40 -5.78 2.81
C SER I 296 -9.82 -5.44 2.37
N HIS I 297 -10.49 -4.57 3.13
CA HIS I 297 -11.88 -4.19 2.84
C HIS I 297 -12.02 -2.73 2.48
N THR I 298 -12.78 -2.47 1.41
CA THR I 298 -13.14 -1.13 1.00
C THR I 298 -14.66 -1.03 0.88
N GLY I 299 -15.25 -0.02 1.50
CA GLY I 299 -16.69 0.22 1.41
C GLY I 299 -16.97 1.47 0.59
N VAL I 300 -17.89 1.35 -0.37
CA VAL I 300 -18.36 2.52 -1.13
C VAL I 300 -19.88 2.63 -1.07
N LEU I 301 -20.39 3.84 -1.23
CA LEU I 301 -21.83 4.07 -1.20
C LEU I 301 -22.54 3.48 -2.41
N ILE I 302 -23.73 2.95 -2.18
CA ILE I 302 -24.63 2.48 -3.23
C ILE I 302 -26.05 2.82 -2.82
N MET I 303 -26.96 2.88 -3.78
CA MET I 303 -28.38 3.00 -3.45
C MET I 303 -29.29 2.37 -4.49
N ALA I 304 -30.32 1.69 -3.99
CA ALA I 304 -31.29 1.02 -4.84
C ALA I 304 -32.25 2.03 -5.47
N PRO I 305 -32.78 1.70 -6.67
CA PRO I 305 -33.89 2.44 -7.29
C PRO I 305 -35.04 2.66 -6.31
N GLU I 306 -35.80 3.73 -6.53
CA GLU I 306 -36.90 4.10 -5.62
C GLU I 306 -37.99 3.02 -5.56
N ASP I 307 -38.24 2.37 -6.71
CA ASP I 307 -39.24 1.30 -6.81
C ASP I 307 -38.81 -0.02 -6.15
N ARG I 308 -37.55 -0.11 -5.73
CA ARG I 308 -37.03 -1.29 -5.04
C ARG I 308 -37.16 -1.16 -3.53
N PRO I 309 -37.26 -2.29 -2.81
CA PRO I 309 -37.38 -2.33 -1.34
C PRO I 309 -36.28 -1.61 -0.54
N ASN I 310 -35.09 -1.49 -1.11
CA ASN I 310 -33.98 -0.83 -0.42
C ASN I 310 -33.71 0.62 -0.86
N GLU I 311 -32.91 1.34 -0.06
CA GLU I 311 -32.50 2.69 -0.38
C GLU I 311 -30.99 2.95 -0.44
N MET I 312 -30.39 3.36 0.68
CA MET I 312 -28.97 3.67 0.72
C MET I 312 -28.30 2.46 1.39
N GLY I 313 -27.13 2.08 0.87
CA GLY I 313 -26.33 1.01 1.46
C GLY I 313 -24.85 1.14 1.15
N MET I 314 -24.10 0.08 1.43
CA MET I 314 -22.66 0.06 1.20
C MET I 314 -22.24 -1.19 0.44
N LEU I 315 -21.51 -1.00 -0.64
CA LEU I 315 -20.81 -2.09 -1.30
C LEU I 315 -19.50 -2.27 -0.59
N THR I 316 -19.31 -3.47 -0.02
CA THR I 316 -18.08 -3.83 0.64
C THR I 316 -17.33 -4.81 -0.26
N ASN I 317 -16.08 -4.48 -0.57
CA ASN I 317 -15.22 -5.39 -1.30
C ASN I 317 -14.18 -5.98 -0.37
N ARG I 318 -14.09 -7.31 -0.37
CA ARG I 318 -13.06 -8.01 0.38
C ARG I 318 -12.03 -8.59 -0.58
N THR I 319 -10.78 -8.18 -0.39
CA THR I 319 -9.66 -8.75 -1.12
C THR I 319 -8.83 -9.58 -0.15
N SER I 320 -8.60 -10.84 -0.52
CA SER I 320 -7.84 -11.77 0.32
C SER I 320 -6.73 -12.44 -0.48
N TYR I 321 -5.60 -12.64 0.18
CA TYR I 321 -4.47 -13.35 -0.41
C TYR I 321 -3.39 -13.67 0.61
N GLU I 322 -2.63 -14.73 0.33
CA GLU I 322 -1.41 -15.03 1.05
C GLU I 322 -0.28 -14.18 0.48
N VAL I 323 0.64 -13.78 1.36
CA VAL I 323 1.90 -13.19 0.95
C VAL I 323 2.98 -14.25 1.20
N PRO I 324 3.47 -14.90 0.12
CA PRO I 324 4.47 -15.94 0.25
C PRO I 324 5.80 -15.44 0.80
N GLN I 325 6.54 -16.32 1.45
CA GLN I 325 7.88 -16.01 1.93
C GLN I 325 8.78 -15.77 0.73
N GLY I 326 9.64 -14.75 0.84
CA GLY I 326 10.56 -14.40 -0.24
C GLY I 326 10.04 -13.30 -1.14
N VAL I 327 8.79 -12.89 -0.93
CA VAL I 327 8.20 -11.80 -1.72
C VAL I 327 8.48 -10.46 -1.05
N LYS I 328 9.36 -9.69 -1.68
CA LYS I 328 9.84 -8.42 -1.13
C LYS I 328 8.94 -7.26 -1.55
N CYS I 329 9.13 -6.10 -0.93
CA CYS I 329 8.20 -4.97 -1.08
C CYS I 329 8.52 -4.06 -2.27
N THR I 330 8.42 -4.61 -3.49
CA THR I 330 8.52 -3.82 -4.71
C THR I 330 7.36 -4.17 -5.65
N ILE I 331 7.02 -3.20 -6.51
CA ILE I 331 5.94 -3.34 -7.48
C ILE I 331 6.10 -4.61 -8.34
N ASP I 332 7.30 -4.82 -8.87
CA ASP I 332 7.60 -6.00 -9.68
C ASP I 332 7.39 -7.32 -8.93
N GLU I 333 7.72 -7.34 -7.64
CA GLU I 333 7.55 -8.54 -6.80
C GLU I 333 6.08 -8.85 -6.55
N MET I 334 5.31 -7.81 -6.26
CA MET I 334 3.87 -7.92 -6.04
C MET I 334 3.14 -8.49 -7.26
N VAL I 335 3.43 -7.94 -8.45
CA VAL I 335 2.84 -8.43 -9.70
C VAL I 335 3.29 -9.85 -10.04
N ARG I 336 4.52 -10.19 -9.65
CA ARG I 336 5.08 -11.53 -9.88
C ARG I 336 4.37 -12.63 -9.08
N ALA I 337 4.19 -12.39 -7.79
CA ALA I 337 3.91 -13.49 -6.85
C ALA I 337 2.58 -13.44 -6.11
N LEU I 338 1.94 -12.27 -6.04
CA LEU I 338 0.68 -12.14 -5.33
C LEU I 338 -0.52 -12.48 -6.21
N GLN I 339 -1.45 -13.27 -5.65
CA GLN I 339 -2.65 -13.69 -6.38
C GLN I 339 -3.90 -13.43 -5.55
N PRO I 340 -4.37 -12.17 -5.52
CA PRO I 340 -5.55 -11.86 -4.72
C PRO I 340 -6.82 -12.45 -5.32
N ARG I 341 -7.81 -12.72 -4.46
CA ARG I 341 -9.17 -13.00 -4.92
C ARG I 341 -10.09 -11.90 -4.41
N TYR I 342 -11.23 -11.73 -5.07
CA TYR I 342 -12.10 -10.59 -4.83
C TYR I 342 -13.52 -11.06 -4.56
N ALA I 343 -14.16 -10.44 -3.58
CA ALA I 343 -15.50 -10.82 -3.15
C ALA I 343 -16.24 -9.60 -2.63
N ALA I 344 -17.56 -9.58 -2.77
CA ALA I 344 -18.34 -8.41 -2.42
C ALA I 344 -19.64 -8.74 -1.69
N SER I 345 -20.13 -7.77 -0.92
CA SER I 345 -21.48 -7.82 -0.36
C SER I 345 -22.14 -6.45 -0.47
N GLU I 346 -23.47 -6.43 -0.38
CA GLU I 346 -24.22 -5.18 -0.27
C GLU I 346 -24.92 -5.15 1.07
N THR I 347 -24.79 -4.04 1.79
CA THR I 347 -25.43 -3.91 3.09
C THR I 347 -26.29 -2.66 3.09
N TYR I 348 -27.58 -2.83 3.37
CA TYR I 348 -28.52 -1.73 3.28
C TYR I 348 -29.02 -1.25 4.63
N LEU I 349 -29.27 0.04 4.72
CA LEU I 349 -29.83 0.67 5.92
C LEU I 349 -31.29 0.25 6.12
N GLN I 350 -31.72 0.24 7.38
CA GLN I 350 -33.07 -0.21 7.72
C GLN I 350 -34.16 0.84 7.48
N ASN I 351 -33.75 2.04 7.05
CA ASN I 351 -34.69 3.07 6.60
C ASN I 351 -34.05 4.05 5.63
N MET J 2 7.78 57.22 7.97
CA MET J 2 8.29 56.40 6.83
C MET J 2 7.47 55.12 6.62
N SER J 3 6.90 55.00 5.43
CA SER J 3 6.02 53.89 5.08
C SER J 3 6.83 52.61 4.82
N CYS J 4 6.11 51.48 4.76
CA CYS J 4 6.73 50.18 4.51
C CYS J 4 7.45 50.13 3.17
N ALA J 5 6.79 50.61 2.11
CA ALA J 5 7.41 50.66 0.78
C ALA J 5 8.71 51.46 0.77
N GLU J 6 8.76 52.55 1.53
CA GLU J 6 9.97 53.38 1.62
C GLU J 6 11.10 52.64 2.33
N LYS J 7 10.75 51.96 3.41
CA LYS J 7 11.70 51.16 4.20
C LYS J 7 12.33 50.06 3.35
N LEU J 8 11.48 49.30 2.65
CA LEU J 8 11.95 48.24 1.77
C LEU J 8 12.83 48.78 0.64
N LEU J 9 12.40 49.90 0.05
CA LEU J 9 13.22 50.56 -0.96
C LEU J 9 14.58 50.96 -0.40
N LYS J 10 14.60 51.50 0.83
CA LYS J 10 15.85 51.88 1.49
C LYS J 10 16.76 50.66 1.73
N VAL J 11 16.20 49.59 2.28
CA VAL J 11 16.96 48.37 2.53
C VAL J 11 17.52 47.79 1.22
N LEU J 12 16.66 47.66 0.21
CA LEU J 12 17.07 47.21 -1.11
C LEU J 12 18.26 48.00 -1.67
N SER J 13 18.17 49.32 -1.58
CA SER J 13 19.19 50.22 -2.14
C SER J 13 20.52 50.20 -1.39
N PHE J 14 20.48 50.06 -0.07
CA PHE J 14 21.70 50.01 0.75
C PHE J 14 22.33 48.61 0.70
N GLY J 15 21.48 47.59 0.59
CA GLY J 15 21.95 46.20 0.54
C GLY J 15 21.40 45.32 1.65
N LEU J 16 20.57 44.35 1.27
CA LEU J 16 20.01 43.32 2.16
C LEU J 16 21.05 42.64 3.03
N TRP J 17 22.15 42.26 2.39
CA TRP J 17 23.28 41.62 3.05
C TRP J 17 24.25 42.72 3.50
N ASN J 18 24.21 43.03 4.78
CA ASN J 18 25.14 43.98 5.37
C ASN J 18 25.28 43.69 6.86
N PRO J 19 26.53 43.51 7.34
CA PRO J 19 26.88 43.20 8.72
C PRO J 19 26.33 44.18 9.76
N THR J 20 26.07 45.43 9.35
CA THR J 20 25.62 46.48 10.28
C THR J 20 24.20 46.25 10.80
N TYR J 21 23.37 45.57 10.01
CA TYR J 21 22.01 45.23 10.41
C TYR J 21 22.02 44.24 11.58
N SER J 22 21.29 44.57 12.63
CA SER J 22 21.12 43.66 13.76
C SER J 22 20.12 42.56 13.40
N ARG J 23 20.05 41.53 14.25
CA ARG J 23 19.13 40.41 14.04
C ARG J 23 17.68 40.88 13.99
N SER J 24 17.34 41.81 14.88
CA SER J 24 16.00 42.42 14.95
C SER J 24 15.65 43.21 13.69
N GLU J 25 16.63 43.95 13.17
CA GLU J 25 16.46 44.75 11.95
C GLU J 25 16.32 43.84 10.74
N ARG J 26 17.13 42.79 10.68
CA ARG J 26 17.07 41.80 9.61
C ARG J 26 15.77 41.01 9.59
N GLN J 27 15.23 40.72 10.77
CA GLN J 27 13.94 40.05 10.89
C GLN J 27 12.80 40.96 10.42
N SER J 28 12.87 42.24 10.81
CA SER J 28 11.85 43.23 10.46
C SER J 28 11.71 43.42 8.95
N PHE J 29 12.83 43.55 8.25
CA PHE J 29 12.76 43.80 6.81
C PHE J 29 12.64 42.55 5.95
N GLN J 30 12.88 41.39 6.55
CA GLN J 30 12.64 40.13 5.85
C GLN J 30 11.14 39.90 5.72
N GLU J 31 10.38 40.50 6.63
CA GLU J 31 8.93 40.49 6.56
C GLU J 31 8.44 41.39 5.43
N LEU J 32 9.19 42.46 5.16
CA LEU J 32 8.90 43.36 4.06
C LEU J 32 9.23 42.71 2.72
N LEU J 33 10.33 41.97 2.70
CA LEU J 33 10.76 41.20 1.52
C LEU J 33 9.72 40.22 1.01
N THR J 34 9.02 39.56 1.93
CA THR J 34 8.04 38.54 1.56
C THR J 34 6.83 39.12 0.82
N VAL J 35 6.63 40.43 0.95
CA VAL J 35 5.53 41.13 0.28
C VAL J 35 5.81 41.28 -1.22
N LEU J 36 7.10 41.27 -1.59
CA LEU J 36 7.50 41.38 -2.99
C LEU J 36 7.01 40.19 -3.78
N GLU J 37 6.43 40.46 -4.94
CA GLU J 37 5.87 39.40 -5.77
C GLU J 37 6.26 39.58 -7.22
N PRO J 38 6.68 38.49 -7.88
CA PRO J 38 6.85 38.59 -9.34
C PRO J 38 5.49 38.66 -10.03
N VAL J 39 5.40 39.48 -11.07
CA VAL J 39 4.17 39.65 -11.85
C VAL J 39 4.52 39.64 -13.34
N TYR J 40 3.50 39.63 -14.19
CA TYR J 40 3.71 39.67 -15.63
C TYR J 40 4.41 40.96 -16.04
N PRO J 41 5.53 40.85 -16.77
CA PRO J 41 6.25 42.06 -17.14
C PRO J 41 5.78 42.66 -18.46
N LEU J 42 5.97 43.96 -18.61
CA LEU J 42 5.75 44.64 -19.88
C LEU J 42 6.74 44.08 -20.91
N PRO J 43 6.46 44.24 -22.21
CA PRO J 43 7.34 43.68 -23.25
C PRO J 43 8.80 44.17 -23.19
N ASN J 44 8.98 45.43 -22.77
CA ASN J 44 10.29 46.04 -22.63
C ASN J 44 10.99 45.74 -21.30
N GLU J 45 10.46 44.78 -20.55
CA GLU J 45 10.96 44.49 -19.22
C GLU J 45 11.46 43.06 -19.10
N LEU J 46 12.60 42.92 -18.43
CA LEU J 46 13.20 41.63 -18.13
C LEU J 46 12.40 40.94 -17.03
N GLY J 47 11.95 41.74 -16.06
CA GLY J 47 11.18 41.25 -14.93
C GLY J 47 10.43 42.41 -14.28
N ARG J 48 9.33 42.10 -13.62
CA ARG J 48 8.53 43.08 -12.89
C ARG J 48 8.11 42.48 -11.55
N VAL J 49 8.23 43.29 -10.51
CA VAL J 49 7.96 42.89 -9.14
C VAL J 49 6.99 43.88 -8.52
N SER J 50 6.07 43.40 -7.69
CA SER J 50 5.08 44.26 -7.06
C SER J 50 4.89 43.91 -5.60
N ALA J 51 4.73 44.94 -4.78
CA ALA J 51 4.53 44.78 -3.34
C ALA J 51 3.46 45.73 -2.82
N ARG J 52 2.36 45.17 -2.31
CA ARG J 52 1.32 46.00 -1.71
C ARG J 52 1.26 45.75 -0.21
N PHE J 53 1.61 46.77 0.56
CA PHE J 53 1.74 46.66 2.01
C PHE J 53 0.46 47.07 2.68
N SER J 54 0.23 46.53 3.89
CA SER J 54 -1.02 46.77 4.62
C SER J 54 -1.22 48.24 5.04
N ASP J 55 -0.13 49.00 5.13
CA ASP J 55 -0.21 50.41 5.49
C ASP J 55 -0.68 51.30 4.35
N GLY J 56 -0.95 50.70 3.19
CA GLY J 56 -1.46 51.44 2.05
C GLY J 56 -0.39 51.91 1.09
N SER J 57 0.87 51.68 1.45
CA SER J 57 1.98 51.99 0.58
C SER J 57 2.21 50.85 -0.41
N SER J 58 2.98 51.14 -1.45
CA SER J 58 3.05 50.29 -2.62
C SER J 58 4.43 50.44 -3.29
N LEU J 59 4.97 49.34 -3.79
CA LEU J 59 6.23 49.38 -4.52
C LEU J 59 6.16 48.46 -5.73
N ARG J 60 6.49 49.00 -6.89
CA ARG J 60 6.61 48.21 -8.10
C ARG J 60 7.99 48.42 -8.71
N ILE J 61 8.75 47.33 -8.87
CA ILE J 61 10.11 47.39 -9.43
C ILE J 61 10.15 46.74 -10.82
N SER J 62 10.61 47.51 -11.80
CA SER J 62 10.82 47.01 -13.14
C SER J 62 12.31 46.91 -13.43
N VAL J 63 12.74 45.77 -13.98
CA VAL J 63 14.08 45.66 -14.53
C VAL J 63 13.92 45.64 -16.05
N THR J 64 14.35 46.71 -16.71
CA THR J 64 14.19 46.81 -18.16
C THR J 64 15.20 45.93 -18.87
N ASN J 65 15.08 45.82 -20.19
CA ASN J 65 15.97 44.94 -20.96
C ASN J 65 17.43 45.43 -20.99
N SER J 66 17.64 46.67 -20.55
CA SER J 66 18.98 47.23 -20.31
C SER J 66 19.52 46.86 -18.91
N GLU J 67 18.64 46.26 -18.10
CA GLU J 67 18.86 46.09 -16.66
C GLU J 67 18.96 47.43 -15.92
N SER J 68 18.36 48.45 -16.53
CA SER J 68 17.98 49.67 -15.84
C SER J 68 16.85 49.31 -14.87
N ILE J 69 16.85 49.94 -13.70
CA ILE J 69 15.95 49.56 -12.62
C ILE J 69 15.11 50.74 -12.16
N GLU J 70 13.79 50.62 -12.33
CA GLU J 70 12.83 51.68 -12.02
C GLU J 70 11.89 51.21 -10.92
N ALA J 71 11.77 52.02 -9.87
CA ALA J 71 10.91 51.70 -8.75
C ALA J 71 9.83 52.75 -8.58
N GLU J 72 8.60 52.36 -8.90
CA GLU J 72 7.45 53.22 -8.67
C GLU J 72 6.93 53.00 -7.26
N ILE J 73 6.89 54.06 -6.49
CA ILE J 73 6.46 53.98 -5.10
C ILE J 73 5.26 54.88 -4.79
N ARG J 74 4.24 54.29 -4.16
CA ARG J 74 3.10 55.04 -3.65
C ARG J 74 3.14 55.06 -2.14
N THR J 75 2.93 56.23 -1.55
CA THR J 75 2.91 56.39 -0.11
C THR J 75 1.61 57.08 0.30
N PRO J 76 1.16 56.87 1.55
CA PRO J 76 -0.18 57.34 1.97
C PRO J 76 -0.31 58.85 2.25
N ASP J 77 0.48 59.69 1.59
CA ASP J 77 0.62 61.10 2.01
C ASP J 77 0.20 62.27 1.08
N ASN J 78 -0.14 62.05 -0.19
CA ASN J 78 -0.23 60.75 -0.85
C ASN J 78 0.56 60.70 -2.17
N GLU J 79 1.84 61.04 -2.08
CA GLU J 79 2.72 61.12 -3.26
C GLU J 79 2.80 59.83 -4.09
N LYS J 80 3.09 60.01 -5.38
CA LYS J 80 3.48 58.92 -6.27
C LYS J 80 4.68 59.35 -7.11
N ILE J 81 5.76 58.57 -7.03
CA ILE J 81 7.01 58.92 -7.69
C ILE J 81 7.73 57.65 -8.17
N THR J 82 8.49 57.76 -9.26
CA THR J 82 9.34 56.64 -9.65
C THR J 82 10.82 57.02 -9.67
N VAL J 83 11.60 56.25 -8.95
CA VAL J 83 13.04 56.47 -8.82
C VAL J 83 13.83 55.50 -9.70
N LEU J 84 15.00 55.95 -10.14
CA LEU J 84 15.93 55.10 -10.88
C LEU J 84 16.93 54.54 -9.90
N LEU J 85 17.08 53.22 -9.90
CA LEU J 85 17.95 52.55 -8.95
C LEU J 85 19.23 52.06 -9.59
N GLU J 86 20.28 51.94 -8.78
CA GLU J 86 21.57 51.44 -9.22
C GLU J 86 21.86 50.12 -8.53
N SER J 87 22.11 49.08 -9.31
CA SER J 87 22.59 47.82 -8.77
C SER J 87 24.11 47.74 -8.91
N ASN J 88 24.76 47.38 -7.81
CA ASN J 88 26.19 47.17 -7.78
C ASN J 88 26.54 46.02 -6.82
N GLU J 89 27.83 45.80 -6.64
CA GLU J 89 28.31 44.73 -5.77
C GLU J 89 28.10 44.99 -4.28
N GLN J 90 27.99 46.26 -3.90
CA GLN J 90 27.75 46.64 -2.50
C GLN J 90 26.33 46.33 -2.06
N ASN J 91 25.34 46.68 -2.89
CA ASN J 91 23.94 46.42 -2.54
C ASN J 91 23.34 45.14 -3.10
N ARG J 92 23.97 44.57 -4.11
CA ARG J 92 23.47 43.36 -4.80
C ARG J 92 21.97 43.46 -5.09
N LEU J 93 21.55 44.58 -5.67
CA LEU J 93 20.13 44.86 -5.87
C LEU J 93 19.46 43.91 -6.86
N LEU J 94 20.11 43.65 -7.99
CA LEU J 94 19.54 42.71 -8.99
C LEU J 94 19.29 41.31 -8.42
N GLN J 95 20.19 40.85 -7.56
CA GLN J 95 20.01 39.54 -6.95
C GLN J 95 19.00 39.52 -5.79
N SER J 96 18.50 40.69 -5.41
CA SER J 96 17.52 40.84 -4.32
C SER J 96 16.09 40.91 -4.83
N LEU J 97 15.90 40.54 -6.10
CA LEU J 97 14.59 40.57 -6.74
C LEU J 97 14.26 39.22 -7.38
N PRO J 98 12.97 38.83 -7.39
CA PRO J 98 12.60 37.57 -8.03
C PRO J 98 12.54 37.72 -9.55
N ILE J 99 13.71 37.81 -10.17
CA ILE J 99 13.81 37.93 -11.62
C ILE J 99 14.73 36.83 -12.16
N ASP J 100 14.48 36.41 -13.40
CA ASP J 100 15.32 35.42 -14.07
C ASP J 100 16.30 36.14 -14.99
N ARG J 101 17.53 35.66 -15.02
CA ARG J 101 18.57 36.23 -15.88
C ARG J 101 19.36 35.16 -16.61
N HIS J 102 19.76 35.48 -17.84
CA HIS J 102 20.78 34.70 -18.54
C HIS J 102 22.13 35.11 -17.95
N MET J 103 22.86 34.12 -17.46
CA MET J 103 24.15 34.30 -16.79
C MET J 103 25.02 33.08 -17.08
N PRO J 104 26.37 33.24 -17.06
CA PRO J 104 27.22 32.07 -17.29
C PRO J 104 27.34 31.15 -16.08
N TYR J 105 26.80 31.59 -14.94
CA TYR J 105 26.82 30.81 -13.70
C TYR J 105 25.48 30.83 -13.00
N ILE J 106 25.19 29.78 -12.25
CA ILE J 106 24.00 29.75 -11.39
C ILE J 106 24.21 30.69 -10.23
N GLN J 107 23.26 31.61 -10.05
CA GLN J 107 23.34 32.61 -8.99
C GLN J 107 23.45 31.97 -7.60
N VAL J 108 24.41 32.45 -6.83
CA VAL J 108 24.60 32.00 -5.45
C VAL J 108 24.20 33.12 -4.50
N HIS J 109 23.43 32.76 -3.47
CA HIS J 109 23.02 33.71 -2.44
C HIS J 109 23.50 33.23 -1.07
N ARG J 110 23.57 34.14 -0.12
CA ARG J 110 23.81 33.78 1.26
C ARG J 110 22.52 33.88 2.06
N ALA J 111 22.28 32.89 2.91
CA ALA J 111 21.18 32.96 3.88
C ALA J 111 21.49 34.03 4.93
N LEU J 112 20.45 34.59 5.54
CA LEU J 112 20.66 35.49 6.68
C LEU J 112 21.17 34.71 7.89
N SER J 113 21.87 35.42 8.78
CA SER J 113 22.63 34.81 9.88
C SER J 113 21.90 33.72 10.66
N GLU J 114 20.64 33.96 11.00
CA GLU J 114 19.92 33.10 11.95
C GLU J 114 19.08 31.99 11.30
N MET J 115 19.08 31.93 9.97
CA MET J 115 18.28 30.93 9.25
C MET J 115 19.00 29.58 9.20
N ASP J 116 18.30 28.52 9.57
CA ASP J 116 18.87 27.17 9.66
C ASP J 116 18.11 26.16 8.78
N LEU J 117 18.56 24.90 8.80
CA LEU J 117 17.92 23.84 8.03
C LEU J 117 17.78 22.53 8.81
N THR J 118 16.76 22.47 9.65
CA THR J 118 16.47 21.26 10.43
C THR J 118 15.00 20.86 10.25
N ASP J 119 14.10 21.80 10.53
CA ASP J 119 12.67 21.57 10.50
C ASP J 119 12.09 21.71 9.09
N THR J 120 10.85 21.24 8.93
CA THR J 120 10.07 21.50 7.73
C THR J 120 9.77 23.00 7.65
N THR J 121 9.57 23.61 8.81
CA THR J 121 9.27 25.04 8.90
C THR J 121 10.48 25.92 8.55
N SER J 122 11.67 25.50 8.97
CA SER J 122 12.89 26.27 8.68
C SER J 122 13.21 26.23 7.18
N MET J 123 13.02 25.07 6.57
CA MET J 123 13.17 24.91 5.14
C MET J 123 12.15 25.75 4.34
N ARG J 124 10.90 25.77 4.81
CA ARG J 124 9.87 26.61 4.20
C ARG J 124 10.20 28.09 4.40
N ASN J 125 10.76 28.39 5.57
CA ASN J 125 11.23 29.73 5.90
C ASN J 125 12.34 30.18 4.94
N LEU J 126 13.27 29.28 4.63
CA LEU J 126 14.35 29.56 3.68
C LEU J 126 13.82 29.78 2.25
N LEU J 127 12.88 28.94 1.83
CA LEU J 127 12.25 29.10 0.52
C LEU J 127 11.45 30.40 0.43
N GLY J 128 10.91 30.84 1.57
CA GLY J 128 10.22 32.12 1.67
C GLY J 128 11.13 33.28 1.32
N PHE J 129 12.42 33.12 1.63
CA PHE J 129 13.45 34.12 1.35
C PHE J 129 13.98 33.96 -0.08
N THR J 130 14.38 32.74 -0.45
CA THR J 130 15.02 32.50 -1.75
C THR J 130 14.08 32.66 -2.95
N SER J 131 12.78 32.46 -2.74
CA SER J 131 11.79 32.69 -3.79
C SER J 131 11.68 34.17 -4.17
N LYS J 132 12.30 35.04 -3.37
CA LYS J 132 12.29 36.48 -3.64
C LYS J 132 13.63 36.97 -4.21
N LEU J 133 14.57 36.04 -4.39
CA LEU J 133 15.91 36.36 -4.89
C LEU J 133 16.08 35.92 -6.34
N SER J 134 17.11 36.44 -7.02
CA SER J 134 17.29 36.16 -8.44
C SER J 134 17.72 34.71 -8.72
N THR J 135 17.51 34.28 -9.96
CA THR J 135 17.83 32.94 -10.41
C THR J 135 18.49 33.01 -11.80
N THR J 136 19.12 31.92 -12.21
CA THR J 136 19.78 31.85 -13.53
C THR J 136 18.99 30.93 -14.44
N LEU J 137 18.63 31.41 -15.63
CA LEU J 137 17.94 30.59 -16.62
C LEU J 137 18.78 29.41 -17.06
N ILE J 138 18.14 28.24 -17.12
CA ILE J 138 18.81 27.00 -17.47
C ILE J 138 18.07 26.32 -18.62
N PRO J 139 18.80 25.92 -19.65
CA PRO J 139 18.15 25.25 -20.77
C PRO J 139 17.89 23.77 -20.47
N HIS J 140 16.83 23.21 -21.06
CA HIS J 140 16.57 21.78 -20.95
C HIS J 140 16.96 21.05 -22.24
N ASN J 141 17.01 19.72 -22.15
CA ASN J 141 17.10 18.86 -23.32
C ASN J 141 15.97 17.83 -23.25
N ALA J 142 15.89 16.93 -24.24
CA ALA J 142 14.82 15.92 -24.27
C ALA J 142 14.78 15.08 -22.98
N GLN J 143 15.95 14.83 -22.42
CA GLN J 143 16.12 14.05 -21.19
C GLN J 143 15.49 14.74 -19.97
N THR J 144 15.67 16.05 -19.86
CA THR J 144 15.24 16.79 -18.66
C THR J 144 13.95 17.60 -18.84
N ASP J 145 13.56 17.82 -20.09
CA ASP J 145 12.38 18.63 -20.42
C ASP J 145 11.09 18.12 -19.76
N PRO J 146 10.53 18.88 -18.82
CA PRO J 146 9.29 18.52 -18.12
C PRO J 146 8.09 18.31 -19.04
N LEU J 147 8.08 18.99 -20.20
CA LEU J 147 7.00 18.87 -21.17
C LEU J 147 7.18 17.69 -22.13
N SER J 148 8.15 16.84 -21.81
CA SER J 148 8.44 15.61 -22.55
C SER J 148 8.58 14.47 -21.52
N GLY J 149 8.51 13.21 -21.94
CA GLY J 149 8.25 12.80 -23.32
C GLY J 149 6.91 12.10 -23.45
N PRO J 150 6.80 10.86 -22.92
CA PRO J 150 5.57 10.05 -23.06
C PRO J 150 4.33 10.61 -22.35
N THR J 151 4.45 10.91 -21.06
CA THR J 151 3.29 11.34 -20.27
C THR J 151 3.48 12.69 -19.54
N PRO J 152 3.74 13.78 -20.29
CA PRO J 152 3.94 15.06 -19.61
C PRO J 152 2.64 15.57 -18.98
N PHE J 153 2.76 16.14 -17.78
CA PHE J 153 1.64 16.64 -16.97
C PHE J 153 0.66 15.56 -16.46
N SER J 154 0.96 14.28 -16.71
CA SER J 154 0.04 13.21 -16.31
C SER J 154 -0.13 13.08 -14.79
N SER J 155 0.83 13.59 -14.01
CA SER J 155 0.78 13.56 -12.55
C SER J 155 0.21 14.83 -11.91
N ILE J 156 -0.25 15.77 -12.74
CA ILE J 156 -0.57 17.14 -12.30
C ILE J 156 -1.62 17.30 -11.17
N PHE J 157 -2.74 16.60 -11.30
CA PHE J 157 -3.84 16.72 -10.34
C PHE J 157 -3.51 16.04 -9.01
N MET J 158 -2.79 14.94 -9.10
CA MET J 158 -2.23 14.28 -7.93
C MET J 158 -1.20 15.17 -7.24
N ASP J 159 -0.32 15.78 -8.05
CA ASP J 159 0.61 16.82 -7.55
C ASP J 159 -0.13 17.95 -6.82
N THR J 160 -1.26 18.37 -7.38
CA THR J 160 -2.02 19.50 -6.86
C THR J 160 -2.67 19.21 -5.49
N CYS J 161 -3.39 18.10 -5.37
CA CYS J 161 -4.07 17.82 -4.09
C CYS J 161 -3.10 17.40 -2.99
N ARG J 162 -1.94 16.89 -3.37
CA ARG J 162 -0.83 16.71 -2.43
C ARG J 162 -0.21 18.05 -2.02
N GLY J 163 -0.09 18.97 -2.99
CA GLY J 163 0.51 20.28 -2.74
C GLY J 163 -0.36 21.24 -1.94
N LEU J 164 -1.63 21.33 -2.32
CA LEU J 164 -2.58 22.21 -1.64
C LEU J 164 -2.72 21.86 -0.15
N GLY J 165 -2.63 22.87 0.69
CA GLY J 165 -2.61 22.71 2.15
C GLY J 165 -1.20 22.66 2.70
N ASN J 166 -0.24 22.42 1.81
CA ASN J 166 1.15 22.21 2.20
C ASN J 166 2.11 23.06 1.38
N ALA J 167 1.64 24.22 0.95
CA ALA J 167 2.44 25.12 0.13
C ALA J 167 2.21 26.56 0.56
N LYS J 168 3.12 27.44 0.17
CA LYS J 168 2.91 28.88 0.24
C LYS J 168 2.29 29.31 -1.07
N LEU J 169 1.15 30.02 -0.99
CA LEU J 169 0.44 30.41 -2.18
C LEU J 169 -0.08 31.84 -2.07
N SER J 170 0.11 32.62 -3.13
CA SER J 170 -0.48 33.95 -3.21
C SER J 170 -1.09 34.18 -4.57
N LEU J 171 -2.20 34.90 -4.58
CA LEU J 171 -2.88 35.28 -5.80
C LEU J 171 -2.96 36.80 -5.81
N ASN J 172 -2.34 37.43 -6.81
CA ASN J 172 -2.20 38.89 -6.84
C ASN J 172 -1.56 39.45 -5.55
N GLY J 173 -0.64 38.68 -4.97
CA GLY J 173 0.04 39.07 -3.74
C GLY J 173 -0.76 38.80 -2.47
N VAL J 174 -1.96 38.23 -2.62
CA VAL J 174 -2.81 37.92 -1.50
C VAL J 174 -2.53 36.48 -1.06
N ASP J 175 -1.96 36.33 0.13
CA ASP J 175 -1.64 35.00 0.65
C ASP J 175 -2.91 34.15 0.79
N ILE J 176 -2.82 32.92 0.29
CA ILE J 176 -3.90 31.96 0.41
C ILE J 176 -3.48 30.92 1.44
N PRO J 177 -3.92 31.08 2.71
CA PRO J 177 -3.51 30.22 3.80
C PRO J 177 -4.00 28.77 3.66
N ALA J 178 -3.42 27.87 4.45
CA ALA J 178 -3.64 26.42 4.32
C ALA J 178 -5.12 25.98 4.26
N ASN J 179 -5.94 26.53 5.15
CA ASN J 179 -7.36 26.18 5.19
C ASN J 179 -8.11 26.62 3.91
N ALA J 180 -7.72 27.77 3.36
CA ALA J 180 -8.29 28.26 2.12
C ALA J 180 -7.86 27.40 0.93
N GLN J 181 -6.62 26.90 0.98
CA GLN J 181 -6.10 25.97 -0.03
C GLN J 181 -6.89 24.65 -0.03
N MET J 182 -7.35 24.22 1.14
CA MET J 182 -8.16 23.01 1.26
C MET J 182 -9.55 23.21 0.68
N LEU J 183 -10.10 24.41 0.88
CA LEU J 183 -11.35 24.80 0.22
C LEU J 183 -11.15 24.84 -1.30
N LEU J 184 -10.01 25.36 -1.73
CA LEU J 184 -9.66 25.42 -3.15
C LEU J 184 -9.55 24.04 -3.77
N ARG J 185 -8.90 23.13 -3.04
CA ARG J 185 -8.83 21.73 -3.44
C ARG J 185 -10.24 21.19 -3.70
N ASP J 186 -11.13 21.37 -2.72
CA ASP J 186 -12.54 21.00 -2.84
C ASP J 186 -13.23 21.67 -4.04
N ALA J 187 -13.05 22.98 -4.16
CA ALA J 187 -13.73 23.78 -5.20
C ALA J 187 -13.32 23.35 -6.61
N LEU J 188 -12.10 22.86 -6.74
CA LEU J 188 -11.58 22.39 -8.02
C LEU J 188 -12.23 21.06 -8.45
N GLY J 189 -12.66 20.27 -7.48
CA GLY J 189 -13.25 18.95 -7.75
C GLY J 189 -12.30 17.83 -7.35
N LEU J 190 -11.29 18.19 -6.56
CA LEU J 190 -10.26 17.26 -6.13
C LEU J 190 -10.53 16.78 -4.70
N THR J 193 -10.24 13.76 -3.58
CA THR J 193 -8.83 13.69 -3.96
C THR J 193 -8.55 12.52 -4.91
N HIS J 194 -7.44 12.62 -5.64
CA HIS J 194 -7.00 11.62 -6.62
C HIS J 194 -8.02 11.39 -7.76
N SER J 195 -8.58 12.50 -8.26
CA SER J 195 -9.49 12.50 -9.40
C SER J 195 -9.27 13.77 -10.24
N SER J 196 -9.85 13.81 -11.44
CA SER J 196 -9.77 14.99 -12.31
C SER J 196 -10.74 16.07 -11.85
N PRO J 197 -10.41 17.35 -12.14
CA PRO J 197 -11.33 18.44 -11.80
C PRO J 197 -12.65 18.33 -12.54
N SER J 198 -13.72 18.71 -11.87
CA SER J 198 -15.08 18.69 -12.41
C SER J 198 -15.18 19.36 -13.78
N ARG J 199 -16.08 18.85 -14.63
CA ARG J 199 -16.30 19.38 -15.97
C ARG J 199 -16.86 20.81 -15.93
N ASN J 200 -17.60 21.13 -14.88
CA ASN J 200 -18.11 22.48 -14.66
C ASN J 200 -16.97 23.47 -14.49
N VAL J 201 -15.98 23.08 -13.69
CA VAL J 201 -14.81 23.92 -13.44
C VAL J 201 -13.96 24.08 -14.70
N ILE J 202 -13.80 22.99 -15.46
CA ILE J 202 -13.00 23.01 -16.70
C ILE J 202 -13.42 24.13 -17.67
N ASP J 203 -14.72 24.28 -17.90
CA ASP J 203 -15.16 25.32 -18.85
C ASP J 203 -15.81 26.57 -18.26
N HIS J 204 -16.07 26.58 -16.95
CA HIS J 204 -16.67 27.75 -16.30
C HIS J 204 -15.85 28.34 -15.15
N GLY J 205 -14.76 27.66 -14.79
CA GLY J 205 -13.97 28.03 -13.62
C GLY J 205 -14.68 27.55 -12.36
N ILE J 206 -14.10 27.84 -11.20
CA ILE J 206 -14.77 27.48 -9.96
C ILE J 206 -15.95 28.44 -9.73
N SER J 207 -16.94 27.98 -8.97
CA SER J 207 -18.17 28.74 -8.75
C SER J 207 -17.90 30.01 -7.96
N ARG J 208 -18.75 31.01 -8.18
CA ARG J 208 -18.66 32.29 -7.49
C ARG J 208 -18.87 32.14 -5.98
N HIS J 209 -19.69 31.17 -5.60
CA HIS J 209 -19.93 30.89 -4.20
C HIS J 209 -18.65 30.38 -3.53
N ASP J 210 -18.01 29.41 -4.17
CA ASP J 210 -16.77 28.82 -3.65
C ASP J 210 -15.62 29.84 -3.62
N ALA J 211 -15.54 30.67 -4.66
CA ALA J 211 -14.51 31.72 -4.73
C ALA J 211 -14.59 32.68 -3.55
N GLU J 212 -15.81 33.06 -3.20
CA GLU J 212 -16.04 33.94 -2.06
C GLU J 212 -15.52 33.36 -0.75
N GLN J 213 -15.77 32.08 -0.52
CA GLN J 213 -15.36 31.41 0.73
C GLN J 213 -13.84 31.36 0.84
N ILE J 214 -13.19 30.99 -0.27
CA ILE J 214 -11.73 30.94 -0.36
C ILE J 214 -11.11 32.30 -0.06
N ALA J 215 -11.57 33.32 -0.78
CA ALA J 215 -11.04 34.67 -0.62
C ALA J 215 -11.30 35.25 0.77
N ARG J 216 -12.45 34.91 1.34
CA ARG J 216 -12.85 35.39 2.66
C ARG J 216 -11.88 34.91 3.74
N GLU J 217 -11.30 33.74 3.51
CA GLU J 217 -10.36 33.13 4.45
C GLU J 217 -8.94 33.67 4.28
N SER J 218 -8.74 34.45 3.24
CA SER J 218 -7.42 34.91 2.85
C SER J 218 -7.10 36.30 3.40
N SER J 219 -5.88 36.75 3.16
CA SER J 219 -5.43 38.07 3.62
C SER J 219 -6.02 39.17 2.74
N GLY J 220 -5.62 40.40 3.03
CA GLY J 220 -5.90 41.53 2.14
C GLY J 220 -7.25 42.20 2.29
N SER J 221 -7.33 43.39 1.72
CA SER J 221 -8.51 44.23 1.71
C SER J 221 -9.67 43.61 0.95
N ASP J 222 -10.85 44.18 1.12
CA ASP J 222 -12.04 43.75 0.41
C ASP J 222 -11.84 43.84 -1.11
N ASN J 223 -11.12 44.88 -1.54
CA ASN J 223 -10.84 45.07 -2.96
C ASN J 223 -9.94 43.99 -3.57
N GLN J 224 -8.93 43.55 -2.84
CA GLN J 224 -8.08 42.49 -3.38
C GLN J 224 -8.70 41.09 -3.23
N LYS J 225 -9.57 40.91 -2.23
CA LYS J 225 -10.39 39.71 -2.12
C LYS J 225 -11.28 39.61 -3.36
N ALA J 226 -11.87 40.74 -3.76
CA ALA J 226 -12.59 40.85 -5.02
C ALA J 226 -11.73 40.47 -6.24
N GLU J 227 -10.48 40.95 -6.26
CA GLU J 227 -9.52 40.57 -7.29
C GLU J 227 -9.41 39.05 -7.34
N VAL J 228 -9.28 38.45 -6.16
CA VAL J 228 -9.11 37.00 -6.02
C VAL J 228 -10.33 36.21 -6.51
N VAL J 229 -11.53 36.61 -6.09
CA VAL J 229 -12.73 35.90 -6.54
C VAL J 229 -12.84 36.00 -8.06
N GLU J 230 -12.61 37.20 -8.57
CA GLU J 230 -12.70 37.50 -9.99
C GLU J 230 -11.71 36.65 -10.78
N PHE J 231 -10.50 36.52 -10.27
CA PHE J 231 -9.50 35.61 -10.84
C PHE J 231 -9.96 34.15 -10.80
N LEU J 232 -10.39 33.68 -9.61
CA LEU J 232 -10.76 32.28 -9.42
C LEU J 232 -11.90 31.78 -10.32
N CYS J 233 -12.77 32.70 -10.73
CA CYS J 233 -13.91 32.34 -11.57
C CYS J 233 -13.55 32.19 -13.05
N HIS J 234 -12.29 32.44 -13.39
CA HIS J 234 -11.76 32.11 -14.71
C HIS J 234 -11.51 30.60 -14.80
N PRO J 235 -11.87 29.98 -15.95
CA PRO J 235 -11.46 28.59 -16.17
C PRO J 235 -9.93 28.46 -16.23
N GLU J 236 -9.25 29.53 -16.64
CA GLU J 236 -7.79 29.55 -16.72
C GLU J 236 -7.12 29.63 -15.36
N ALA J 237 -7.86 30.09 -14.35
CA ALA J 237 -7.38 30.12 -12.97
C ALA J 237 -7.14 28.70 -12.45
N ALA J 238 -8.04 27.79 -12.79
CA ALA J 238 -7.88 26.39 -12.48
C ALA J 238 -6.64 25.83 -13.17
N THR J 239 -6.49 26.14 -14.45
CA THR J 239 -5.30 25.77 -15.22
C THR J 239 -4.01 26.30 -14.57
N ALA J 240 -4.02 27.58 -14.18
CA ALA J 240 -2.85 28.21 -13.57
C ALA J 240 -2.48 27.56 -12.22
N ILE J 241 -3.49 27.39 -11.36
CA ILE J 241 -3.27 26.83 -10.03
C ILE J 241 -2.77 25.37 -10.09
N CYS J 242 -3.40 24.55 -10.93
CA CYS J 242 -3.03 23.14 -11.03
C CYS J 242 -1.63 22.97 -11.63
N SER J 243 -1.41 23.57 -12.80
CA SER J 243 -0.14 23.48 -13.50
C SER J 243 1.05 23.85 -12.60
N ALA J 244 0.86 24.82 -11.70
CA ALA J 244 1.95 25.33 -10.87
C ALA J 244 2.58 24.29 -9.95
N PHE J 245 1.84 23.22 -9.67
CA PHE J 245 2.29 22.19 -8.72
C PHE J 245 3.06 21.05 -9.36
N TYR J 246 3.35 21.13 -10.66
CA TYR J 246 3.98 20.02 -11.36
C TYR J 246 5.31 19.63 -10.73
N GLN J 247 5.39 18.37 -10.31
CA GLN J 247 6.57 17.85 -9.60
C GLN J 247 7.86 17.89 -10.43
N SER J 248 7.74 17.73 -11.74
CA SER J 248 8.89 17.56 -12.62
C SER J 248 9.50 18.87 -13.14
N PHE J 249 8.92 20.01 -12.75
CA PHE J 249 9.43 21.32 -13.15
C PHE J 249 10.91 21.53 -12.83
N ASN J 250 11.36 21.02 -11.68
CA ASN J 250 12.76 21.19 -11.26
C ASN J 250 13.80 20.20 -11.80
N VAL J 251 13.37 19.26 -12.64
CA VAL J 251 14.27 18.24 -13.19
C VAL J 251 15.55 18.81 -13.87
N PRO J 252 15.42 19.82 -14.76
CA PRO J 252 16.65 20.40 -15.32
C PRO J 252 17.60 20.90 -14.23
N ALA J 253 17.06 21.58 -13.23
CA ALA J 253 17.85 22.09 -12.11
C ALA J 253 18.43 20.96 -11.26
N LEU J 254 17.62 19.96 -10.96
CA LEU J 254 18.07 18.79 -10.20
C LEU J 254 19.21 18.08 -10.91
N THR J 255 19.13 18.01 -12.24
CA THR J 255 20.12 17.33 -13.07
C THR J 255 21.45 18.06 -13.03
N LEU J 256 21.40 19.37 -13.27
CA LEU J 256 22.59 20.24 -13.26
C LEU J 256 23.31 20.26 -11.91
N THR J 257 22.57 20.06 -10.82
CA THR J 257 23.17 20.08 -9.47
C THR J 257 23.04 18.73 -8.73
N HIS J 258 23.11 17.64 -9.49
CA HIS J 258 22.92 16.29 -8.95
C HIS J 258 23.93 15.88 -7.88
N GLU J 259 25.17 16.39 -7.99
CA GLU J 259 26.22 16.08 -7.02
C GLU J 259 25.95 16.64 -5.63
N ARG J 260 25.58 17.92 -5.57
CA ARG J 260 25.31 18.57 -4.28
C ARG J 260 24.00 18.08 -3.68
N ILE J 261 23.10 17.62 -4.55
CA ILE J 261 21.85 17.01 -4.11
C ILE J 261 22.14 15.65 -3.47
N SER J 262 23.00 14.87 -4.12
CA SER J 262 23.43 13.57 -3.59
C SER J 262 24.22 13.73 -2.29
N LYS J 263 25.15 14.69 -2.28
CA LYS J 263 25.95 14.98 -1.10
C LYS J 263 25.05 15.31 0.11
N ALA J 264 24.01 16.11 -0.13
CA ALA J 264 23.03 16.43 0.91
C ALA J 264 22.29 15.18 1.34
N SER J 265 21.87 14.38 0.36
CA SER J 265 21.11 13.16 0.59
C SER J 265 21.90 12.13 1.39
N GLU J 266 23.16 11.93 1.02
CA GLU J 266 24.03 10.94 1.66
C GLU J 266 24.54 11.38 3.03
N TYR J 267 24.63 12.71 3.22
CA TYR J 267 25.00 13.30 4.50
C TYR J 267 23.91 13.04 5.55
N ASN J 268 22.66 13.31 5.17
CA ASN J 268 21.51 13.01 6.02
C ASN J 268 21.37 11.51 6.28
N ALA J 269 21.31 10.73 5.20
CA ALA J 269 21.24 9.26 5.30
C ALA J 269 22.58 8.68 5.76
N PRO J 276 12.19 16.70 5.32
CA PRO J 276 11.32 16.91 4.15
C PRO J 276 12.14 17.06 2.88
N ASN J 277 11.63 16.48 1.78
CA ASN J 277 12.39 16.48 0.52
C ASN J 277 12.21 17.74 -0.33
N ALA J 278 11.01 18.28 -0.36
CA ALA J 278 10.71 19.42 -1.23
C ALA J 278 9.61 20.34 -0.69
N CYS J 279 9.89 21.64 -0.74
CA CYS J 279 8.93 22.68 -0.33
C CYS J 279 8.50 23.51 -1.53
N ILE J 280 7.33 24.14 -1.43
CA ILE J 280 6.73 24.79 -2.58
C ILE J 280 6.18 26.19 -2.26
N ASN J 281 6.51 27.15 -3.13
CA ASN J 281 6.12 28.54 -2.95
C ASN J 281 5.71 29.12 -4.29
N ILE J 282 4.42 29.41 -4.41
CA ILE J 282 3.79 29.79 -5.68
C ILE J 282 3.23 31.20 -5.61
N SER J 283 3.53 32.00 -6.62
CA SER J 283 2.93 33.34 -6.79
C SER J 283 2.27 33.43 -8.15
N ILE J 284 0.95 33.56 -8.15
CA ILE J 284 0.18 33.72 -9.37
C ILE J 284 -0.39 35.13 -9.39
N SER J 285 -0.37 35.75 -10.56
CA SER J 285 -0.90 37.09 -10.69
C SER J 285 -1.70 37.24 -11.98
N GLN J 286 -2.67 38.13 -11.92
CA GLN J 286 -3.46 38.48 -13.09
C GLN J 286 -3.44 40.00 -13.24
N SER J 287 -3.07 40.45 -14.44
CA SER J 287 -3.02 41.88 -14.73
C SER J 287 -4.44 42.42 -14.92
N SER J 288 -4.59 43.73 -14.87
CA SER J 288 -5.89 44.37 -15.04
C SER J 288 -6.50 44.10 -16.43
N ASP J 289 -5.66 43.70 -17.39
CA ASP J 289 -6.14 43.30 -18.71
C ASP J 289 -6.44 41.80 -18.79
N GLY J 290 -6.34 41.12 -17.65
CA GLY J 290 -6.73 39.71 -17.54
C GLY J 290 -5.65 38.67 -17.77
N ASN J 291 -4.44 39.12 -18.13
CA ASN J 291 -3.31 38.21 -18.38
C ASN J 291 -2.79 37.53 -17.11
N ILE J 292 -2.77 36.19 -17.15
CA ILE J 292 -2.37 35.39 -16.00
C ILE J 292 -0.92 34.91 -16.13
N TYR J 293 -0.19 35.04 -15.04
CA TYR J 293 1.21 34.70 -15.00
C TYR J 293 1.51 33.91 -13.72
N VAL J 294 2.16 32.77 -13.87
CA VAL J 294 2.56 31.99 -12.69
C VAL J 294 4.07 31.94 -12.47
N THR J 295 4.44 32.05 -11.19
CA THR J 295 5.81 31.83 -10.76
C THR J 295 5.77 30.78 -9.65
N SER J 296 6.36 29.62 -9.93
CA SER J 296 6.32 28.48 -9.03
C SER J 296 7.72 28.08 -8.57
N HIS J 297 7.91 28.04 -7.25
CA HIS J 297 9.23 27.76 -6.69
C HIS J 297 9.23 26.47 -5.89
N THR J 298 10.27 25.68 -6.12
CA THR J 298 10.54 24.49 -5.33
C THR J 298 11.96 24.62 -4.78
N GLY J 299 12.11 24.32 -3.49
CA GLY J 299 13.43 24.29 -2.86
C GLY J 299 13.76 22.88 -2.40
N VAL J 300 14.98 22.43 -2.72
CA VAL J 300 15.48 21.15 -2.21
C VAL J 300 16.86 21.34 -1.58
N LEU J 301 17.23 20.42 -0.69
CA LEU J 301 18.51 20.52 0.00
C LEU J 301 19.70 20.22 -0.91
N ILE J 302 20.78 20.97 -0.70
CA ILE J 302 22.06 20.74 -1.36
C ILE J 302 23.20 20.89 -0.36
N MET J 303 24.35 20.28 -0.66
CA MET J 303 25.51 20.43 0.21
C MET J 303 26.82 20.42 -0.57
N ALA J 304 27.64 21.43 -0.32
CA ALA J 304 28.97 21.54 -0.89
C ALA J 304 29.92 20.50 -0.30
N PRO J 305 30.94 20.06 -1.07
CA PRO J 305 31.98 19.17 -0.54
C PRO J 305 32.70 19.77 0.65
N GLU J 306 33.20 18.91 1.54
CA GLU J 306 33.90 19.31 2.75
C GLU J 306 35.01 20.34 2.50
N ASP J 307 35.78 20.15 1.43
CA ASP J 307 36.91 21.02 1.10
C ASP J 307 36.52 22.35 0.44
N ARG J 308 35.23 22.51 0.14
CA ARG J 308 34.70 23.76 -0.37
C ARG J 308 34.23 24.66 0.77
N PRO J 309 34.29 26.00 0.58
CA PRO J 309 33.89 26.99 1.59
C PRO J 309 32.51 26.75 2.21
N ASN J 310 31.52 26.46 1.37
CA ASN J 310 30.14 26.29 1.83
C ASN J 310 29.78 24.91 2.34
N GLU J 311 28.66 24.82 3.04
CA GLU J 311 28.14 23.54 3.52
C GLU J 311 26.76 23.07 3.09
N MET J 312 25.74 23.39 3.89
CA MET J 312 24.36 23.01 3.56
C MET J 312 23.72 24.26 2.96
N GLY J 313 22.84 24.05 1.99
CA GLY J 313 22.08 25.12 1.40
C GLY J 313 20.85 24.61 0.67
N MET J 314 20.25 25.47 -0.14
CA MET J 314 19.02 25.16 -0.87
C MET J 314 19.17 25.44 -2.36
N LEU J 315 18.76 24.48 -3.17
CA LEU J 315 18.58 24.70 -4.60
C LEU J 315 17.14 25.15 -4.82
N THR J 316 16.99 26.42 -5.23
CA THR J 316 15.69 26.96 -5.54
C THR J 316 15.47 26.94 -7.05
N ASN J 317 14.36 26.32 -7.48
CA ASN J 317 13.97 26.35 -8.88
C ASN J 317 12.75 27.26 -9.09
N ARG J 318 12.91 28.23 -9.99
CA ARG J 318 11.81 29.11 -10.38
C ARG J 318 11.31 28.72 -11.77
N THR J 319 10.02 28.41 -11.85
CA THR J 319 9.34 28.10 -13.10
C THR J 319 8.36 29.23 -13.36
N SER J 320 8.44 29.82 -14.55
CA SER J 320 7.61 30.95 -14.93
C SER J 320 6.91 30.68 -16.25
N TYR J 321 5.68 31.15 -16.36
CA TYR J 321 4.93 31.05 -17.61
C TYR J 321 3.61 31.77 -17.56
N GLU J 322 3.21 32.28 -18.72
CA GLU J 322 1.89 32.85 -18.91
C GLU J 322 0.88 31.70 -19.10
N VAL J 323 -0.33 31.89 -18.58
CA VAL J 323 -1.44 30.99 -18.90
C VAL J 323 -2.40 31.76 -19.80
N PRO J 324 -2.35 31.50 -21.12
CA PRO J 324 -3.15 32.23 -22.09
C PRO J 324 -4.64 31.99 -21.93
N GLN J 325 -5.45 32.92 -22.43
CA GLN J 325 -6.90 32.74 -22.49
C GLN J 325 -7.26 31.54 -23.34
N GLY J 326 -8.26 30.78 -22.90
CA GLY J 326 -8.75 29.64 -23.66
C GLY J 326 -8.08 28.32 -23.33
N VAL J 327 -7.04 28.36 -22.49
CA VAL J 327 -6.36 27.15 -22.09
C VAL J 327 -7.06 26.55 -20.88
N LYS J 328 -7.75 25.43 -21.11
CA LYS J 328 -8.59 24.79 -20.11
C LYS J 328 -7.78 23.87 -19.21
N CYS J 329 -8.33 23.54 -18.04
CA CYS J 329 -7.61 22.75 -17.04
C CYS J 329 -7.66 21.25 -17.31
N THR J 330 -7.01 20.81 -18.39
CA THR J 330 -6.80 19.39 -18.67
C THR J 330 -5.34 19.15 -19.04
N ILE J 331 -4.86 17.92 -18.85
CA ILE J 331 -3.48 17.56 -19.19
C ILE J 331 -3.15 17.83 -20.66
N ASP J 332 -4.01 17.34 -21.56
CA ASP J 332 -3.86 17.61 -23.00
C ASP J 332 -3.69 19.09 -23.32
N GLU J 333 -4.48 19.92 -22.65
CA GLU J 333 -4.47 21.37 -22.87
C GLU J 333 -3.19 22.03 -22.37
N MET J 334 -2.77 21.65 -21.16
CA MET J 334 -1.54 22.18 -20.57
C MET J 334 -0.33 21.84 -21.44
N VAL J 335 -0.26 20.58 -21.87
CA VAL J 335 0.76 20.09 -22.79
C VAL J 335 0.73 20.85 -24.12
N ARG J 336 -0.47 21.13 -24.62
CA ARG J 336 -0.65 21.86 -25.88
C ARG J 336 -0.11 23.29 -25.84
N ALA J 337 -0.46 24.03 -24.78
CA ALA J 337 -0.34 25.49 -24.80
C ALA J 337 0.69 26.11 -23.84
N LEU J 338 1.02 25.41 -22.77
CA LEU J 338 1.89 25.97 -21.73
C LEU J 338 3.37 25.90 -22.09
N GLN J 339 4.06 27.04 -22.00
CA GLN J 339 5.47 27.13 -22.36
C GLN J 339 6.30 27.70 -21.21
N PRO J 340 6.60 26.88 -20.18
CA PRO J 340 7.31 27.37 -19.01
C PRO J 340 8.79 27.59 -19.29
N ARG J 341 9.42 28.43 -18.46
CA ARG J 341 10.87 28.55 -18.45
C ARG J 341 11.39 28.23 -17.05
N TYR J 342 12.63 27.77 -16.98
CA TYR J 342 13.19 27.26 -15.73
C TYR J 342 14.45 28.03 -15.36
N ALA J 343 14.60 28.32 -14.07
CA ALA J 343 15.74 29.05 -13.57
C ALA J 343 16.10 28.59 -12.16
N ALA J 344 17.37 28.71 -11.79
CA ALA J 344 17.84 28.16 -10.53
C ALA J 344 18.77 29.09 -9.76
N SER J 345 18.78 28.95 -8.44
CA SER J 345 19.80 29.56 -7.59
C SER J 345 20.23 28.60 -6.49
N GLU J 346 21.43 28.81 -5.98
CA GLU J 346 21.91 28.12 -4.79
C GLU J 346 22.07 29.12 -3.65
N THR J 347 21.47 28.82 -2.51
CA THR J 347 21.56 29.67 -1.33
C THR J 347 22.13 28.88 -0.17
N TYR J 348 23.26 29.34 0.36
CA TYR J 348 23.97 28.61 1.40
C TYR J 348 23.86 29.28 2.76
N LEU J 349 23.82 28.45 3.81
CA LEU J 349 23.75 28.94 5.19
C LEU J 349 25.04 29.63 5.58
N GLN J 350 24.94 30.63 6.45
CA GLN J 350 26.11 31.36 6.92
C GLN J 350 26.47 30.99 8.35
N GLU K 1 -10.63 -48.92 -39.04
CA GLU K 1 -10.89 -47.45 -38.97
C GLU K 1 -11.43 -47.05 -37.60
N MET K 2 -10.92 -45.94 -37.08
CA MET K 2 -11.27 -45.47 -35.74
C MET K 2 -12.61 -44.73 -35.71
N SER K 3 -13.50 -45.14 -34.79
CA SER K 3 -14.85 -44.58 -34.72
C SER K 3 -14.85 -43.12 -34.28
N CYS K 4 -15.96 -42.42 -34.54
CA CYS K 4 -16.07 -40.99 -34.30
C CYS K 4 -15.87 -40.59 -32.84
N ALA K 5 -16.52 -41.32 -31.93
CA ALA K 5 -16.38 -41.04 -30.49
C ALA K 5 -14.94 -41.22 -30.01
N GLU K 6 -14.27 -42.25 -30.52
CA GLU K 6 -12.85 -42.50 -30.22
C GLU K 6 -12.00 -41.36 -30.75
N LYS K 7 -12.29 -40.93 -31.97
CA LYS K 7 -11.60 -39.80 -32.59
C LYS K 7 -11.76 -38.53 -31.76
N LEU K 8 -12.99 -38.27 -31.33
CA LEU K 8 -13.29 -37.13 -30.48
C LEU K 8 -12.52 -37.18 -29.15
N LEU K 9 -12.54 -38.35 -28.51
CA LEU K 9 -11.85 -38.56 -27.25
C LEU K 9 -10.36 -38.26 -27.39
N LYS K 10 -9.76 -38.80 -28.47
CA LYS K 10 -8.35 -38.56 -28.77
C LYS K 10 -8.06 -37.06 -28.89
N VAL K 11 -8.89 -36.36 -29.67
CA VAL K 11 -8.78 -34.91 -29.84
C VAL K 11 -8.82 -34.17 -28.50
N LEU K 12 -9.87 -34.41 -27.71
CA LEU K 12 -10.01 -33.78 -26.39
C LEU K 12 -8.86 -34.12 -25.43
N SER K 13 -8.24 -35.28 -25.61
CA SER K 13 -7.13 -35.68 -24.75
C SER K 13 -5.83 -34.91 -25.00
N PHE K 14 -5.65 -34.42 -26.22
CA PHE K 14 -4.40 -33.84 -26.65
C PHE K 14 -4.04 -32.40 -26.39
N GLY K 15 -4.83 -31.39 -26.68
CA GLY K 15 -6.11 -31.50 -27.39
C GLY K 15 -6.13 -30.61 -28.62
N LEU K 16 -7.22 -29.85 -28.80
CA LEU K 16 -7.42 -29.08 -30.05
C LEU K 16 -6.28 -28.13 -30.40
N TRP K 17 -5.80 -27.37 -29.41
CA TRP K 17 -4.72 -26.42 -29.65
C TRP K 17 -3.31 -26.99 -29.39
N ASN K 18 -3.18 -28.31 -29.53
CA ASN K 18 -1.89 -28.97 -29.42
C ASN K 18 -1.07 -28.74 -30.69
N PRO K 19 0.19 -28.29 -30.55
CA PRO K 19 1.09 -28.03 -31.69
C PRO K 19 1.34 -29.23 -32.60
N THR K 20 0.96 -30.43 -32.15
CA THR K 20 1.07 -31.63 -32.98
C THR K 20 0.03 -31.63 -34.12
N TYR K 21 -1.05 -30.87 -33.92
CA TYR K 21 -2.08 -30.71 -34.94
C TYR K 21 -1.83 -29.48 -35.80
N SER K 22 -2.13 -29.61 -37.09
CA SER K 22 -2.00 -28.50 -38.04
C SER K 22 -3.27 -27.65 -38.05
N ARG K 23 -3.27 -26.61 -38.88
CA ARG K 23 -4.42 -25.74 -39.09
C ARG K 23 -5.63 -26.51 -39.64
N SER K 24 -5.39 -27.29 -40.70
CA SER K 24 -6.44 -28.03 -41.39
C SER K 24 -7.02 -29.16 -40.53
N GLU K 25 -6.20 -29.77 -39.69
CA GLU K 25 -6.65 -30.82 -38.78
C GLU K 25 -7.65 -30.28 -37.77
N ARG K 26 -7.35 -29.10 -37.21
CA ARG K 26 -8.25 -28.39 -36.30
C ARG K 26 -9.62 -28.14 -36.93
N GLN K 27 -9.62 -27.80 -38.22
CA GLN K 27 -10.85 -27.63 -38.99
C GLN K 27 -11.64 -28.93 -39.08
N SER K 28 -10.94 -30.03 -39.38
CA SER K 28 -11.57 -31.35 -39.53
C SER K 28 -12.18 -31.87 -38.23
N PHE K 29 -11.62 -31.47 -37.10
CA PHE K 29 -12.13 -31.90 -35.80
C PHE K 29 -13.40 -31.17 -35.37
N GLN K 30 -13.76 -30.11 -36.10
CA GLN K 30 -14.95 -29.31 -35.78
C GLN K 30 -16.25 -30.09 -35.93
N GLU K 31 -16.31 -30.99 -36.90
CA GLU K 31 -17.49 -31.82 -37.08
C GLU K 31 -17.61 -32.90 -36.00
N LEU K 32 -16.56 -33.04 -35.18
CA LEU K 32 -16.56 -33.92 -34.03
C LEU K 32 -16.95 -33.14 -32.78
N LEU K 33 -16.25 -32.05 -32.53
CA LEU K 33 -16.50 -31.14 -31.39
C LEU K 33 -17.94 -30.66 -31.34
N THR K 34 -18.50 -30.32 -32.51
CA THR K 34 -19.83 -29.73 -32.59
C THR K 34 -20.96 -30.67 -32.15
N VAL K 35 -20.65 -31.96 -32.08
CA VAL K 35 -21.61 -32.98 -31.68
C VAL K 35 -21.80 -33.02 -30.16
N LEU K 36 -20.81 -32.50 -29.43
CA LEU K 36 -20.89 -32.40 -27.96
C LEU K 36 -22.11 -31.59 -27.52
N GLU K 37 -22.95 -32.19 -26.69
CA GLU K 37 -24.14 -31.53 -26.18
C GLU K 37 -24.17 -31.56 -24.66
N PRO K 38 -24.33 -30.39 -24.02
CA PRO K 38 -24.53 -30.33 -22.57
C PRO K 38 -25.88 -30.92 -22.21
N VAL K 39 -25.89 -31.81 -21.23
CA VAL K 39 -27.11 -32.50 -20.80
C VAL K 39 -27.29 -32.45 -19.28
N TYR K 40 -28.45 -32.89 -18.82
CA TYR K 40 -28.80 -32.92 -17.40
C TYR K 40 -27.72 -33.59 -16.53
N PRO K 41 -27.17 -32.84 -15.55
CA PRO K 41 -26.11 -33.37 -14.70
C PRO K 41 -26.65 -34.12 -13.48
N LEU K 42 -25.94 -35.16 -13.07
CA LEU K 42 -26.29 -35.90 -11.86
C LEU K 42 -25.94 -35.06 -10.62
N PRO K 43 -26.49 -35.42 -9.45
CA PRO K 43 -26.32 -34.59 -8.23
C PRO K 43 -24.86 -34.20 -7.94
N ASN K 44 -23.93 -35.11 -8.18
CA ASN K 44 -22.52 -34.90 -7.86
C ASN K 44 -21.72 -34.17 -8.96
N GLU K 45 -22.38 -33.78 -10.04
CA GLU K 45 -21.68 -33.32 -11.23
C GLU K 45 -21.78 -31.83 -11.47
N LEU K 46 -20.64 -31.24 -11.81
CA LEU K 46 -20.54 -29.86 -12.24
C LEU K 46 -21.06 -29.72 -13.68
N GLY K 47 -20.93 -30.80 -14.46
CA GLY K 47 -21.41 -30.81 -15.84
C GLY K 47 -21.42 -32.20 -16.44
N ARG K 48 -22.29 -32.39 -17.43
CA ARG K 48 -22.37 -33.66 -18.15
C ARG K 48 -22.59 -33.36 -19.62
N VAL K 49 -21.75 -33.97 -20.45
CA VAL K 49 -21.76 -33.72 -21.88
C VAL K 49 -21.95 -35.04 -22.63
N SER K 50 -22.76 -35.00 -23.70
CA SER K 50 -23.08 -36.18 -24.49
C SER K 50 -22.88 -35.93 -25.99
N ALA K 51 -22.11 -36.81 -26.63
CA ALA K 51 -21.89 -36.75 -28.07
C ALA K 51 -22.28 -38.08 -28.72
N ARG K 52 -23.37 -38.06 -29.47
CA ARG K 52 -23.89 -39.26 -30.11
C ARG K 52 -23.74 -39.14 -31.61
N PHE K 53 -23.00 -40.08 -32.19
CA PHE K 53 -22.60 -40.00 -33.58
C PHE K 53 -23.41 -40.91 -34.48
N SER K 54 -23.36 -40.61 -35.78
CA SER K 54 -24.12 -41.33 -36.78
C SER K 54 -23.63 -42.76 -36.99
N ASP K 55 -22.36 -43.02 -36.67
CA ASP K 55 -21.80 -44.37 -36.79
C ASP K 55 -22.22 -45.30 -35.64
N GLY K 56 -23.00 -44.78 -34.70
CA GLY K 56 -23.49 -45.56 -33.56
C GLY K 56 -22.60 -45.45 -32.34
N SER K 57 -21.46 -44.78 -32.47
CA SER K 57 -20.56 -44.58 -31.34
C SER K 57 -21.00 -43.37 -30.54
N SER K 58 -20.68 -43.37 -29.25
CA SER K 58 -21.04 -42.26 -28.39
C SER K 58 -20.00 -42.00 -27.30
N LEU K 59 -20.00 -40.76 -26.83
CA LEU K 59 -19.13 -40.32 -25.77
C LEU K 59 -19.96 -39.58 -24.74
N ARG K 60 -19.79 -39.94 -23.48
CA ARG K 60 -20.43 -39.26 -22.39
C ARG K 60 -19.37 -38.81 -21.40
N ILE K 61 -19.23 -37.49 -21.23
CA ILE K 61 -18.23 -36.93 -20.33
C ILE K 61 -18.89 -36.34 -19.08
N SER K 62 -18.42 -36.80 -17.92
CA SER K 62 -18.87 -36.26 -16.64
C SER K 62 -17.73 -35.51 -15.95
N VAL K 63 -18.05 -34.35 -15.40
CA VAL K 63 -17.11 -33.59 -14.59
C VAL K 63 -17.72 -33.43 -13.20
N THR K 64 -17.06 -34.02 -12.21
CA THR K 64 -17.54 -33.97 -10.82
C THR K 64 -17.33 -32.57 -10.24
N ASN K 65 -18.02 -32.26 -9.14
CA ASN K 65 -17.88 -30.95 -8.48
C ASN K 65 -16.44 -30.66 -8.03
N SER K 66 -15.68 -31.73 -7.84
CA SER K 66 -14.24 -31.65 -7.54
C SER K 66 -13.39 -31.71 -8.81
N GLU K 67 -14.06 -31.52 -9.96
CA GLU K 67 -13.44 -31.48 -11.30
C GLU K 67 -12.62 -32.71 -11.73
N SER K 68 -13.03 -33.90 -11.30
CA SER K 68 -12.51 -35.15 -11.87
C SER K 68 -13.36 -35.54 -13.08
N ILE K 69 -12.72 -36.10 -14.10
CA ILE K 69 -13.32 -36.25 -15.42
C ILE K 69 -13.42 -37.70 -15.87
N GLU K 70 -14.66 -38.18 -16.01
CA GLU K 70 -14.94 -39.53 -16.49
C GLU K 70 -15.55 -39.50 -17.88
N ALA K 71 -15.00 -40.29 -18.78
CA ALA K 71 -15.51 -40.39 -20.14
C ALA K 71 -15.90 -41.83 -20.47
N GLU K 72 -17.20 -42.05 -20.64
CA GLU K 72 -17.74 -43.35 -21.03
C GLU K 72 -17.87 -43.39 -22.55
N ILE K 73 -17.13 -44.29 -23.17
CA ILE K 73 -17.14 -44.41 -24.62
C ILE K 73 -17.77 -45.72 -25.09
N ARG K 74 -18.82 -45.60 -25.89
CA ARG K 74 -19.48 -46.75 -26.51
C ARG K 74 -19.04 -46.89 -27.96
N THR K 75 -18.51 -48.07 -28.29
CA THR K 75 -18.17 -48.42 -29.66
C THR K 75 -19.48 -48.81 -30.37
N PRO K 76 -19.55 -48.66 -31.71
CA PRO K 76 -20.73 -49.05 -32.48
C PRO K 76 -21.25 -50.46 -32.17
N ASP K 77 -20.33 -51.36 -31.86
CA ASP K 77 -20.66 -52.74 -31.47
C ASP K 77 -21.01 -52.88 -29.98
N ASN K 78 -21.48 -51.79 -29.37
CA ASN K 78 -22.07 -51.77 -28.02
C ASN K 78 -21.13 -51.98 -26.82
N GLU K 79 -19.86 -52.31 -27.09
CA GLU K 79 -18.84 -52.39 -26.03
C GLU K 79 -18.60 -51.01 -25.40
N LYS K 80 -18.43 -50.98 -24.07
CA LYS K 80 -18.31 -49.72 -23.33
C LYS K 80 -17.22 -49.75 -22.26
N ILE K 81 -16.36 -48.74 -22.26
CA ILE K 81 -15.41 -48.51 -21.17
C ILE K 81 -15.51 -47.07 -20.65
N THR K 82 -15.15 -46.89 -19.38
CA THR K 82 -15.06 -45.55 -18.81
C THR K 82 -13.60 -45.21 -18.52
N VAL K 83 -13.12 -44.17 -19.18
CA VAL K 83 -11.75 -43.71 -19.06
C VAL K 83 -11.69 -42.50 -18.12
N LEU K 84 -10.68 -42.48 -17.25
CA LEU K 84 -10.43 -41.32 -16.41
C LEU K 84 -9.50 -40.37 -17.15
N LEU K 85 -9.95 -39.12 -17.27
CA LEU K 85 -9.21 -38.11 -18.02
C LEU K 85 -8.53 -37.11 -17.09
N GLU K 86 -7.35 -36.65 -17.51
CA GLU K 86 -6.64 -35.61 -16.79
C GLU K 86 -6.65 -34.31 -17.61
N SER K 87 -7.03 -33.21 -16.97
CA SER K 87 -6.98 -31.91 -17.62
C SER K 87 -5.76 -31.12 -17.18
N ASN K 88 -5.04 -30.58 -18.15
CA ASN K 88 -3.83 -29.79 -17.87
C ASN K 88 -3.70 -28.64 -18.85
N GLU K 89 -2.64 -27.85 -18.71
CA GLU K 89 -2.42 -26.68 -19.57
C GLU K 89 -2.07 -27.04 -21.02
N GLN K 90 -1.60 -28.28 -21.24
CA GLN K 90 -1.33 -28.80 -22.57
C GLN K 90 -2.63 -29.06 -23.36
N ASN K 91 -3.54 -29.82 -22.78
CA ASN K 91 -4.76 -30.22 -23.50
C ASN K 91 -5.98 -29.31 -23.29
N ARG K 92 -5.93 -28.50 -22.23
CA ARG K 92 -7.01 -27.57 -21.88
C ARG K 92 -8.38 -28.26 -21.89
N LEU K 93 -8.43 -29.48 -21.35
CA LEU K 93 -9.63 -30.30 -21.44
C LEU K 93 -10.85 -29.65 -20.77
N LEU K 94 -10.66 -29.15 -19.55
CA LEU K 94 -11.75 -28.48 -18.82
C LEU K 94 -12.25 -27.22 -19.51
N GLN K 95 -11.43 -26.67 -20.41
CA GLN K 95 -11.78 -25.46 -21.16
C GLN K 95 -12.48 -25.80 -22.48
N SER K 96 -12.37 -27.05 -22.90
CA SER K 96 -12.84 -27.47 -24.21
C SER K 96 -14.17 -28.21 -24.18
N LEU K 97 -14.89 -28.07 -23.07
CA LEU K 97 -16.20 -28.71 -22.93
C LEU K 97 -17.26 -27.66 -22.63
N PRO K 98 -18.52 -27.90 -23.04
CA PRO K 98 -19.57 -26.95 -22.68
C PRO K 98 -20.02 -27.13 -21.23
N ILE K 99 -19.17 -26.67 -20.32
CA ILE K 99 -19.42 -26.75 -18.88
C ILE K 99 -19.21 -25.39 -18.23
N ASP K 100 -19.87 -25.19 -17.08
CA ASP K 100 -19.70 -23.99 -16.27
C ASP K 100 -18.80 -24.32 -15.10
N ARG K 101 -17.83 -23.47 -14.84
CA ARG K 101 -16.92 -23.68 -13.72
C ARG K 101 -16.85 -22.43 -12.86
N HIS K 102 -16.54 -22.62 -11.57
CA HIS K 102 -16.17 -21.53 -10.69
C HIS K 102 -14.69 -21.26 -10.88
N MET K 103 -14.36 -20.06 -11.33
CA MET K 103 -12.98 -19.68 -11.63
C MET K 103 -12.75 -18.25 -11.17
N PRO K 104 -11.50 -17.91 -10.78
CA PRO K 104 -11.22 -16.52 -10.38
C PRO K 104 -11.25 -15.52 -11.55
N TYR K 105 -11.36 -16.02 -12.78
CA TYR K 105 -11.39 -15.18 -13.98
C TYR K 105 -12.37 -15.72 -15.01
N ILE K 106 -12.90 -14.81 -15.83
CA ILE K 106 -13.65 -15.18 -17.02
C ILE K 106 -12.72 -15.92 -17.98
N GLN K 107 -13.08 -17.14 -18.34
CA GLN K 107 -12.28 -17.95 -19.26
C GLN K 107 -12.08 -17.24 -20.59
N VAL K 108 -10.83 -17.18 -21.04
CA VAL K 108 -10.50 -16.65 -22.36
C VAL K 108 -10.15 -17.81 -23.29
N HIS K 109 -10.78 -17.83 -24.47
CA HIS K 109 -10.51 -18.81 -25.52
C HIS K 109 -9.97 -18.10 -26.75
N ARG K 110 -9.30 -18.83 -27.62
CA ARG K 110 -8.94 -18.29 -28.93
C ARG K 110 -9.80 -18.91 -30.04
N ALA K 111 -10.18 -18.09 -31.00
CA ALA K 111 -10.94 -18.56 -32.16
C ALA K 111 -10.01 -19.35 -33.07
N LEU K 112 -10.58 -20.22 -33.90
CA LEU K 112 -9.81 -20.88 -34.96
C LEU K 112 -9.27 -19.83 -35.92
N SER K 113 -8.05 -20.08 -36.42
CA SER K 113 -7.30 -19.09 -37.20
C SER K 113 -8.01 -18.57 -38.46
N GLU K 114 -8.84 -19.41 -39.08
CA GLU K 114 -9.57 -19.00 -40.27
C GLU K 114 -10.94 -18.36 -39.97
N MET K 115 -11.28 -18.32 -38.69
CA MET K 115 -12.48 -17.59 -38.25
C MET K 115 -12.26 -16.09 -38.30
N ASP K 116 -13.26 -15.38 -38.81
CA ASP K 116 -13.23 -13.92 -38.83
C ASP K 116 -14.54 -13.40 -38.26
N LEU K 117 -14.66 -12.08 -38.19
CA LEU K 117 -15.86 -11.45 -37.66
C LEU K 117 -16.35 -10.37 -38.63
N THR K 118 -16.80 -10.82 -39.80
CA THR K 118 -17.21 -9.94 -40.90
C THR K 118 -18.69 -9.59 -40.81
N ASP K 119 -19.54 -10.62 -40.72
CA ASP K 119 -20.99 -10.48 -40.87
C ASP K 119 -21.77 -11.41 -39.93
N THR K 120 -23.05 -11.60 -40.24
CA THR K 120 -23.94 -12.46 -39.47
C THR K 120 -23.46 -13.91 -39.45
N THR K 121 -23.16 -14.43 -40.64
CA THR K 121 -22.79 -15.85 -40.77
C THR K 121 -21.49 -16.21 -40.04
N SER K 122 -20.51 -15.30 -40.05
CA SER K 122 -19.24 -15.51 -39.37
C SER K 122 -19.39 -15.38 -37.85
N MET K 123 -20.27 -14.49 -37.42
CA MET K 123 -20.59 -14.32 -36.00
C MET K 123 -21.32 -15.55 -35.45
N ARG K 124 -22.24 -16.10 -36.23
CA ARG K 124 -22.93 -17.34 -35.86
C ARG K 124 -21.95 -18.50 -35.80
N ASN K 125 -21.05 -18.52 -36.78
CA ASN K 125 -19.93 -19.46 -36.87
C ASN K 125 -19.07 -19.51 -35.62
N LEU K 126 -18.70 -18.33 -35.12
CA LEU K 126 -17.87 -18.24 -33.92
C LEU K 126 -18.64 -18.73 -32.70
N LEU K 127 -19.92 -18.34 -32.60
CA LEU K 127 -20.77 -18.76 -31.49
C LEU K 127 -20.95 -20.28 -31.47
N GLY K 128 -21.04 -20.90 -32.64
CA GLY K 128 -21.17 -22.35 -32.76
C GLY K 128 -19.99 -23.10 -32.17
N PHE K 129 -18.85 -22.41 -32.14
CA PHE K 129 -17.59 -22.93 -31.60
C PHE K 129 -17.48 -22.68 -30.10
N THR K 130 -17.79 -21.45 -29.68
CA THR K 130 -17.67 -21.06 -28.27
C THR K 130 -18.76 -21.70 -27.41
N SER K 131 -19.87 -22.07 -28.05
CA SER K 131 -20.94 -22.79 -27.38
C SER K 131 -20.52 -24.20 -26.93
N LYS K 132 -19.38 -24.67 -27.41
CA LYS K 132 -18.82 -25.97 -27.00
C LYS K 132 -17.59 -25.84 -26.08
N LEU K 133 -17.31 -24.62 -25.63
CA LEU K 133 -16.18 -24.37 -24.74
C LEU K 133 -16.67 -23.89 -23.38
N SER K 134 -15.76 -23.85 -22.41
CA SER K 134 -16.13 -23.59 -21.02
C SER K 134 -16.50 -22.15 -20.78
N THR K 135 -17.23 -21.93 -19.70
CA THR K 135 -17.58 -20.60 -19.24
C THR K 135 -17.35 -20.50 -17.73
N THR K 136 -17.22 -19.28 -17.24
CA THR K 136 -17.00 -19.01 -15.83
C THR K 136 -18.29 -18.49 -15.22
N LEU K 137 -18.73 -19.15 -14.15
CA LEU K 137 -19.91 -18.75 -13.40
C LEU K 137 -19.78 -17.34 -12.84
N ILE K 138 -20.83 -16.55 -13.02
CA ILE K 138 -20.85 -15.16 -12.57
C ILE K 138 -22.05 -14.92 -11.66
N PRO K 139 -21.80 -14.36 -10.47
CA PRO K 139 -22.93 -14.09 -9.59
C PRO K 139 -23.69 -12.84 -10.05
N HIS K 140 -24.97 -12.75 -9.73
CA HIS K 140 -25.72 -11.54 -9.99
C HIS K 140 -25.98 -10.78 -8.69
N ASN K 141 -26.37 -9.51 -8.82
CA ASN K 141 -26.93 -8.75 -7.72
C ASN K 141 -28.36 -8.36 -8.11
N ALA K 142 -29.06 -7.62 -7.25
CA ALA K 142 -30.45 -7.25 -7.49
C ALA K 142 -30.66 -6.46 -8.79
N GLN K 143 -29.60 -5.83 -9.29
CA GLN K 143 -29.69 -4.98 -10.45
C GLN K 143 -29.40 -5.73 -11.75
N THR K 144 -28.55 -6.75 -11.68
CA THR K 144 -28.24 -7.55 -12.86
C THR K 144 -29.04 -8.84 -12.95
N ASP K 145 -29.72 -9.20 -11.85
CA ASP K 145 -30.49 -10.46 -11.81
C ASP K 145 -31.59 -10.43 -12.89
N PRO K 146 -31.51 -11.36 -13.87
CA PRO K 146 -32.52 -11.49 -14.94
C PRO K 146 -33.93 -11.71 -14.41
N LEU K 147 -34.04 -12.25 -13.20
CA LEU K 147 -35.32 -12.60 -12.63
C LEU K 147 -35.69 -11.80 -11.40
N SER K 148 -35.07 -10.63 -11.25
CA SER K 148 -35.42 -9.67 -10.20
C SER K 148 -36.44 -8.70 -10.76
N GLY K 149 -37.08 -7.95 -9.89
CA GLY K 149 -38.07 -6.96 -10.31
C GLY K 149 -39.47 -7.52 -10.30
N PRO K 150 -40.47 -6.67 -10.58
CA PRO K 150 -41.86 -7.10 -10.47
C PRO K 150 -42.36 -7.89 -11.68
N THR K 151 -41.48 -8.13 -12.64
CA THR K 151 -41.88 -8.53 -13.98
C THR K 151 -40.96 -9.61 -14.62
N PRO K 152 -40.48 -10.59 -13.83
CA PRO K 152 -39.51 -11.53 -14.43
C PRO K 152 -40.13 -12.39 -15.53
N PHE K 153 -39.35 -12.66 -16.59
CA PHE K 153 -39.80 -13.46 -17.74
C PHE K 153 -40.91 -12.84 -18.61
N SER K 154 -41.22 -11.55 -18.42
CA SER K 154 -42.36 -10.96 -19.13
C SER K 154 -42.17 -10.84 -20.65
N SER K 155 -40.94 -10.62 -21.08
CA SER K 155 -40.63 -10.50 -22.51
C SER K 155 -40.43 -11.82 -23.28
N ILE K 156 -40.48 -12.98 -22.62
CA ILE K 156 -40.03 -14.23 -23.28
C ILE K 156 -40.73 -14.64 -24.57
N PHE K 157 -42.03 -14.41 -24.67
CA PHE K 157 -42.75 -14.79 -25.89
C PHE K 157 -42.42 -13.86 -27.04
N MET K 158 -42.26 -12.58 -26.73
CA MET K 158 -41.71 -11.62 -27.69
C MET K 158 -40.27 -11.98 -28.07
N ASP K 159 -39.48 -12.39 -27.07
CA ASP K 159 -38.11 -12.88 -27.29
C ASP K 159 -38.09 -14.12 -28.18
N THR K 160 -38.96 -15.07 -27.88
CA THR K 160 -39.07 -16.31 -28.64
C THR K 160 -39.40 -16.02 -30.11
N CYS K 161 -40.38 -15.14 -30.34
CA CYS K 161 -40.78 -14.75 -31.69
C CYS K 161 -39.64 -14.08 -32.46
N ARG K 162 -38.87 -13.27 -31.76
CA ARG K 162 -37.71 -12.59 -32.33
C ARG K 162 -36.60 -13.59 -32.70
N GLY K 163 -36.33 -14.55 -31.82
CA GLY K 163 -35.25 -15.52 -31.99
C GLY K 163 -35.50 -16.72 -32.90
N LEU K 164 -36.70 -17.29 -32.83
CA LEU K 164 -37.04 -18.45 -33.66
C LEU K 164 -36.92 -18.14 -35.14
N GLY K 165 -36.18 -18.98 -35.86
CA GLY K 165 -35.88 -18.77 -37.27
C GLY K 165 -34.57 -18.02 -37.47
N ASN K 166 -34.02 -17.52 -36.37
CA ASN K 166 -32.81 -16.69 -36.38
C ASN K 166 -31.81 -17.16 -35.33
N ALA K 167 -31.81 -18.45 -35.05
CA ALA K 167 -30.98 -19.01 -33.99
C ALA K 167 -30.48 -20.38 -34.38
N LYS K 168 -29.45 -20.84 -33.68
CA LYS K 168 -29.05 -22.23 -33.75
C LYS K 168 -29.81 -22.96 -32.64
N LEU K 169 -30.52 -24.03 -33.02
CA LEU K 169 -31.33 -24.80 -32.08
C LEU K 169 -31.03 -26.27 -32.25
N SER K 170 -30.67 -26.92 -31.15
CA SER K 170 -30.49 -28.36 -31.12
C SER K 170 -31.35 -28.97 -30.03
N LEU K 171 -32.07 -30.04 -30.38
CA LEU K 171 -32.88 -30.80 -29.42
C LEU K 171 -32.42 -32.26 -29.42
N ASN K 172 -31.98 -32.75 -28.26
CA ASN K 172 -31.42 -34.09 -28.15
C ASN K 172 -30.41 -34.40 -29.25
N GLY K 173 -29.56 -33.41 -29.55
CA GLY K 173 -28.51 -33.56 -30.55
C GLY K 173 -28.95 -33.38 -31.98
N VAL K 174 -30.25 -33.14 -32.19
CA VAL K 174 -30.82 -32.97 -33.52
C VAL K 174 -30.90 -31.47 -33.87
N ASP K 175 -30.23 -31.08 -34.96
CA ASP K 175 -30.27 -29.67 -35.38
C ASP K 175 -31.61 -29.31 -36.01
N ILE K 176 -32.20 -28.24 -35.50
CA ILE K 176 -33.48 -27.73 -35.98
C ILE K 176 -33.22 -26.49 -36.84
N PRO K 177 -33.29 -26.63 -38.18
CA PRO K 177 -32.95 -25.51 -39.07
C PRO K 177 -34.06 -24.45 -39.08
N ALA K 178 -33.75 -23.30 -39.68
CA ALA K 178 -34.65 -22.14 -39.69
C ALA K 178 -36.10 -22.43 -40.07
N ASN K 179 -36.32 -23.12 -41.19
CA ASN K 179 -37.69 -23.44 -41.62
C ASN K 179 -38.45 -24.27 -40.58
N ALA K 180 -37.76 -25.22 -39.95
CA ALA K 180 -38.35 -26.06 -38.90
C ALA K 180 -38.64 -25.26 -37.63
N GLN K 181 -37.82 -24.24 -37.37
CA GLN K 181 -38.06 -23.35 -36.24
C GLN K 181 -39.30 -22.49 -36.47
N MET K 182 -39.55 -22.13 -37.73
CA MET K 182 -40.75 -21.38 -38.07
C MET K 182 -42.00 -22.24 -37.90
N LEU K 183 -41.88 -23.53 -38.21
CA LEU K 183 -42.96 -24.50 -37.96
C LEU K 183 -43.21 -24.63 -36.45
N LEU K 184 -42.13 -24.61 -35.68
CA LEU K 184 -42.19 -24.64 -34.23
C LEU K 184 -42.90 -23.40 -33.66
N ARG K 185 -42.59 -22.23 -34.22
CA ARG K 185 -43.22 -20.97 -33.79
C ARG K 185 -44.74 -21.03 -34.00
N ASP K 186 -45.16 -21.51 -35.16
CA ASP K 186 -46.58 -21.64 -35.49
C ASP K 186 -47.25 -22.68 -34.58
N ALA K 187 -46.56 -23.80 -34.37
CA ALA K 187 -47.03 -24.89 -33.51
C ALA K 187 -47.23 -24.46 -32.04
N LEU K 188 -46.48 -23.46 -31.62
CA LEU K 188 -46.64 -22.90 -30.28
C LEU K 188 -47.83 -21.93 -30.18
N GLY K 189 -48.23 -21.37 -31.32
CA GLY K 189 -49.33 -20.40 -31.38
C GLY K 189 -48.85 -18.97 -31.51
N LEU K 190 -47.62 -18.80 -31.97
CA LEU K 190 -46.95 -17.50 -31.98
C LEU K 190 -46.65 -16.92 -33.37
N LYS K 191 -47.43 -17.29 -34.38
CA LYS K 191 -47.11 -16.91 -35.77
C LYS K 191 -47.16 -15.40 -36.11
N ASP K 192 -48.27 -14.71 -35.81
CA ASP K 192 -48.38 -13.29 -36.19
C ASP K 192 -49.11 -12.38 -35.20
N THR K 193 -50.42 -12.57 -35.02
CA THR K 193 -51.20 -11.70 -34.14
C THR K 193 -50.89 -11.94 -32.65
N HIS K 194 -50.98 -13.19 -32.23
CA HIS K 194 -50.92 -13.55 -30.81
C HIS K 194 -49.51 -13.50 -30.22
N SER K 195 -49.37 -12.77 -29.11
CA SER K 195 -48.08 -12.55 -28.48
C SER K 195 -47.83 -13.50 -27.30
N SER K 196 -48.56 -14.61 -27.26
CA SER K 196 -48.35 -15.68 -26.28
C SER K 196 -48.94 -17.03 -26.77
N PRO K 197 -48.49 -18.17 -26.21
CA PRO K 197 -48.85 -19.46 -26.78
C PRO K 197 -50.31 -19.86 -26.56
N SER K 198 -50.82 -20.71 -27.44
CA SER K 198 -52.20 -21.20 -27.34
C SER K 198 -52.42 -22.01 -26.06
N ARG K 199 -53.62 -21.93 -25.51
CA ARG K 199 -53.99 -22.64 -24.29
C ARG K 199 -53.74 -24.15 -24.40
N ASN K 200 -54.03 -24.71 -25.57
CA ASN K 200 -53.84 -26.14 -25.82
C ASN K 200 -52.40 -26.62 -25.67
N VAL K 201 -51.44 -25.85 -26.18
CA VAL K 201 -50.04 -26.26 -26.10
C VAL K 201 -49.50 -26.10 -24.68
N ILE K 202 -50.05 -25.14 -23.94
CA ILE K 202 -49.72 -24.96 -22.53
C ILE K 202 -50.10 -26.20 -21.72
N ASP K 203 -51.33 -26.68 -21.91
CA ASP K 203 -51.83 -27.83 -21.17
C ASP K 203 -51.34 -29.18 -21.69
N HIS K 204 -51.18 -29.31 -23.01
CA HIS K 204 -50.93 -30.62 -23.62
C HIS K 204 -49.67 -30.70 -24.48
N GLY K 205 -48.98 -29.58 -24.62
CA GLY K 205 -47.76 -29.52 -25.43
C GLY K 205 -48.05 -29.44 -26.91
N ILE K 206 -46.99 -29.37 -27.70
CA ILE K 206 -47.09 -29.37 -29.16
C ILE K 206 -47.81 -30.65 -29.62
N SER K 207 -48.75 -30.51 -30.54
CA SER K 207 -49.48 -31.64 -31.10
C SER K 207 -48.51 -32.65 -31.70
N ARG K 208 -48.85 -33.94 -31.57
CA ARG K 208 -48.01 -35.01 -32.08
C ARG K 208 -47.71 -34.85 -33.58
N HIS K 209 -48.73 -34.42 -34.32
CA HIS K 209 -48.63 -34.14 -35.76
C HIS K 209 -47.54 -33.10 -36.07
N ASP K 210 -47.61 -31.96 -35.38
CA ASP K 210 -46.62 -30.88 -35.57
C ASP K 210 -45.22 -31.30 -35.13
N ALA K 211 -45.13 -32.07 -34.05
CA ALA K 211 -43.86 -32.57 -33.53
C ALA K 211 -43.14 -33.41 -34.59
N GLU K 212 -43.89 -34.30 -35.25
CA GLU K 212 -43.34 -35.12 -36.32
C GLU K 212 -43.04 -34.33 -37.59
N GLN K 213 -43.84 -33.30 -37.86
CA GLN K 213 -43.57 -32.39 -38.98
C GLN K 213 -42.25 -31.65 -38.76
N ILE K 214 -42.02 -31.18 -37.54
CA ILE K 214 -40.80 -30.47 -37.18
C ILE K 214 -39.58 -31.39 -37.23
N ALA K 215 -39.69 -32.56 -36.61
CA ALA K 215 -38.63 -33.57 -36.61
C ALA K 215 -38.21 -33.99 -38.01
N ARG K 216 -39.20 -34.15 -38.91
CA ARG K 216 -38.96 -34.54 -40.30
C ARG K 216 -38.10 -33.53 -41.05
N GLU K 217 -38.30 -32.25 -40.76
CA GLU K 217 -37.52 -31.18 -41.39
C GLU K 217 -36.12 -31.05 -40.82
N SER K 218 -35.84 -31.74 -39.71
CA SER K 218 -34.61 -31.53 -38.97
C SER K 218 -33.46 -32.46 -39.38
N SER K 219 -32.32 -32.32 -38.72
CA SER K 219 -31.10 -33.00 -39.12
C SER K 219 -30.49 -33.83 -37.99
N GLY K 220 -30.55 -35.15 -38.14
CA GLY K 220 -30.04 -36.06 -37.14
C GLY K 220 -30.51 -37.48 -37.40
N SER K 221 -30.02 -38.43 -36.61
CA SER K 221 -30.38 -39.85 -36.77
C SER K 221 -31.86 -40.11 -36.45
N ASP K 222 -32.37 -41.22 -36.95
CA ASP K 222 -33.78 -41.58 -36.79
C ASP K 222 -34.20 -41.81 -35.34
N ASN K 223 -33.29 -42.31 -34.52
CA ASN K 223 -33.61 -42.56 -33.11
C ASN K 223 -33.72 -41.30 -32.26
N GLN K 224 -32.79 -40.34 -32.43
CA GLN K 224 -32.92 -39.07 -31.71
C GLN K 224 -33.97 -38.13 -32.30
N LYS K 225 -34.29 -38.32 -33.58
CA LYS K 225 -35.44 -37.63 -34.16
C LYS K 225 -36.72 -38.12 -33.48
N ALA K 226 -36.78 -39.42 -33.23
CA ALA K 226 -37.87 -40.02 -32.47
C ALA K 226 -37.90 -39.50 -31.03
N GLU K 227 -36.72 -39.23 -30.46
CA GLU K 227 -36.63 -38.62 -29.14
C GLU K 227 -37.17 -37.19 -29.16
N VAL K 228 -36.86 -36.47 -30.23
CA VAL K 228 -37.36 -35.10 -30.41
C VAL K 228 -38.89 -35.05 -30.41
N VAL K 229 -39.51 -35.91 -31.23
CA VAL K 229 -40.97 -36.01 -31.31
C VAL K 229 -41.55 -36.24 -29.92
N GLU K 230 -40.99 -37.22 -29.21
CA GLU K 230 -41.46 -37.57 -27.88
C GLU K 230 -41.31 -36.39 -26.93
N PHE K 231 -40.19 -35.67 -27.04
CA PHE K 231 -39.93 -34.49 -26.22
C PHE K 231 -40.93 -33.36 -26.48
N LEU K 232 -41.16 -33.06 -27.76
CA LEU K 232 -42.03 -31.94 -28.15
C LEU K 232 -43.47 -32.09 -27.66
N CYS K 233 -43.94 -33.34 -27.58
CA CYS K 233 -45.30 -33.63 -27.11
C CYS K 233 -45.53 -33.32 -25.63
N HIS K 234 -44.45 -33.03 -24.90
CA HIS K 234 -44.52 -32.62 -23.49
C HIS K 234 -44.88 -31.15 -23.37
N PRO K 235 -45.82 -30.80 -22.45
CA PRO K 235 -46.08 -29.39 -22.11
C PRO K 235 -44.81 -28.64 -21.74
N GLU K 236 -43.88 -29.36 -21.08
CA GLU K 236 -42.62 -28.78 -20.59
C GLU K 236 -41.66 -28.41 -21.73
N ALA K 237 -41.81 -29.05 -22.89
CA ALA K 237 -41.00 -28.72 -24.05
C ALA K 237 -41.23 -27.28 -24.49
N ALA K 238 -42.49 -26.85 -24.49
CA ALA K 238 -42.84 -25.47 -24.80
C ALA K 238 -42.18 -24.53 -23.80
N THR K 239 -42.27 -24.87 -22.51
CA THR K 239 -41.65 -24.11 -21.45
C THR K 239 -40.15 -23.94 -21.69
N ALA K 240 -39.46 -25.05 -21.97
CA ALA K 240 -38.01 -25.03 -22.18
C ALA K 240 -37.62 -24.16 -23.37
N ILE K 241 -38.28 -24.38 -24.50
CA ILE K 241 -37.96 -23.69 -25.75
C ILE K 241 -38.15 -22.17 -25.63
N CYS K 242 -39.29 -21.74 -25.08
CA CYS K 242 -39.58 -20.32 -24.94
C CYS K 242 -38.63 -19.64 -23.94
N SER K 243 -38.54 -20.20 -22.74
CA SER K 243 -37.69 -19.62 -21.69
C SER K 243 -36.24 -19.45 -22.12
N ALA K 244 -35.77 -20.36 -22.98
CA ALA K 244 -34.39 -20.33 -23.48
C ALA K 244 -34.03 -19.02 -24.20
N PHE K 245 -35.06 -18.33 -24.70
CA PHE K 245 -34.86 -17.12 -25.48
C PHE K 245 -34.81 -15.82 -24.68
N TYR K 246 -34.98 -15.89 -23.36
CA TYR K 246 -35.06 -14.70 -22.51
C TYR K 246 -33.90 -13.73 -22.75
N GLN K 247 -34.23 -12.54 -23.24
CA GLN K 247 -33.22 -11.52 -23.59
C GLN K 247 -32.33 -11.11 -22.41
N SER K 248 -32.87 -11.20 -21.19
CA SER K 248 -32.20 -10.71 -19.98
C SER K 248 -31.15 -11.65 -19.37
N PHE K 249 -31.07 -12.88 -19.87
CA PHE K 249 -30.12 -13.86 -19.34
C PHE K 249 -28.68 -13.35 -19.26
N ASN K 250 -28.27 -12.55 -20.24
CA ASN K 250 -26.87 -12.10 -20.31
C ASN K 250 -26.53 -10.77 -19.64
N VAL K 251 -27.49 -10.18 -18.93
CA VAL K 251 -27.24 -8.90 -18.24
C VAL K 251 -26.03 -8.99 -17.26
N PRO K 252 -25.96 -10.05 -16.43
CA PRO K 252 -24.73 -10.15 -15.61
C PRO K 252 -23.44 -10.13 -16.44
N ALA K 253 -23.40 -10.89 -17.54
CA ALA K 253 -22.22 -10.90 -18.41
C ALA K 253 -21.97 -9.55 -19.08
N LEU K 254 -23.04 -8.93 -19.59
CA LEU K 254 -22.94 -7.63 -20.26
C LEU K 254 -22.40 -6.57 -19.32
N THR K 255 -22.86 -6.62 -18.06
CA THR K 255 -22.48 -5.69 -17.02
C THR K 255 -20.99 -5.79 -16.69
N LEU K 256 -20.48 -7.02 -16.63
CA LEU K 256 -19.05 -7.24 -16.38
C LEU K 256 -18.15 -6.80 -17.54
N THR K 257 -18.68 -6.90 -18.76
CA THR K 257 -17.87 -6.68 -19.96
C THR K 257 -18.27 -5.38 -20.69
N HIS K 258 -18.87 -4.45 -19.95
CA HIS K 258 -19.45 -3.24 -20.56
C HIS K 258 -18.47 -2.38 -21.36
N GLU K 259 -17.24 -2.22 -20.87
CA GLU K 259 -16.25 -1.41 -21.56
C GLU K 259 -15.82 -1.99 -22.91
N ARG K 260 -15.66 -3.30 -22.97
CA ARG K 260 -15.27 -3.97 -24.22
C ARG K 260 -16.45 -4.16 -25.19
N ILE K 261 -17.67 -4.10 -24.65
CA ILE K 261 -18.89 -4.10 -25.46
C ILE K 261 -19.09 -2.72 -26.09
N SER K 262 -19.00 -1.68 -25.27
CA SER K 262 -19.14 -0.30 -25.72
C SER K 262 -18.07 0.09 -26.74
N LYS K 263 -16.84 -0.37 -26.50
CA LYS K 263 -15.75 -0.16 -27.44
C LYS K 263 -16.04 -0.82 -28.80
N ALA K 264 -16.64 -2.02 -28.77
CA ALA K 264 -17.01 -2.73 -29.99
C ALA K 264 -18.13 -2.05 -30.79
N SER K 265 -19.13 -1.53 -30.08
CA SER K 265 -20.25 -0.82 -30.71
C SER K 265 -19.81 0.48 -31.36
N GLU K 266 -18.93 1.21 -30.68
CA GLU K 266 -18.43 2.50 -31.15
C GLU K 266 -17.47 2.36 -32.33
N TYR K 267 -16.73 1.25 -32.37
CA TYR K 267 -15.74 0.99 -33.42
C TYR K 267 -16.39 0.68 -34.77
N ASN K 268 -17.40 -0.20 -34.77
CA ASN K 268 -18.05 -0.64 -36.00
C ASN K 268 -19.01 0.39 -36.61
N PRO K 276 -25.34 -7.02 -36.87
CA PRO K 276 -25.79 -8.10 -36.00
C PRO K 276 -25.25 -7.93 -34.58
N ASN K 277 -26.13 -7.56 -33.65
CA ASN K 277 -25.68 -7.27 -32.28
C ASN K 277 -25.73 -8.43 -31.28
N ALA K 278 -26.47 -9.50 -31.61
CA ALA K 278 -26.48 -10.74 -30.82
C ALA K 278 -26.92 -11.97 -31.61
N CYS K 279 -26.22 -13.08 -31.41
CA CYS K 279 -26.56 -14.38 -31.99
C CYS K 279 -26.98 -15.35 -30.89
N ILE K 280 -27.84 -16.31 -31.23
CA ILE K 280 -28.39 -17.25 -30.27
C ILE K 280 -28.07 -18.70 -30.68
N ASN K 281 -27.56 -19.48 -29.72
CA ASN K 281 -27.27 -20.90 -29.92
C ASN K 281 -27.77 -21.68 -28.70
N ILE K 282 -28.79 -22.49 -28.90
CA ILE K 282 -29.47 -23.18 -27.80
C ILE K 282 -29.39 -24.71 -27.94
N SER K 283 -29.08 -25.38 -26.83
CA SER K 283 -29.15 -26.83 -26.76
C SER K 283 -30.10 -27.28 -25.66
N ILE K 284 -31.08 -28.09 -26.04
CA ILE K 284 -32.00 -28.67 -25.07
C ILE K 284 -31.98 -30.19 -25.23
N SER K 285 -32.03 -30.88 -24.10
CA SER K 285 -32.08 -32.33 -24.10
C SER K 285 -32.93 -32.85 -22.95
N GLN K 286 -33.73 -33.86 -23.28
CA GLN K 286 -34.45 -34.62 -22.28
C GLN K 286 -33.76 -35.97 -22.20
N SER K 287 -33.34 -36.33 -20.99
CA SER K 287 -32.62 -37.58 -20.79
C SER K 287 -33.56 -38.77 -20.94
N SER K 288 -32.99 -39.97 -21.05
CA SER K 288 -33.78 -41.19 -21.12
C SER K 288 -34.61 -41.42 -19.84
N ASP K 289 -34.20 -40.79 -18.73
CA ASP K 289 -34.98 -40.81 -17.49
C ASP K 289 -36.00 -39.66 -17.40
N GLY K 290 -36.07 -38.84 -18.45
CA GLY K 290 -37.12 -37.84 -18.59
C GLY K 290 -36.75 -36.41 -18.20
N ASN K 291 -35.52 -36.23 -17.69
CA ASN K 291 -35.07 -34.92 -17.21
C ASN K 291 -34.72 -33.94 -18.34
N ILE K 292 -35.44 -32.82 -18.38
CA ILE K 292 -35.20 -31.78 -19.38
C ILE K 292 -34.17 -30.76 -18.89
N TYR K 293 -33.18 -30.48 -19.73
CA TYR K 293 -32.12 -29.55 -19.39
C TYR K 293 -31.87 -28.58 -20.54
N VAL K 294 -31.81 -27.29 -20.22
CA VAL K 294 -31.51 -26.30 -21.26
C VAL K 294 -30.21 -25.54 -21.05
N THR K 295 -29.50 -25.33 -22.14
CA THR K 295 -28.27 -24.56 -22.12
C THR K 295 -28.37 -23.54 -23.25
N SER K 296 -28.60 -22.27 -22.87
CA SER K 296 -28.84 -21.22 -23.84
C SER K 296 -27.63 -20.29 -23.94
N HIS K 297 -27.17 -20.05 -25.17
CA HIS K 297 -26.01 -19.17 -25.39
C HIS K 297 -26.38 -17.95 -26.20
N THR K 298 -25.84 -16.81 -25.79
CA THR K 298 -25.88 -15.59 -26.57
C THR K 298 -24.47 -15.04 -26.70
N GLY K 299 -24.05 -14.80 -27.94
CA GLY K 299 -22.78 -14.20 -28.26
C GLY K 299 -22.98 -12.75 -28.68
N VAL K 300 -22.18 -11.87 -28.09
CA VAL K 300 -22.18 -10.45 -28.42
C VAL K 300 -20.73 -10.02 -28.67
N LEU K 301 -20.54 -9.08 -29.58
CA LEU K 301 -19.20 -8.62 -29.97
C LEU K 301 -18.50 -7.77 -28.92
N ILE K 302 -17.20 -8.01 -28.77
CA ILE K 302 -16.35 -7.24 -27.89
C ILE K 302 -15.01 -7.00 -28.58
N MET K 303 -14.32 -5.94 -28.20
CA MET K 303 -12.93 -5.76 -28.61
C MET K 303 -12.10 -5.10 -27.52
N ALA K 304 -10.85 -5.54 -27.40
CA ALA K 304 -9.92 -4.99 -26.42
C ALA K 304 -9.37 -3.66 -26.91
N PRO K 305 -8.95 -2.76 -25.98
CA PRO K 305 -8.28 -1.53 -26.39
C PRO K 305 -6.94 -1.83 -27.07
N GLU K 306 -6.39 -0.87 -27.80
CA GLU K 306 -5.11 -1.07 -28.48
C GLU K 306 -4.20 0.15 -28.44
N ASP K 307 -3.40 0.37 -27.37
CA ASP K 307 -3.39 -0.35 -26.08
C ASP K 307 -3.19 -1.90 -26.05
N ARG K 308 -4.10 -2.59 -25.38
CA ARG K 308 -3.96 -4.00 -24.98
C ARG K 308 -3.68 -4.99 -26.13
N PRO K 309 -3.21 -6.22 -25.81
CA PRO K 309 -2.82 -7.22 -26.82
C PRO K 309 -3.90 -7.59 -27.83
N ASN K 310 -4.97 -8.23 -27.38
CA ASN K 310 -6.03 -8.74 -28.25
C ASN K 310 -6.82 -7.67 -29.01
N GLU K 311 -7.62 -8.11 -29.99
CA GLU K 311 -8.43 -7.19 -30.78
C GLU K 311 -9.96 -7.34 -30.79
N MET K 312 -10.51 -8.09 -31.74
CA MET K 312 -11.96 -8.25 -31.84
C MET K 312 -12.22 -9.65 -31.28
N GLY K 313 -13.37 -9.80 -30.63
CA GLY K 313 -13.78 -11.06 -30.02
C GLY K 313 -15.26 -11.14 -29.68
N MET K 314 -15.65 -12.21 -29.00
CA MET K 314 -17.04 -12.45 -28.64
C MET K 314 -17.20 -12.77 -27.14
N LEU K 315 -18.14 -12.07 -26.51
CA LEU K 315 -18.58 -12.43 -25.16
C LEU K 315 -19.70 -13.45 -25.31
N THR K 316 -19.45 -14.66 -24.83
CA THR K 316 -20.44 -15.73 -24.89
C THR K 316 -21.03 -15.95 -23.50
N ASN K 317 -22.34 -15.79 -23.38
CA ASN K 317 -23.05 -16.07 -22.14
C ASN K 317 -23.77 -17.40 -22.20
N ARG K 318 -23.55 -18.24 -21.19
CA ARG K 318 -24.21 -19.53 -21.10
C ARG K 318 -25.18 -19.50 -19.93
N THR K 319 -26.44 -19.82 -20.22
CA THR K 319 -27.47 -19.94 -19.19
C THR K 319 -27.94 -21.38 -19.12
N SER K 320 -27.81 -21.99 -17.96
CA SER K 320 -28.06 -23.42 -17.77
C SER K 320 -29.11 -23.66 -16.71
N TYR K 321 -30.05 -24.56 -16.99
CA TYR K 321 -31.12 -24.84 -16.04
C TYR K 321 -31.95 -26.04 -16.42
N GLU K 322 -32.42 -26.74 -15.40
CA GLU K 322 -33.38 -27.81 -15.55
C GLU K 322 -34.77 -27.20 -15.72
N VAL K 323 -35.60 -27.89 -16.50
CA VAL K 323 -37.02 -27.58 -16.58
C VAL K 323 -37.73 -28.75 -15.90
N PRO K 324 -38.11 -28.58 -14.61
CA PRO K 324 -38.76 -29.64 -13.87
C PRO K 324 -40.04 -30.11 -14.55
N GLN K 325 -40.41 -31.37 -14.30
CA GLN K 325 -41.64 -31.93 -14.79
C GLN K 325 -42.84 -31.23 -14.16
N GLY K 326 -43.88 -31.00 -14.96
CA GLY K 326 -45.08 -30.32 -14.50
C GLY K 326 -45.04 -28.80 -14.55
N VAL K 327 -43.98 -28.25 -15.16
CA VAL K 327 -43.84 -26.80 -15.33
C VAL K 327 -44.33 -26.39 -16.71
N LYS K 328 -45.50 -25.73 -16.73
CA LYS K 328 -46.17 -25.35 -17.96
C LYS K 328 -45.66 -24.02 -18.51
N CYS K 329 -45.94 -23.78 -19.80
CA CYS K 329 -45.38 -22.62 -20.51
C CYS K 329 -46.16 -21.33 -20.24
N THR K 330 -46.10 -20.86 -19.01
CA THR K 330 -46.65 -19.56 -18.64
C THR K 330 -45.58 -18.85 -17.84
N ILE K 331 -45.48 -17.52 -17.99
CA ILE K 331 -44.42 -16.77 -17.33
C ILE K 331 -44.51 -16.95 -15.81
N ASP K 332 -45.74 -17.05 -15.30
CA ASP K 332 -45.98 -17.34 -13.89
C ASP K 332 -45.31 -18.66 -13.47
N GLU K 333 -45.47 -19.70 -14.28
CA GLU K 333 -44.87 -21.02 -14.00
C GLU K 333 -43.35 -21.02 -14.04
N MET K 334 -42.80 -20.33 -15.04
CA MET K 334 -41.35 -20.21 -15.21
C MET K 334 -40.71 -19.49 -14.02
N VAL K 335 -41.35 -18.40 -13.57
CA VAL K 335 -40.91 -17.64 -12.41
C VAL K 335 -40.84 -18.51 -11.16
N ARG K 336 -41.89 -19.32 -10.98
CA ARG K 336 -42.01 -20.19 -9.81
C ARG K 336 -40.94 -21.28 -9.74
N ALA K 337 -40.63 -21.89 -10.87
CA ALA K 337 -39.90 -23.16 -10.87
C ALA K 337 -38.51 -23.14 -11.47
N LEU K 338 -38.25 -22.24 -12.43
CA LEU K 338 -36.98 -22.23 -13.13
C LEU K 338 -35.88 -21.53 -12.33
N GLN K 339 -34.72 -22.18 -12.23
CA GLN K 339 -33.59 -21.63 -11.48
C GLN K 339 -32.31 -21.60 -12.33
N PRO K 340 -32.21 -20.62 -13.24
CA PRO K 340 -31.06 -20.57 -14.14
C PRO K 340 -29.78 -20.11 -13.43
N ARG K 341 -28.63 -20.50 -13.96
CA ARG K 341 -27.35 -19.94 -13.54
C ARG K 341 -26.65 -19.36 -14.76
N TYR K 342 -25.69 -18.47 -14.52
CA TYR K 342 -25.15 -17.61 -15.56
C TYR K 342 -23.63 -17.69 -15.59
N ALA K 343 -23.07 -17.77 -16.80
CA ALA K 343 -21.63 -17.95 -16.96
C ALA K 343 -21.18 -17.33 -18.27
N ALA K 344 -19.91 -16.95 -18.33
CA ALA K 344 -19.39 -16.26 -19.50
C ALA K 344 -17.97 -16.65 -19.86
N SER K 345 -17.64 -16.42 -21.13
CA SER K 345 -16.28 -16.57 -21.62
C SER K 345 -16.04 -15.49 -22.66
N GLU K 346 -14.77 -15.17 -22.89
CA GLU K 346 -14.38 -14.30 -23.98
C GLU K 346 -13.51 -15.08 -24.95
N THR K 347 -13.78 -14.92 -26.24
CA THR K 347 -13.04 -15.60 -27.30
C THR K 347 -12.54 -14.60 -28.33
N TYR K 348 -11.23 -14.53 -28.50
CA TYR K 348 -10.63 -13.55 -29.39
C TYR K 348 -10.04 -14.18 -30.64
N LEU K 349 -10.18 -13.45 -31.76
CA LEU K 349 -9.60 -13.85 -33.03
C LEU K 349 -8.08 -13.75 -32.98
N GLN K 350 -7.40 -14.66 -33.67
CA GLN K 350 -5.94 -14.70 -33.69
C GLN K 350 -5.37 -13.87 -34.84
N ASN K 351 -4.06 -13.64 -34.81
CA ASN K 351 -3.33 -12.92 -35.86
C ASN K 351 -3.98 -11.59 -36.25
N MET L 2 44.39 -55.12 -3.07
CA MET L 2 44.65 -56.56 -3.34
C MET L 2 45.65 -56.78 -4.48
N SER L 3 46.33 -57.92 -4.44
CA SER L 3 47.36 -58.25 -5.45
C SER L 3 46.75 -58.59 -6.81
N CYS L 4 47.60 -58.68 -7.84
CA CYS L 4 47.13 -59.06 -9.18
C CYS L 4 46.49 -60.44 -9.19
N ALA L 5 47.15 -61.41 -8.55
CA ALA L 5 46.61 -62.76 -8.42
C ALA L 5 45.18 -62.74 -7.86
N GLU L 6 44.98 -61.96 -6.80
CA GLU L 6 43.68 -61.82 -6.15
C GLU L 6 42.62 -61.22 -7.07
N LYS L 7 42.98 -60.16 -7.78
CA LYS L 7 42.11 -59.49 -8.74
C LYS L 7 41.63 -60.46 -9.83
N LEU L 8 42.54 -61.26 -10.35
CA LEU L 8 42.18 -62.19 -11.42
C LEU L 8 41.28 -63.29 -10.88
N LEU L 9 41.62 -63.84 -9.72
CA LEU L 9 40.79 -64.85 -9.08
C LEU L 9 39.37 -64.36 -8.86
N LYS L 10 39.23 -63.14 -8.34
CA LYS L 10 37.93 -62.52 -8.10
C LYS L 10 37.10 -62.41 -9.39
N VAL L 11 37.73 -61.96 -10.48
CA VAL L 11 37.05 -61.82 -11.76
C VAL L 11 36.61 -63.18 -12.31
N LEU L 12 37.50 -64.15 -12.23
CA LEU L 12 37.24 -65.52 -12.65
C LEU L 12 36.05 -66.16 -11.91
N SER L 13 36.04 -65.99 -10.59
CA SER L 13 34.98 -66.54 -9.74
C SER L 13 33.64 -65.85 -9.95
N PHE L 14 33.68 -64.56 -10.28
CA PHE L 14 32.45 -63.80 -10.49
C PHE L 14 31.90 -64.06 -11.88
N GLY L 15 32.80 -64.25 -12.84
CA GLY L 15 32.40 -64.47 -14.22
C GLY L 15 33.01 -63.47 -15.18
N LEU L 16 33.89 -63.98 -16.04
CA LEU L 16 34.58 -63.23 -17.08
C LEU L 16 33.63 -62.47 -18.00
N TRP L 17 32.49 -63.07 -18.30
CA TRP L 17 31.52 -62.48 -19.23
C TRP L 17 30.44 -61.61 -18.60
N ASN L 18 30.51 -61.38 -17.30
CA ASN L 18 29.50 -60.55 -16.64
C ASN L 18 29.43 -59.11 -17.17
N PRO L 19 28.20 -58.63 -17.49
CA PRO L 19 27.94 -57.30 -18.06
C PRO L 19 28.28 -56.09 -17.17
N THR L 20 28.41 -56.30 -15.87
CA THR L 20 28.64 -55.19 -14.93
C THR L 20 29.97 -54.47 -15.17
N TYR L 21 30.95 -55.22 -15.69
CA TYR L 21 32.27 -54.66 -15.97
C TYR L 21 32.20 -53.58 -17.06
N SER L 22 32.85 -52.45 -16.78
CA SER L 22 33.01 -51.38 -17.77
C SER L 22 34.13 -51.72 -18.74
N ARG L 23 34.22 -50.95 -19.82
CA ARG L 23 35.26 -51.12 -20.83
C ARG L 23 36.67 -51.12 -20.23
N SER L 24 36.94 -50.14 -19.35
CA SER L 24 38.25 -50.03 -18.70
C SER L 24 38.51 -51.18 -17.71
N GLU L 25 37.45 -51.62 -17.04
CA GLU L 25 37.52 -52.80 -16.15
C GLU L 25 37.86 -54.08 -16.92
N ARG L 26 37.27 -54.24 -18.11
CA ARG L 26 37.61 -55.38 -18.98
C ARG L 26 39.04 -55.31 -19.50
N GLN L 27 39.47 -54.12 -19.90
CA GLN L 27 40.86 -53.90 -20.32
C GLN L 27 41.83 -54.30 -19.21
N SER L 28 41.54 -53.84 -18.00
CA SER L 28 42.37 -54.12 -16.83
C SER L 28 42.55 -55.62 -16.58
N PHE L 29 41.46 -56.37 -16.47
CA PHE L 29 41.61 -57.79 -16.13
C PHE L 29 42.14 -58.66 -17.27
N GLN L 30 42.03 -58.18 -18.51
CA GLN L 30 42.64 -58.86 -19.66
C GLN L 30 44.17 -58.78 -19.64
N GLU L 31 44.71 -57.68 -19.13
CA GLU L 31 46.15 -57.55 -18.91
C GLU L 31 46.61 -58.57 -17.85
N LEU L 32 45.67 -59.00 -17.01
CA LEU L 32 45.93 -60.03 -16.00
C LEU L 32 45.70 -61.42 -16.56
N LEU L 33 44.63 -61.60 -17.32
CA LEU L 33 44.30 -62.90 -17.91
C LEU L 33 45.37 -63.38 -18.90
N THR L 34 45.98 -62.46 -19.64
CA THR L 34 47.10 -62.76 -20.54
C THR L 34 48.26 -63.47 -19.82
N VAL L 35 48.41 -63.20 -18.53
CA VAL L 35 49.49 -63.77 -17.73
C VAL L 35 49.23 -65.25 -17.43
N LEU L 36 47.96 -65.65 -17.48
CA LEU L 36 47.57 -66.99 -17.06
C LEU L 36 47.82 -67.98 -18.18
N GLU L 37 48.70 -68.96 -17.93
CA GLU L 37 49.15 -69.83 -19.03
C GLU L 37 49.19 -71.31 -18.67
N PRO L 38 48.89 -72.18 -19.67
CA PRO L 38 48.87 -73.61 -19.40
C PRO L 38 50.27 -74.17 -19.16
N VAL L 39 50.29 -75.24 -18.37
CA VAL L 39 51.51 -75.78 -17.80
C VAL L 39 51.30 -77.31 -17.73
N TYR L 40 52.37 -78.09 -17.54
CA TYR L 40 52.23 -79.55 -17.46
C TYR L 40 51.25 -79.91 -16.35
N PRO L 41 50.22 -80.73 -16.66
CA PRO L 41 49.23 -81.15 -15.65
C PRO L 41 49.57 -82.47 -15.01
N LEU L 42 49.08 -82.70 -13.79
CA LEU L 42 49.28 -83.98 -13.11
C LEU L 42 48.41 -85.06 -13.75
N PRO L 43 48.79 -86.35 -13.61
CA PRO L 43 48.03 -87.46 -14.18
C PRO L 43 46.54 -87.42 -13.82
N ASN L 44 46.24 -86.92 -12.62
CA ASN L 44 44.88 -86.81 -12.12
C ASN L 44 44.16 -85.53 -12.57
N GLU L 45 44.85 -84.71 -13.35
CA GLU L 45 44.31 -83.42 -13.78
C GLU L 45 44.03 -83.39 -15.27
N LEU L 46 42.99 -82.67 -15.65
CA LEU L 46 42.74 -82.45 -17.07
C LEU L 46 43.39 -81.14 -17.57
N GLY L 47 43.88 -80.33 -16.64
CA GLY L 47 44.55 -79.08 -16.99
C GLY L 47 45.11 -78.33 -15.79
N ARG L 48 46.23 -77.65 -16.00
CA ARG L 48 46.85 -76.80 -14.99
C ARG L 48 47.34 -75.53 -15.64
N VAL L 49 47.07 -74.40 -15.01
CA VAL L 49 47.60 -73.11 -15.46
C VAL L 49 48.39 -72.41 -14.36
N SER L 50 49.27 -71.52 -14.80
CA SER L 50 50.06 -70.72 -13.87
C SER L 50 50.25 -69.30 -14.37
N ALA L 51 50.34 -68.38 -13.42
CA ALA L 51 50.64 -66.98 -13.72
C ALA L 51 51.60 -66.41 -12.68
N ARG L 52 52.63 -65.71 -13.16
CA ARG L 52 53.51 -64.94 -12.28
C ARG L 52 53.36 -63.47 -12.65
N PHE L 53 52.77 -62.71 -11.74
CA PHE L 53 52.44 -61.32 -12.00
C PHE L 53 53.58 -60.36 -11.63
N SER L 54 53.53 -59.17 -12.20
CA SER L 54 54.58 -58.17 -12.02
C SER L 54 54.70 -57.63 -10.59
N ASP L 55 53.65 -57.79 -9.78
CA ASP L 55 53.70 -57.35 -8.39
C ASP L 55 54.30 -58.41 -7.46
N GLY L 56 54.69 -59.55 -8.02
CA GLY L 56 55.29 -60.64 -7.24
C GLY L 56 54.29 -61.68 -6.77
N SER L 57 53.00 -61.41 -6.97
CA SER L 57 51.97 -62.40 -6.67
C SER L 57 51.91 -63.48 -7.75
N SER L 58 51.37 -64.64 -7.40
CA SER L 58 51.21 -65.73 -8.35
C SER L 58 49.93 -66.52 -8.12
N LEU L 59 49.48 -67.18 -9.18
CA LEU L 59 48.26 -67.96 -9.16
C LEU L 59 48.53 -69.26 -9.90
N ARG L 60 48.18 -70.39 -9.29
CA ARG L 60 48.15 -71.66 -9.98
C ARG L 60 46.75 -72.22 -9.87
N ILE L 61 46.13 -72.52 -11.01
CA ILE L 61 44.79 -73.13 -11.02
C ILE L 61 44.83 -74.52 -11.64
N SER L 62 44.31 -75.50 -10.90
CA SER L 62 44.19 -76.88 -11.35
C SER L 62 42.73 -77.29 -11.51
N VAL L 63 42.43 -78.06 -12.54
CA VAL L 63 41.14 -78.72 -12.66
C VAL L 63 41.36 -80.23 -12.68
N THR L 64 40.80 -80.93 -11.70
CA THR L 64 40.95 -82.39 -11.59
C THR L 64 40.02 -83.11 -12.56
N ASN L 65 40.22 -84.41 -12.71
CA ASN L 65 39.38 -85.25 -13.59
C ASN L 65 37.91 -85.36 -13.15
N SER L 66 37.63 -84.99 -11.90
CA SER L 66 36.27 -84.88 -11.39
C SER L 66 35.70 -83.46 -11.55
N GLU L 67 36.44 -82.59 -12.25
CA GLU L 67 36.10 -81.18 -12.45
C GLU L 67 36.09 -80.34 -11.16
N SER L 68 36.86 -80.78 -10.16
CA SER L 68 37.14 -79.99 -8.97
C SER L 68 38.21 -78.95 -9.32
N ILE L 69 38.06 -77.73 -8.83
CA ILE L 69 38.91 -76.62 -9.23
C ILE L 69 39.64 -76.02 -8.04
N GLU L 70 40.96 -76.14 -8.04
CA GLU L 70 41.82 -75.62 -6.97
C GLU L 70 42.61 -74.43 -7.47
N ALA L 71 42.65 -73.37 -6.66
CA ALA L 71 43.43 -72.19 -6.98
C ALA L 71 44.41 -71.89 -5.85
N GLU L 72 45.70 -72.11 -6.12
CA GLU L 72 46.75 -71.82 -5.15
C GLU L 72 47.27 -70.41 -5.40
N ILE L 73 47.06 -69.54 -4.43
CA ILE L 73 47.42 -68.14 -4.55
C ILE L 73 48.55 -67.74 -3.59
N ARG L 74 49.53 -67.02 -4.14
CA ARG L 74 50.71 -66.59 -3.41
C ARG L 74 50.70 -65.08 -3.46
N THR L 75 50.62 -64.45 -2.29
CA THR L 75 50.60 -62.99 -2.21
C THR L 75 52.03 -62.45 -2.39
N PRO L 76 52.18 -61.13 -2.63
CA PRO L 76 53.52 -60.55 -2.76
C PRO L 76 54.35 -60.75 -1.48
N ASP L 77 53.68 -60.72 -0.34
CA ASP L 77 54.30 -60.88 0.97
C ASP L 77 54.60 -62.34 1.36
N ASN L 78 54.56 -63.25 0.38
CA ASN L 78 54.80 -64.69 0.58
C ASN L 78 53.69 -65.60 1.16
N GLU L 79 52.58 -65.00 1.59
CA GLU L 79 51.43 -65.75 2.11
C GLU L 79 50.81 -66.66 1.04
N LYS L 80 50.64 -67.93 1.40
CA LYS L 80 50.17 -68.97 0.50
C LYS L 80 48.85 -69.56 0.97
N ILE L 81 47.88 -69.66 0.06
CA ILE L 81 46.57 -70.23 0.37
C ILE L 81 45.96 -70.92 -0.86
N THR L 82 45.34 -72.08 -0.64
CA THR L 82 44.72 -72.84 -1.72
C THR L 82 43.20 -72.83 -1.55
N VAL L 83 42.53 -72.25 -2.52
CA VAL L 83 41.08 -72.05 -2.46
C VAL L 83 40.37 -72.98 -3.42
N LEU L 84 39.19 -73.44 -3.01
CA LEU L 84 38.31 -74.25 -3.85
C LEU L 84 37.28 -73.37 -4.56
N LEU L 85 37.34 -73.37 -5.89
CA LEU L 85 36.46 -72.56 -6.72
C LEU L 85 35.20 -73.32 -7.18
N GLU L 86 34.08 -72.62 -7.30
CA GLU L 86 32.86 -73.24 -7.81
C GLU L 86 32.52 -72.74 -9.21
N SER L 87 32.50 -73.66 -10.16
CA SER L 87 32.02 -73.34 -11.50
C SER L 87 30.51 -73.61 -11.59
N ASN L 88 29.81 -72.67 -12.20
CA ASN L 88 28.40 -72.83 -12.52
C ASN L 88 28.08 -72.05 -13.79
N GLU L 89 26.80 -72.07 -14.16
CA GLU L 89 26.34 -71.41 -15.39
C GLU L 89 26.41 -69.88 -15.32
N GLN L 90 26.44 -69.35 -14.11
CA GLN L 90 26.55 -67.90 -13.91
C GLN L 90 27.97 -67.39 -14.16
N ASN L 91 28.99 -68.08 -13.63
CA ASN L 91 30.36 -67.61 -13.83
C ASN L 91 31.13 -68.21 -15.01
N ARG L 92 30.63 -69.32 -15.57
CA ARG L 92 31.32 -70.07 -16.65
C ARG L 92 32.80 -70.26 -16.36
N LEU L 93 33.13 -70.55 -15.10
CA LEU L 93 34.52 -70.70 -14.68
C LEU L 93 35.25 -71.81 -15.44
N LEU L 94 34.62 -72.96 -15.57
CA LEU L 94 35.25 -74.08 -16.26
C LEU L 94 35.58 -73.71 -17.72
N GLN L 95 34.76 -72.87 -18.31
CA GLN L 95 34.95 -72.37 -19.67
C GLN L 95 35.98 -71.25 -19.76
N SER L 96 36.32 -70.65 -18.62
CA SER L 96 37.29 -69.55 -18.54
C SER L 96 38.72 -70.06 -18.34
N LEU L 97 38.91 -71.37 -18.47
CA LEU L 97 40.21 -71.98 -18.25
C LEU L 97 40.57 -72.83 -19.48
N PRO L 98 41.87 -72.92 -19.82
CA PRO L 98 42.25 -73.65 -21.05
C PRO L 98 42.17 -75.15 -20.84
N ILE L 99 40.94 -75.66 -20.74
CA ILE L 99 40.69 -77.02 -20.34
C ILE L 99 40.13 -77.79 -21.53
N ASP L 100 40.80 -78.87 -21.93
CA ASP L 100 40.30 -79.75 -22.98
C ASP L 100 39.41 -80.83 -22.36
N ARG L 101 38.21 -80.99 -22.92
CA ARG L 101 37.25 -81.92 -22.36
C ARG L 101 36.59 -82.79 -23.43
N HIS L 102 36.23 -84.00 -23.03
CA HIS L 102 35.35 -84.82 -23.82
C HIS L 102 33.93 -84.29 -23.63
N MET L 103 33.31 -83.89 -24.73
CA MET L 103 31.90 -83.52 -24.75
C MET L 103 31.28 -83.82 -26.12
N PRO L 104 29.94 -83.89 -26.19
CA PRO L 104 29.37 -84.26 -27.47
C PRO L 104 29.30 -83.11 -28.47
N TYR L 105 29.69 -81.92 -28.04
CA TYR L 105 29.65 -80.75 -28.90
C TYR L 105 30.92 -79.92 -28.75
N ILE L 106 31.26 -79.19 -29.81
CA ILE L 106 32.40 -78.26 -29.77
C ILE L 106 32.00 -77.03 -28.95
N GLN L 107 32.83 -76.71 -27.96
CA GLN L 107 32.56 -75.62 -27.02
C GLN L 107 32.40 -74.29 -27.78
N VAL L 108 31.35 -73.54 -27.44
CA VAL L 108 31.13 -72.22 -28.02
C VAL L 108 31.35 -71.16 -26.95
N HIS L 109 32.07 -70.10 -27.31
CA HIS L 109 32.27 -68.96 -26.42
C HIS L 109 31.80 -67.66 -27.06
N ARG L 110 31.54 -66.68 -26.21
CA ARG L 110 31.34 -65.30 -26.64
C ARG L 110 32.63 -64.52 -26.51
N ALA L 111 32.93 -63.67 -27.48
CA ALA L 111 34.01 -62.71 -27.32
C ALA L 111 33.55 -61.64 -26.33
N LEU L 112 34.50 -60.94 -25.72
CA LEU L 112 34.15 -59.85 -24.82
C LEU L 112 33.51 -58.70 -25.59
N SER L 113 32.70 -57.91 -24.89
CA SER L 113 31.88 -56.85 -25.47
C SER L 113 32.59 -55.96 -26.50
N GLU L 114 33.82 -55.58 -26.23
CA GLU L 114 34.55 -54.63 -27.09
C GLU L 114 35.28 -55.25 -28.29
N MET L 115 35.38 -56.58 -28.30
CA MET L 115 36.16 -57.27 -29.32
C MET L 115 35.48 -57.30 -30.68
N ASP L 116 36.29 -57.08 -31.71
CA ASP L 116 35.82 -57.05 -33.09
C ASP L 116 36.83 -57.79 -33.97
N LEU L 117 36.46 -58.02 -35.23
CA LEU L 117 37.34 -58.66 -36.20
C LEU L 117 37.54 -57.74 -37.40
N THR L 118 38.52 -56.84 -37.30
CA THR L 118 38.79 -55.85 -38.35
C THR L 118 40.12 -56.15 -39.06
N ASP L 119 41.21 -56.10 -38.30
CA ASP L 119 42.55 -56.25 -38.87
C ASP L 119 43.32 -57.40 -38.22
N THR L 120 44.60 -57.48 -38.55
CA THR L 120 45.50 -58.51 -38.01
C THR L 120 45.57 -58.38 -36.49
N THR L 121 45.70 -57.15 -35.99
CA THR L 121 45.84 -56.92 -34.55
C THR L 121 44.60 -57.35 -33.76
N SER L 122 43.41 -57.15 -34.34
CA SER L 122 42.17 -57.56 -33.71
C SER L 122 41.98 -59.09 -33.74
N MET L 123 42.43 -59.72 -34.81
CA MET L 123 42.38 -61.17 -34.92
C MET L 123 43.34 -61.83 -33.91
N ARG L 124 44.54 -61.28 -33.80
CA ARG L 124 45.54 -61.73 -32.83
C ARG L 124 45.07 -61.51 -31.40
N ASN L 125 44.38 -60.39 -31.19
CA ASN L 125 43.79 -60.05 -29.91
C ASN L 125 42.67 -61.03 -29.53
N LEU L 126 41.89 -61.45 -30.51
CA LEU L 126 40.83 -62.43 -30.24
C LEU L 126 41.46 -63.75 -29.79
N LEU L 127 42.49 -64.20 -30.51
CA LEU L 127 43.19 -65.44 -30.17
C LEU L 127 43.86 -65.34 -28.78
N GLY L 128 44.33 -64.15 -28.42
CA GLY L 128 44.90 -63.91 -27.10
C GLY L 128 43.91 -64.24 -26.00
N PHE L 129 42.62 -64.00 -26.28
CA PHE L 129 41.54 -64.30 -25.37
C PHE L 129 41.08 -65.77 -25.47
N THR L 130 40.82 -66.25 -26.69
CA THR L 130 40.31 -67.62 -26.87
C THR L 130 41.30 -68.68 -26.44
N SER L 131 42.60 -68.37 -26.54
CA SER L 131 43.67 -69.23 -25.99
C SER L 131 43.49 -69.54 -24.50
N LYS L 132 42.72 -68.72 -23.80
CA LYS L 132 42.53 -68.84 -22.37
C LYS L 132 41.34 -69.70 -22.00
N LEU L 133 40.55 -70.07 -23.01
CA LEU L 133 39.23 -70.67 -22.81
C LEU L 133 39.20 -72.17 -23.11
N SER L 134 38.15 -72.83 -22.64
CA SER L 134 38.02 -74.30 -22.74
C SER L 134 37.74 -74.78 -24.16
N THR L 135 37.97 -76.08 -24.37
CA THR L 135 37.86 -76.70 -25.68
C THR L 135 37.24 -78.10 -25.60
N THR L 136 36.88 -78.61 -26.77
CA THR L 136 36.39 -79.97 -26.89
C THR L 136 37.41 -80.83 -27.64
N LEU L 137 37.78 -81.95 -27.05
CA LEU L 137 38.71 -82.91 -27.66
C LEU L 137 38.14 -83.48 -28.94
N ILE L 138 39.01 -83.57 -29.94
CA ILE L 138 38.61 -84.05 -31.27
C ILE L 138 39.41 -85.31 -31.60
N PRO L 139 38.73 -86.43 -31.83
CA PRO L 139 39.42 -87.65 -32.26
C PRO L 139 39.89 -87.54 -33.72
N HIS L 140 41.05 -88.13 -34.00
CA HIS L 140 41.51 -88.21 -35.40
C HIS L 140 41.28 -89.61 -35.98
N ASN L 141 41.37 -89.70 -37.30
CA ASN L 141 41.50 -90.97 -37.98
C ASN L 141 42.81 -90.92 -38.78
N ALA L 142 43.13 -91.97 -39.53
CA ALA L 142 44.40 -92.04 -40.26
C ALA L 142 44.55 -90.92 -41.28
N GLN L 143 43.44 -90.42 -41.80
CA GLN L 143 43.38 -89.28 -42.71
C GLN L 143 43.75 -87.96 -42.01
N THR L 144 43.11 -87.67 -40.89
CA THR L 144 43.30 -86.38 -40.24
C THR L 144 44.48 -86.33 -39.27
N ASP L 145 44.97 -87.51 -38.87
CA ASP L 145 46.07 -87.64 -37.91
C ASP L 145 47.34 -86.98 -38.44
N PRO L 146 47.79 -85.89 -37.80
CA PRO L 146 48.97 -85.15 -38.22
C PRO L 146 50.25 -85.99 -38.23
N LEU L 147 50.32 -87.01 -37.38
CA LEU L 147 51.53 -87.83 -37.26
C LEU L 147 51.50 -89.08 -38.13
N SER L 148 50.40 -89.32 -38.83
CA SER L 148 50.29 -90.48 -39.69
C SER L 148 50.58 -90.12 -41.15
N GLY L 149 50.53 -91.11 -42.02
CA GLY L 149 50.79 -90.88 -43.43
C GLY L 149 52.27 -90.93 -43.73
N PRO L 150 52.64 -90.73 -45.01
CA PRO L 150 54.01 -90.92 -45.44
C PRO L 150 54.94 -89.74 -45.17
N THR L 151 54.38 -88.56 -44.92
CA THR L 151 55.18 -87.34 -44.80
C THR L 151 54.97 -86.54 -43.51
N PRO L 152 54.96 -87.20 -42.34
CA PRO L 152 54.68 -86.40 -41.13
C PRO L 152 55.78 -85.37 -40.85
N PHE L 153 55.41 -84.23 -40.27
CA PHE L 153 56.35 -83.13 -39.97
C PHE L 153 57.17 -82.60 -41.16
N SER L 154 56.66 -82.75 -42.39
CA SER L 154 57.44 -82.32 -43.56
C SER L 154 57.54 -80.80 -43.71
N SER L 155 56.72 -80.06 -42.96
CA SER L 155 56.69 -78.59 -43.06
C SER L 155 57.22 -77.90 -41.82
N ILE L 156 57.71 -78.69 -40.86
CA ILE L 156 57.99 -78.17 -39.53
C ILE L 156 58.94 -76.95 -39.53
N PHE L 157 59.99 -76.99 -40.35
CA PHE L 157 60.98 -75.91 -40.36
C PHE L 157 60.49 -74.68 -41.14
N MET L 158 59.79 -74.89 -42.24
CA MET L 158 59.21 -73.76 -42.94
C MET L 158 58.08 -73.11 -42.12
N ASP L 159 57.28 -73.92 -41.42
CA ASP L 159 56.22 -73.41 -40.54
C ASP L 159 56.81 -72.56 -39.41
N THR L 160 57.90 -73.05 -38.82
CA THR L 160 58.65 -72.33 -37.77
C THR L 160 59.31 -71.05 -38.33
N CYS L 161 59.97 -71.20 -39.49
CA CYS L 161 60.58 -70.07 -40.18
C CYS L 161 59.57 -68.95 -40.42
N ARG L 162 58.40 -69.31 -40.93
CA ARG L 162 57.37 -68.33 -41.20
C ARG L 162 56.63 -67.84 -39.97
N GLY L 163 56.48 -68.72 -38.97
CA GLY L 163 55.69 -68.39 -37.77
C GLY L 163 56.39 -67.43 -36.82
N LEU L 164 57.68 -67.70 -36.56
CA LEU L 164 58.49 -66.87 -35.67
C LEU L 164 58.56 -65.43 -36.17
N GLY L 165 58.42 -64.49 -35.24
CA GLY L 165 58.37 -63.08 -35.56
C GLY L 165 56.94 -62.62 -35.80
N ASN L 166 56.03 -63.58 -35.97
CA ASN L 166 54.62 -63.31 -36.19
C ASN L 166 53.69 -63.96 -35.15
N ALA L 167 54.27 -64.54 -34.11
CA ALA L 167 53.48 -65.31 -33.17
C ALA L 167 53.40 -64.60 -31.82
N LYS L 168 52.43 -65.01 -31.01
CA LYS L 168 52.50 -64.76 -29.59
C LYS L 168 53.24 -65.99 -29.05
N LEU L 169 54.34 -65.76 -28.35
CA LEU L 169 55.13 -66.87 -27.81
C LEU L 169 55.61 -66.57 -26.40
N SER L 170 55.46 -67.55 -25.52
CA SER L 170 56.00 -67.40 -24.18
C SER L 170 56.68 -68.67 -23.73
N LEU L 171 57.74 -68.48 -22.96
CA LEU L 171 58.51 -69.56 -22.38
C LEU L 171 58.49 -69.35 -20.88
N ASN L 172 57.90 -70.31 -20.16
CA ASN L 172 57.69 -70.22 -18.72
C ASN L 172 56.94 -68.95 -18.32
N GLY L 173 55.96 -68.55 -19.13
CA GLY L 173 55.22 -67.31 -18.90
C GLY L 173 55.96 -66.05 -19.28
N VAL L 174 57.19 -66.19 -19.76
CA VAL L 174 57.97 -65.04 -20.22
C VAL L 174 57.70 -64.80 -21.70
N ASP L 175 57.13 -63.64 -22.01
CA ASP L 175 56.84 -63.29 -23.39
C ASP L 175 58.12 -63.12 -24.22
N ILE L 176 58.12 -63.73 -25.41
CA ILE L 176 59.23 -63.65 -26.35
C ILE L 176 58.73 -62.80 -27.50
N PRO L 177 59.10 -61.50 -27.51
CA PRO L 177 58.53 -60.57 -28.49
C PRO L 177 59.09 -60.79 -29.90
N ALA L 178 58.51 -60.10 -30.87
CA ALA L 178 58.81 -60.28 -32.29
C ALA L 178 60.33 -60.24 -32.59
N ASN L 179 61.03 -59.22 -32.10
CA ASN L 179 62.47 -59.12 -32.35
C ASN L 179 63.27 -60.28 -31.75
N ALA L 180 62.87 -60.73 -30.56
CA ALA L 180 63.52 -61.88 -29.92
C ALA L 180 63.20 -63.19 -30.64
N GLN L 181 62.00 -63.29 -31.22
CA GLN L 181 61.65 -64.42 -32.06
C GLN L 181 62.49 -64.48 -33.34
N MET L 182 62.77 -63.33 -33.94
CA MET L 182 63.65 -63.27 -35.12
C MET L 182 65.06 -63.76 -34.77
N LEU L 183 65.56 -63.33 -33.61
CA LEU L 183 66.81 -63.86 -33.06
C LEU L 183 66.77 -65.37 -32.87
N LEU L 184 65.66 -65.89 -32.35
CA LEU L 184 65.47 -67.33 -32.15
C LEU L 184 65.42 -68.08 -33.48
N ARG L 185 64.77 -67.46 -34.47
CA ARG L 185 64.69 -68.03 -35.79
C ARG L 185 66.09 -68.22 -36.39
N ASP L 186 66.92 -67.18 -36.31
CA ASP L 186 68.32 -67.26 -36.73
C ASP L 186 69.12 -68.31 -35.96
N ALA L 187 68.94 -68.34 -34.63
CA ALA L 187 69.64 -69.27 -33.74
C ALA L 187 69.36 -70.73 -34.08
N LEU L 188 68.15 -71.00 -34.54
CA LEU L 188 67.75 -72.33 -35.02
C LEU L 188 68.26 -72.63 -36.43
N GLY L 189 68.89 -71.66 -37.08
CA GLY L 189 69.39 -71.84 -38.45
C GLY L 189 68.31 -71.75 -39.51
N LEU L 190 67.19 -71.11 -39.17
CA LEU L 190 66.02 -71.08 -40.05
C LEU L 190 65.87 -69.72 -40.75
N LYS L 191 66.90 -69.34 -41.49
CA LYS L 191 66.91 -68.02 -42.13
C LYS L 191 65.98 -67.93 -43.34
N ASP L 192 65.54 -69.08 -43.84
CA ASP L 192 64.55 -69.14 -44.91
C ASP L 192 63.92 -70.53 -44.94
N THR L 193 62.87 -70.70 -45.73
CA THR L 193 62.06 -71.92 -45.73
C THR L 193 62.77 -73.14 -46.31
N HIS L 194 63.92 -72.92 -46.95
CA HIS L 194 64.76 -74.00 -47.47
C HIS L 194 65.94 -74.30 -46.56
N SER L 195 65.87 -73.78 -45.33
CA SER L 195 66.91 -74.00 -44.34
C SER L 195 66.46 -74.99 -43.25
N SER L 196 67.43 -75.64 -42.62
CA SER L 196 67.15 -76.54 -41.50
C SER L 196 68.24 -76.41 -40.44
N PRO L 197 67.94 -76.76 -39.18
CA PRO L 197 68.96 -76.60 -38.14
C PRO L 197 70.18 -77.49 -38.37
N SER L 198 71.33 -77.03 -37.89
CA SER L 198 72.55 -77.83 -37.90
C SER L 198 72.40 -79.04 -36.97
N ARG L 199 73.26 -80.04 -37.17
CA ARG L 199 73.32 -81.20 -36.30
C ARG L 199 73.66 -80.79 -34.84
N ASN L 200 74.44 -79.73 -34.70
CA ASN L 200 74.81 -79.22 -33.38
C ASN L 200 73.59 -78.69 -32.62
N VAL L 201 72.72 -77.95 -33.31
CA VAL L 201 71.47 -77.45 -32.73
C VAL L 201 70.51 -78.60 -32.42
N ILE L 202 70.43 -79.58 -33.31
CA ILE L 202 69.62 -80.77 -33.09
C ILE L 202 70.06 -81.51 -31.81
N ASP L 203 71.37 -81.69 -31.66
CA ASP L 203 71.95 -82.46 -30.56
C ASP L 203 71.99 -81.72 -29.23
N HIS L 204 72.18 -80.41 -29.26
CA HIS L 204 72.57 -79.67 -28.05
C HIS L 204 71.71 -78.45 -27.76
N GLY L 205 70.81 -78.14 -28.68
CA GLY L 205 69.94 -76.98 -28.54
C GLY L 205 70.58 -75.71 -29.06
N ILE L 206 69.95 -74.59 -28.75
CA ILE L 206 70.43 -73.24 -29.08
C ILE L 206 71.76 -72.99 -28.38
N SER L 207 72.67 -72.31 -29.07
CA SER L 207 73.96 -71.99 -28.46
C SER L 207 73.78 -71.10 -27.23
N ARG L 208 74.72 -71.22 -26.31
CA ARG L 208 74.70 -70.48 -25.05
C ARG L 208 74.72 -68.97 -25.33
N HIS L 209 75.53 -68.59 -26.32
CA HIS L 209 75.66 -67.21 -26.80
C HIS L 209 74.34 -66.67 -27.37
N ASP L 210 73.71 -67.43 -28.27
CA ASP L 210 72.43 -67.03 -28.87
C ASP L 210 71.30 -67.00 -27.84
N ALA L 211 71.26 -67.97 -26.93
CA ALA L 211 70.22 -68.03 -25.91
C ALA L 211 70.25 -66.79 -25.00
N GLU L 212 71.45 -66.39 -24.61
CA GLU L 212 71.65 -65.18 -23.81
C GLU L 212 71.03 -63.96 -24.48
N GLN L 213 71.32 -63.80 -25.77
CA GLN L 213 70.80 -62.68 -26.56
C GLN L 213 69.27 -62.69 -26.66
N ILE L 214 68.71 -63.88 -26.89
CA ILE L 214 67.26 -64.06 -27.01
C ILE L 214 66.56 -63.71 -25.70
N ALA L 215 67.08 -64.28 -24.59
CA ALA L 215 66.51 -64.05 -23.27
C ALA L 215 66.58 -62.58 -22.89
N ARG L 216 67.71 -61.95 -23.18
CA ARG L 216 67.92 -60.53 -22.85
C ARG L 216 66.91 -59.61 -23.54
N GLU L 217 66.49 -59.98 -24.74
CA GLU L 217 65.49 -59.21 -25.48
C GLU L 217 64.06 -59.48 -25.01
N SER L 218 63.90 -60.49 -24.17
CA SER L 218 62.57 -60.94 -23.72
C SER L 218 62.10 -60.24 -22.43
N SER L 219 60.93 -60.64 -21.94
CA SER L 219 60.28 -59.97 -20.80
C SER L 219 60.72 -60.53 -19.44
N GLY L 220 60.16 -59.97 -18.38
CA GLY L 220 60.33 -60.50 -17.04
C GLY L 220 61.62 -60.17 -16.31
N SER L 221 61.68 -60.56 -15.05
CA SER L 221 62.84 -60.34 -14.18
C SER L 221 64.05 -61.10 -14.66
N ASP L 222 65.21 -60.79 -14.08
CA ASP L 222 66.46 -61.42 -14.47
C ASP L 222 66.54 -62.93 -14.20
N ASN L 223 65.93 -63.39 -13.11
CA ASN L 223 65.89 -64.82 -12.82
C ASN L 223 65.05 -65.62 -13.82
N GLN L 224 63.97 -65.02 -14.31
CA GLN L 224 63.15 -65.75 -15.29
C GLN L 224 63.72 -65.72 -16.71
N LYS L 225 64.54 -64.72 -17.02
CA LYS L 225 65.36 -64.72 -18.23
C LYS L 225 66.31 -65.91 -18.19
N ALA L 226 66.88 -66.16 -17.01
CA ALA L 226 67.75 -67.31 -16.80
C ALA L 226 67.00 -68.62 -17.04
N GLU L 227 65.73 -68.66 -16.65
CA GLU L 227 64.85 -69.77 -17.03
C GLU L 227 64.74 -69.91 -18.55
N VAL L 228 64.64 -68.79 -19.26
CA VAL L 228 64.55 -68.81 -20.72
C VAL L 228 65.86 -69.35 -21.31
N VAL L 229 66.98 -68.75 -20.90
CA VAL L 229 68.33 -69.22 -21.32
C VAL L 229 68.46 -70.72 -21.12
N GLU L 230 68.11 -71.17 -19.92
CA GLU L 230 68.31 -72.54 -19.50
C GLU L 230 67.43 -73.51 -20.29
N PHE L 231 66.17 -73.14 -20.50
CA PHE L 231 65.31 -73.91 -21.38
C PHE L 231 65.88 -74.03 -22.81
N LEU L 232 66.37 -72.92 -23.37
CA LEU L 232 66.82 -72.88 -24.77
C LEU L 232 68.03 -73.76 -25.11
N CYS L 233 68.92 -73.94 -24.15
CA CYS L 233 70.19 -74.64 -24.35
C CYS L 233 70.09 -76.16 -24.22
N HIS L 234 68.93 -76.71 -24.55
CA HIS L 234 68.76 -78.15 -24.52
C HIS L 234 68.18 -78.63 -25.85
N PRO L 235 68.54 -79.86 -26.29
CA PRO L 235 68.04 -80.35 -27.58
C PRO L 235 66.52 -80.31 -27.67
N GLU L 236 65.84 -80.59 -26.56
CA GLU L 236 64.39 -80.64 -26.53
C GLU L 236 63.71 -79.30 -26.76
N ALA L 237 64.41 -78.19 -26.54
CA ALA L 237 63.83 -76.88 -26.82
C ALA L 237 63.58 -76.66 -28.30
N ALA L 238 64.48 -77.17 -29.16
CA ALA L 238 64.28 -77.11 -30.60
C ALA L 238 63.10 -77.98 -31.02
N THR L 239 63.00 -79.16 -30.40
CA THR L 239 61.89 -80.05 -30.64
C THR L 239 60.57 -79.38 -30.26
N ALA L 240 60.54 -78.76 -29.08
CA ALA L 240 59.32 -78.12 -28.56
C ALA L 240 58.91 -76.93 -29.44
N ILE L 241 59.88 -76.06 -29.74
CA ILE L 241 59.60 -74.83 -30.48
C ILE L 241 59.19 -75.13 -31.91
N CYS L 242 59.96 -75.94 -32.62
CA CYS L 242 59.66 -76.25 -34.01
C CYS L 242 58.35 -77.02 -34.15
N SER L 243 58.17 -78.08 -33.35
CA SER L 243 56.94 -78.86 -33.42
C SER L 243 55.71 -77.98 -33.18
N ALA L 244 55.84 -77.00 -32.27
CA ALA L 244 54.71 -76.12 -31.90
C ALA L 244 54.10 -75.34 -33.08
N PHE L 245 54.92 -75.03 -34.08
CA PHE L 245 54.46 -74.28 -35.26
C PHE L 245 53.86 -75.16 -36.38
N TYR L 246 54.00 -76.48 -36.25
CA TYR L 246 53.54 -77.44 -37.26
C TYR L 246 52.08 -77.20 -37.67
N GLN L 247 51.88 -76.78 -38.92
CA GLN L 247 50.55 -76.37 -39.36
C GLN L 247 49.54 -77.53 -39.44
N SER L 248 50.01 -78.74 -39.68
CA SER L 248 49.12 -79.90 -39.80
C SER L 248 48.44 -80.35 -38.51
N PHE L 249 48.93 -79.89 -37.37
CA PHE L 249 48.22 -80.09 -36.08
C PHE L 249 46.76 -79.62 -36.14
N ASN L 250 46.50 -78.66 -37.03
CA ASN L 250 45.18 -78.03 -37.17
C ASN L 250 44.17 -78.81 -38.01
N VAL L 251 44.63 -79.87 -38.66
CA VAL L 251 43.79 -80.62 -39.60
C VAL L 251 42.53 -81.26 -38.95
N PRO L 252 42.67 -81.91 -37.78
CA PRO L 252 41.43 -82.44 -37.17
C PRO L 252 40.33 -81.38 -37.00
N ALA L 253 40.68 -80.23 -36.44
CA ALA L 253 39.71 -79.14 -36.25
C ALA L 253 39.20 -78.55 -37.56
N LEU L 254 40.09 -78.37 -38.54
CA LEU L 254 39.71 -77.78 -39.84
C LEU L 254 38.74 -78.67 -40.59
N THR L 255 38.93 -79.98 -40.46
CA THR L 255 38.07 -80.96 -41.13
C THR L 255 36.65 -80.94 -40.54
N LEU L 256 36.58 -80.82 -39.21
CA LEU L 256 35.31 -80.78 -38.49
C LEU L 256 34.53 -79.51 -38.85
N THR L 257 35.25 -78.41 -39.00
CA THR L 257 34.66 -77.07 -39.16
C THR L 257 34.76 -76.54 -40.60
N HIS L 258 34.92 -77.44 -41.55
CA HIS L 258 35.17 -77.08 -42.96
C HIS L 258 34.12 -76.13 -43.57
N GLU L 259 32.86 -76.32 -43.18
CA GLU L 259 31.74 -75.54 -43.70
C GLU L 259 31.80 -74.07 -43.31
N ARG L 260 31.91 -73.81 -42.00
CA ARG L 260 31.95 -72.44 -41.52
C ARG L 260 33.28 -71.72 -41.86
N ILE L 261 34.32 -72.50 -42.17
CA ILE L 261 35.61 -71.94 -42.59
C ILE L 261 35.50 -71.37 -44.01
N SER L 262 35.05 -72.21 -44.95
CA SER L 262 34.91 -71.80 -46.35
C SER L 262 33.75 -70.83 -46.56
N LYS L 263 32.81 -70.82 -45.63
CA LYS L 263 31.78 -69.77 -45.58
C LYS L 263 32.43 -68.41 -45.31
N ALA L 264 33.38 -68.38 -44.36
CA ALA L 264 34.12 -67.15 -44.06
C ALA L 264 35.06 -66.73 -45.19
N SER L 265 35.51 -67.71 -45.98
CA SER L 265 36.42 -67.46 -47.10
C SER L 265 35.70 -66.83 -48.28
N GLU L 266 34.73 -67.55 -48.84
CA GLU L 266 33.94 -67.04 -49.97
C GLU L 266 33.01 -65.87 -49.58
N TYR L 267 33.01 -65.51 -48.30
CA TYR L 267 32.36 -64.28 -47.85
C TYR L 267 33.22 -63.08 -48.25
N ASN L 268 34.50 -63.12 -47.88
CA ASN L 268 35.48 -62.13 -48.34
C ASN L 268 36.41 -62.68 -49.42
N ALA L 269 35.80 -63.27 -50.45
CA ALA L 269 36.53 -63.76 -51.62
C ALA L 269 37.12 -62.61 -52.42
N GLU L 270 36.39 -61.48 -52.46
CA GLU L 270 36.84 -60.28 -53.16
C GLU L 270 37.68 -59.37 -52.26
N ARG L 271 38.85 -59.87 -51.86
CA ARG L 271 39.80 -59.17 -50.98
C ARG L 271 39.15 -58.67 -49.68
N ASP L 274 43.01 -56.15 -43.65
CA ASP L 274 43.43 -57.45 -44.16
C ASP L 274 43.92 -58.37 -43.04
N THR L 275 43.15 -59.43 -42.77
CA THR L 275 43.53 -60.44 -41.79
C THR L 275 44.33 -61.58 -42.43
N PRO L 276 45.36 -62.09 -41.73
CA PRO L 276 46.05 -63.29 -42.20
C PRO L 276 45.14 -64.49 -42.03
N ASN L 277 45.46 -65.59 -42.69
CA ASN L 277 44.69 -66.82 -42.55
C ASN L 277 44.64 -67.33 -41.11
N ALA L 278 45.78 -67.35 -40.45
CA ALA L 278 45.88 -67.92 -39.11
C ALA L 278 46.85 -67.18 -38.18
N CYS L 279 46.37 -66.88 -36.98
CA CYS L 279 47.20 -66.38 -35.92
C CYS L 279 47.67 -67.55 -35.08
N ILE L 280 48.82 -67.40 -34.43
CA ILE L 280 49.35 -68.46 -33.59
C ILE L 280 49.75 -67.92 -32.21
N ASN L 281 49.45 -68.71 -31.19
CA ASN L 281 49.67 -68.33 -29.80
C ASN L 281 50.13 -69.55 -29.04
N ILE L 282 51.39 -69.53 -28.64
CA ILE L 282 52.07 -70.71 -28.11
C ILE L 282 52.56 -70.46 -26.69
N SER L 283 52.34 -71.44 -25.82
CA SER L 283 52.85 -71.42 -24.45
C SER L 283 53.66 -72.68 -24.20
N ILE L 284 54.95 -72.50 -23.95
CA ILE L 284 55.84 -73.60 -23.64
C ILE L 284 56.30 -73.45 -22.20
N SER L 285 56.30 -74.57 -21.50
CA SER L 285 56.54 -74.59 -20.07
C SER L 285 57.56 -75.68 -19.75
N GLN L 286 58.56 -75.32 -18.96
CA GLN L 286 59.48 -76.31 -18.41
C GLN L 286 59.45 -76.17 -16.91
N SER L 287 59.06 -77.25 -16.23
CA SER L 287 58.92 -77.25 -14.78
C SER L 287 60.28 -77.36 -14.10
N SER L 288 60.30 -77.04 -12.81
CA SER L 288 61.54 -77.09 -12.02
C SER L 288 62.08 -78.51 -11.88
N ASP L 289 61.22 -79.49 -12.17
CA ASP L 289 61.65 -80.89 -12.24
C ASP L 289 62.41 -81.14 -13.56
N GLY L 290 61.92 -80.53 -14.64
CA GLY L 290 62.62 -80.57 -15.94
C GLY L 290 61.73 -81.01 -17.09
N ASN L 291 60.44 -81.16 -16.80
CA ASN L 291 59.48 -81.63 -17.79
C ASN L 291 59.06 -80.51 -18.75
N ILE L 292 59.15 -80.77 -20.05
CA ILE L 292 58.71 -79.80 -21.06
C ILE L 292 57.30 -80.07 -21.54
N TYR L 293 56.47 -79.03 -21.54
CA TYR L 293 55.10 -79.14 -22.01
C TYR L 293 54.79 -78.03 -23.01
N VAL L 294 54.15 -78.38 -24.10
CA VAL L 294 53.69 -77.37 -25.03
C VAL L 294 52.19 -77.28 -25.25
N THR L 295 51.70 -76.08 -25.28
CA THR L 295 50.35 -75.82 -25.69
C THR L 295 50.42 -74.82 -26.85
N SER L 296 49.94 -75.25 -28.00
CA SER L 296 49.97 -74.43 -29.20
C SER L 296 48.56 -74.15 -29.72
N HIS L 297 48.25 -72.86 -29.91
CA HIS L 297 46.93 -72.43 -30.38
C HIS L 297 46.97 -71.74 -31.73
N THR L 298 46.06 -72.13 -32.62
CA THR L 298 45.89 -71.46 -33.90
C THR L 298 44.46 -70.99 -34.00
N GLY L 299 44.29 -69.74 -34.41
CA GLY L 299 42.97 -69.17 -34.67
C GLY L 299 42.75 -69.03 -36.17
N VAL L 300 41.58 -69.45 -36.63
CA VAL L 300 41.14 -69.32 -38.02
C VAL L 300 39.75 -68.66 -38.02
N LEU L 301 39.47 -67.86 -39.03
CA LEU L 301 38.16 -67.21 -39.15
C LEU L 301 37.07 -68.18 -39.59
N ILE L 302 35.91 -68.06 -38.94
CA ILE L 302 34.75 -68.86 -39.28
C ILE L 302 33.52 -67.96 -39.26
N MET L 303 32.50 -68.34 -40.00
CA MET L 303 31.25 -67.57 -39.95
C MET L 303 30.06 -68.50 -39.96
N ALA L 304 29.08 -68.20 -39.12
CA ALA L 304 27.79 -68.89 -39.12
C ALA L 304 26.91 -68.40 -40.28
N PRO L 305 26.18 -69.32 -40.94
CA PRO L 305 25.15 -69.00 -41.95
C PRO L 305 24.19 -67.88 -41.56
N GLU L 306 23.68 -67.17 -42.56
CA GLU L 306 22.83 -65.99 -42.34
C GLU L 306 21.65 -66.26 -41.41
N ASP L 307 21.09 -67.46 -41.50
CA ASP L 307 19.94 -67.87 -40.70
C ASP L 307 20.29 -68.04 -39.22
N ARG L 308 21.40 -68.73 -38.95
CA ARG L 308 21.82 -69.03 -37.59
C ARG L 308 22.20 -67.76 -36.82
N PRO L 309 21.79 -67.69 -35.54
CA PRO L 309 22.02 -66.59 -34.57
C PRO L 309 23.29 -65.78 -34.77
N ASN L 310 24.43 -66.47 -34.83
CA ASN L 310 25.74 -65.84 -34.89
C ASN L 310 26.13 -65.34 -36.28
N GLU L 311 27.18 -64.52 -36.33
CA GLU L 311 27.84 -64.16 -37.59
C GLU L 311 29.33 -64.50 -37.76
N MET L 312 30.22 -63.57 -37.42
CA MET L 312 31.66 -63.78 -37.61
C MET L 312 32.23 -64.30 -36.30
N GLY L 313 33.21 -65.20 -36.40
CA GLY L 313 33.91 -65.71 -35.23
C GLY L 313 35.24 -66.38 -35.51
N MET L 314 35.79 -67.02 -34.48
CA MET L 314 37.07 -67.70 -34.59
C MET L 314 37.01 -69.14 -34.11
N LEU L 315 37.51 -70.04 -34.96
CA LEU L 315 37.84 -71.41 -34.55
C LEU L 315 39.23 -71.41 -33.96
N THR L 316 39.32 -71.87 -32.70
CA THR L 316 40.58 -71.99 -32.01
C THR L 316 40.92 -73.46 -31.84
N ASN L 317 42.06 -73.88 -32.37
CA ASN L 317 42.55 -75.24 -32.14
C ASN L 317 43.66 -75.22 -31.11
N ARG L 318 43.53 -76.06 -30.09
CA ARG L 318 44.57 -76.23 -29.08
C ARG L 318 45.28 -77.58 -29.27
N THR L 319 46.59 -77.53 -29.46
CA THR L 319 47.39 -78.74 -29.52
C THR L 319 48.31 -78.78 -28.30
N SER L 320 48.23 -79.88 -27.56
CA SER L 320 48.94 -80.04 -26.29
C SER L 320 49.74 -81.33 -26.27
N TYR L 321 50.96 -81.25 -25.74
CA TYR L 321 51.80 -82.43 -25.60
C TYR L 321 53.01 -82.15 -24.74
N GLU L 322 53.44 -83.21 -24.07
CA GLU L 322 54.73 -83.25 -23.46
C GLU L 322 55.79 -83.48 -24.54
N VAL L 323 56.96 -82.89 -24.35
CA VAL L 323 58.14 -83.24 -25.14
C VAL L 323 59.07 -83.97 -24.19
N PRO L 324 59.11 -85.31 -24.26
CA PRO L 324 59.91 -86.07 -23.33
C PRO L 324 61.40 -85.80 -23.50
N GLN L 325 62.12 -85.88 -22.38
CA GLN L 325 63.56 -85.68 -22.38
C GLN L 325 64.21 -86.69 -23.32
N GLY L 326 65.23 -86.24 -24.05
CA GLY L 326 65.90 -87.09 -25.02
C GLY L 326 65.33 -87.03 -26.44
N VAL L 327 64.17 -86.39 -26.61
CA VAL L 327 63.53 -86.34 -27.92
C VAL L 327 64.07 -85.19 -28.76
N LYS L 328 64.87 -85.53 -29.76
CA LYS L 328 65.52 -84.52 -30.60
C LYS L 328 64.62 -84.15 -31.78
N CYS L 329 64.90 -82.99 -32.37
CA CYS L 329 64.05 -82.44 -33.42
C CYS L 329 64.33 -83.11 -34.76
N THR L 330 64.00 -84.39 -34.85
CA THR L 330 64.07 -85.15 -36.09
C THR L 330 62.70 -85.84 -36.27
N ILE L 331 62.29 -86.00 -37.53
CA ILE L 331 60.98 -86.55 -37.86
C ILE L 331 60.72 -87.90 -37.17
N ASP L 332 61.64 -88.84 -37.34
CA ASP L 332 61.46 -90.18 -36.77
C ASP L 332 61.32 -90.15 -35.25
N GLU L 333 62.16 -89.37 -34.57
CA GLU L 333 62.10 -89.26 -33.11
C GLU L 333 60.78 -88.65 -32.64
N MET L 334 60.34 -87.60 -33.34
CA MET L 334 59.10 -86.93 -32.97
C MET L 334 57.86 -87.78 -33.24
N VAL L 335 57.85 -88.49 -34.36
CA VAL L 335 56.77 -89.43 -34.68
C VAL L 335 56.69 -90.52 -33.60
N ARG L 336 57.84 -91.02 -33.19
CA ARG L 336 57.92 -92.11 -32.23
C ARG L 336 57.47 -91.69 -30.83
N ALA L 337 57.82 -90.47 -30.43
CA ALA L 337 57.69 -90.06 -29.02
C ALA L 337 56.57 -89.07 -28.69
N LEU L 338 56.21 -88.20 -29.62
CA LEU L 338 55.24 -87.16 -29.30
C LEU L 338 53.83 -87.71 -29.38
N GLN L 339 53.00 -87.37 -28.40
CA GLN L 339 51.63 -87.82 -28.37
C GLN L 339 50.68 -86.64 -28.21
N PRO L 340 50.50 -85.85 -29.28
CA PRO L 340 49.67 -84.65 -29.16
C PRO L 340 48.20 -85.00 -29.01
N ARG L 341 47.47 -84.10 -28.37
CA ARG L 341 46.01 -84.17 -28.36
C ARG L 341 45.48 -82.89 -28.97
N TYR L 342 44.27 -82.99 -29.53
CA TYR L 342 43.70 -81.92 -30.31
C TYR L 342 42.34 -81.58 -29.75
N ALA L 343 42.08 -80.29 -29.57
CA ALA L 343 40.83 -79.79 -29.05
C ALA L 343 40.52 -78.43 -29.64
N ALA L 344 39.24 -78.14 -29.84
CA ALA L 344 38.83 -76.87 -30.46
C ALA L 344 37.64 -76.20 -29.79
N SER L 345 37.49 -74.91 -30.07
CA SER L 345 36.32 -74.15 -29.66
C SER L 345 35.95 -73.19 -30.76
N GLU L 346 34.72 -72.71 -30.74
CA GLU L 346 34.28 -71.62 -31.60
C GLU L 346 33.90 -70.43 -30.74
N THR L 347 34.39 -69.25 -31.10
CA THR L 347 34.11 -68.04 -30.35
C THR L 347 33.52 -67.00 -31.27
N TYR L 348 32.33 -66.50 -30.92
CA TYR L 348 31.64 -65.52 -31.76
C TYR L 348 31.59 -64.14 -31.12
N LEU L 349 31.71 -63.13 -31.98
CA LEU L 349 31.61 -61.74 -31.58
C LEU L 349 30.22 -61.42 -31.07
N GLN L 350 30.15 -60.48 -30.12
CA GLN L 350 28.87 -59.93 -29.71
C GLN L 350 28.56 -58.74 -30.60
N ASN L 351 27.35 -58.72 -31.16
CA ASN L 351 26.95 -57.67 -32.11
C ASN L 351 26.14 -56.57 -31.42
MG MG M . 59.09 -1.89 41.37
MG MG N . 23.57 5.07 18.54
C FMT O . 24.53 0.45 23.27
O1 FMT O . 25.75 0.36 23.46
O2 FMT O . 23.84 -0.45 22.78
C FMT P . 56.00 1.41 41.79
O1 FMT P . 56.89 1.29 42.61
O2 FMT P . 55.03 2.17 41.92
MG MG Q . -30.97 27.04 -2.20
C FMT R . -30.51 32.61 -9.60
O1 FMT R . -31.51 31.90 -9.67
O2 FMT R . -30.14 33.19 -8.59
MG MG S . 23.84 -55.99 -0.56
MG MG T . -21.52 -81.51 1.65
MG MG U . -45.39 15.78 -14.69
MG MG V . -50.79 -9.40 -30.19
MG MG W . -86.65 11.67 -39.53
C FMT X . -51.84 18.85 -23.40
O1 FMT X . -51.29 18.06 -24.19
O2 FMT X . -52.98 18.71 -22.97
MG MG Y . 42.43 -28.95 9.27
MG MG Z . 31.44 72.50 -13.39
MG MG AA . 76.25 62.63 -14.83
MG MG BA . -39.12 41.24 -38.82
MG MG CA . -0.91 -15.61 14.49
MG MG DA . -35.91 2.03 -2.96
MG MG EA . 32.37 22.60 2.57
MG MG FA . -3.09 42.24 -10.62
C ACY GA . 31.68 26.06 -3.46
O ACY GA . 30.79 26.59 -2.75
OXT ACY GA . 31.65 24.85 -3.82
CH3 ACY GA . 32.84 26.89 -3.89
MG MG HA . 71.26 -75.24 -41.82
MG MG IA . 58.65 -72.58 -14.37
MG MG JA . 24.12 -65.74 -39.03
C FMT KA . 60.57 -78.56 -43.48
O1 FMT KA . 59.94 -77.56 -43.74
O2 FMT KA . 60.60 -79.07 -42.36
C FMT LA . 61.99 -67.34 -46.57
O1 FMT LA . 61.26 -67.81 -47.43
O2 FMT LA . 61.58 -66.90 -45.50
#